data_8F8Q
#
_entry.id   8F8Q
#
_cell.length_a   1.00
_cell.length_b   1.00
_cell.length_c   1.00
_cell.angle_alpha   90.00
_cell.angle_beta   90.00
_cell.angle_gamma   90.00
#
_symmetry.space_group_name_H-M   'P 1'
#
loop_
_entity.id
_entity.type
_entity.pdbx_description
1 polymer 'Actin, alpha skeletal muscle'
2 polymer 'F-actin-capping protein subunit alpha-1'
3 polymer 'F-actin-capping protein subunit beta'
4 non-polymer "ADENOSINE-5'-DIPHOSPHATE"
5 non-polymer 'MAGNESIUM ION'
#
loop_
_entity_poly.entity_id
_entity_poly.type
_entity_poly.pdbx_seq_one_letter_code
_entity_poly.pdbx_strand_id
1 'polypeptide(L)'
;MCDEDETTALVCDNGSGLVKAGFAGDDAPRAVFPSIVGRPRHQGVMVGMGQKDSYVGDEAQSKRGILTLKYPIE(HIC)G
IITNWDDMEKIWHHTFYNELRVAPEEHPTLLTEAPLNPKANREKMTQIMFETFNVPAMYVAIQAVLSLYASGRTTGIVLD
SGDGVTHNVPIYEGYALPHAIMRLDLAGRDLTDYLMKILTERGYSFVTTAEREIVRDIKEKLCYVALDFENEMATAASSS
SLEKSYELPDGQVITIGNERFRCPETLFQPSFIGMESAGIHETTYNSIMKCDIDIRKDLYANNVMSGGTTMYPGIADRMQ
KEITALAPSTMKIKIIAPPERKYSVWIGGSILASLSTFQQMWITKQEYDEAGPSIVHRKCF
;
A,B,C,D,E,F
2 'polypeptide(L)'
;MADFDDRVSDEEKVRIAAKFITHAPPGEFNEVFNDVRLLLNNDNLLREGAAHAFAQYNMDQFTPVKIEGYEDQVLITEHG
DLGNSRFLDPRNKISFKFDHLRKEASDPQPEEADGGLKSWRESCDSALRAYVKDHYSNGFCTVYAKTIDGQQTIIACIES
HQFQPKNFWNGRWRSEWKFTITPPTAQVVGVLKIQVHYYEDGNVQLVSHKDVQDSLTVSNEAQTAKEFIKIIENAENEYQ
TAISENYQTMSDTTFKALRRQLPVTRTKIDWNKILSYKIGKEMQNA
;
G
3 'polypeptide(L)'
;SDQQLDCALDLMRRLPPQQIEKNLSDLIDLVPSLCEDLLSSVDQPLKIARDKVVGKDYLLCDYNRDGDSYRSPWSNKYDP
PLEDGAMPSARLRKLEVEANNAFDQYRDLYFEGGVSSVYLWDLDHGFAGVILIKKAGDGSKKIKGCWDSIHVVEVQEKSS
GRTAHYKLTSTVMLWLQTNKSGSGTMNLGGSLTRQMEKDETVSDCSPHIANIGRLVEDMENKIRSTLNEIYFGKTKDIVN
GLRSIDAIPDNQKFKQLQRELSQVLTQRQIYIQPDN
;
H
#
# COMPACT_ATOMS: atom_id res chain seq x y z
N GLU A 6 66.31 43.16 44.98
CA GLU A 6 67.26 43.50 46.04
C GLU A 6 66.59 44.41 47.07
N THR A 7 65.66 45.24 46.61
CA THR A 7 64.95 46.15 47.49
C THR A 7 63.90 45.41 48.29
N THR A 8 63.92 45.59 49.60
CA THR A 8 62.97 44.92 50.49
C THR A 8 61.67 45.72 50.58
N ALA A 9 60.55 45.01 50.46
CA ALA A 9 59.25 45.65 50.58
C ALA A 9 58.93 45.94 52.04
N LEU A 10 58.13 46.98 52.26
CA LEU A 10 57.67 47.36 53.58
C LEU A 10 56.19 47.04 53.75
N VAL A 11 55.83 46.49 54.91
CA VAL A 11 54.45 46.20 55.25
C VAL A 11 54.07 47.09 56.43
N CYS A 12 53.10 47.96 56.23
CA CYS A 12 52.64 48.89 57.25
C CYS A 12 51.13 48.76 57.39
N ASP A 13 50.68 48.38 58.57
CA ASP A 13 49.26 48.26 58.89
C ASP A 13 48.88 49.44 59.77
N ASN A 14 48.08 50.34 59.22
CA ASN A 14 47.62 51.54 59.92
C ASN A 14 46.17 51.32 60.33
N GLY A 15 45.97 50.79 61.52
CA GLY A 15 44.64 50.61 62.07
C GLY A 15 44.12 51.90 62.68
N SER A 16 42.98 51.77 63.36
CA SER A 16 42.38 52.94 64.00
C SER A 16 43.14 53.33 65.26
N GLY A 17 43.74 52.38 65.96
CA GLY A 17 44.39 52.68 67.22
C GLY A 17 45.89 52.41 67.25
N LEU A 18 46.36 51.43 66.48
CA LEU A 18 47.75 51.03 66.51
C LEU A 18 48.32 51.01 65.10
N VAL A 19 49.62 51.27 65.00
CA VAL A 19 50.37 51.19 63.76
C VAL A 19 51.41 50.09 63.92
N LYS A 20 51.38 49.12 63.02
CA LYS A 20 52.29 47.97 63.03
C LYS A 20 53.06 47.98 61.72
N ALA A 21 54.35 48.32 61.78
CA ALA A 21 55.16 48.48 60.58
C ALA A 21 56.38 47.59 60.65
N GLY A 22 56.81 47.11 59.50
CA GLY A 22 58.00 46.29 59.44
C GLY A 22 58.36 45.93 58.01
N PHE A 23 59.30 45.01 57.90
CA PHE A 23 59.82 44.55 56.62
C PHE A 23 59.08 43.30 56.16
N ALA A 24 58.93 43.17 54.85
CA ALA A 24 58.34 41.96 54.28
C ALA A 24 59.29 40.79 54.46
N GLY A 25 58.72 39.62 54.75
CA GLY A 25 59.49 38.41 54.96
C GLY A 25 59.82 38.10 56.41
N ASP A 26 59.48 38.98 57.35
CA ASP A 26 59.70 38.72 58.75
C ASP A 26 58.52 37.95 59.34
N ASP A 27 58.61 37.62 60.63
CA ASP A 27 57.56 36.90 61.32
C ASP A 27 56.74 37.78 62.25
N ALA A 28 57.33 38.86 62.77
CA ALA A 28 56.66 39.77 63.68
C ALA A 28 56.90 41.20 63.22
N PRO A 29 55.95 42.11 63.45
CA PRO A 29 56.18 43.52 63.10
C PRO A 29 57.26 44.15 63.96
N ARG A 30 58.11 44.94 63.32
CA ARG A 30 59.25 45.51 64.02
C ARG A 30 58.84 46.66 64.93
N ALA A 31 57.93 47.51 64.48
CA ALA A 31 57.52 48.68 65.25
C ALA A 31 56.01 48.63 65.46
N VAL A 32 55.58 48.50 66.71
CA VAL A 32 54.17 48.53 67.09
C VAL A 32 53.98 49.68 68.05
N PHE A 33 53.24 50.70 67.64
CA PHE A 33 53.07 51.86 68.50
C PHE A 33 51.66 52.43 68.34
N PRO A 34 51.10 53.04 69.38
CA PRO A 34 49.75 53.62 69.26
C PRO A 34 49.70 54.79 68.28
N SER A 35 48.59 54.89 67.57
CA SER A 35 48.40 55.90 66.53
C SER A 35 47.73 57.13 67.11
N ILE A 36 48.52 57.89 67.87
CA ILE A 36 48.04 59.10 68.51
C ILE A 36 48.97 60.26 68.14
N VAL A 37 48.40 61.46 68.15
CA VAL A 37 49.16 62.70 68.02
C VAL A 37 48.78 63.59 69.20
N GLY A 38 49.78 63.98 69.98
CA GLY A 38 49.55 64.76 71.20
C GLY A 38 50.11 66.16 71.08
N ARG A 39 49.37 67.12 71.62
CA ARG A 39 49.77 68.52 71.61
C ARG A 39 49.61 69.12 73.00
N PRO A 40 50.49 70.03 73.41
CA PRO A 40 50.41 70.56 74.78
C PRO A 40 49.19 71.43 75.00
N ARG A 41 48.68 71.40 76.23
CA ARG A 41 47.46 72.11 76.59
C ARG A 41 47.66 73.12 77.70
N HIS A 42 48.83 73.17 78.33
CA HIS A 42 49.09 74.09 79.44
C HIS A 42 50.11 75.14 79.02
N GLN A 43 50.47 75.99 79.97
CA GLN A 43 51.40 77.08 79.73
C GLN A 43 52.83 76.64 80.02
N GLY A 44 53.72 76.88 79.05
CA GLY A 44 55.12 76.57 79.23
C GLY A 44 55.84 77.70 79.95
N VAL A 45 56.57 77.35 81.01
CA VAL A 45 57.29 78.34 81.80
C VAL A 45 58.80 78.16 81.74
N MET A 46 59.30 77.01 81.29
CA MET A 46 60.73 76.76 81.20
C MET A 46 61.18 77.02 79.76
N VAL A 47 62.15 77.91 79.61
CA VAL A 47 62.62 78.31 78.28
C VAL A 47 63.56 77.24 77.73
N GLY A 48 63.47 77.00 76.43
CA GLY A 48 64.32 76.03 75.76
C GLY A 48 63.99 74.59 76.09
N MET A 49 64.98 73.89 76.64
CA MET A 49 65.02 72.47 77.04
C MET A 49 64.37 71.47 76.06
N GLY A 50 64.48 71.75 74.77
CA GLY A 50 64.01 70.81 73.75
C GLY A 50 62.51 70.60 73.72
N GLN A 51 61.74 71.66 73.89
CA GLN A 51 60.29 71.55 73.82
C GLN A 51 59.81 71.45 72.38
N LYS A 52 58.88 70.53 72.13
CA LYS A 52 58.31 70.33 70.81
C LYS A 52 56.83 70.68 70.83
N ASP A 53 56.33 71.14 69.68
CA ASP A 53 54.93 71.53 69.57
C ASP A 53 54.01 70.34 69.32
N SER A 54 54.56 69.15 69.04
CA SER A 54 53.75 67.97 68.82
C SER A 54 54.52 66.74 69.25
N TYR A 55 53.78 65.71 69.67
CA TYR A 55 54.36 64.45 70.12
C TYR A 55 53.58 63.30 69.50
N VAL A 56 54.32 62.28 69.04
CA VAL A 56 53.73 61.20 68.25
C VAL A 56 54.25 59.87 68.78
N GLY A 57 53.33 58.93 69.00
CA GLY A 57 53.72 57.55 69.29
C GLY A 57 53.78 57.28 70.78
N ASP A 58 54.83 56.56 71.19
CA ASP A 58 55.01 56.26 72.61
C ASP A 58 55.42 57.50 73.40
N GLU A 59 56.01 58.49 72.72
CA GLU A 59 56.42 59.71 73.41
C GLU A 59 55.22 60.53 73.83
N ALA A 60 54.14 60.52 73.03
CA ALA A 60 52.91 61.14 73.45
C ALA A 60 52.22 60.35 74.55
N GLN A 61 52.44 59.03 74.57
CA GLN A 61 51.89 58.19 75.64
C GLN A 61 52.58 58.45 76.96
N SER A 62 53.90 58.66 76.94
CA SER A 62 54.65 58.85 78.17
C SER A 62 54.39 60.20 78.81
N LYS A 63 54.26 61.26 78.01
CA LYS A 63 54.03 62.60 78.50
C LYS A 63 52.59 63.05 78.31
N ARG A 64 51.63 62.13 78.48
CA ARG A 64 50.22 62.40 78.22
C ARG A 64 49.56 63.21 79.32
N GLY A 65 50.23 63.44 80.45
CA GLY A 65 49.63 64.19 81.54
C GLY A 65 49.46 65.66 81.25
N ILE A 66 50.26 66.21 80.35
CA ILE A 66 50.15 67.61 79.95
C ILE A 66 49.76 67.74 78.48
N LEU A 67 49.27 66.68 77.88
CA LEU A 67 48.98 66.63 76.45
C LEU A 67 47.51 66.33 76.20
N THR A 68 47.02 66.82 75.06
CA THR A 68 45.74 66.41 74.50
C THR A 68 46.04 65.51 73.30
N LEU A 69 45.42 64.34 73.30
CA LEU A 69 45.71 63.30 72.32
C LEU A 69 44.57 63.18 71.33
N LYS A 70 44.91 63.07 70.04
CA LYS A 70 43.94 62.91 68.97
C LYS A 70 44.29 61.70 68.13
N TYR A 71 43.26 60.99 67.68
CA TYR A 71 43.42 59.85 66.78
C TYR A 71 43.18 60.29 65.35
N PRO A 72 44.14 60.11 64.44
CA PRO A 72 43.92 60.50 63.04
C PRO A 72 42.89 59.67 62.30
N ILE A 73 42.54 58.49 62.79
CA ILE A 73 41.60 57.60 62.12
C ILE A 73 40.40 57.37 63.02
N GLU A 74 39.21 57.66 62.51
CA GLU A 74 37.97 57.35 63.22
C GLU A 74 37.11 56.43 62.37
N GLY A 76 37.94 53.62 60.86
CA GLY A 76 38.60 53.15 59.67
C GLY A 76 38.79 54.20 58.59
N ILE A 77 38.43 55.44 58.89
CA ILE A 77 38.49 56.55 57.97
C ILE A 77 39.45 57.59 58.54
N ILE A 78 40.42 58.02 57.74
CA ILE A 78 41.38 59.03 58.16
C ILE A 78 40.68 60.38 58.16
N THR A 79 40.65 61.03 59.33
CA THR A 79 39.96 62.31 59.46
C THR A 79 40.90 63.50 59.60
N ASN A 80 42.18 63.26 59.88
CA ASN A 80 43.19 64.32 59.92
C ASN A 80 44.40 63.85 59.12
N TRP A 81 44.73 64.58 58.05
CA TRP A 81 45.79 64.15 57.15
C TRP A 81 47.15 64.71 57.51
N ASP A 82 47.21 65.86 58.18
CA ASP A 82 48.48 66.34 58.72
C ASP A 82 48.99 65.42 59.82
N ASP A 83 48.08 64.97 60.69
CA ASP A 83 48.46 64.04 61.75
C ASP A 83 48.83 62.67 61.20
N MET A 84 48.16 62.21 60.14
CA MET A 84 48.52 60.94 59.52
C MET A 84 49.85 61.06 58.78
N GLU A 85 50.15 62.25 58.24
CA GLU A 85 51.45 62.53 57.66
C GLU A 85 52.54 62.46 58.72
N LYS A 86 52.28 63.02 59.91
CA LYS A 86 53.22 62.92 61.01
C LYS A 86 53.41 61.48 61.47
N ILE A 87 52.33 60.70 61.51
CA ILE A 87 52.41 59.29 61.89
C ILE A 87 53.27 58.50 60.90
N TRP A 88 53.06 58.73 59.60
CA TRP A 88 53.86 58.05 58.58
C TRP A 88 55.31 58.49 58.61
N HIS A 89 55.56 59.78 58.87
CA HIS A 89 56.91 60.30 59.01
C HIS A 89 57.63 59.67 60.19
N HIS A 90 56.93 59.52 61.31
CA HIS A 90 57.52 58.92 62.51
C HIS A 90 57.78 57.42 62.31
N THR A 91 56.86 56.72 61.65
CA THR A 91 57.06 55.29 61.45
C THR A 91 58.04 54.99 60.32
N PHE A 92 58.38 55.97 59.49
CA PHE A 92 59.39 55.73 58.47
C PHE A 92 60.78 56.15 58.91
N TYR A 93 60.91 57.33 59.52
CA TYR A 93 62.22 57.84 59.84
C TYR A 93 62.70 57.50 61.25
N ASN A 94 61.80 57.51 62.23
CA ASN A 94 62.20 57.33 63.62
C ASN A 94 62.12 55.88 64.10
N GLU A 95 61.10 55.14 63.68
CA GLU A 95 60.91 53.79 64.19
C GLU A 95 61.57 52.75 63.29
N LEU A 96 61.20 52.70 62.02
CA LEU A 96 61.82 51.76 61.10
C LEU A 96 63.21 52.22 60.68
N ARG A 97 63.44 53.54 60.63
CA ARG A 97 64.73 54.17 60.29
C ARG A 97 65.20 53.74 58.89
N VAL A 98 64.32 53.86 57.91
CA VAL A 98 64.63 53.58 56.52
C VAL A 98 64.20 54.78 55.68
N ALA A 99 64.77 54.87 54.48
CA ALA A 99 64.37 55.86 53.50
C ALA A 99 63.30 55.27 52.60
N PRO A 100 62.13 55.90 52.47
CA PRO A 100 61.05 55.31 51.66
C PRO A 100 61.28 55.36 50.16
N GLU A 101 62.30 56.07 49.68
CA GLU A 101 62.50 56.21 48.24
C GLU A 101 63.05 54.95 47.60
N GLU A 102 63.49 53.95 48.37
CA GLU A 102 64.02 52.72 47.82
C GLU A 102 63.28 51.49 48.32
N HIS A 103 62.02 51.66 48.74
CA HIS A 103 61.25 50.54 49.27
C HIS A 103 59.80 50.62 48.82
N PRO A 104 59.26 49.58 48.20
CA PRO A 104 57.82 49.51 47.96
C PRO A 104 57.06 49.32 49.26
N THR A 105 55.81 49.78 49.26
CA THR A 105 55.01 49.86 50.48
C THR A 105 53.66 49.18 50.28
N LEU A 106 53.27 48.37 51.26
CA LEU A 106 51.95 47.73 51.29
C LEU A 106 51.17 48.30 52.47
N LEU A 107 49.99 48.84 52.18
CA LEU A 107 49.10 49.37 53.20
C LEU A 107 47.81 48.56 53.24
N THR A 108 47.05 48.75 54.32
CA THR A 108 45.82 48.01 54.54
C THR A 108 44.64 48.99 54.62
N GLU A 109 43.47 48.50 54.22
CA GLU A 109 42.26 49.31 54.27
C GLU A 109 41.07 48.40 54.57
N ALA A 110 40.22 48.84 55.50
CA ALA A 110 39.00 48.13 55.82
C ALA A 110 38.00 48.22 54.67
N PRO A 111 37.20 47.18 54.44
CA PRO A 111 36.26 47.20 53.32
C PRO A 111 35.12 48.19 53.53
N LEU A 112 34.45 48.50 52.41
CA LEU A 112 33.34 49.46 52.34
C LEU A 112 33.74 50.85 52.85
N ASN A 113 34.95 51.25 52.56
CA ASN A 113 35.51 52.54 52.92
C ASN A 113 35.26 53.55 51.80
N PRO A 114 35.30 54.86 52.12
CA PRO A 114 35.27 55.87 51.06
C PRO A 114 36.48 55.75 50.12
N LYS A 115 36.22 55.99 48.83
CA LYS A 115 37.26 55.86 47.81
C LYS A 115 38.30 56.96 47.93
N ALA A 116 37.91 58.12 48.47
CA ALA A 116 38.83 59.25 48.61
C ALA A 116 39.96 58.94 49.58
N ASN A 117 39.71 58.09 50.58
CA ASN A 117 40.76 57.68 51.50
C ASN A 117 41.87 56.92 50.79
N ARG A 118 41.49 55.95 49.94
CA ARG A 118 42.45 55.20 49.14
C ARG A 118 43.16 56.08 48.13
N GLU A 119 42.43 57.00 47.49
CA GLU A 119 43.04 57.91 46.52
C GLU A 119 44.07 58.82 47.16
N LYS A 120 43.74 59.41 48.32
CA LYS A 120 44.69 60.29 48.98
C LYS A 120 45.84 59.52 49.61
N MET A 121 45.61 58.26 49.99
CA MET A 121 46.71 57.41 50.46
C MET A 121 47.72 57.17 49.34
N THR A 122 47.24 56.85 48.14
CA THR A 122 48.13 56.66 46.99
C THR A 122 48.83 57.96 46.61
N GLN A 123 48.10 59.08 46.64
CA GLN A 123 48.68 60.37 46.27
C GLN A 123 49.76 60.81 47.25
N ILE A 124 49.51 60.65 48.56
CA ILE A 124 50.49 61.01 49.57
C ILE A 124 51.69 60.07 49.51
N MET A 125 51.44 58.78 49.25
CA MET A 125 52.52 57.80 49.19
C MET A 125 53.42 58.02 47.97
N PHE A 126 52.88 58.58 46.89
CA PHE A 126 53.68 58.81 45.69
C PHE A 126 54.22 60.22 45.56
N GLU A 127 53.69 61.20 46.29
CA GLU A 127 54.10 62.58 46.09
C GLU A 127 54.88 63.19 47.26
N THR A 128 54.77 62.65 48.45
CA THR A 128 55.52 63.16 49.60
C THR A 128 56.52 62.15 50.15
N PHE A 129 56.12 60.88 50.24
CA PHE A 129 56.98 59.82 50.73
C PHE A 129 57.26 58.86 49.58
N ASN A 130 57.66 59.42 48.43
CA ASN A 130 57.61 58.76 47.13
C ASN A 130 58.34 57.42 47.10
N VAL A 131 57.66 56.42 46.55
CA VAL A 131 58.07 55.02 46.66
C VAL A 131 58.21 54.46 45.25
N PRO A 132 59.01 53.41 45.05
CA PRO A 132 58.98 52.72 43.75
C PRO A 132 57.63 52.10 43.43
N ALA A 133 56.90 51.64 44.45
CA ALA A 133 55.62 50.99 44.26
C ALA A 133 54.82 51.07 45.55
N MET A 134 53.51 50.88 45.43
CA MET A 134 52.64 50.76 46.59
C MET A 134 51.47 49.87 46.24
N TYR A 135 50.84 49.32 47.27
CA TYR A 135 49.69 48.45 47.08
C TYR A 135 48.81 48.48 48.33
N VAL A 136 47.50 48.60 48.13
CA VAL A 136 46.53 48.63 49.21
C VAL A 136 45.78 47.30 49.22
N ALA A 137 45.64 46.70 50.40
CA ALA A 137 45.07 45.38 50.53
C ALA A 137 43.96 45.35 51.59
N ILE A 138 43.06 44.40 51.42
CA ILE A 138 41.99 44.15 52.38
C ILE A 138 42.53 43.34 53.53
N GLN A 139 42.18 43.72 54.76
CA GLN A 139 42.77 43.14 55.96
C GLN A 139 42.35 41.69 56.18
N ALA A 140 41.10 41.35 55.82
CA ALA A 140 40.61 39.99 56.05
C ALA A 140 41.28 38.98 55.12
N VAL A 141 41.63 39.40 53.91
CA VAL A 141 42.35 38.53 52.99
C VAL A 141 43.76 38.25 53.53
N LEU A 142 44.39 39.26 54.15
CA LEU A 142 45.69 39.06 54.76
C LEU A 142 45.59 38.17 56.00
N SER A 143 44.48 38.28 56.74
CA SER A 143 44.25 37.38 57.88
C SER A 143 44.11 35.94 57.41
N LEU A 144 43.40 35.73 56.29
CA LEU A 144 43.28 34.37 55.77
C LEU A 144 44.58 33.88 55.13
N TYR A 145 45.42 34.80 54.65
CA TYR A 145 46.76 34.42 54.22
C TYR A 145 47.60 33.94 55.38
N ALA A 146 47.55 34.66 56.51
CA ALA A 146 48.35 34.29 57.67
C ALA A 146 47.79 33.05 58.36
N SER A 147 46.50 32.77 58.19
CA SER A 147 45.91 31.58 58.79
C SER A 147 46.32 30.31 58.07
N GLY A 148 46.86 30.42 56.85
CA GLY A 148 47.38 29.27 56.13
C GLY A 148 46.36 28.52 55.29
N ARG A 149 45.14 29.02 55.18
CA ARG A 149 44.09 28.34 54.43
C ARG A 149 43.58 29.24 53.31
N THR A 150 42.73 28.66 52.46
CA THR A 150 42.13 29.35 51.32
C THR A 150 40.64 29.56 51.50
N THR A 151 39.95 28.67 52.19
CA THR A 151 38.52 28.77 52.44
C THR A 151 38.27 29.18 53.88
N GLY A 152 37.51 30.25 54.06
CA GLY A 152 37.10 30.67 55.38
C GLY A 152 36.36 32.00 55.38
N ILE A 153 35.59 32.25 56.44
CA ILE A 153 34.97 33.54 56.66
C ILE A 153 35.73 34.21 57.80
N VAL A 154 36.29 35.38 57.52
CA VAL A 154 37.16 36.07 58.45
C VAL A 154 36.39 37.17 59.15
N LEU A 155 36.44 37.17 60.48
CA LEU A 155 35.88 38.21 61.33
C LEU A 155 37.05 39.02 61.89
N ASP A 156 37.21 40.25 61.40
CA ASP A 156 38.27 41.13 61.84
C ASP A 156 37.67 42.25 62.65
N SER A 157 38.00 42.30 63.94
CA SER A 157 37.50 43.32 64.85
C SER A 157 38.69 44.03 65.47
N GLY A 158 38.76 45.34 65.28
CA GLY A 158 39.89 46.12 65.77
C GLY A 158 39.50 47.23 66.71
N ASP A 159 39.91 48.46 66.38
CA ASP A 159 39.59 49.61 67.21
C ASP A 159 38.42 50.44 66.67
N GLY A 160 38.19 50.42 65.36
CA GLY A 160 37.05 51.13 64.82
C GLY A 160 36.07 50.32 63.99
N VAL A 161 36.53 49.26 63.33
CA VAL A 161 35.73 48.55 62.33
C VAL A 161 35.75 47.06 62.64
N THR A 162 34.56 46.45 62.67
CA THR A 162 34.40 45.01 62.76
C THR A 162 33.74 44.52 61.49
N HIS A 163 34.48 43.76 60.67
CA HIS A 163 33.95 43.32 59.38
C HIS A 163 34.14 41.83 59.16
N ASN A 164 33.18 41.25 58.44
CA ASN A 164 33.18 39.86 58.05
C ASN A 164 33.33 39.76 56.53
N VAL A 165 34.32 38.97 56.08
CA VAL A 165 34.55 38.73 54.67
C VAL A 165 34.61 37.22 54.44
N PRO A 166 33.71 36.64 53.65
CA PRO A 166 33.83 35.22 53.30
C PRO A 166 34.58 34.99 51.99
N ILE A 167 35.51 34.03 52.02
CA ILE A 167 36.33 33.67 50.86
C ILE A 167 36.23 32.16 50.69
N TYR A 168 35.93 31.72 49.47
CA TYR A 168 35.85 30.30 49.15
C TYR A 168 36.73 30.01 47.93
N GLU A 169 37.73 29.14 48.13
CA GLU A 169 38.68 28.72 47.09
C GLU A 169 39.42 29.90 46.46
N GLY A 170 39.74 30.90 47.28
CA GLY A 170 40.41 32.08 46.80
C GLY A 170 39.52 33.14 46.19
N TYR A 171 38.23 32.86 46.05
CA TYR A 171 37.27 33.79 45.47
C TYR A 171 36.47 34.42 46.60
N ALA A 172 36.47 35.74 46.67
CA ALA A 172 35.68 36.45 47.66
C ALA A 172 34.27 36.68 47.12
N LEU A 173 33.32 36.77 48.05
CA LEU A 173 31.93 37.06 47.73
C LEU A 173 31.63 38.45 48.25
N PRO A 174 31.72 39.49 47.40
CA PRO A 174 31.60 40.87 47.91
C PRO A 174 30.18 41.25 48.30
N HIS A 175 29.16 40.49 47.91
CA HIS A 175 27.81 40.80 48.32
C HIS A 175 27.50 40.32 49.73
N ALA A 176 28.33 39.44 50.29
CA ALA A 176 28.15 38.94 51.64
C ALA A 176 29.10 39.58 52.65
N ILE A 177 29.85 40.59 52.25
CA ILE A 177 30.77 41.28 53.15
C ILE A 177 29.95 42.20 54.05
N MET A 178 30.14 42.06 55.36
CA MET A 178 29.39 42.83 56.34
C MET A 178 30.32 43.72 57.14
N ARG A 179 29.88 44.93 57.46
CA ARG A 179 30.68 45.89 58.21
C ARG A 179 29.85 46.47 59.35
N LEU A 180 30.47 46.59 60.52
CA LEU A 180 29.85 47.15 61.71
C LEU A 180 30.80 48.15 62.33
N ASP A 181 30.27 49.32 62.68
CA ASP A 181 31.06 50.36 63.35
C ASP A 181 30.98 50.20 64.86
N LEU A 182 31.42 49.03 65.32
CA LEU A 182 31.39 48.66 66.73
C LEU A 182 32.65 47.87 67.01
N ALA A 183 33.57 48.49 67.75
CA ALA A 183 34.87 47.88 68.02
C ALA A 183 35.36 48.41 69.37
N GLY A 184 36.67 48.33 69.60
CA GLY A 184 37.20 48.52 70.93
C GLY A 184 37.08 49.92 71.49
N ARG A 185 36.97 50.93 70.63
CA ARG A 185 36.78 52.29 71.12
C ARG A 185 35.39 52.48 71.71
N ASP A 186 34.37 51.86 71.08
CA ASP A 186 33.02 51.90 71.62
C ASP A 186 32.95 51.15 72.95
N LEU A 187 33.69 50.05 73.07
CA LEU A 187 33.74 49.32 74.33
C LEU A 187 34.45 50.11 75.40
N THR A 188 35.50 50.86 75.02
CA THR A 188 36.19 51.74 75.96
C THR A 188 35.27 52.85 76.46
N ASP A 189 34.49 53.44 75.56
CA ASP A 189 33.55 54.48 75.96
C ASP A 189 32.43 53.92 76.84
N TYR A 190 31.97 52.70 76.54
CA TYR A 190 30.93 52.09 77.38
C TYR A 190 31.46 51.72 78.75
N LEU A 191 32.72 51.28 78.83
CA LEU A 191 33.33 51.03 80.13
C LEU A 191 33.51 52.32 80.91
N MET A 192 33.85 53.41 80.20
CA MET A 192 33.92 54.73 80.84
C MET A 192 32.57 55.16 81.38
N LYS A 193 31.49 54.86 80.67
CA LYS A 193 30.16 55.22 81.14
C LYS A 193 29.73 54.38 82.34
N ILE A 194 29.98 53.06 82.29
CA ILE A 194 29.52 52.20 83.38
C ILE A 194 30.46 52.16 84.57
N LEU A 195 31.64 52.78 84.48
CA LEU A 195 32.48 52.94 85.66
C LEU A 195 32.02 54.05 86.57
N THR A 196 31.10 54.92 86.11
CA THR A 196 30.54 55.95 86.97
C THR A 196 29.48 55.42 87.92
N GLU A 197 29.06 54.16 87.77
CA GLU A 197 28.13 53.58 88.73
C GLU A 197 28.80 53.29 90.06
N ARG A 198 30.12 53.10 90.07
CA ARG A 198 30.87 52.88 91.29
C ARG A 198 31.55 54.14 91.80
N GLY A 199 31.27 55.29 91.20
CA GLY A 199 31.88 56.53 91.61
C GLY A 199 33.21 56.85 90.98
N TYR A 200 33.65 56.07 89.98
CA TYR A 200 34.89 56.32 89.29
C TYR A 200 34.64 57.22 88.09
N SER A 201 35.40 58.30 87.99
CA SER A 201 35.20 59.32 86.97
C SER A 201 36.43 59.40 86.08
N PHE A 202 36.26 59.13 84.79
CA PHE A 202 37.31 59.27 83.79
C PHE A 202 36.73 60.12 82.66
N VAL A 203 37.25 61.34 82.51
CA VAL A 203 36.65 62.28 81.56
C VAL A 203 37.66 62.72 80.50
N THR A 204 38.94 62.74 80.85
CA THR A 204 39.94 63.27 79.93
C THR A 204 40.41 62.20 78.95
N THR A 205 41.15 62.63 77.93
CA THR A 205 41.70 61.70 76.96
C THR A 205 42.83 60.86 77.54
N ALA A 206 43.55 61.39 78.53
CA ALA A 206 44.60 60.61 79.17
C ALA A 206 44.01 59.50 80.01
N GLU A 207 42.84 59.72 80.60
CA GLU A 207 42.15 58.69 81.35
C GLU A 207 41.49 57.65 80.44
N ARG A 208 41.27 57.98 79.17
CA ARG A 208 40.73 57.01 78.23
C ARG A 208 41.70 55.86 78.00
N GLU A 209 43.01 56.15 77.96
CA GLU A 209 43.99 55.08 77.83
C GLU A 209 44.11 54.27 79.11
N ILE A 210 43.85 54.87 80.27
CA ILE A 210 43.79 54.12 81.52
C ILE A 210 42.62 53.14 81.51
N VAL A 211 41.46 53.60 81.05
CA VAL A 211 40.29 52.74 80.92
C VAL A 211 40.54 51.65 79.87
N ARG A 212 41.30 51.99 78.82
CA ARG A 212 41.71 51.00 77.83
C ARG A 212 42.60 49.92 78.43
N ASP A 213 43.55 50.31 79.30
CA ASP A 213 44.39 49.32 79.97
C ASP A 213 43.60 48.44 80.92
N ILE A 214 42.62 49.02 81.62
CA ILE A 214 41.73 48.25 82.48
C ILE A 214 40.93 47.23 81.67
N LYS A 215 40.43 47.66 80.51
CA LYS A 215 39.68 46.78 79.62
C LYS A 215 40.56 45.67 79.06
N GLU A 216 41.81 45.98 78.73
CA GLU A 216 42.72 44.97 78.17
C GLU A 216 43.13 43.96 79.23
N LYS A 217 43.28 44.38 80.48
CA LYS A 217 43.77 43.46 81.51
C LYS A 217 42.67 42.69 82.22
N LEU A 218 41.47 43.27 82.38
CA LEU A 218 40.51 42.74 83.33
C LEU A 218 39.18 42.27 82.74
N CYS A 219 38.97 42.41 81.44
CA CYS A 219 37.68 42.05 80.86
C CYS A 219 37.70 40.64 80.29
N TYR A 220 36.50 40.05 80.21
CA TYR A 220 36.32 38.73 79.62
C TYR A 220 34.88 38.63 79.12
N VAL A 221 34.65 37.69 78.20
CA VAL A 221 33.33 37.46 77.62
C VAL A 221 32.69 36.30 78.36
N ALA A 222 31.51 36.53 78.92
CA ALA A 222 30.78 35.50 79.65
C ALA A 222 30.18 34.49 78.69
N LEU A 223 30.26 33.21 79.06
CA LEU A 223 29.64 32.17 78.26
C LEU A 223 28.12 32.24 78.33
N ASP A 224 27.58 32.48 79.52
CA ASP A 224 26.16 32.78 79.70
C ASP A 224 26.07 34.09 80.45
N PHE A 225 25.38 35.08 79.86
CA PHE A 225 25.37 36.42 80.42
C PHE A 225 24.52 36.50 81.68
N GLU A 226 23.32 35.91 81.65
CA GLU A 226 22.40 36.01 82.79
C GLU A 226 22.90 35.20 83.98
N ASN A 227 23.51 34.05 83.71
CA ASN A 227 24.10 33.24 84.79
C ASN A 227 25.25 33.98 85.46
N GLU A 228 26.08 34.67 84.67
CA GLU A 228 27.18 35.41 85.26
C GLU A 228 26.69 36.67 85.97
N MET A 229 25.60 37.28 85.52
CA MET A 229 25.01 38.39 86.24
C MET A 229 24.45 37.95 87.59
N ALA A 230 23.80 36.78 87.62
CA ALA A 230 23.31 36.22 88.87
C ALA A 230 24.46 35.84 89.81
N THR A 231 25.55 35.30 89.24
CA THR A 231 26.72 34.94 90.03
C THR A 231 27.40 36.19 90.61
N ALA A 232 27.47 37.27 89.84
CA ALA A 232 28.03 38.51 90.35
C ALA A 232 27.14 39.14 91.40
N ALA A 233 25.82 39.03 91.25
CA ALA A 233 24.91 39.55 92.26
C ALA A 233 24.91 38.70 93.52
N SER A 234 25.29 37.42 93.43
CA SER A 234 25.27 36.55 94.60
C SER A 234 26.48 36.77 95.49
N SER A 235 27.69 36.54 94.97
CA SER A 235 28.90 36.59 95.77
C SER A 235 29.93 37.50 95.11
N SER A 236 30.87 37.98 95.91
CA SER A 236 31.92 38.87 95.44
C SER A 236 33.18 38.11 95.05
N SER A 237 33.04 37.11 94.18
CA SER A 237 34.18 36.34 93.71
C SER A 237 34.67 36.78 92.34
N LEU A 238 33.85 37.49 91.58
CA LEU A 238 34.22 37.95 90.25
C LEU A 238 34.90 39.32 90.28
N GLU A 239 35.05 39.93 91.45
CA GLU A 239 35.61 41.26 91.55
C GLU A 239 37.13 41.23 91.44
N LYS A 240 37.68 42.23 90.76
CA LYS A 240 39.12 42.37 90.62
C LYS A 240 39.53 43.80 90.92
N SER A 241 40.78 43.96 91.35
CA SER A 241 41.32 45.26 91.74
C SER A 241 42.42 45.68 90.78
N TYR A 242 42.39 46.96 90.41
CA TYR A 242 43.38 47.56 89.51
C TYR A 242 43.98 48.78 90.17
N GLU A 243 45.27 48.98 89.98
CA GLU A 243 45.99 50.08 90.61
C GLU A 243 46.14 51.23 89.63
N LEU A 244 45.65 52.40 90.01
CA LEU A 244 45.75 53.58 89.18
C LEU A 244 47.19 54.09 89.20
N PRO A 245 47.60 54.89 88.20
CA PRO A 245 48.96 55.46 88.21
C PRO A 245 49.29 56.35 89.40
N ASP A 246 48.30 57.01 90.00
CA ASP A 246 48.56 57.84 91.16
C ASP A 246 48.48 57.07 92.47
N GLY A 247 48.26 55.76 92.42
CA GLY A 247 48.30 54.92 93.60
C GLY A 247 46.96 54.43 94.09
N GLN A 248 45.86 54.96 93.57
CA GLN A 248 44.55 54.50 94.01
C GLN A 248 44.23 53.13 93.43
N VAL A 249 43.31 52.43 94.08
CA VAL A 249 42.90 51.09 93.69
C VAL A 249 41.40 51.10 93.43
N ILE A 250 40.98 50.49 92.33
CA ILE A 250 39.57 50.38 91.99
C ILE A 250 39.20 48.91 91.95
N THR A 251 37.95 48.62 92.29
CA THR A 251 37.41 47.26 92.30
C THR A 251 36.22 47.19 91.37
N ILE A 252 36.21 46.20 90.49
CA ILE A 252 35.14 46.05 89.50
C ILE A 252 34.58 44.64 89.58
N GLY A 253 33.26 44.54 89.36
CA GLY A 253 32.54 43.28 89.40
C GLY A 253 31.99 42.86 88.05
N ASN A 254 30.70 43.13 87.82
CA ASN A 254 30.05 42.72 86.58
C ASN A 254 30.54 43.51 85.37
N GLU A 255 31.14 44.68 85.57
CA GLU A 255 31.63 45.52 84.48
C GLU A 255 32.77 44.87 83.70
N ARG A 256 33.37 43.80 84.24
CA ARG A 256 34.33 43.02 83.47
C ARG A 256 33.68 42.38 82.26
N PHE A 257 32.45 41.87 82.40
CA PHE A 257 31.82 41.19 81.29
C PHE A 257 30.64 41.95 80.67
N ARG A 258 30.24 43.08 81.25
CA ARG A 258 29.25 43.91 80.58
C ARG A 258 29.88 44.69 79.43
N CYS A 259 31.18 45.01 79.53
CA CYS A 259 31.84 45.79 78.50
C CYS A 259 31.98 45.05 77.16
N PRO A 260 32.47 43.81 77.06
CA PRO A 260 32.48 43.16 75.74
C PRO A 260 31.14 42.57 75.32
N GLU A 261 30.15 42.55 76.21
CA GLU A 261 28.81 42.07 75.86
C GLU A 261 28.11 42.98 74.87
N THR A 262 28.60 44.22 74.69
CA THR A 262 28.11 45.07 73.62
C THR A 262 28.44 44.50 72.25
N LEU A 263 29.48 43.66 72.15
CA LEU A 263 29.76 42.98 70.89
C LEU A 263 28.67 41.97 70.55
N PHE A 264 27.97 41.45 71.55
CA PHE A 264 26.89 40.49 71.35
C PHE A 264 25.51 41.10 71.54
N GLN A 265 25.39 42.18 72.30
CA GLN A 265 24.15 42.96 72.41
C GLN A 265 24.49 44.42 72.19
N PRO A 266 24.46 44.89 70.94
CA PRO A 266 24.82 46.29 70.66
C PRO A 266 23.85 47.32 71.23
N SER A 267 22.64 46.92 71.62
CA SER A 267 21.64 47.83 72.17
C SER A 267 22.05 48.42 73.52
N PHE A 268 23.11 47.90 74.14
CA PHE A 268 23.70 48.55 75.32
C PHE A 268 24.20 49.95 75.00
N ILE A 269 24.64 50.20 73.77
CA ILE A 269 25.06 51.55 73.39
C ILE A 269 24.09 52.17 72.40
N GLY A 270 22.87 51.65 72.31
CA GLY A 270 21.85 52.26 71.48
C GLY A 270 21.93 51.96 70.01
N MET A 271 22.74 50.99 69.60
CA MET A 271 22.82 50.60 68.20
C MET A 271 21.77 49.55 67.89
N GLU A 272 21.07 49.75 66.77
CA GLU A 272 19.98 48.87 66.36
C GLU A 272 20.48 47.55 65.78
N SER A 273 21.72 47.51 65.30
CA SER A 273 22.23 46.39 64.54
C SER A 273 22.43 45.16 65.42
N ALA A 274 22.67 44.03 64.77
CA ALA A 274 22.76 42.75 65.44
C ALA A 274 24.17 42.51 65.98
N GLY A 275 24.31 41.44 66.75
CA GLY A 275 25.59 41.08 67.31
C GLY A 275 26.52 40.47 66.28
N ILE A 276 27.73 40.16 66.73
CA ILE A 276 28.76 39.64 65.83
C ILE A 276 28.40 38.23 65.37
N HIS A 277 27.78 37.44 66.23
CA HIS A 277 27.40 36.08 65.86
C HIS A 277 26.26 36.08 64.85
N GLU A 278 25.28 36.96 65.02
CA GLU A 278 24.19 37.07 64.07
C GLU A 278 24.68 37.63 62.74
N THR A 279 25.64 38.56 62.79
CA THR A 279 26.23 39.11 61.57
C THR A 279 27.02 38.06 60.81
N THR A 280 27.77 37.21 61.53
CA THR A 280 28.51 36.13 60.89
C THR A 280 27.57 35.09 60.28
N TYR A 281 26.50 34.75 61.00
CA TYR A 281 25.52 33.80 60.46
C TYR A 281 24.80 34.37 59.24
N ASN A 282 24.47 35.66 59.26
CA ASN A 282 23.83 36.29 58.11
C ASN A 282 24.78 36.38 56.92
N SER A 283 26.07 36.61 57.19
CA SER A 283 27.06 36.63 56.12
C SER A 283 27.22 35.26 55.48
N ILE A 284 27.16 34.20 56.30
CA ILE A 284 27.21 32.84 55.76
C ILE A 284 25.94 32.53 54.96
N MET A 285 24.78 32.95 55.47
CA MET A 285 23.52 32.66 54.78
C MET A 285 23.33 33.47 53.50
N LYS A 286 24.08 34.55 53.30
CA LYS A 286 24.02 35.30 52.06
C LYS A 286 24.87 34.67 50.95
N CYS A 287 25.68 33.67 51.28
CA CYS A 287 26.52 32.99 50.30
C CYS A 287 25.74 31.84 49.65
N ASP A 288 26.39 31.20 48.69
CA ASP A 288 25.78 30.06 48.02
C ASP A 288 25.73 28.86 48.95
N ILE A 289 24.77 27.96 48.67
CA ILE A 289 24.42 26.92 49.61
C ILE A 289 25.48 25.82 49.65
N ASP A 290 26.26 25.67 48.58
CA ASP A 290 27.23 24.59 48.50
C ASP A 290 28.54 24.90 49.21
N ILE A 291 28.73 26.12 49.70
CA ILE A 291 29.98 26.50 50.35
C ILE A 291 29.81 26.72 51.86
N ARG A 292 28.57 26.78 52.36
CA ARG A 292 28.29 27.20 53.73
C ARG A 292 28.91 26.27 54.75
N LYS A 293 28.88 24.96 54.48
CA LYS A 293 29.53 23.99 55.36
C LYS A 293 31.03 24.24 55.46
N ASP A 294 31.66 24.54 54.32
CA ASP A 294 33.08 24.87 54.33
C ASP A 294 33.34 26.22 55.00
N LEU A 295 32.32 27.08 55.10
CA LEU A 295 32.47 28.27 55.92
C LEU A 295 32.33 27.94 57.40
N TYR A 296 31.45 26.98 57.73
CA TYR A 296 31.09 26.72 59.13
C TYR A 296 32.26 26.17 59.92
N ALA A 297 33.16 25.43 59.27
CA ALA A 297 34.33 24.88 59.93
C ALA A 297 35.52 25.84 59.90
N ASN A 298 35.38 27.02 59.29
CA ASN A 298 36.52 27.88 59.04
C ASN A 298 36.23 29.33 59.43
N ASN A 299 35.70 29.54 60.63
CA ASN A 299 35.56 30.89 61.17
C ASN A 299 36.90 31.32 61.76
N VAL A 300 37.47 32.41 61.24
CA VAL A 300 38.79 32.89 61.61
C VAL A 300 38.65 34.25 62.28
N MET A 301 39.30 34.40 63.43
CA MET A 301 39.26 35.63 64.21
C MET A 301 40.61 36.34 64.13
N SER A 302 40.58 37.64 63.90
CA SER A 302 41.78 38.46 63.87
C SER A 302 41.49 39.81 64.51
N GLY A 303 42.52 40.39 65.11
CA GLY A 303 42.39 41.68 65.75
C GLY A 303 42.50 41.59 67.26
N GLY A 304 42.64 42.76 67.89
CA GLY A 304 42.78 42.81 69.34
C GLY A 304 41.47 42.62 70.06
N THR A 305 40.35 43.04 69.46
CA THR A 305 39.05 42.92 70.09
C THR A 305 38.56 41.47 70.15
N THR A 306 39.20 40.56 69.43
CA THR A 306 38.98 39.13 69.58
C THR A 306 39.88 38.51 70.64
N MET A 307 40.55 39.33 71.47
CA MET A 307 41.53 38.85 72.43
C MET A 307 40.96 38.68 73.83
N TYR A 308 39.65 38.77 74.00
CA TYR A 308 39.06 38.46 75.29
C TYR A 308 39.11 36.96 75.53
N PRO A 309 39.34 36.52 76.78
CA PRO A 309 39.44 35.07 77.01
C PRO A 309 38.09 34.39 77.25
N GLY A 310 37.07 34.73 76.47
CA GLY A 310 35.84 33.99 76.46
C GLY A 310 35.11 34.03 75.14
N ILE A 311 35.74 34.62 74.12
CA ILE A 311 34.99 35.01 72.93
C ILE A 311 34.77 33.83 71.98
N ALA A 312 35.73 32.91 71.90
CA ALA A 312 35.62 31.81 70.95
C ALA A 312 34.56 30.80 71.35
N ASP A 313 34.50 30.47 72.65
CA ASP A 313 33.49 29.56 73.15
C ASP A 313 32.09 30.15 73.04
N ARG A 314 31.95 31.44 73.34
CA ARG A 314 30.66 32.12 73.22
C ARG A 314 30.20 32.19 71.76
N MET A 315 31.12 32.50 70.85
CA MET A 315 30.77 32.55 69.43
C MET A 315 30.42 31.18 68.88
N GLN A 316 31.14 30.14 69.31
CA GLN A 316 30.80 28.77 68.91
C GLN A 316 29.44 28.36 69.42
N LYS A 317 29.13 28.69 70.68
CA LYS A 317 27.83 28.37 71.27
C LYS A 317 26.69 29.09 70.54
N GLU A 318 26.87 30.38 70.23
CA GLU A 318 25.79 31.12 69.57
C GLU A 318 25.60 30.69 68.12
N ILE A 319 26.69 30.43 67.39
CA ILE A 319 26.57 30.00 66.00
C ILE A 319 25.99 28.59 65.92
N THR A 320 26.39 27.71 66.84
CA THR A 320 25.78 26.38 66.90
C THR A 320 24.31 26.45 67.30
N ALA A 321 23.93 27.44 68.10
CA ALA A 321 22.52 27.66 68.40
C ALA A 321 21.76 28.17 67.17
N LEU A 322 22.42 28.91 66.29
CA LEU A 322 21.74 29.43 65.11
C LEU A 322 21.75 28.44 63.94
N ALA A 323 22.88 27.78 63.70
CA ALA A 323 23.03 26.88 62.57
C ALA A 323 22.25 25.59 62.79
N PRO A 324 21.97 24.84 61.71
CA PRO A 324 21.44 23.47 61.88
C PRO A 324 22.41 22.56 62.60
N SER A 325 21.83 21.59 63.33
CA SER A 325 22.59 20.75 64.25
C SER A 325 23.44 19.69 63.57
N THR A 326 23.31 19.50 62.26
CA THR A 326 24.13 18.53 61.53
C THR A 326 25.37 19.17 60.92
N MET A 327 25.76 20.35 61.42
CA MET A 327 26.89 21.09 60.90
C MET A 327 27.97 21.17 61.98
N LYS A 328 29.22 21.14 61.54
CA LYS A 328 30.36 21.23 62.44
C LYS A 328 30.85 22.68 62.46
N ILE A 329 30.52 23.38 63.53
CA ILE A 329 30.92 24.78 63.71
C ILE A 329 32.25 24.79 64.43
N LYS A 330 33.27 25.38 63.81
CA LYS A 330 34.62 25.44 64.35
C LYS A 330 35.10 26.87 64.34
N ILE A 331 35.63 27.33 65.47
CA ILE A 331 36.17 28.68 65.62
C ILE A 331 37.68 28.59 65.70
N ILE A 332 38.37 29.31 64.83
CA ILE A 332 39.82 29.26 64.71
C ILE A 332 40.39 30.57 65.22
N ALA A 333 40.98 30.53 66.42
CA ALA A 333 41.55 31.72 67.06
C ALA A 333 42.98 31.42 67.49
N PRO A 334 43.96 31.65 66.63
CA PRO A 334 45.36 31.43 67.01
C PRO A 334 45.83 32.47 68.01
N PRO A 335 46.86 32.17 68.80
CA PRO A 335 47.35 33.16 69.78
C PRO A 335 48.01 34.38 69.15
N GLU A 336 48.46 34.31 67.90
CA GLU A 336 49.12 35.42 67.24
C GLU A 336 48.17 36.27 66.41
N ARG A 337 46.88 36.25 66.74
CA ARG A 337 45.87 36.90 65.91
C ARG A 337 45.80 38.41 66.09
N LYS A 338 46.60 38.98 67.00
CA LYS A 338 46.66 40.43 67.12
C LYS A 338 47.47 41.07 66.00
N TYR A 339 48.35 40.31 65.34
CA TYR A 339 49.21 40.82 64.30
C TYR A 339 48.99 40.16 62.94
N SER A 340 47.91 39.37 62.82
CA SER A 340 47.75 38.42 61.71
C SER A 340 47.69 39.11 60.36
N VAL A 341 46.99 40.26 60.31
CA VAL A 341 46.91 41.07 59.09
C VAL A 341 48.29 41.44 58.59
N TRP A 342 49.15 41.90 59.51
CA TRP A 342 50.52 42.24 59.16
C TRP A 342 51.28 41.03 58.66
N ILE A 343 51.03 39.87 59.27
CA ILE A 343 51.71 38.64 58.86
C ILE A 343 51.29 38.28 57.44
N GLY A 344 50.02 38.56 57.10
CA GLY A 344 49.57 38.34 55.73
C GLY A 344 50.31 39.21 54.74
N GLY A 345 50.60 40.46 55.13
CA GLY A 345 51.45 41.31 54.32
C GLY A 345 52.84 40.74 54.15
N SER A 346 53.39 40.18 55.24
CA SER A 346 54.70 39.57 55.18
C SER A 346 54.70 38.28 54.36
N ILE A 347 53.52 37.73 54.08
CA ILE A 347 53.44 36.66 53.09
C ILE A 347 53.26 37.26 51.70
N LEU A 348 52.35 38.24 51.58
CA LEU A 348 51.87 38.65 50.26
C LEU A 348 52.91 39.44 49.49
N ALA A 349 53.67 40.28 50.19
CA ALA A 349 54.78 40.97 49.54
C ALA A 349 55.98 40.07 49.31
N SER A 350 56.00 38.86 49.89
CA SER A 350 57.13 37.95 49.76
C SER A 350 56.95 36.93 48.65
N LEU A 351 55.84 36.97 47.92
CA LEU A 351 55.59 35.98 46.88
C LEU A 351 56.13 36.45 45.53
N SER A 352 56.62 35.49 44.74
CA SER A 352 57.14 35.80 43.42
C SER A 352 56.05 36.10 42.41
N THR A 353 54.82 35.65 42.67
CA THR A 353 53.71 35.93 41.77
C THR A 353 53.02 37.24 42.07
N PHE A 354 53.49 37.97 43.08
CA PHE A 354 52.87 39.23 43.48
C PHE A 354 53.53 40.44 42.83
N GLN A 355 54.78 40.32 42.37
CA GLN A 355 55.56 41.46 41.91
C GLN A 355 55.05 42.07 40.61
N GLN A 356 54.14 41.41 39.90
CA GLN A 356 53.51 41.97 38.73
C GLN A 356 52.25 42.76 39.06
N MET A 357 51.87 42.84 40.33
CA MET A 357 50.65 43.51 40.75
C MET A 357 50.89 44.83 41.47
N TRP A 358 52.13 45.27 41.59
CA TRP A 358 52.42 46.55 42.23
C TRP A 358 51.98 47.70 41.33
N ILE A 359 51.73 48.85 41.96
CA ILE A 359 51.41 50.08 41.26
C ILE A 359 52.70 50.86 41.14
N THR A 360 53.28 50.89 39.95
CA THR A 360 54.56 51.56 39.75
C THR A 360 54.37 53.07 39.72
N LYS A 361 55.49 53.79 39.82
CA LYS A 361 55.46 55.24 39.72
C LYS A 361 55.14 55.69 38.30
N GLN A 362 55.55 54.90 37.30
CA GLN A 362 55.20 55.18 35.90
C GLN A 362 53.69 55.10 35.68
N GLU A 363 53.04 54.10 36.27
CA GLU A 363 51.60 53.95 36.15
C GLU A 363 50.86 55.08 36.85
N TYR A 364 51.37 55.52 38.00
CA TYR A 364 50.75 56.64 38.71
C TYR A 364 50.94 57.95 37.95
N ASP A 365 52.10 58.13 37.30
CA ASP A 365 52.31 59.34 36.50
C ASP A 365 51.45 59.33 35.25
N GLU A 366 51.20 58.15 34.68
CA GLU A 366 50.35 58.08 33.49
C GLU A 366 48.88 58.27 33.84
N ALA A 367 48.42 57.64 34.92
CA ALA A 367 46.99 57.54 35.20
C ALA A 367 46.50 58.48 36.30
N GLY A 368 47.36 58.91 37.21
CA GLY A 368 46.93 59.75 38.31
C GLY A 368 46.48 58.95 39.51
N PRO A 369 45.87 59.62 40.50
CA PRO A 369 45.37 58.93 41.71
C PRO A 369 44.01 58.25 41.53
N SER A 370 43.87 57.48 40.44
CA SER A 370 42.67 56.72 40.19
C SER A 370 42.96 55.32 39.68
N ILE A 371 44.23 54.93 39.56
CA ILE A 371 44.58 53.57 39.16
C ILE A 371 44.45 52.61 40.34
N VAL A 372 44.30 53.12 41.56
CA VAL A 372 44.19 52.27 42.74
C VAL A 372 42.83 51.59 42.82
N HIS A 373 41.83 52.07 42.09
CA HIS A 373 40.56 51.37 41.98
C HIS A 373 40.58 50.30 40.90
N ARG A 374 41.49 50.42 39.93
CA ARG A 374 41.61 49.42 38.88
C ARG A 374 42.65 48.36 39.16
N LYS A 375 43.60 48.63 40.07
CA LYS A 375 44.67 47.70 40.37
C LYS A 375 44.51 46.97 41.69
N CYS A 376 43.81 47.57 42.65
CA CYS A 376 43.64 46.99 43.98
C CYS A 376 42.16 46.69 44.21
N PHE A 377 41.89 45.53 44.81
CA PHE A 377 40.53 45.12 45.10
C PHE A 377 40.09 45.68 46.45
N GLU B 6 -26.09 45.07 46.81
CA GLU B 6 -26.13 46.26 47.64
C GLU B 6 -24.86 46.39 48.46
N THR B 7 -24.27 45.25 48.82
CA THR B 7 -23.03 45.24 49.58
C THR B 7 -21.85 45.46 48.65
N THR B 8 -21.11 46.55 48.89
CA THR B 8 -19.97 46.89 48.05
C THR B 8 -18.77 46.03 48.39
N ALA B 9 -18.01 45.65 47.36
CA ALA B 9 -16.84 44.81 47.56
C ALA B 9 -15.63 45.65 47.92
N LEU B 10 -14.71 45.03 48.66
CA LEU B 10 -13.44 45.65 49.04
C LEU B 10 -12.31 45.06 48.22
N VAL B 11 -11.40 45.92 47.76
CA VAL B 11 -10.22 45.51 47.03
C VAL B 11 -9.00 45.96 47.81
N CYS B 12 -8.19 44.99 48.24
CA CYS B 12 -6.97 45.26 48.99
C CYS B 12 -5.79 44.62 48.28
N ASP B 13 -4.79 45.42 47.95
CA ASP B 13 -3.55 44.96 47.36
C ASP B 13 -2.48 45.05 48.45
N ASN B 14 -2.07 43.89 48.95
CA ASN B 14 -1.03 43.77 49.97
C ASN B 14 0.25 43.36 49.27
N GLY B 15 1.04 44.33 48.86
CA GLY B 15 2.34 44.08 48.31
C GLY B 15 3.38 43.93 49.39
N SER B 16 4.64 43.85 48.96
CA SER B 16 5.72 43.68 49.93
C SER B 16 6.02 44.97 50.67
N GLY B 17 5.77 46.11 50.06
CA GLY B 17 6.12 47.38 50.68
C GLY B 17 4.96 48.31 50.98
N LEU B 18 3.90 48.27 50.17
CA LEU B 18 2.79 49.20 50.30
C LEU B 18 1.47 48.43 50.35
N VAL B 19 0.48 49.03 51.00
CA VAL B 19 -0.88 48.51 51.07
C VAL B 19 -1.78 49.51 50.37
N LYS B 20 -2.52 49.03 49.37
CA LYS B 20 -3.46 49.85 48.61
C LYS B 20 -4.85 49.27 48.77
N ALA B 21 -5.69 49.93 49.58
CA ALA B 21 -7.02 49.42 49.89
C ALA B 21 -8.08 50.42 49.46
N GLY B 22 -9.21 49.88 49.03
CA GLY B 22 -10.32 50.72 48.64
C GLY B 22 -11.54 49.91 48.29
N PHE B 23 -12.50 50.57 47.66
CA PHE B 23 -13.76 49.95 47.27
C PHE B 23 -13.76 49.61 45.80
N ALA B 24 -14.51 48.56 45.45
CA ALA B 24 -14.72 48.23 44.05
C ALA B 24 -15.60 49.29 43.39
N GLY B 25 -15.29 49.59 42.13
CA GLY B 25 -16.00 50.62 41.41
C GLY B 25 -15.38 52.00 41.50
N ASP B 26 -14.34 52.18 42.31
CA ASP B 26 -13.64 53.45 42.37
C ASP B 26 -12.50 53.47 41.35
N ASP B 27 -11.96 54.65 41.10
CA ASP B 27 -10.88 54.80 40.14
C ASP B 27 -9.50 54.69 40.76
N ALA B 28 -9.36 55.13 42.01
CA ALA B 28 -8.11 55.11 42.74
C ALA B 28 -8.34 54.47 44.10
N PRO B 29 -7.33 53.82 44.68
CA PRO B 29 -7.48 53.29 46.03
C PRO B 29 -7.63 54.40 47.05
N ARG B 30 -8.49 54.17 48.04
CA ARG B 30 -8.82 55.20 49.02
C ARG B 30 -7.68 55.39 50.01
N ALA B 31 -7.03 54.30 50.43
CA ALA B 31 -5.95 54.35 51.40
C ALA B 31 -4.72 53.67 50.83
N VAL B 32 -3.62 54.42 50.74
CA VAL B 32 -2.33 53.87 50.34
C VAL B 32 -1.34 54.19 51.45
N PHE B 33 -0.83 53.17 52.11
CA PHE B 33 0.08 53.39 53.23
C PHE B 33 1.16 52.34 53.27
N PRO B 34 2.35 52.66 53.82
CA PRO B 34 3.42 51.66 53.89
C PRO B 34 3.08 50.48 54.80
N SER B 35 3.57 49.31 54.43
CA SER B 35 3.27 48.07 55.13
C SER B 35 4.37 47.77 56.15
N ILE B 36 4.41 48.62 57.18
CA ILE B 36 5.40 48.50 58.24
C ILE B 36 4.69 48.43 59.58
N VAL B 37 5.32 47.72 60.52
CA VAL B 37 4.92 47.75 61.92
C VAL B 37 6.15 48.19 62.72
N GLY B 38 5.98 49.23 63.54
CA GLY B 38 7.07 49.79 64.31
C GLY B 38 6.87 49.56 65.80
N ARG B 39 7.96 49.27 66.49
CA ARG B 39 7.92 49.08 67.93
C ARG B 39 9.01 49.90 68.59
N PRO B 40 8.77 50.40 69.80
CA PRO B 40 9.78 51.22 70.49
C PRO B 40 11.04 50.44 70.82
N ARG B 41 12.18 51.11 70.70
CA ARG B 41 13.48 50.53 71.01
C ARG B 41 14.22 51.26 72.10
N HIS B 42 13.65 52.30 72.69
CA HIS B 42 14.31 53.08 73.72
C HIS B 42 13.51 53.00 75.02
N GLN B 43 13.99 53.73 76.03
CA GLN B 43 13.40 53.71 77.36
C GLN B 43 12.37 54.83 77.49
N GLY B 44 11.17 54.48 77.93
CA GLY B 44 10.16 55.48 78.21
C GLY B 44 10.41 56.17 79.54
N VAL B 45 10.24 57.49 79.55
CA VAL B 45 10.52 58.28 80.74
C VAL B 45 9.32 59.09 81.22
N MET B 46 8.36 59.43 80.36
CA MET B 46 7.20 60.20 80.75
C MET B 46 5.98 59.28 80.82
N VAL B 47 5.28 59.33 81.95
CA VAL B 47 4.18 58.42 82.22
C VAL B 47 2.95 58.85 81.43
N GLY B 48 2.10 57.88 81.10
CA GLY B 48 0.85 58.15 80.40
C GLY B 48 1.03 58.50 78.94
N MET B 49 0.50 59.68 78.56
CA MET B 49 0.58 60.34 77.25
C MET B 49 0.22 59.43 76.06
N GLY B 50 -0.54 58.37 76.30
CA GLY B 50 -1.01 57.50 75.22
C GLY B 50 0.07 56.75 74.47
N GLN B 51 1.08 56.24 75.17
CA GLN B 51 2.16 55.50 74.53
C GLN B 51 1.67 54.11 74.15
N LYS B 52 1.87 53.75 72.89
CA LYS B 52 1.45 52.47 72.34
C LYS B 52 2.65 51.57 72.13
N ASP B 53 2.42 50.26 72.26
CA ASP B 53 3.48 49.28 72.05
C ASP B 53 3.73 48.98 70.57
N SER B 54 2.84 49.38 69.68
CA SER B 54 3.01 49.15 68.26
C SER B 54 2.33 50.27 67.47
N TYR B 55 2.96 50.67 66.38
CA TYR B 55 2.42 51.66 65.46
C TYR B 55 2.42 51.09 64.05
N VAL B 56 1.36 51.37 63.30
CA VAL B 56 1.13 50.75 62.00
C VAL B 56 0.87 51.84 60.97
N GLY B 57 1.61 51.80 59.87
CA GLY B 57 1.30 52.64 58.73
C GLY B 57 2.02 53.98 58.78
N ASP B 58 1.27 55.07 58.56
CA ASP B 58 1.88 56.39 58.52
C ASP B 58 2.34 56.85 59.89
N GLU B 59 1.72 56.34 60.96
CA GLU B 59 2.17 56.69 62.31
C GLU B 59 3.53 56.08 62.61
N ALA B 60 3.80 54.88 62.06
CA ALA B 60 5.13 54.29 62.21
C ALA B 60 6.17 55.06 61.40
N GLN B 61 5.77 55.58 60.24
CA GLN B 61 6.69 56.36 59.42
C GLN B 61 6.98 57.73 60.02
N SER B 62 5.98 58.33 60.68
CA SER B 62 6.18 59.65 61.25
C SER B 62 7.04 59.61 62.51
N LYS B 63 6.96 58.52 63.28
CA LYS B 63 7.68 58.40 64.54
C LYS B 63 8.86 57.43 64.45
N ARG B 64 9.43 57.26 63.25
CA ARG B 64 10.43 56.23 63.01
C ARG B 64 11.76 56.49 63.69
N GLY B 65 12.00 57.71 64.21
CA GLY B 65 13.24 58.00 64.89
C GLY B 65 13.40 57.29 66.22
N ILE B 66 12.30 56.89 66.84
CA ILE B 66 12.32 56.18 68.11
C ILE B 66 11.71 54.79 67.98
N LEU B 67 11.65 54.25 66.76
CA LEU B 67 11.04 52.95 66.50
C LEU B 67 11.98 52.09 65.68
N THR B 68 11.79 50.78 65.79
CA THR B 68 12.31 49.79 64.86
C THR B 68 11.16 49.35 63.96
N LEU B 69 11.37 49.42 62.65
CA LEU B 69 10.34 49.14 61.67
C LEU B 69 10.59 47.78 61.04
N LYS B 70 9.55 46.95 60.96
CA LYS B 70 9.63 45.64 60.36
C LYS B 70 8.53 45.44 59.34
N TYR B 71 8.86 44.77 58.24
CA TYR B 71 7.91 44.45 57.18
C TYR B 71 7.35 43.06 57.40
N PRO B 72 6.04 42.88 57.49
CA PRO B 72 5.47 41.53 57.60
C PRO B 72 5.67 40.67 56.37
N ILE B 73 5.81 41.26 55.19
CA ILE B 73 5.90 40.53 53.93
C ILE B 73 7.30 40.70 53.37
N GLU B 74 7.96 39.57 53.09
CA GLU B 74 9.28 39.58 52.49
C GLU B 74 9.28 38.70 51.23
N GLY B 76 7.19 38.74 48.81
CA GLY B 76 5.84 38.32 48.49
C GLY B 76 5.28 37.25 49.42
N ILE B 77 6.09 36.78 50.35
CA ILE B 77 5.71 35.73 51.29
C ILE B 77 5.59 36.35 52.66
N ILE B 78 4.46 36.10 53.32
CA ILE B 78 4.20 36.67 54.64
C ILE B 78 5.00 35.90 55.68
N THR B 79 5.90 36.60 56.36
CA THR B 79 6.75 35.98 57.37
C THR B 79 6.14 36.06 58.76
N ASN B 80 5.73 37.24 59.19
CA ASN B 80 5.10 37.45 60.49
C ASN B 80 3.60 37.60 60.30
N TRP B 81 2.82 36.81 61.04
CA TRP B 81 1.37 36.78 60.85
C TRP B 81 0.61 37.66 61.82
N ASP B 82 1.13 37.87 63.03
CA ASP B 82 0.51 38.82 63.95
C ASP B 82 0.59 40.24 63.41
N ASP B 83 1.73 40.60 62.82
CA ASP B 83 1.87 41.92 62.23
C ASP B 83 0.99 42.08 60.99
N MET B 84 0.80 41.01 60.23
CA MET B 84 -0.10 41.07 59.07
C MET B 84 -1.56 41.20 59.51
N GLU B 85 -1.92 40.53 60.62
CA GLU B 85 -3.26 40.71 61.19
C GLU B 85 -3.45 42.14 61.68
N LYS B 86 -2.42 42.73 62.28
CA LYS B 86 -2.48 44.12 62.70
C LYS B 86 -2.62 45.08 61.51
N ILE B 87 -1.91 44.78 60.42
CA ILE B 87 -2.01 45.56 59.19
C ILE B 87 -3.42 45.49 58.61
N TRP B 88 -4.00 44.29 58.57
CA TRP B 88 -5.35 44.12 58.04
C TRP B 88 -6.39 44.78 58.92
N HIS B 89 -6.20 44.73 60.25
CA HIS B 89 -7.12 45.41 61.17
C HIS B 89 -7.03 46.93 61.02
N HIS B 90 -5.82 47.46 60.81
CA HIS B 90 -5.65 48.89 60.61
C HIS B 90 -6.25 49.34 59.28
N THR B 91 -6.11 48.53 58.23
CA THR B 91 -6.67 48.91 56.95
C THR B 91 -8.17 48.65 56.84
N PHE B 92 -8.74 47.86 57.77
CA PHE B 92 -10.19 47.67 57.78
C PHE B 92 -10.89 48.69 58.67
N TYR B 93 -10.35 48.95 59.86
CA TYR B 93 -11.05 49.76 60.85
C TYR B 93 -10.57 51.21 60.89
N ASN B 94 -9.26 51.46 60.76
CA ASN B 94 -8.76 52.82 60.89
C ASN B 94 -8.73 53.58 59.58
N GLU B 95 -8.30 52.94 58.49
CA GLU B 95 -8.18 53.62 57.20
C GLU B 95 -9.49 53.60 56.43
N LEU B 96 -10.00 52.41 56.12
CA LEU B 96 -11.23 52.30 55.34
C LEU B 96 -12.48 52.55 56.17
N ARG B 97 -12.38 52.42 57.50
CA ARG B 97 -13.45 52.68 58.46
C ARG B 97 -14.71 51.87 58.15
N VAL B 98 -14.51 50.59 57.85
CA VAL B 98 -15.56 49.71 57.33
C VAL B 98 -15.54 48.41 58.12
N ALA B 99 -16.72 47.97 58.56
CA ALA B 99 -16.84 46.69 59.24
C ALA B 99 -16.65 45.56 58.24
N PRO B 100 -15.75 44.61 58.49
CA PRO B 100 -15.49 43.56 57.49
C PRO B 100 -16.57 42.50 57.38
N GLU B 101 -17.59 42.51 58.24
CA GLU B 101 -18.60 41.47 58.22
C GLU B 101 -19.58 41.59 57.08
N GLU B 102 -19.64 42.73 56.39
CA GLU B 102 -20.65 42.96 55.37
C GLU B 102 -20.01 43.32 54.03
N HIS B 103 -18.79 42.88 53.78
CA HIS B 103 -18.10 43.21 52.55
C HIS B 103 -17.25 42.04 52.05
N PRO B 104 -17.46 41.59 50.81
CA PRO B 104 -16.52 40.65 50.20
C PRO B 104 -15.18 41.32 49.92
N THR B 105 -14.13 40.51 49.94
CA THR B 105 -12.77 41.01 49.85
C THR B 105 -12.00 40.31 48.74
N LEU B 106 -11.32 41.09 47.91
CA LEU B 106 -10.42 40.60 46.88
C LEU B 106 -8.99 40.90 47.29
N LEU B 107 -8.16 39.86 47.33
CA LEU B 107 -6.77 39.97 47.73
C LEU B 107 -5.88 39.57 46.55
N THR B 108 -4.63 40.02 46.60
CA THR B 108 -3.68 39.82 45.52
C THR B 108 -2.53 38.94 45.98
N GLU B 109 -2.02 38.13 45.05
CA GLU B 109 -0.92 37.23 45.37
C GLU B 109 -0.05 37.06 44.14
N ALA B 110 1.27 37.10 44.35
CA ALA B 110 2.22 36.88 43.28
C ALA B 110 2.19 35.42 42.82
N PRO B 111 2.51 35.15 41.55
CA PRO B 111 2.58 33.76 41.09
C PRO B 111 3.74 32.99 41.71
N LEU B 112 3.60 31.66 41.71
CA LEU B 112 4.58 30.70 42.22
C LEU B 112 4.92 30.94 43.70
N ASN B 113 3.91 31.30 44.47
CA ASN B 113 3.98 31.45 45.92
C ASN B 113 3.70 30.12 46.61
N PRO B 114 4.12 29.96 47.87
CA PRO B 114 3.71 28.78 48.64
C PRO B 114 2.22 28.73 48.87
N LYS B 115 1.69 27.51 48.95
CA LYS B 115 0.24 27.34 49.08
C LYS B 115 -0.24 27.70 50.48
N ALA B 116 0.65 27.57 51.48
CA ALA B 116 0.28 27.89 52.86
C ALA B 116 -0.04 29.35 53.05
N ASN B 117 0.57 30.23 52.25
CA ASN B 117 0.27 31.66 52.31
C ASN B 117 -1.18 31.94 51.92
N ARG B 118 -1.62 31.34 50.81
CA ARG B 118 -3.00 31.49 50.36
C ARG B 118 -3.99 30.84 51.33
N GLU B 119 -3.63 29.67 51.87
CA GLU B 119 -4.50 28.99 52.82
C GLU B 119 -4.68 29.77 54.11
N LYS B 120 -3.58 30.33 54.64
CA LYS B 120 -3.68 31.10 55.87
C LYS B 120 -4.34 32.45 55.63
N MET B 121 -4.18 33.02 54.43
CA MET B 121 -4.93 34.23 54.08
C MET B 121 -6.43 33.97 54.08
N THR B 122 -6.85 32.84 53.51
CA THR B 122 -8.25 32.45 53.50
C THR B 122 -8.78 32.21 54.90
N GLN B 123 -8.00 31.51 55.74
CA GLN B 123 -8.41 31.20 57.10
C GLN B 123 -8.51 32.46 57.97
N ILE B 124 -7.54 33.37 57.86
CA ILE B 124 -7.55 34.59 58.65
C ILE B 124 -8.67 35.52 58.20
N MET B 125 -8.91 35.62 56.89
CA MET B 125 -9.99 36.45 56.40
C MET B 125 -11.37 35.87 56.69
N PHE B 126 -11.49 34.56 56.86
CA PHE B 126 -12.77 33.94 57.13
C PHE B 126 -13.08 33.74 58.60
N GLU B 127 -12.08 33.75 59.49
CA GLU B 127 -12.32 33.46 60.89
C GLU B 127 -12.03 34.62 61.83
N THR B 128 -11.17 35.56 61.47
CA THR B 128 -10.85 36.69 62.34
C THR B 128 -11.50 37.99 61.89
N PHE B 129 -11.52 38.26 60.59
CA PHE B 129 -12.13 39.46 60.06
C PHE B 129 -13.31 39.06 59.19
N ASN B 130 -14.15 38.13 59.70
CA ASN B 130 -14.96 37.21 58.90
C ASN B 130 -15.85 37.92 57.88
N VAL B 131 -15.77 37.43 56.64
CA VAL B 131 -16.31 38.12 55.48
C VAL B 131 -17.43 37.30 54.87
N PRO B 132 -18.38 37.91 54.15
CA PRO B 132 -19.31 37.10 53.36
C PRO B 132 -18.63 36.30 52.27
N ALA B 133 -17.57 36.84 51.66
CA ALA B 133 -16.88 36.17 50.58
C ALA B 133 -15.46 36.71 50.49
N MET B 134 -14.61 35.97 49.79
CA MET B 134 -13.27 36.44 49.48
C MET B 134 -12.78 35.73 48.22
N TYR B 135 -11.77 36.33 47.60
CA TYR B 135 -11.14 35.76 46.42
C TYR B 135 -9.70 36.22 46.38
N VAL B 136 -8.82 35.35 45.90
CA VAL B 136 -7.39 35.65 45.76
C VAL B 136 -7.04 35.61 44.27
N ALA B 137 -6.40 36.66 43.78
CA ALA B 137 -6.17 36.83 42.36
C ALA B 137 -4.70 37.15 42.07
N ILE B 138 -4.29 36.82 40.86
CA ILE B 138 -2.93 37.07 40.37
C ILE B 138 -2.84 38.53 39.90
N GLN B 139 -1.72 39.17 40.26
CA GLN B 139 -1.57 40.60 40.02
C GLN B 139 -1.41 40.95 38.55
N ALA B 140 -0.79 40.06 37.77
CA ALA B 140 -0.56 40.35 36.36
C ALA B 140 -1.86 40.32 35.55
N VAL B 141 -2.80 39.44 35.93
CA VAL B 141 -4.10 39.42 35.28
C VAL B 141 -4.86 40.70 35.57
N LEU B 142 -4.71 41.23 36.79
CA LEU B 142 -5.32 42.51 37.12
C LEU B 142 -4.67 43.66 36.37
N SER B 143 -3.36 43.58 36.14
CA SER B 143 -2.68 44.60 35.32
C SER B 143 -3.18 44.57 33.88
N LEU B 144 -3.42 43.37 33.34
CA LEU B 144 -3.97 43.27 32.00
C LEU B 144 -5.43 43.71 31.96
N TYR B 145 -6.17 43.55 33.05
CA TYR B 145 -7.52 44.10 33.14
C TYR B 145 -7.49 45.62 33.13
N ALA B 146 -6.53 46.22 33.83
CA ALA B 146 -6.44 47.68 33.86
C ALA B 146 -5.94 48.24 32.55
N SER B 147 -5.16 47.47 31.79
CA SER B 147 -4.72 47.95 30.48
C SER B 147 -5.85 47.93 29.45
N GLY B 148 -6.93 47.22 29.72
CA GLY B 148 -8.07 47.18 28.82
C GLY B 148 -7.97 46.17 27.70
N ARG B 149 -6.98 45.29 27.72
CA ARG B 149 -6.76 44.33 26.65
C ARG B 149 -6.68 42.91 27.20
N THR B 150 -6.82 41.94 26.31
CA THR B 150 -6.81 40.54 26.68
C THR B 150 -5.55 39.80 26.27
N THR B 151 -4.69 40.40 25.46
CA THR B 151 -3.45 39.79 25.04
C THR B 151 -2.27 40.68 25.42
N GLY B 152 -1.21 40.06 25.94
CA GLY B 152 -0.02 40.77 26.34
C GLY B 152 0.76 39.98 27.35
N ILE B 153 2.03 40.36 27.48
CA ILE B 153 2.91 39.80 28.50
C ILE B 153 3.15 40.88 29.55
N VAL B 154 2.75 40.58 30.79
CA VAL B 154 2.80 41.55 31.87
C VAL B 154 4.09 41.35 32.66
N LEU B 155 4.85 42.43 32.80
CA LEU B 155 6.00 42.49 33.70
C LEU B 155 5.60 43.31 34.91
N ASP B 156 5.49 42.66 36.06
CA ASP B 156 5.09 43.33 37.29
C ASP B 156 6.25 43.28 38.27
N SER B 157 6.72 44.44 38.70
CA SER B 157 7.84 44.56 39.63
C SER B 157 7.47 45.53 40.73
N GLY B 158 7.52 45.07 41.97
CA GLY B 158 7.20 45.92 43.11
C GLY B 158 8.32 46.05 44.11
N ASP B 159 8.07 45.61 45.34
CA ASP B 159 9.07 45.70 46.40
C ASP B 159 9.69 44.36 46.76
N GLY B 160 9.03 43.25 46.41
CA GLY B 160 9.59 41.95 46.73
C GLY B 160 9.81 41.00 45.56
N VAL B 161 9.01 41.13 44.51
CA VAL B 161 9.04 40.17 43.40
C VAL B 161 9.01 40.90 42.07
N THR B 162 9.42 40.17 41.03
CA THR B 162 9.35 40.63 39.64
C THR B 162 8.90 39.44 38.80
N HIS B 163 7.69 39.49 38.26
CA HIS B 163 7.16 38.34 37.54
C HIS B 163 6.63 38.71 36.17
N ASN B 164 6.80 37.76 35.25
CA ASN B 164 6.34 37.87 33.87
C ASN B 164 5.27 36.82 33.62
N VAL B 165 4.10 37.27 33.16
CA VAL B 165 2.98 36.38 32.83
C VAL B 165 2.50 36.69 31.42
N PRO B 166 2.56 35.74 30.48
CA PRO B 166 1.95 35.97 29.16
C PRO B 166 0.52 35.46 29.05
N ILE B 167 -0.38 36.28 28.51
CA ILE B 167 -1.79 35.94 28.34
C ILE B 167 -2.17 36.20 26.89
N TYR B 168 -2.78 35.22 26.24
CA TYR B 168 -3.22 35.35 24.85
C TYR B 168 -4.71 35.01 24.78
N GLU B 169 -5.52 36.04 24.47
CA GLU B 169 -6.97 35.94 24.30
C GLU B 169 -7.65 35.37 25.56
N GLY B 170 -7.18 35.81 26.72
CA GLY B 170 -7.75 35.40 27.98
C GLY B 170 -7.21 34.10 28.54
N TYR B 171 -6.36 33.40 27.79
CA TYR B 171 -5.78 32.14 28.23
C TYR B 171 -4.33 32.37 28.62
N ALA B 172 -3.96 31.92 29.81
CA ALA B 172 -2.61 32.07 30.32
C ALA B 172 -1.78 30.84 30.01
N LEU B 173 -0.46 31.02 30.01
CA LEU B 173 0.50 29.95 29.76
C LEU B 173 1.36 29.83 31.00
N PRO B 174 0.98 28.97 31.96
CA PRO B 174 1.72 28.89 33.22
C PRO B 174 3.11 28.28 33.11
N HIS B 175 3.43 27.61 32.01
CA HIS B 175 4.78 27.11 31.81
C HIS B 175 5.76 28.19 31.37
N ALA B 176 5.27 29.38 31.02
CA ALA B 176 6.11 30.50 30.65
C ALA B 176 6.13 31.59 31.72
N ILE B 177 5.51 31.37 32.87
CA ILE B 177 5.51 32.34 33.95
C ILE B 177 6.89 32.39 34.58
N MET B 178 7.47 33.58 34.66
CA MET B 178 8.80 33.77 35.22
C MET B 178 8.71 34.54 36.53
N ARG B 179 9.46 34.09 37.52
CA ARG B 179 9.52 34.75 38.83
C ARG B 179 10.97 35.03 39.18
N LEU B 180 11.26 36.28 39.56
CA LEU B 180 12.59 36.69 39.97
C LEU B 180 12.48 37.46 41.28
N ASP B 181 13.24 37.03 42.28
CA ASP B 181 13.25 37.68 43.58
C ASP B 181 14.24 38.84 43.57
N LEU B 182 13.89 39.88 42.82
CA LEU B 182 14.70 41.07 42.68
C LEU B 182 13.76 42.23 42.39
N ALA B 183 13.67 43.16 43.34
CA ALA B 183 12.74 44.27 43.23
C ALA B 183 13.34 45.46 43.96
N GLY B 184 12.48 46.43 44.31
CA GLY B 184 12.95 47.71 44.80
C GLY B 184 13.62 47.68 46.15
N ARG B 185 13.33 46.66 46.96
CA ARG B 185 14.00 46.56 48.26
C ARG B 185 15.47 46.16 48.09
N ASP B 186 15.75 45.27 47.13
CA ASP B 186 17.13 44.95 46.80
C ASP B 186 17.87 46.15 46.21
N LEU B 187 17.15 46.96 45.43
CA LEU B 187 17.74 48.18 44.88
C LEU B 187 18.05 49.19 45.98
N THR B 188 17.16 49.31 46.98
CA THR B 188 17.41 50.17 48.13
C THR B 188 18.62 49.68 48.93
N ASP B 189 18.73 48.37 49.13
CA ASP B 189 19.88 47.82 49.85
C ASP B 189 21.19 48.02 49.08
N TYR B 190 21.14 47.88 47.75
CA TYR B 190 22.32 48.12 46.93
C TYR B 190 22.71 49.59 46.92
N LEU B 191 21.73 50.49 46.96
CA LEU B 191 22.02 51.92 47.07
C LEU B 191 22.63 52.24 48.43
N MET B 192 22.15 51.58 49.49
CA MET B 192 22.76 51.73 50.82
C MET B 192 24.21 51.25 50.82
N LYS B 193 24.49 50.18 50.07
CA LYS B 193 25.87 49.70 49.98
C LYS B 193 26.76 50.67 49.19
N ILE B 194 26.28 51.14 48.04
CA ILE B 194 27.13 51.97 47.17
C ILE B 194 27.16 53.44 47.59
N LEU B 195 26.35 53.85 48.55
CA LEU B 195 26.51 55.20 49.10
C LEU B 195 27.65 55.29 50.10
N THR B 196 28.28 54.17 50.46
CA THR B 196 29.43 54.21 51.35
C THR B 196 30.70 54.66 50.65
N GLU B 197 30.70 54.68 49.31
CA GLU B 197 31.88 55.10 48.57
C GLU B 197 32.13 56.60 48.67
N ARG B 198 31.07 57.39 48.84
CA ARG B 198 31.19 58.83 49.00
C ARG B 198 31.24 59.25 50.46
N GLY B 199 31.26 58.29 51.39
CA GLY B 199 31.37 58.59 52.80
C GLY B 199 30.07 58.61 53.56
N TYR B 200 28.96 58.23 52.95
CA TYR B 200 27.66 58.27 53.60
C TYR B 200 27.32 56.89 54.14
N SER B 201 26.87 56.84 55.40
CA SER B 201 26.57 55.59 56.08
C SER B 201 25.10 55.60 56.48
N PHE B 202 24.36 54.60 56.00
CA PHE B 202 22.97 54.39 56.38
C PHE B 202 22.82 52.97 56.89
N VAL B 203 22.57 52.83 58.19
CA VAL B 203 22.64 51.55 58.87
C VAL B 203 21.28 51.10 59.39
N THR B 204 20.58 51.97 60.13
CA THR B 204 19.37 51.59 60.82
C THR B 204 18.20 51.41 59.84
N THR B 205 17.12 50.86 60.37
CA THR B 205 15.92 50.62 59.56
C THR B 205 15.17 51.91 59.25
N ALA B 206 15.37 52.97 60.03
CA ALA B 206 14.76 54.26 59.71
C ALA B 206 15.46 54.92 58.54
N GLU B 207 16.79 54.74 58.42
CA GLU B 207 17.55 55.33 57.34
C GLU B 207 17.34 54.61 56.01
N ARG B 208 16.84 53.37 56.05
CA ARG B 208 16.49 52.67 54.82
C ARG B 208 15.34 53.36 54.10
N GLU B 209 14.42 53.96 54.85
CA GLU B 209 13.34 54.74 54.25
C GLU B 209 13.86 56.02 53.61
N ILE B 210 14.88 56.63 54.21
CA ILE B 210 15.51 57.81 53.62
C ILE B 210 16.20 57.44 52.30
N VAL B 211 16.91 56.32 52.29
CA VAL B 211 17.56 55.84 51.06
C VAL B 211 16.53 55.46 50.01
N ARG B 212 15.39 54.92 50.43
CA ARG B 212 14.30 54.63 49.49
C ARG B 212 13.73 55.91 48.89
N ASP B 213 13.62 56.97 49.69
CA ASP B 213 13.16 58.25 49.18
C ASP B 213 14.16 58.85 48.18
N ILE B 214 15.45 58.72 48.47
CA ILE B 214 16.51 59.15 47.54
C ILE B 214 16.42 58.36 46.24
N LYS B 215 16.19 57.05 46.33
CA LYS B 215 16.06 56.20 45.15
C LYS B 215 14.83 56.57 44.33
N GLU B 216 13.73 56.91 45.00
CA GLU B 216 12.52 57.29 44.28
C GLU B 216 12.66 58.66 43.61
N LYS B 217 13.38 59.59 44.23
CA LYS B 217 13.41 60.95 43.71
C LYS B 217 14.58 61.24 42.77
N LEU B 218 15.68 60.51 42.88
CA LEU B 218 16.90 60.90 42.18
C LEU B 218 17.51 59.85 41.25
N CYS B 219 16.88 58.69 41.09
CA CYS B 219 17.47 57.64 40.28
C CYS B 219 16.75 57.49 38.94
N TYR B 220 17.48 57.03 37.94
CA TYR B 220 16.94 56.82 36.59
C TYR B 220 17.73 55.70 35.92
N VAL B 221 17.21 55.24 34.79
CA VAL B 221 17.81 54.14 34.03
C VAL B 221 18.55 54.71 32.84
N ALA B 222 19.83 54.38 32.73
CA ALA B 222 20.65 54.81 31.60
C ALA B 222 20.28 54.05 30.34
N LEU B 223 20.17 54.77 29.23
CA LEU B 223 19.91 54.13 27.95
C LEU B 223 21.12 53.33 27.48
N ASP B 224 22.32 53.86 27.68
CA ASP B 224 23.57 53.13 27.48
C ASP B 224 24.38 53.27 28.75
N PHE B 225 24.78 52.15 29.33
CA PHE B 225 25.45 52.18 30.63
C PHE B 225 26.87 52.72 30.52
N GLU B 226 27.63 52.25 29.52
CA GLU B 226 29.03 52.62 29.40
C GLU B 226 29.21 54.09 29.02
N ASN B 227 28.34 54.59 28.13
CA ASN B 227 28.41 56.00 27.74
C ASN B 227 28.05 56.91 28.90
N GLU B 228 27.07 56.51 29.72
CA GLU B 228 26.73 57.31 30.89
C GLU B 228 27.79 57.25 31.97
N MET B 229 28.47 56.10 32.11
CA MET B 229 29.62 56.01 33.01
C MET B 229 30.75 56.91 32.56
N ALA B 230 31.02 56.96 31.26
CA ALA B 230 32.05 57.85 30.73
C ALA B 230 31.66 59.32 30.89
N THR B 231 30.37 59.63 30.73
CA THR B 231 29.88 60.99 30.93
C THR B 231 30.02 61.42 32.38
N ALA B 232 29.70 60.52 33.32
CA ALA B 232 29.85 60.84 34.74
C ALA B 232 31.32 60.95 35.13
N ALA B 233 32.19 60.18 34.50
CA ALA B 233 33.62 60.31 34.76
C ALA B 233 34.19 61.58 34.14
N SER B 234 33.57 62.09 33.08
CA SER B 234 34.13 63.24 32.38
C SER B 234 33.80 64.55 33.09
N SER B 235 32.53 64.86 33.23
CA SER B 235 32.09 66.15 33.78
C SER B 235 31.11 65.93 34.92
N SER B 236 30.98 66.96 35.75
CA SER B 236 30.03 66.94 36.86
C SER B 236 28.69 67.54 36.46
N SER B 237 28.11 67.02 35.39
CA SER B 237 26.82 67.50 34.92
C SER B 237 25.66 66.62 35.34
N LEU B 238 25.94 65.42 35.84
CA LEU B 238 24.91 64.46 36.22
C LEU B 238 24.69 64.38 37.72
N GLU B 239 25.42 65.17 38.51
CA GLU B 239 25.33 65.08 39.97
C GLU B 239 24.14 65.88 40.47
N LYS B 240 23.41 65.31 41.43
CA LYS B 240 22.27 65.95 42.05
C LYS B 240 22.40 65.90 43.56
N SER B 241 21.76 66.86 44.22
CA SER B 241 21.88 67.02 45.66
C SER B 241 20.56 66.70 46.35
N TYR B 242 20.67 66.16 47.56
CA TYR B 242 19.54 65.78 48.39
C TYR B 242 19.76 66.31 49.79
N GLU B 243 18.67 66.71 50.45
CA GLU B 243 18.73 67.25 51.80
C GLU B 243 18.23 66.22 52.79
N LEU B 244 19.09 65.86 53.74
CA LEU B 244 18.71 64.94 54.80
C LEU B 244 17.78 65.64 55.80
N PRO B 245 16.98 64.89 56.56
CA PRO B 245 16.08 65.53 57.53
C PRO B 245 16.77 66.30 58.65
N ASP B 246 18.04 66.03 58.94
CA ASP B 246 18.75 66.79 59.96
C ASP B 246 19.49 68.01 59.39
N GLY B 247 19.29 68.30 58.11
CA GLY B 247 19.89 69.46 57.48
C GLY B 247 21.12 69.18 56.64
N GLN B 248 21.66 67.97 56.68
CA GLN B 248 22.85 67.65 55.91
C GLN B 248 22.50 67.47 54.44
N VAL B 249 23.43 67.84 53.57
CA VAL B 249 23.23 67.82 52.13
C VAL B 249 24.22 66.84 51.52
N ILE B 250 23.71 65.90 50.74
CA ILE B 250 24.54 64.91 50.05
C ILE B 250 24.46 65.16 48.54
N THR B 251 25.50 64.77 47.82
CA THR B 251 25.57 64.87 46.37
C THR B 251 25.91 63.51 45.79
N ILE B 252 25.15 63.09 44.77
CA ILE B 252 25.38 61.80 44.15
C ILE B 252 25.54 61.98 42.64
N GLY B 253 26.38 61.12 42.06
CA GLY B 253 26.70 61.14 40.64
C GLY B 253 26.22 59.92 39.89
N ASN B 254 27.13 58.97 39.66
CA ASN B 254 26.80 57.77 38.89
C ASN B 254 25.88 56.82 39.65
N GLU B 255 25.78 56.96 40.98
CA GLU B 255 24.90 56.11 41.79
C GLU B 255 23.42 56.34 41.47
N ARG B 256 23.09 57.42 40.76
CA ARG B 256 21.74 57.59 40.25
C ARG B 256 21.36 56.48 39.27
N PHE B 257 22.28 56.09 38.38
CA PHE B 257 21.92 55.11 37.37
C PHE B 257 22.57 53.74 37.58
N ARG B 258 23.42 53.58 38.57
CA ARG B 258 23.95 52.24 38.86
C ARG B 258 22.99 51.42 39.71
N CYS B 259 22.00 52.07 40.33
CA CYS B 259 21.08 51.33 41.19
C CYS B 259 20.01 50.56 40.41
N PRO B 260 19.26 51.13 39.45
CA PRO B 260 18.33 50.28 38.69
C PRO B 260 18.99 49.46 37.60
N GLU B 261 20.28 49.64 37.35
CA GLU B 261 21.04 48.79 36.43
C GLU B 261 21.12 47.35 36.91
N THR B 262 20.91 47.12 38.21
CA THR B 262 20.80 45.76 38.74
C THR B 262 19.56 45.04 38.20
N LEU B 263 18.55 45.78 37.73
CA LEU B 263 17.42 45.14 37.05
C LEU B 263 17.84 44.50 35.74
N PHE B 264 18.88 45.04 35.09
CA PHE B 264 19.38 44.50 33.84
C PHE B 264 20.67 43.71 34.01
N GLN B 265 21.46 43.99 35.05
CA GLN B 265 22.64 43.21 35.40
C GLN B 265 22.53 42.81 36.86
N PRO B 266 21.85 41.69 37.14
CA PRO B 266 21.70 41.25 38.54
C PRO B 266 22.99 40.82 39.21
N SER B 267 24.06 40.56 38.44
CA SER B 267 25.36 40.20 38.97
C SER B 267 26.00 41.32 39.79
N PHE B 268 25.48 42.55 39.71
CA PHE B 268 25.90 43.62 40.60
C PHE B 268 25.60 43.29 42.07
N ILE B 269 24.55 42.52 42.34
CA ILE B 269 24.31 42.06 43.70
C ILE B 269 24.58 40.56 43.85
N GLY B 270 25.38 39.98 42.95
CA GLY B 270 25.83 38.62 43.09
C GLY B 270 24.85 37.55 42.67
N MET B 271 23.84 37.88 41.89
CA MET B 271 22.86 36.89 41.46
C MET B 271 23.19 36.38 40.06
N GLU B 272 22.94 35.10 39.84
CA GLU B 272 23.27 34.45 38.58
C GLU B 272 22.20 34.66 37.52
N SER B 273 21.01 35.12 37.90
CA SER B 273 19.89 35.23 36.99
C SER B 273 20.11 36.34 35.97
N ALA B 274 19.36 36.25 34.88
CA ALA B 274 19.43 37.22 33.80
C ALA B 274 18.58 38.45 34.13
N GLY B 275 18.73 39.48 33.31
CA GLY B 275 17.99 40.71 33.50
C GLY B 275 16.54 40.56 33.11
N ILE B 276 15.79 41.66 33.31
CA ILE B 276 14.36 41.66 33.05
C ILE B 276 14.06 41.56 31.56
N HIS B 277 14.90 42.14 30.71
CA HIS B 277 14.70 42.04 29.26
C HIS B 277 14.94 40.63 28.77
N GLU B 278 15.99 39.96 29.28
CA GLU B 278 16.25 38.57 28.92
C GLU B 278 15.18 37.65 29.47
N THR B 279 14.67 37.96 30.67
CA THR B 279 13.59 37.16 31.25
C THR B 279 12.30 37.30 30.46
N THR B 280 11.99 38.52 30.00
CA THR B 280 10.82 38.73 29.16
C THR B 280 10.96 38.03 27.81
N TYR B 281 12.15 38.10 27.20
CA TYR B 281 12.40 37.42 25.94
C TYR B 281 12.31 35.90 26.10
N ASN B 282 12.80 35.38 27.22
CA ASN B 282 12.72 33.94 27.46
C ASN B 282 11.30 33.49 27.76
N SER B 283 10.50 34.36 28.39
CA SER B 283 9.09 34.04 28.61
C SER B 283 8.31 34.04 27.30
N ILE B 284 8.64 34.96 26.39
CA ILE B 284 7.97 34.99 25.09
C ILE B 284 8.39 33.80 24.25
N MET B 285 9.68 33.44 24.27
CA MET B 285 10.19 32.36 23.43
C MET B 285 9.76 30.98 23.91
N LYS B 286 9.28 30.84 25.14
CA LYS B 286 8.74 29.56 25.61
C LYS B 286 7.27 29.39 25.25
N CYS B 287 6.63 30.42 24.71
CA CYS B 287 5.26 30.33 24.26
C CYS B 287 5.20 29.72 22.87
N ASP B 288 3.98 29.51 22.38
CA ASP B 288 3.80 28.96 21.04
C ASP B 288 4.19 30.00 19.99
N ILE B 289 4.61 29.50 18.83
CA ILE B 289 5.24 30.34 17.81
C ILE B 289 4.24 31.32 17.19
N ASP B 290 2.95 30.97 17.19
CA ASP B 290 1.95 31.80 16.53
C ASP B 290 1.47 32.97 17.36
N ILE B 291 1.77 33.01 18.66
CA ILE B 291 1.29 34.09 19.52
C ILE B 291 2.38 35.11 19.83
N ARG B 292 3.64 34.80 19.52
CA ARG B 292 4.79 35.59 20.00
C ARG B 292 4.74 37.03 19.48
N LYS B 293 4.34 37.21 18.22
CA LYS B 293 4.21 38.54 17.64
C LYS B 293 3.21 39.39 18.41
N ASP B 294 2.07 38.79 18.78
CA ASP B 294 1.09 39.52 19.57
C ASP B 294 1.58 39.81 20.98
N LEU B 295 2.59 39.07 21.46
CA LEU B 295 3.21 39.44 22.73
C LEU B 295 4.19 40.60 22.53
N TYR B 296 4.88 40.63 21.38
CA TYR B 296 5.94 41.61 21.16
C TYR B 296 5.41 43.03 21.09
N ALA B 297 4.21 43.19 20.56
CA ALA B 297 3.57 44.49 20.50
C ALA B 297 2.81 44.85 21.77
N ASN B 298 2.79 43.97 22.77
CA ASN B 298 1.95 44.20 23.95
C ASN B 298 2.70 43.93 25.24
N ASN B 299 3.90 44.49 25.37
CA ASN B 299 4.61 44.42 26.64
C ASN B 299 4.05 45.47 27.60
N VAL B 300 3.46 45.02 28.69
CA VAL B 300 2.78 45.87 29.65
C VAL B 300 3.56 45.88 30.96
N MET B 301 3.89 47.07 31.44
CA MET B 301 4.64 47.22 32.68
C MET B 301 3.74 47.75 33.79
N SER B 302 3.91 47.21 34.99
CA SER B 302 3.15 47.63 36.14
C SER B 302 4.02 47.54 37.39
N GLY B 303 3.66 48.32 38.40
CA GLY B 303 4.39 48.35 39.65
C GLY B 303 5.20 49.63 39.80
N GLY B 304 5.71 49.81 41.03
CA GLY B 304 6.50 50.99 41.32
C GLY B 304 7.91 50.93 40.80
N THR B 305 8.49 49.74 40.72
CA THR B 305 9.86 49.56 40.21
C THR B 305 9.93 49.80 38.72
N THR B 306 8.81 49.85 38.03
CA THR B 306 8.76 50.26 36.63
C THR B 306 8.56 51.76 36.47
N MET B 307 8.70 52.53 37.55
CA MET B 307 8.45 53.97 37.52
C MET B 307 9.72 54.80 37.36
N TYR B 308 10.85 54.16 37.09
CA TYR B 308 12.07 54.92 36.79
C TYR B 308 11.92 55.62 35.45
N PRO B 309 12.39 56.86 35.32
CA PRO B 309 12.21 57.58 34.05
C PRO B 309 13.25 57.28 32.99
N GLY B 310 13.63 56.02 32.82
CA GLY B 310 14.41 55.64 31.66
C GLY B 310 14.16 54.21 31.22
N ILE B 311 13.19 53.54 31.84
CA ILE B 311 13.15 52.09 31.77
C ILE B 311 12.41 51.57 30.54
N ALA B 312 11.44 52.33 30.01
CA ALA B 312 10.69 51.89 28.84
C ALA B 312 11.54 51.90 27.59
N ASP B 313 12.35 52.96 27.42
CA ASP B 313 13.24 53.05 26.27
C ASP B 313 14.32 51.98 26.32
N ARG B 314 14.87 51.72 27.51
CA ARG B 314 15.89 50.70 27.66
C ARG B 314 15.33 49.30 27.40
N MET B 315 14.11 49.03 27.90
CA MET B 315 13.46 47.75 27.66
C MET B 315 13.18 47.55 26.18
N GLN B 316 12.70 48.59 25.49
CA GLN B 316 12.44 48.50 24.06
C GLN B 316 13.72 48.28 23.27
N LYS B 317 14.80 48.97 23.64
CA LYS B 317 16.08 48.81 22.95
C LYS B 317 16.65 47.42 23.13
N GLU B 318 16.62 46.89 24.36
CA GLU B 318 17.19 45.58 24.63
C GLU B 318 16.36 44.47 23.99
N ILE B 319 15.04 44.57 24.03
CA ILE B 319 14.20 43.55 23.42
C ILE B 319 14.32 43.61 21.90
N THR B 320 14.41 44.81 21.32
CA THR B 320 14.62 44.95 19.88
C THR B 320 15.98 44.40 19.46
N ALA B 321 16.98 44.52 20.31
CA ALA B 321 18.27 43.87 20.05
C ALA B 321 18.13 42.35 20.10
N LEU B 322 17.33 41.83 21.03
CA LEU B 322 17.15 40.39 21.14
C LEU B 322 16.26 39.83 20.03
N ALA B 323 15.19 40.54 19.68
CA ALA B 323 14.19 40.04 18.76
C ALA B 323 14.68 40.14 17.31
N PRO B 324 14.11 39.34 16.39
CA PRO B 324 14.37 39.55 14.98
C PRO B 324 13.84 40.89 14.48
N SER B 325 14.46 41.38 13.41
CA SER B 325 14.26 42.75 12.97
C SER B 325 12.88 43.02 12.38
N THR B 326 12.15 41.99 11.97
CA THR B 326 10.83 42.16 11.37
C THR B 326 9.71 42.12 12.40
N MET B 327 10.02 42.36 13.67
CA MET B 327 9.04 42.37 14.73
C MET B 327 8.88 43.77 15.29
N LYS B 328 7.66 44.12 15.66
CA LYS B 328 7.34 45.43 16.23
C LYS B 328 7.26 45.28 17.74
N ILE B 329 8.18 45.93 18.45
CA ILE B 329 8.27 45.85 19.90
C ILE B 329 7.68 47.13 20.48
N LYS B 330 6.65 46.97 21.30
CA LYS B 330 5.96 48.08 21.93
C LYS B 330 5.89 47.85 23.43
N ILE B 331 6.37 48.83 24.20
CA ILE B 331 6.30 48.80 25.64
C ILE B 331 5.19 49.74 26.07
N ILE B 332 4.21 49.22 26.78
CA ILE B 332 3.08 50.01 27.27
C ILE B 332 3.39 50.40 28.71
N ALA B 333 3.57 51.69 28.95
CA ALA B 333 3.89 52.23 30.26
C ALA B 333 2.94 53.39 30.57
N PRO B 334 1.74 53.09 31.07
CA PRO B 334 0.80 54.16 31.42
C PRO B 334 1.27 54.90 32.66
N PRO B 335 0.83 56.16 32.85
CA PRO B 335 1.24 56.90 34.05
C PRO B 335 0.63 56.38 35.34
N GLU B 336 -0.41 55.55 35.27
CA GLU B 336 -1.07 55.03 36.46
C GLU B 336 -0.60 53.63 36.84
N ARG B 337 0.55 53.19 36.32
CA ARG B 337 1.00 51.82 36.52
C ARG B 337 1.46 51.51 37.93
N LYS B 338 1.55 52.51 38.81
CA LYS B 338 1.82 52.23 40.23
C LYS B 338 0.61 51.60 40.91
N TYR B 339 -0.60 51.86 40.43
CA TYR B 339 -1.82 51.39 41.06
C TYR B 339 -2.61 50.42 40.18
N SER B 340 -2.03 50.00 39.04
CA SER B 340 -2.78 49.35 37.97
C SER B 340 -3.43 48.05 38.43
N VAL B 341 -2.70 47.27 39.23
CA VAL B 341 -3.21 46.00 39.79
C VAL B 341 -4.49 46.24 40.56
N TRP B 342 -4.49 47.29 41.42
CA TRP B 342 -5.69 47.63 42.19
C TRP B 342 -6.82 48.02 41.26
N ILE B 343 -6.51 48.78 40.20
CA ILE B 343 -7.52 49.19 39.23
C ILE B 343 -8.14 47.97 38.57
N GLY B 344 -7.30 46.96 38.28
CA GLY B 344 -7.81 45.72 37.71
C GLY B 344 -8.75 45.01 38.65
N GLY B 345 -8.41 45.02 39.95
CA GLY B 345 -9.32 44.47 40.94
C GLY B 345 -10.63 45.24 40.99
N SER B 346 -10.54 46.57 40.87
CA SER B 346 -11.75 47.40 40.86
C SER B 346 -12.58 47.16 39.61
N ILE B 347 -11.99 46.59 38.56
CA ILE B 347 -12.81 46.14 37.45
C ILE B 347 -13.35 44.74 37.72
N LEU B 348 -12.49 43.86 38.25
CA LEU B 348 -12.83 42.44 38.32
C LEU B 348 -13.91 42.17 39.35
N ALA B 349 -13.88 42.89 40.47
CA ALA B 349 -14.95 42.76 41.45
C ALA B 349 -16.24 43.42 40.99
N SER B 350 -16.21 44.27 39.97
CA SER B 350 -17.40 44.96 39.52
C SER B 350 -18.11 44.24 38.37
N LEU B 351 -17.51 43.20 37.82
CA LEU B 351 -18.11 42.48 36.71
C LEU B 351 -19.23 41.57 37.21
N SER B 352 -20.31 41.50 36.43
CA SER B 352 -21.44 40.65 36.78
C SER B 352 -21.13 39.17 36.59
N THR B 353 -20.18 38.83 35.73
CA THR B 353 -19.78 37.45 35.51
C THR B 353 -18.85 36.92 36.58
N PHE B 354 -18.38 37.78 37.49
CA PHE B 354 -17.48 37.41 38.57
C PHE B 354 -18.22 37.07 39.86
N GLN B 355 -19.48 37.48 39.99
CA GLN B 355 -20.22 37.29 41.23
C GLN B 355 -20.52 35.83 41.55
N GLN B 356 -20.38 34.92 40.59
CA GLN B 356 -20.47 33.50 40.87
C GLN B 356 -19.12 32.86 41.13
N MET B 357 -18.04 33.64 41.14
CA MET B 357 -16.70 33.10 41.37
C MET B 357 -16.17 33.41 42.77
N TRP B 358 -16.97 34.06 43.62
CA TRP B 358 -16.56 34.30 44.99
C TRP B 358 -16.54 33.00 45.78
N ILE B 359 -15.73 32.99 46.84
CA ILE B 359 -15.67 31.85 47.75
C ILE B 359 -16.48 32.22 48.98
N THR B 360 -17.58 31.51 49.20
CA THR B 360 -18.51 31.88 50.26
C THR B 360 -18.08 31.28 51.59
N LYS B 361 -18.76 31.73 52.66
CA LYS B 361 -18.54 31.19 53.98
C LYS B 361 -19.04 29.75 54.09
N GLN B 362 -20.14 29.44 53.41
CA GLN B 362 -20.68 28.09 53.41
C GLN B 362 -19.73 27.10 52.74
N GLU B 363 -19.13 27.50 51.61
CA GLU B 363 -18.17 26.64 50.94
C GLU B 363 -16.89 26.49 51.75
N TYR B 364 -16.51 27.53 52.48
CA TYR B 364 -15.36 27.44 53.37
C TYR B 364 -15.62 26.50 54.54
N ASP B 365 -16.84 26.52 55.08
CA ASP B 365 -17.17 25.60 56.16
C ASP B 365 -17.29 24.16 55.67
N GLU B 366 -17.74 23.99 54.42
CA GLU B 366 -17.86 22.64 53.87
C GLU B 366 -16.51 22.05 53.50
N ALA B 367 -15.62 22.87 52.92
CA ALA B 367 -14.38 22.36 52.34
C ALA B 367 -13.15 22.63 53.19
N GLY B 368 -13.20 23.59 54.10
CA GLY B 368 -12.03 23.96 54.87
C GLY B 368 -11.23 25.02 54.16
N PRO B 369 -10.06 25.36 54.69
CA PRO B 369 -9.21 26.37 54.02
C PRO B 369 -8.35 25.79 52.92
N SER B 370 -8.94 24.98 52.04
CA SER B 370 -8.26 24.42 50.89
C SER B 370 -9.03 24.60 49.59
N ILE B 371 -10.21 25.23 49.64
CA ILE B 371 -10.99 25.50 48.43
C ILE B 371 -10.41 26.66 47.63
N VAL B 372 -9.49 27.43 48.22
CA VAL B 372 -8.83 28.52 47.51
C VAL B 372 -7.88 28.04 46.42
N HIS B 373 -7.54 26.75 46.40
CA HIS B 373 -6.83 26.19 45.26
C HIS B 373 -7.77 25.68 44.20
N ARG B 374 -8.96 25.22 44.59
CA ARG B 374 -9.93 24.70 43.63
C ARG B 374 -10.76 25.79 42.96
N LYS B 375 -10.81 26.99 43.54
CA LYS B 375 -11.63 28.07 42.99
C LYS B 375 -10.82 29.25 42.48
N CYS B 376 -9.59 29.44 42.93
CA CYS B 376 -8.73 30.52 42.46
C CYS B 376 -7.56 29.95 41.68
N PHE B 377 -7.16 30.65 40.62
CA PHE B 377 -6.05 30.22 39.78
C PHE B 377 -4.73 30.77 40.29
N GLU C 6 45.70 -4.95 16.83
CA GLU C 6 46.44 -4.73 18.07
C GLU C 6 45.93 -3.48 18.77
N THR C 7 45.54 -2.48 17.99
CA THR C 7 45.04 -1.23 18.53
C THR C 7 43.61 -1.42 19.04
N THR C 8 43.37 -1.01 20.28
CA THR C 8 42.05 -1.16 20.88
C THR C 8 41.18 0.04 20.56
N ALA C 9 39.88 -0.21 20.39
CA ALA C 9 38.93 0.84 20.04
C ALA C 9 38.41 1.54 21.30
N LEU C 10 37.89 2.75 21.11
CA LEU C 10 37.29 3.52 22.18
C LEU C 10 35.79 3.68 21.94
N VAL C 11 35.01 3.60 23.01
CA VAL C 11 33.58 3.86 22.95
C VAL C 11 33.30 5.03 23.88
N CYS C 12 32.77 6.11 23.33
CA CYS C 12 32.43 7.31 24.08
C CYS C 12 30.98 7.65 23.80
N ASP C 13 30.15 7.64 24.85
CA ASP C 13 28.75 7.99 24.77
C ASP C 13 28.61 9.36 25.41
N ASN C 14 28.41 10.37 24.57
CA ASN C 14 28.22 11.75 25.02
C ASN C 14 26.73 12.03 24.98
N GLY C 15 26.09 11.92 26.14
CA GLY C 15 24.69 12.29 26.28
C GLY C 15 24.55 13.75 26.62
N SER C 16 23.32 14.12 26.95
CA SER C 16 23.06 15.51 27.33
C SER C 16 23.58 15.80 28.74
N GLY C 17 23.64 14.80 29.60
CA GLY C 17 24.06 15.04 30.97
C GLY C 17 25.33 14.34 31.41
N LEU C 18 25.59 13.16 30.89
CA LEU C 18 26.70 12.34 31.34
C LEU C 18 27.54 11.88 30.15
N VAL C 19 28.85 11.82 30.37
CA VAL C 19 29.80 11.25 29.43
C VAL C 19 30.22 9.89 29.99
N LYS C 20 30.01 8.85 29.19
CA LYS C 20 30.41 7.48 29.54
C LYS C 20 31.45 7.05 28.51
N ALA C 21 32.71 7.06 28.90
CA ALA C 21 33.81 6.75 27.98
C ALA C 21 34.59 5.56 28.51
N GLY C 22 35.08 4.74 27.58
CA GLY C 22 35.86 3.58 27.97
C GLY C 22 36.38 2.84 26.76
N PHE C 23 36.94 1.67 27.03
CA PHE C 23 37.58 0.85 26.02
C PHE C 23 36.63 -0.25 25.56
N ALA C 24 36.73 -0.61 24.29
CA ALA C 24 35.92 -1.69 23.73
C ALA C 24 36.35 -3.03 24.30
N GLY C 25 35.37 -3.92 24.45
CA GLY C 25 35.61 -5.22 25.05
C GLY C 25 35.44 -5.28 26.54
N ASP C 26 35.18 -4.16 27.20
CA ASP C 26 34.96 -4.16 28.63
C ASP C 26 33.47 -4.33 28.95
N ASP C 27 33.16 -4.57 30.22
CA ASP C 27 31.78 -4.77 30.65
C ASP C 27 31.14 -3.50 31.19
N ALA C 28 31.95 -2.58 31.73
CA ALA C 28 31.49 -1.32 32.27
C ALA C 28 32.38 -0.21 31.73
N PRO C 29 31.84 1.00 31.55
CA PRO C 29 32.66 2.13 31.11
C PRO C 29 33.67 2.54 32.17
N ARG C 30 34.82 3.01 31.71
CA ARG C 30 35.91 3.38 32.61
C ARG C 30 35.63 4.70 33.32
N ALA C 31 35.09 5.69 32.60
CA ALA C 31 34.85 7.02 33.15
C ALA C 31 33.43 7.45 32.87
N VAL C 32 32.66 7.68 33.93
CA VAL C 32 31.32 8.23 33.85
C VAL C 32 31.31 9.54 34.64
N PHE C 33 31.25 10.66 33.93
CA PHE C 33 31.34 11.95 34.59
C PHE C 33 30.34 12.92 33.98
N PRO C 34 29.87 13.91 34.75
CA PRO C 34 28.91 14.88 34.19
C PRO C 34 29.49 15.73 33.08
N SER C 35 28.66 16.02 32.09
CA SER C 35 29.05 16.76 30.88
C SER C 35 28.80 18.25 31.07
N ILE C 36 29.61 18.85 31.94
CA ILE C 36 29.47 20.26 32.29
C ILE C 36 30.81 20.96 32.17
N VAL C 37 30.76 22.25 31.85
CA VAL C 37 31.92 23.13 31.90
C VAL C 37 31.55 24.29 32.80
N GLY C 38 32.38 24.54 33.81
CA GLY C 38 32.11 25.55 34.81
C GLY C 38 33.12 26.68 34.72
N ARG C 39 32.63 27.90 34.90
CA ARG C 39 33.51 29.06 34.85
C ARG C 39 33.26 29.96 36.05
N PRO C 40 34.31 30.60 36.58
CA PRO C 40 34.14 31.43 37.79
C PRO C 40 33.27 32.65 37.55
N ARG C 41 32.54 33.03 38.60
CA ARG C 41 31.64 34.17 38.55
C ARG C 41 31.90 35.22 39.62
N HIS C 42 32.68 34.90 40.64
CA HIS C 42 33.02 35.85 41.68
C HIS C 42 34.42 36.41 41.44
N GLN C 43 34.90 37.20 42.40
CA GLN C 43 36.14 37.93 42.25
C GLN C 43 37.27 37.19 42.97
N GLY C 44 38.34 36.89 42.23
CA GLY C 44 39.49 36.22 42.82
C GLY C 44 40.36 37.21 43.57
N VAL C 45 40.64 36.93 44.83
CA VAL C 45 41.43 37.81 45.67
C VAL C 45 42.72 37.18 46.17
N MET C 46 42.95 35.90 45.91
CA MET C 46 44.16 35.21 46.34
C MET C 46 45.04 34.95 45.13
N VAL C 47 46.33 35.28 45.24
CA VAL C 47 47.24 35.23 44.10
C VAL C 47 47.86 33.84 43.99
N GLY C 48 48.20 33.45 42.75
CA GLY C 48 48.92 32.21 42.53
C GLY C 48 48.00 31.00 42.62
N MET C 49 48.49 29.96 43.30
CA MET C 49 47.79 28.74 43.73
C MET C 49 47.11 27.97 42.59
N GLY C 50 47.44 28.25 41.33
CA GLY C 50 46.93 27.49 40.21
C GLY C 50 45.44 27.59 39.95
N GLN C 51 44.87 28.79 40.07
CA GLN C 51 43.46 28.98 39.76
C GLN C 51 43.23 28.87 38.26
N LYS C 52 42.25 28.08 37.86
CA LYS C 52 41.98 27.79 36.46
C LYS C 52 40.77 28.56 35.98
N ASP C 53 40.76 28.88 34.69
CA ASP C 53 39.70 29.66 34.08
C ASP C 53 38.48 28.84 33.69
N SER C 54 38.59 27.51 33.67
CA SER C 54 37.47 26.65 33.33
C SER C 54 37.64 25.30 34.02
N TYR C 55 36.53 24.74 34.49
CA TYR C 55 36.53 23.47 35.19
C TYR C 55 35.59 22.52 34.47
N VAL C 56 36.01 21.25 34.37
CA VAL C 56 35.35 20.25 33.56
C VAL C 56 35.04 19.03 34.41
N GLY C 57 33.78 18.59 34.39
CA GLY C 57 33.45 17.27 34.92
C GLY C 57 33.22 17.29 36.42
N ASP C 58 33.86 16.34 37.11
CA ASP C 58 33.70 16.23 38.56
C ASP C 58 34.31 17.40 39.30
N GLU C 59 35.36 18.01 38.74
CA GLU C 59 35.95 19.18 39.37
C GLU C 59 35.02 20.38 39.31
N ALA C 60 34.23 20.48 38.23
CA ALA C 60 33.23 21.54 38.13
C ALA C 60 32.08 21.29 39.11
N GLN C 61 31.72 20.03 39.31
CA GLN C 61 30.62 19.71 40.23
C GLN C 61 31.06 19.89 41.68
N SER C 62 32.33 19.63 42.00
CA SER C 62 32.79 19.79 43.37
C SER C 62 33.01 21.26 43.73
N LYS C 63 33.34 22.10 42.75
CA LYS C 63 33.58 23.52 42.98
C LYS C 63 32.41 24.39 42.53
N ARG C 64 31.20 23.81 42.47
CA ARG C 64 30.07 24.47 41.83
C ARG C 64 29.51 25.63 42.64
N GLY C 65 29.95 25.83 43.89
CA GLY C 65 29.49 26.95 44.68
C GLY C 65 29.99 28.29 44.22
N ILE C 66 31.09 28.32 43.46
CA ILE C 66 31.64 29.56 42.94
C ILE C 66 31.70 29.57 41.42
N LEU C 67 31.05 28.62 40.76
CA LEU C 67 31.07 28.52 39.31
C LEU C 67 29.66 28.62 38.74
N THR C 68 29.59 29.08 37.49
CA THR C 68 28.41 28.92 36.65
C THR C 68 28.66 27.72 35.75
N LEU C 69 27.72 26.78 35.75
CA LEU C 69 27.86 25.51 35.05
C LEU C 69 27.03 25.53 33.78
N LYS C 70 27.65 25.14 32.66
CA LYS C 70 26.99 25.10 31.37
C LYS C 70 27.06 23.69 30.81
N TYR C 71 25.97 23.26 30.18
CA TYR C 71 25.95 22.01 29.45
C TYR C 71 26.22 22.27 27.97
N PRO C 72 27.27 21.70 27.38
CA PRO C 72 27.51 21.89 25.95
C PRO C 72 26.44 21.29 25.05
N ILE C 73 25.72 20.27 25.50
CA ILE C 73 24.73 19.56 24.69
C ILE C 73 23.36 19.85 25.25
N GLU C 74 22.47 20.35 24.39
CA GLU C 74 21.08 20.60 24.77
C GLU C 74 20.15 19.86 23.82
N GLY C 76 20.28 16.80 22.86
CA GLY C 76 21.02 15.95 21.94
C GLY C 76 21.79 16.67 20.86
N ILE C 77 21.74 18.00 20.87
CA ILE C 77 22.40 18.84 19.87
C ILE C 77 23.49 19.63 20.57
N ILE C 78 24.70 19.57 20.03
CA ILE C 78 25.83 20.29 20.60
C ILE C 78 25.70 21.76 20.24
N THR C 79 25.56 22.61 21.26
CA THR C 79 25.33 24.04 21.06
C THR C 79 26.59 24.88 21.21
N ASN C 80 27.50 24.49 22.09
CA ASN C 80 28.79 25.15 22.24
C ASN C 80 29.87 24.16 21.88
N TRP C 81 30.68 24.50 20.88
CA TRP C 81 31.66 23.53 20.36
C TRP C 81 33.02 23.63 21.04
N ASP C 82 33.38 24.81 21.55
CA ASP C 82 34.60 24.93 22.34
C ASP C 82 34.50 24.15 23.64
N ASP C 83 33.33 24.22 24.30
CA ASP C 83 33.12 23.47 25.54
C ASP C 83 33.08 21.96 25.28
N MET C 84 32.50 21.52 24.16
CA MET C 84 32.49 20.10 23.84
C MET C 84 33.90 19.62 23.48
N GLU C 85 34.69 20.47 22.83
CA GLU C 85 36.09 20.15 22.57
C GLU C 85 36.87 20.02 23.87
N LYS C 86 36.56 20.87 24.86
CA LYS C 86 37.16 20.74 26.19
C LYS C 86 36.74 19.44 26.87
N ILE C 87 35.46 19.07 26.73
CA ILE C 87 34.95 17.82 27.30
C ILE C 87 35.66 16.61 26.69
N TRP C 88 35.83 16.62 25.37
CA TRP C 88 36.51 15.52 24.69
C TRP C 88 38.00 15.46 25.03
N HIS C 89 38.64 16.63 25.17
CA HIS C 89 40.04 16.65 25.58
C HIS C 89 40.21 16.11 27.00
N HIS C 90 39.29 16.46 27.89
CA HIS C 90 39.32 15.94 29.25
C HIS C 90 39.07 14.43 29.28
N THR C 91 38.15 13.94 28.46
CA THR C 91 37.87 12.51 28.47
C THR C 91 38.91 11.70 27.71
N PHE C 92 39.76 12.33 26.91
CA PHE C 92 40.84 11.61 26.27
C PHE C 92 42.13 11.62 27.09
N TYR C 93 42.53 12.78 27.60
CA TYR C 93 43.84 12.91 28.20
C TYR C 93 43.85 12.81 29.72
N ASN C 94 42.74 13.10 30.39
CA ASN C 94 42.70 13.10 31.84
C ASN C 94 42.02 11.88 32.43
N GLU C 95 40.84 11.50 31.95
CA GLU C 95 40.11 10.38 32.51
C GLU C 95 40.61 9.05 31.96
N LEU C 96 40.58 8.89 30.64
CA LEU C 96 41.01 7.64 30.01
C LEU C 96 42.52 7.52 29.94
N ARG C 97 43.24 8.63 30.06
CA ARG C 97 44.71 8.69 30.06
C ARG C 97 45.31 8.07 28.80
N VAL C 98 44.76 8.44 27.65
CA VAL C 98 45.08 7.79 26.39
C VAL C 98 45.46 8.84 25.36
N ALA C 99 46.18 8.40 24.33
CA ALA C 99 46.51 9.23 23.19
C ALA C 99 45.52 8.94 22.07
N PRO C 100 44.74 9.93 21.61
CA PRO C 100 43.67 9.64 20.64
C PRO C 100 44.16 9.32 19.24
N GLU C 101 45.45 9.54 18.94
CA GLU C 101 45.94 9.33 17.59
C GLU C 101 46.17 7.87 17.24
N GLU C 102 46.03 6.95 18.19
CA GLU C 102 46.26 5.54 17.94
C GLU C 102 45.07 4.68 18.36
N HIS C 103 43.88 5.28 18.39
CA HIS C 103 42.67 4.56 18.79
C HIS C 103 41.49 4.99 17.94
N PRO C 104 40.84 4.06 17.23
CA PRO C 104 39.56 4.37 16.59
C PRO C 104 38.47 4.62 17.64
N THR C 105 37.52 5.48 17.29
CA THR C 105 36.55 5.99 18.23
C THR C 105 35.14 5.80 17.71
N LEU C 106 34.26 5.27 18.55
CA LEU C 106 32.83 5.15 18.26
C LEU C 106 32.06 6.13 19.12
N LEU C 107 31.22 6.94 18.49
CA LEU C 107 30.39 7.94 19.15
C LEU C 107 28.92 7.64 18.86
N THR C 108 28.06 8.25 19.67
CA THR C 108 26.63 7.97 19.63
C THR C 108 25.87 9.25 19.27
N GLU C 109 24.69 9.06 18.68
CA GLU C 109 23.82 10.18 18.35
C GLU C 109 22.37 9.75 18.38
N ALA C 110 21.49 10.69 18.71
CA ALA C 110 20.05 10.46 18.69
C ALA C 110 19.54 10.45 17.26
N PRO C 111 18.39 9.81 17.01
CA PRO C 111 17.76 9.92 15.69
C PRO C 111 17.21 11.31 15.45
N LEU C 112 17.07 11.64 14.16
CA LEU C 112 16.45 12.86 13.66
C LEU C 112 17.15 14.12 14.17
N ASN C 113 18.46 14.06 14.28
CA ASN C 113 19.33 15.16 14.65
C ASN C 113 19.70 15.99 13.43
N PRO C 114 20.16 17.22 13.62
CA PRO C 114 20.75 17.96 12.50
C PRO C 114 22.01 17.29 11.97
N LYS C 115 22.19 17.41 10.65
CA LYS C 115 23.33 16.79 9.98
C LYS C 115 24.64 17.47 10.33
N ALA C 116 24.59 18.77 10.60
CA ALA C 116 25.80 19.54 10.87
C ALA C 116 26.46 19.12 12.17
N ASN C 117 25.68 18.59 13.12
CA ASN C 117 26.23 18.08 14.36
C ASN C 117 27.16 16.90 14.10
N ARG C 118 26.70 15.93 13.31
CA ARG C 118 27.52 14.78 12.97
C ARG C 118 28.70 15.17 12.08
N GLU C 119 28.49 16.13 11.17
CA GLU C 119 29.57 16.60 10.31
C GLU C 119 30.68 17.27 11.13
N LYS C 120 30.31 18.11 12.08
CA LYS C 120 31.33 18.77 12.89
C LYS C 120 31.95 17.82 13.91
N MET C 121 31.21 16.79 14.34
CA MET C 121 31.82 15.74 15.16
C MET C 121 32.92 15.02 14.41
N THR C 122 32.65 14.66 13.15
CA THR C 122 33.66 14.04 12.30
C THR C 122 34.85 14.96 12.05
N GLN C 123 34.58 16.25 11.81
CA GLN C 123 35.65 17.21 11.53
C GLN C 123 36.54 17.45 12.75
N ILE C 124 35.94 17.58 13.93
CA ILE C 124 36.73 17.75 15.16
C ILE C 124 37.53 16.49 15.45
N MET C 125 36.92 15.31 15.28
CA MET C 125 37.60 14.07 15.59
C MET C 125 38.72 13.74 14.61
N PHE C 126 38.66 14.24 13.38
CA PHE C 126 39.74 13.99 12.42
C PHE C 126 40.76 15.12 12.33
N GLU C 127 40.42 16.33 12.77
CA GLU C 127 41.32 17.46 12.60
C GLU C 127 41.93 17.99 13.91
N THR C 128 41.31 17.71 15.05
CA THR C 128 41.83 18.17 16.34
C THR C 128 42.38 17.03 17.18
N PHE C 129 41.65 15.92 17.29
CA PHE C 129 42.07 14.76 18.06
C PHE C 129 42.32 13.59 17.12
N ASN C 130 43.08 13.83 16.05
CA ASN C 130 43.06 13.06 14.79
C ASN C 130 43.20 11.55 14.96
N VAL C 131 42.13 10.84 14.65
CA VAL C 131 42.01 9.41 14.91
C VAL C 131 42.29 8.65 13.63
N PRO C 132 42.75 7.39 13.70
CA PRO C 132 42.80 6.57 12.49
C PRO C 132 41.42 6.30 11.89
N ALA C 133 40.39 6.20 12.73
CA ALA C 133 39.06 5.87 12.27
C ALA C 133 38.05 6.38 13.29
N MET C 134 36.81 6.57 12.83
CA MET C 134 35.73 6.94 13.72
C MET C 134 34.42 6.45 13.12
N TYR C 135 33.41 6.34 13.98
CA TYR C 135 32.10 5.88 13.55
C TYR C 135 31.06 6.50 14.46
N VAL C 136 29.90 6.82 13.88
CA VAL C 136 28.77 7.39 14.62
C VAL C 136 27.60 6.42 14.51
N ALA C 137 27.00 6.08 15.65
CA ALA C 137 25.95 5.07 15.71
C ALA C 137 24.74 5.60 16.44
N ILE C 138 23.59 4.99 16.14
CA ILE C 138 22.33 5.30 16.80
C ILE C 138 22.26 4.55 18.12
N GLN C 139 21.76 5.22 19.16
CA GLN C 139 21.86 4.71 20.53
C GLN C 139 20.92 3.53 20.76
N ALA C 140 19.74 3.54 20.13
CA ALA C 140 18.77 2.46 20.35
C ALA C 140 19.24 1.14 19.75
N VAL C 141 19.96 1.20 18.63
CA VAL C 141 20.55 -0.01 18.05
C VAL C 141 21.60 -0.59 18.99
N LEU C 142 22.36 0.29 19.66
CA LEU C 142 23.32 -0.18 20.65
C LEU C 142 22.63 -0.77 21.88
N SER C 143 21.48 -0.21 22.26
CA SER C 143 20.71 -0.79 23.34
C SER C 143 20.20 -2.19 22.98
N LEU C 144 19.79 -2.37 21.72
CA LEU C 144 19.37 -3.70 21.29
C LEU C 144 20.55 -4.66 21.17
N TYR C 145 21.74 -4.15 20.85
CA TYR C 145 22.94 -4.97 20.92
C TYR C 145 23.23 -5.43 22.35
N ALA C 146 23.04 -4.53 23.32
CA ALA C 146 23.26 -4.88 24.71
C ALA C 146 22.21 -5.83 25.25
N SER C 147 20.99 -5.77 24.70
CA SER C 147 19.94 -6.67 25.17
C SER C 147 20.16 -8.11 24.73
N GLY C 148 21.03 -8.34 23.74
CA GLY C 148 21.29 -9.66 23.25
C GLY C 148 20.29 -10.20 22.25
N ARG C 149 19.29 -9.41 21.89
CA ARG C 149 18.26 -9.81 20.94
C ARG C 149 18.40 -8.98 19.67
N THR C 150 17.60 -9.35 18.67
CA THR C 150 17.63 -8.71 17.35
C THR C 150 16.33 -8.02 17.00
N THR C 151 15.19 -8.53 17.46
CA THR C 151 13.91 -7.88 17.27
C THR C 151 13.45 -7.24 18.58
N GLY C 152 12.92 -6.03 18.47
CA GLY C 152 12.44 -5.30 19.62
C GLY C 152 12.24 -3.84 19.30
N ILE C 153 11.44 -3.19 20.15
CA ILE C 153 11.23 -1.75 20.08
C ILE C 153 11.91 -1.13 21.29
N VAL C 154 12.84 -0.21 21.03
CA VAL C 154 13.68 0.37 22.07
C VAL C 154 13.17 1.75 22.40
N LEU C 155 12.86 1.97 23.69
CA LEU C 155 12.54 3.28 24.23
C LEU C 155 13.76 3.76 25.01
N ASP C 156 14.48 4.72 24.44
CA ASP C 156 15.68 5.27 25.06
C ASP C 156 15.40 6.69 25.51
N SER C 157 15.55 6.94 26.81
CA SER C 157 15.31 8.24 27.40
C SER C 157 16.45 8.61 28.32
N GLY C 158 17.09 9.75 28.06
CA GLY C 158 18.18 10.21 28.89
C GLY C 158 17.93 11.57 29.51
N ASP C 159 18.81 12.52 29.23
CA ASP C 159 18.69 13.86 29.78
C ASP C 159 18.16 14.88 28.80
N GLY C 160 18.23 14.62 27.49
CA GLY C 160 17.72 15.57 26.53
C GLY C 160 16.66 15.08 25.58
N VAL C 161 16.65 13.79 25.26
CA VAL C 161 15.72 13.25 24.26
C VAL C 161 15.12 11.95 24.76
N THR C 162 13.99 11.58 24.15
CA THR C 162 13.32 10.31 24.40
C THR C 162 12.85 9.78 23.05
N HIS C 163 13.40 8.66 22.59
CA HIS C 163 13.10 8.17 21.26
C HIS C 163 12.76 6.68 21.26
N ASN C 164 11.83 6.32 20.39
CA ASN C 164 11.41 4.95 20.14
C ASN C 164 11.86 4.51 18.75
N VAL C 165 12.59 3.40 18.71
CA VAL C 165 13.08 2.83 17.46
C VAL C 165 12.68 1.37 17.38
N PRO C 166 11.88 0.95 16.40
CA PRO C 166 11.59 -0.48 16.23
C PRO C 166 12.53 -1.16 15.23
N ILE C 167 12.97 -2.37 15.59
CA ILE C 167 13.87 -3.17 14.76
C ILE C 167 13.30 -4.59 14.71
N TYR C 168 13.22 -5.16 13.51
CA TYR C 168 12.74 -6.53 13.35
C TYR C 168 13.74 -7.33 12.51
N GLU C 169 14.35 -8.34 13.14
CA GLU C 169 15.33 -9.24 12.53
C GLU C 169 16.52 -8.48 11.95
N GLY C 170 16.96 -7.46 12.66
CA GLY C 170 18.09 -6.66 12.25
C GLY C 170 17.74 -5.52 11.31
N TYR C 171 16.50 -5.41 10.88
CA TYR C 171 16.07 -4.37 9.95
C TYR C 171 15.29 -3.30 10.72
N ALA C 172 15.70 -2.05 10.56
CA ALA C 172 15.01 -0.95 11.20
C ALA C 172 13.96 -0.37 10.27
N LEU C 173 12.97 0.28 10.86
CA LEU C 173 11.90 0.97 10.14
C LEU C 173 12.03 2.45 10.45
N PRO C 174 12.76 3.21 9.62
CA PRO C 174 13.02 4.63 9.94
C PRO C 174 11.79 5.53 9.88
N HIS C 175 10.72 5.11 9.21
CA HIS C 175 9.50 5.91 9.21
C HIS C 175 8.69 5.76 10.49
N ALA C 176 8.98 4.75 11.31
CA ALA C 176 8.28 4.53 12.56
C ALA C 176 9.06 5.00 13.79
N ILE C 177 10.22 5.61 13.58
CA ILE C 177 10.98 6.18 14.69
C ILE C 177 10.26 7.40 15.23
N MET C 178 10.06 7.46 16.54
CA MET C 178 9.44 8.60 17.17
C MET C 178 10.46 9.28 18.09
N ARG C 179 10.46 10.61 18.07
CA ARG C 179 11.38 11.39 18.89
C ARG C 179 10.60 12.46 19.64
N LEU C 180 10.85 12.57 20.94
CA LEU C 180 10.20 13.56 21.79
C LEU C 180 11.27 14.28 22.60
N ASP C 181 11.17 15.60 22.67
CA ASP C 181 12.14 16.42 23.40
C ASP C 181 11.69 16.64 24.85
N LEU C 182 11.49 15.51 25.55
CA LEU C 182 11.07 15.52 26.94
C LEU C 182 11.87 14.43 27.66
N ALA C 183 12.75 14.85 28.56
CA ALA C 183 13.66 13.92 29.22
C ALA C 183 13.97 14.47 30.60
N GLY C 184 15.08 14.00 31.19
CA GLY C 184 15.34 14.21 32.61
C GLY C 184 15.59 15.65 33.03
N ARG C 185 16.16 16.46 32.13
CA ARG C 185 16.39 17.87 32.48
C ARG C 185 15.08 18.64 32.57
N ASP C 186 14.11 18.29 31.71
CA ASP C 186 12.78 18.86 31.81
C ASP C 186 12.08 18.44 33.09
N LEU C 187 12.29 17.20 33.53
CA LEU C 187 11.72 16.74 34.80
C LEU C 187 12.37 17.44 35.99
N THR C 188 13.68 17.69 35.91
CA THR C 188 14.37 18.44 36.95
C THR C 188 13.86 19.88 37.03
N ASP C 189 13.64 20.51 35.87
CA ASP C 189 13.08 21.85 35.85
C ASP C 189 11.65 21.88 36.39
N TYR C 190 10.86 20.85 36.09
CA TYR C 190 9.48 20.80 36.60
C TYR C 190 9.46 20.56 38.10
N LEU C 191 10.38 19.73 38.61
CA LEU C 191 10.48 19.55 40.06
C LEU C 191 10.93 20.82 40.75
N MET C 192 11.84 21.56 40.12
CA MET C 192 12.26 22.85 40.65
C MET C 192 11.11 23.86 40.65
N LYS C 193 10.22 23.76 39.67
CA LYS C 193 9.05 24.63 39.65
C LYS C 193 8.04 24.27 40.73
N ILE C 194 7.74 22.97 40.90
CA ILE C 194 6.72 22.56 41.85
C ILE C 194 7.22 22.47 43.29
N LEU C 195 8.53 22.61 43.51
CA LEU C 195 9.01 22.71 44.89
C LEU C 195 8.73 24.08 45.50
N THR C 196 8.28 25.06 44.72
CA THR C 196 7.88 26.36 45.25
C THR C 196 6.56 26.33 45.98
N GLU C 197 5.78 25.25 45.86
CA GLU C 197 4.52 25.14 46.58
C GLU C 197 4.72 24.96 48.07
N ARG C 198 5.84 24.36 48.47
CA ARG C 198 6.15 24.11 49.87
C ARG C 198 7.11 25.14 50.45
N GLY C 199 7.44 26.18 49.71
CA GLY C 199 8.30 27.23 50.21
C GLY C 199 9.77 27.10 49.87
N TYR C 200 10.13 26.22 48.94
CA TYR C 200 11.52 25.99 48.59
C TYR C 200 11.84 26.69 47.28
N SER C 201 12.95 27.44 47.25
CA SER C 201 13.35 28.21 46.09
C SER C 201 14.75 27.76 45.65
N PHE C 202 14.83 27.06 44.53
CA PHE C 202 16.08 26.70 43.89
C PHE C 202 16.13 27.41 42.54
N VAL C 203 17.15 28.26 42.35
CA VAL C 203 17.22 29.17 41.21
C VAL C 203 18.50 29.00 40.41
N THR C 204 19.64 28.92 41.10
CA THR C 204 20.93 28.92 40.44
C THR C 204 21.22 27.58 39.77
N THR C 205 22.28 27.56 38.96
CA THR C 205 22.67 26.36 38.25
C THR C 205 23.24 25.29 39.18
N ALA C 206 23.78 25.69 40.33
CA ALA C 206 24.27 24.73 41.30
C ALA C 206 23.12 24.05 42.03
N GLU C 207 22.03 24.78 42.27
CA GLU C 207 20.86 24.21 42.93
C GLU C 207 20.08 23.28 42.02
N ARG C 208 20.25 23.41 40.70
CA ARG C 208 19.66 22.47 39.75
C ARG C 208 20.22 21.06 39.96
N GLU C 209 21.51 20.97 40.28
CA GLU C 209 22.11 19.67 40.59
C GLU C 209 21.55 19.07 41.87
N ILE C 210 21.27 19.92 42.85
CA ILE C 210 20.66 19.48 44.10
C ILE C 210 19.25 18.95 43.85
N VAL C 211 18.47 19.66 43.02
CA VAL C 211 17.13 19.22 42.66
C VAL C 211 17.19 17.92 41.86
N ARG C 212 18.22 17.75 41.02
CA ARG C 212 18.40 16.51 40.29
C ARG C 212 18.72 15.35 41.23
N ASP C 213 19.52 15.61 42.27
CA ASP C 213 19.80 14.58 43.26
C ASP C 213 18.54 14.18 44.04
N ILE C 214 17.70 15.17 44.38
CA ILE C 214 16.42 14.90 45.03
C ILE C 214 15.52 14.05 44.13
N LYS C 215 15.51 14.36 42.83
CA LYS C 215 14.72 13.60 41.87
C LYS C 215 15.23 12.16 41.75
N GLU C 216 16.55 11.99 41.75
CA GLU C 216 17.11 10.65 41.64
C GLU C 216 16.87 9.82 42.89
N LYS C 217 16.86 10.46 44.06
CA LYS C 217 16.75 9.70 45.30
C LYS C 217 15.32 9.49 45.79
N LEU C 218 14.37 10.37 45.46
CA LEU C 218 13.07 10.33 46.10
C LEU C 218 11.87 10.26 45.18
N CYS C 219 12.05 10.27 43.86
CA CYS C 219 10.91 10.24 42.95
C CYS C 219 10.65 8.83 42.44
N TYR C 220 9.38 8.55 42.13
CA TYR C 220 8.96 7.25 41.65
C TYR C 220 7.68 7.42 40.84
N VAL C 221 7.39 6.41 40.01
CA VAL C 221 6.23 6.42 39.14
C VAL C 221 5.11 5.63 39.79
N ALA C 222 3.97 6.29 40.01
CA ALA C 222 2.82 5.63 40.60
C ALA C 222 2.13 4.74 39.58
N LEU C 223 1.52 3.66 40.07
CA LEU C 223 0.76 2.79 39.18
C LEU C 223 -0.56 3.42 38.79
N ASP C 224 -1.24 4.06 39.73
CA ASP C 224 -2.46 4.83 39.45
C ASP C 224 -2.27 6.21 40.05
N PHE C 225 -2.45 7.24 39.22
CA PHE C 225 -2.13 8.60 39.64
C PHE C 225 -3.18 9.15 40.60
N GLU C 226 -4.46 8.91 40.32
CA GLU C 226 -5.52 9.49 41.14
C GLU C 226 -5.59 8.84 42.52
N ASN C 227 -5.38 7.53 42.59
CA ASN C 227 -5.34 6.84 43.87
C ASN C 227 -4.15 7.31 44.71
N GLU C 228 -3.01 7.54 44.06
CA GLU C 228 -1.84 8.04 44.76
C GLU C 228 -2.03 9.47 45.24
N MET C 229 -2.72 10.30 44.45
CA MET C 229 -3.03 11.67 44.87
C MET C 229 -4.00 11.68 46.04
N ALA C 230 -5.00 10.79 46.02
CA ALA C 230 -5.94 10.70 47.13
C ALA C 230 -5.27 10.17 48.40
N THR C 231 -4.33 9.22 48.25
CA THR C 231 -3.58 8.71 49.39
C THR C 231 -2.65 9.77 49.96
N ALA C 232 -2.03 10.59 49.10
CA ALA C 232 -1.19 11.68 49.58
C ALA C 232 -2.02 12.75 50.27
N ALA C 233 -3.22 13.02 49.78
CA ALA C 233 -4.10 13.99 50.42
C ALA C 233 -4.67 13.46 51.73
N SER C 234 -4.76 12.14 51.88
CA SER C 234 -5.34 11.58 53.10
C SER C 234 -4.36 11.63 54.27
N SER C 235 -3.23 10.96 54.15
CA SER C 235 -2.28 10.84 55.25
C SER C 235 -0.87 11.17 54.76
N SER C 236 0.02 11.41 55.71
CA SER C 236 1.43 11.69 55.42
C SER C 236 2.27 10.42 55.44
N SER C 237 1.85 9.43 54.66
CA SER C 237 2.59 8.18 54.56
C SER C 237 3.56 8.14 53.39
N LEU C 238 3.40 9.03 52.42
CA LEU C 238 4.27 9.09 51.25
C LEU C 238 5.36 10.14 51.38
N GLU C 239 5.40 10.88 52.49
CA GLU C 239 6.34 11.98 52.63
C GLU C 239 7.72 11.47 53.00
N LYS C 240 8.74 11.99 52.33
CA LYS C 240 10.13 11.64 52.59
C LYS C 240 10.93 12.91 52.83
N SER C 241 12.05 12.76 53.52
CA SER C 241 12.89 13.88 53.91
C SER C 241 14.26 13.79 53.24
N TYR C 242 14.83 14.96 52.98
CA TYR C 242 16.11 15.10 52.32
C TYR C 242 16.91 16.15 53.07
N GLU C 243 18.23 15.97 53.11
CA GLU C 243 19.12 16.90 53.79
C GLU C 243 19.90 17.71 52.77
N LEU C 244 19.78 19.03 52.85
CA LEU C 244 20.51 19.94 51.98
C LEU C 244 21.99 19.97 52.37
N PRO C 245 22.87 20.45 51.48
CA PRO C 245 24.29 20.58 51.83
C PRO C 245 24.59 21.50 53.01
N ASP C 246 23.73 22.47 53.31
CA ASP C 246 23.95 23.36 54.44
C ASP C 246 23.26 22.87 55.72
N GLY C 247 22.68 21.67 55.70
CA GLY C 247 22.09 21.10 56.89
C GLY C 247 20.59 21.24 57.00
N GLN C 248 19.95 21.98 56.09
CA GLN C 248 18.51 22.13 56.14
C GLN C 248 17.82 20.86 55.66
N VAL C 249 16.69 20.55 56.29
CA VAL C 249 15.94 19.33 56.00
C VAL C 249 14.62 19.72 55.34
N ILE C 250 14.35 19.12 54.18
CA ILE C 250 13.13 19.37 53.43
C ILE C 250 12.32 18.08 53.40
N THR C 251 11.01 18.23 53.21
CA THR C 251 10.08 17.11 53.18
C THR C 251 9.16 17.26 51.98
N ILE C 252 9.02 16.18 51.21
CA ILE C 252 8.19 16.20 50.01
C ILE C 252 7.17 15.07 50.07
N GLY C 253 5.98 15.33 49.54
CA GLY C 253 4.89 14.38 49.52
C GLY C 253 4.52 13.92 48.13
N ASN C 254 3.48 14.54 47.55
CA ASN C 254 3.00 14.16 46.22
C ASN C 254 3.98 14.53 45.11
N GLU C 255 4.91 15.47 45.37
CA GLU C 255 5.92 15.86 44.39
C GLU C 255 6.87 14.73 44.02
N ARG C 256 6.90 13.66 44.81
CA ARG C 256 7.66 12.48 44.43
C ARG C 256 7.09 11.83 43.17
N PHE C 257 5.77 11.78 43.02
CA PHE C 257 5.20 11.10 41.87
C PHE C 257 4.52 12.01 40.87
N ARG C 258 4.37 13.30 41.16
CA ARG C 258 3.90 14.23 40.14
C ARG C 258 5.00 14.57 39.14
N CYS C 259 6.27 14.40 39.53
CA CYS C 259 7.36 14.78 38.64
C CYS C 259 7.56 13.80 37.48
N PRO C 260 7.66 12.46 37.67
CA PRO C 260 7.76 11.61 36.47
C PRO C 260 6.45 11.38 35.74
N GLU C 261 5.33 11.85 36.29
CA GLU C 261 4.04 11.77 35.59
C GLU C 261 3.99 12.66 34.35
N THR C 262 4.92 13.63 34.24
CA THR C 262 5.08 14.38 33.00
C THR C 262 5.55 13.51 31.84
N LEU C 263 6.18 12.36 32.15
CA LEU C 263 6.51 11.41 31.08
C LEU C 263 5.27 10.80 30.45
N PHE C 264 4.20 10.65 31.23
CA PHE C 264 2.94 10.09 30.73
C PHE C 264 1.90 11.16 30.44
N GLN C 265 2.02 12.33 31.04
CA GLN C 265 1.13 13.47 30.80
C GLN C 265 2.00 14.70 30.57
N PRO C 266 2.45 14.93 29.33
CA PRO C 266 3.33 16.09 29.06
C PRO C 266 2.66 17.45 29.21
N SER C 267 1.32 17.50 29.27
CA SER C 267 0.59 18.74 29.43
C SER C 267 0.82 19.40 30.80
N PHE C 268 1.44 18.69 31.74
CA PHE C 268 1.90 19.31 32.98
C PHE C 268 2.93 20.39 32.71
N ILE C 269 3.75 20.25 31.67
CA ILE C 269 4.68 21.32 31.32
C ILE C 269 4.26 22.02 30.03
N GLY C 270 3.00 21.89 29.64
CA GLY C 270 2.45 22.64 28.54
C GLY C 270 2.68 22.06 27.16
N MET C 271 3.13 20.82 27.06
CA MET C 271 3.37 20.20 25.76
C MET C 271 2.10 19.55 25.24
N GLU C 272 1.90 19.66 23.92
CA GLU C 272 0.73 19.10 23.26
C GLU C 272 0.89 17.61 22.97
N SER C 273 2.08 17.05 23.17
CA SER C 273 2.38 15.69 22.75
C SER C 273 1.74 14.68 23.69
N ALA C 274 1.82 13.42 23.28
CA ALA C 274 1.32 12.30 24.07
C ALA C 274 2.44 11.75 24.96
N GLY C 275 2.05 10.87 25.87
CA GLY C 275 3.00 10.25 26.76
C GLY C 275 3.81 9.18 26.06
N ILE C 276 4.76 8.60 26.82
CA ILE C 276 5.68 7.63 26.24
C ILE C 276 4.99 6.32 25.90
N HIS C 277 3.90 5.98 26.63
CA HIS C 277 3.16 4.76 26.31
C HIS C 277 2.39 4.91 25.01
N GLU C 278 1.76 6.06 24.79
CA GLU C 278 1.04 6.30 23.55
C GLU C 278 2.00 6.49 22.39
N THR C 279 3.17 7.08 22.66
CA THR C 279 4.22 7.20 21.65
C THR C 279 4.75 5.84 21.22
N THR C 280 4.97 4.94 22.18
CA THR C 280 5.42 3.59 21.86
C THR C 280 4.34 2.81 21.10
N TYR C 281 3.08 2.94 21.51
CA TYR C 281 1.99 2.25 20.82
C TYR C 281 1.81 2.78 19.40
N ASN C 282 1.92 4.09 19.20
CA ASN C 282 1.82 4.65 17.86
C ASN C 282 3.02 4.31 17.00
N SER C 283 4.19 4.12 17.63
CA SER C 283 5.35 3.61 16.88
C SER C 283 5.13 2.17 16.45
N ILE C 284 4.46 1.37 17.28
CA ILE C 284 4.18 -0.02 16.93
C ILE C 284 3.14 -0.09 15.82
N MET C 285 2.07 0.71 15.91
CA MET C 285 0.98 0.62 14.94
C MET C 285 1.36 1.21 13.58
N LYS C 286 2.43 1.98 13.49
CA LYS C 286 2.94 2.44 12.20
C LYS C 286 3.79 1.41 11.50
N CYS C 287 4.12 0.30 12.16
CA CYS C 287 4.91 -0.76 11.56
C CYS C 287 3.99 -1.73 10.82
N ASP C 288 4.60 -2.75 10.21
CA ASP C 288 3.85 -3.76 9.48
C ASP C 288 3.09 -4.65 10.45
N ILE C 289 1.96 -5.18 9.98
CA ILE C 289 1.01 -5.87 10.84
C ILE C 289 1.57 -7.22 11.33
N ASP C 290 2.49 -7.82 10.58
CA ASP C 290 2.97 -9.15 10.90
C ASP C 290 4.08 -9.17 11.94
N ILE C 291 4.63 -8.01 12.31
CA ILE C 291 5.72 -7.95 13.28
C ILE C 291 5.28 -7.37 14.62
N ARG C 292 4.07 -6.81 14.70
CA ARG C 292 3.64 -6.03 15.86
C ARG C 292 3.61 -6.86 17.14
N LYS C 293 3.16 -8.12 17.03
CA LYS C 293 3.18 -9.05 18.17
C LYS C 293 4.60 -9.25 18.70
N ASP C 294 5.56 -9.43 17.78
CA ASP C 294 6.95 -9.56 18.20
C ASP C 294 7.50 -8.27 18.78
N LEU C 295 6.92 -7.12 18.44
CA LEU C 295 7.30 -5.89 19.12
C LEU C 295 6.66 -5.80 20.49
N TYR C 296 5.43 -6.32 20.63
CA TYR C 296 4.66 -6.17 21.86
C TYR C 296 5.31 -6.90 23.03
N ALA C 297 5.98 -8.02 22.74
CA ALA C 297 6.68 -8.78 23.75
C ALA C 297 8.14 -8.36 23.91
N ASN C 298 8.59 -7.31 23.23
CA ASN C 298 9.99 -6.95 23.25
C ASN C 298 10.18 -5.45 23.43
N ASN C 299 9.52 -4.87 24.43
CA ASN C 299 9.72 -3.46 24.76
C ASN C 299 10.95 -3.34 25.63
N VAL C 300 12.02 -2.76 25.10
CA VAL C 300 13.30 -2.67 25.78
C VAL C 300 13.48 -1.24 26.28
N MET C 301 13.76 -1.11 27.57
CA MET C 301 14.02 0.18 28.20
C MET C 301 15.52 0.42 28.34
N SER C 302 15.93 1.64 28.04
CA SER C 302 17.33 2.03 28.22
C SER C 302 17.38 3.51 28.60
N GLY C 303 18.45 3.88 29.29
CA GLY C 303 18.64 5.25 29.70
C GLY C 303 18.40 5.45 31.19
N GLY C 304 18.83 6.61 31.68
CA GLY C 304 18.68 6.92 33.10
C GLY C 304 17.26 7.26 33.50
N THR C 305 16.49 7.88 32.60
CA THR C 305 15.15 8.33 32.93
C THR C 305 14.19 7.16 33.15
N THR C 306 14.52 5.98 32.60
CA THR C 306 13.77 4.76 32.89
C THR C 306 14.19 4.09 34.20
N MET C 307 14.95 4.76 35.05
CA MET C 307 15.44 4.17 36.29
C MET C 307 14.55 4.51 37.48
N TYR C 308 13.38 5.08 37.25
CA TYR C 308 12.41 5.26 38.33
C TYR C 308 11.87 3.90 38.77
N PRO C 309 11.66 3.68 40.07
CA PRO C 309 11.18 2.37 40.51
C PRO C 309 9.67 2.20 40.44
N GLY C 310 9.03 2.66 39.38
CA GLY C 310 7.65 2.30 39.13
C GLY C 310 7.30 2.26 37.65
N ILE C 311 8.30 2.43 36.78
CA ILE C 311 8.00 2.80 35.41
C ILE C 311 7.66 1.58 34.55
N ALA C 312 8.20 0.40 34.88
CA ALA C 312 7.97 -0.78 34.04
C ALA C 312 6.55 -1.30 34.19
N ASP C 313 6.05 -1.38 35.42
CA ASP C 313 4.69 -1.84 35.66
C ASP C 313 3.66 -0.87 35.10
N ARG C 314 3.90 0.43 35.25
CA ARG C 314 3.01 1.45 34.70
C ARG C 314 2.99 1.40 33.18
N MET C 315 4.16 1.23 32.55
CA MET C 315 4.21 1.15 31.09
C MET C 315 3.52 -0.11 30.59
N GLN C 316 3.69 -1.23 31.30
CA GLN C 316 2.98 -2.47 30.93
C GLN C 316 1.47 -2.31 31.05
N LYS C 317 1.02 -1.65 32.13
CA LYS C 317 -0.42 -1.44 32.31
C LYS C 317 -1.00 -0.52 31.23
N GLU C 318 -0.29 0.54 30.89
CA GLU C 318 -0.80 1.49 29.89
C GLU C 318 -0.80 0.87 28.49
N ILE C 319 0.24 0.11 28.15
CA ILE C 319 0.28 -0.54 26.84
C ILE C 319 -0.77 -1.64 26.75
N THR C 320 -0.97 -2.41 27.83
CA THR C 320 -2.02 -3.43 27.88
C THR C 320 -3.40 -2.81 27.77
N ALA C 321 -3.57 -1.60 28.31
CA ALA C 321 -4.80 -0.85 28.09
C ALA C 321 -4.96 -0.47 26.62
N LEU C 322 -3.88 -0.06 25.97
CA LEU C 322 -3.98 0.34 24.56
C LEU C 322 -4.08 -0.87 23.63
N ALA C 323 -3.34 -1.95 23.91
CA ALA C 323 -3.25 -3.09 23.03
C ALA C 323 -4.51 -3.96 23.12
N PRO C 324 -4.79 -4.76 22.09
CA PRO C 324 -5.88 -5.75 22.19
C PRO C 324 -5.54 -6.83 23.21
N SER C 325 -6.61 -7.45 23.74
CA SER C 325 -6.50 -8.35 24.89
C SER C 325 -5.81 -9.67 24.58
N THR C 326 -5.66 -10.03 23.31
CA THR C 326 -5.05 -11.29 22.92
C THR C 326 -3.56 -11.15 22.63
N MET C 327 -2.93 -10.09 23.12
CA MET C 327 -1.52 -9.84 22.91
C MET C 327 -0.78 -9.94 24.24
N LYS C 328 0.48 -10.36 24.18
CA LYS C 328 1.32 -10.50 25.35
C LYS C 328 2.33 -9.35 25.37
N ILE C 329 2.24 -8.52 26.40
CA ILE C 329 3.05 -7.31 26.51
C ILE C 329 4.10 -7.54 27.58
N LYS C 330 5.37 -7.41 27.20
CA LYS C 330 6.49 -7.60 28.10
C LYS C 330 7.39 -6.38 28.04
N ILE C 331 7.70 -5.81 29.19
CA ILE C 331 8.66 -4.71 29.30
C ILE C 331 9.97 -5.29 29.80
N ILE C 332 11.05 -5.03 29.07
CA ILE C 332 12.36 -5.58 29.38
C ILE C 332 13.20 -4.48 29.98
N ALA C 333 13.36 -4.50 31.31
CA ALA C 333 14.08 -3.46 32.04
C ALA C 333 15.17 -4.11 32.89
N PRO C 334 16.36 -4.31 32.34
CA PRO C 334 17.47 -4.86 33.12
C PRO C 334 17.96 -3.86 34.15
N PRO C 335 18.58 -4.31 35.24
CA PRO C 335 19.10 -3.37 36.24
C PRO C 335 20.28 -2.53 35.76
N GLU C 336 20.99 -2.97 34.72
CA GLU C 336 22.14 -2.25 34.19
C GLU C 336 21.80 -1.44 32.94
N ARG C 337 20.59 -0.88 32.87
CA ARG C 337 20.14 -0.20 31.67
C ARG C 337 20.58 1.26 31.61
N LYS C 338 21.31 1.75 32.61
CA LYS C 338 21.85 3.10 32.53
C LYS C 338 23.03 3.19 31.58
N TYR C 339 23.72 2.07 31.31
CA TYR C 339 24.93 2.08 30.49
C TYR C 339 24.78 1.22 29.24
N SER C 340 23.54 0.83 28.90
CA SER C 340 23.28 -0.18 27.89
C SER C 340 23.82 0.21 26.52
N VAL C 341 23.62 1.48 26.15
CA VAL C 341 24.13 2.02 24.88
C VAL C 341 25.64 1.81 24.78
N TRP C 342 26.35 2.15 25.86
CA TRP C 342 27.80 1.97 25.89
C TRP C 342 28.16 0.50 25.76
N ILE C 343 27.39 -0.37 26.43
CA ILE C 343 27.66 -1.80 26.38
C ILE C 343 27.48 -2.31 24.95
N GLY C 344 26.48 -1.77 24.25
CA GLY C 344 26.30 -2.15 22.85
C GLY C 344 27.47 -1.71 21.99
N GLY C 345 28.01 -0.52 22.29
CA GLY C 345 29.23 -0.09 21.63
C GLY C 345 30.39 -1.01 21.91
N SER C 346 30.49 -1.49 23.16
CA SER C 346 31.54 -2.43 23.52
C SER C 346 31.33 -3.79 22.85
N ILE C 347 30.14 -4.07 22.36
CA ILE C 347 29.96 -5.23 21.50
C ILE C 347 30.30 -4.87 20.06
N LEU C 348 29.83 -3.70 19.60
CA LEU C 348 29.87 -3.39 18.17
C LEU C 348 31.29 -3.10 17.71
N ALA C 349 32.10 -2.47 18.55
CA ALA C 349 33.49 -2.29 18.22
C ALA C 349 34.33 -3.54 18.42
N SER C 350 33.76 -4.59 19.03
CA SER C 350 34.50 -5.83 19.25
C SER C 350 34.24 -6.87 18.16
N LEU C 351 33.33 -6.59 17.23
CA LEU C 351 33.00 -7.56 16.20
C LEU C 351 34.01 -7.50 15.06
N SER C 352 34.32 -8.67 14.50
CA SER C 352 35.19 -8.73 13.33
C SER C 352 34.47 -8.30 12.06
N THR C 353 33.14 -8.40 12.03
CA THR C 353 32.37 -7.95 10.88
C THR C 353 32.22 -6.44 10.82
N PHE C 354 32.53 -5.73 11.90
CA PHE C 354 32.41 -4.29 11.95
C PHE C 354 33.70 -3.59 11.54
N GLN C 355 34.82 -4.31 11.47
CA GLN C 355 36.13 -3.72 11.24
C GLN C 355 36.28 -3.12 9.83
N GLN C 356 35.41 -3.49 8.90
CA GLN C 356 35.38 -2.86 7.59
C GLN C 356 34.37 -1.74 7.49
N MET C 357 33.66 -1.41 8.58
CA MET C 357 32.66 -0.37 8.57
C MET C 357 33.16 0.94 9.19
N TRP C 358 34.44 1.01 9.55
CA TRP C 358 35.00 2.26 10.06
C TRP C 358 35.18 3.27 8.94
N ILE C 359 35.17 4.55 9.31
CA ILE C 359 35.46 5.65 8.41
C ILE C 359 36.93 6.00 8.62
N THR C 360 37.79 5.60 7.69
CA THR C 360 39.22 5.81 7.86
C THR C 360 39.58 7.25 7.53
N LYS C 361 40.84 7.60 7.83
CA LYS C 361 41.33 8.95 7.58
C LYS C 361 41.47 9.24 6.09
N GLN C 362 41.87 8.23 5.30
CA GLN C 362 42.02 8.42 3.86
C GLN C 362 40.68 8.65 3.19
N GLU C 363 39.63 7.96 3.66
CA GLU C 363 38.28 8.19 3.15
C GLU C 363 37.79 9.59 3.47
N TYR C 364 38.12 10.09 4.66
CA TYR C 364 37.76 11.45 5.04
C TYR C 364 38.51 12.48 4.19
N ASP C 365 39.79 12.22 3.91
CA ASP C 365 40.55 13.15 3.08
C ASP C 365 40.09 13.11 1.63
N GLU C 366 39.60 11.97 1.17
CA GLU C 366 39.07 11.89 -0.19
C GLU C 366 37.71 12.56 -0.31
N ALA C 367 36.81 12.32 0.66
CA ALA C 367 35.42 12.70 0.51
C ALA C 367 35.01 13.92 1.31
N GLY C 368 35.80 14.34 2.30
CA GLY C 368 35.45 15.48 3.11
C GLY C 368 34.53 15.08 4.26
N PRO C 369 33.98 16.07 4.98
CA PRO C 369 33.08 15.79 6.10
C PRO C 369 31.63 15.59 5.67
N SER C 370 31.42 14.79 4.63
CA SER C 370 30.10 14.40 4.18
C SER C 370 29.98 12.90 3.97
N ILE C 371 31.06 12.14 4.21
CA ILE C 371 31.03 10.69 4.09
C ILE C 371 30.36 10.04 5.30
N VAL C 372 30.12 10.81 6.36
CA VAL C 372 29.50 10.26 7.56
C VAL C 372 28.01 10.00 7.37
N HIS C 373 27.42 10.51 6.30
CA HIS C 373 26.04 10.19 5.96
C HIS C 373 25.95 8.98 5.04
N ARG C 374 26.95 8.78 4.19
CA ARG C 374 27.00 7.62 3.32
C ARG C 374 27.43 6.36 4.06
N LYS C 375 28.35 6.50 5.03
CA LYS C 375 28.90 5.35 5.72
C LYS C 375 28.11 4.96 6.98
N CYS C 376 27.42 5.90 7.61
CA CYS C 376 26.70 5.64 8.85
C CYS C 376 25.21 5.84 8.62
N PHE C 377 24.42 5.02 9.31
CA PHE C 377 22.96 5.11 9.24
C PHE C 377 22.43 6.07 10.30
N GLU D 6 -37.63 26.10 -8.17
CA GLU D 6 -37.43 27.38 -7.50
C GLU D 6 -36.41 27.22 -6.38
N THR D 7 -36.37 26.04 -5.78
CA THR D 7 -35.43 25.76 -4.70
C THR D 7 -34.03 25.57 -5.27
N THR D 8 -33.06 26.28 -4.69
CA THR D 8 -31.69 26.21 -5.16
C THR D 8 -30.96 25.06 -4.48
N ALA D 9 -30.26 24.26 -5.27
CA ALA D 9 -29.50 23.14 -4.75
C ALA D 9 -28.14 23.60 -4.23
N LEU D 10 -27.64 22.89 -3.24
CA LEU D 10 -26.35 23.17 -2.63
C LEU D 10 -25.33 22.10 -3.02
N VAL D 11 -24.11 22.52 -3.30
CA VAL D 11 -23.01 21.61 -3.60
C VAL D 11 -21.96 21.78 -2.52
N CYS D 12 -21.69 20.70 -1.78
CA CYS D 12 -20.71 20.71 -0.71
C CYS D 12 -19.71 19.59 -0.95
N ASP D 13 -18.44 19.97 -1.06
CA ASP D 13 -17.34 19.03 -1.21
C ASP D 13 -16.57 19.04 0.11
N ASN D 14 -16.66 17.93 0.83
CA ASN D 14 -16.01 17.77 2.13
C ASN D 14 -14.81 16.86 1.95
N GLY D 15 -13.67 17.46 1.66
CA GLY D 15 -12.43 16.71 1.58
C GLY D 15 -11.83 16.49 2.95
N SER D 16 -10.62 15.93 2.95
CA SER D 16 -9.94 15.68 4.21
C SER D 16 -9.42 16.97 4.83
N GLY D 17 -9.06 17.95 4.01
CA GLY D 17 -8.42 19.15 4.53
C GLY D 17 -9.21 20.43 4.33
N LEU D 18 -10.00 20.50 3.27
CA LEU D 18 -10.74 21.71 2.94
C LEU D 18 -12.20 21.38 2.69
N VAL D 19 -13.07 22.31 3.08
CA VAL D 19 -14.49 22.25 2.78
C VAL D 19 -14.78 23.33 1.75
N LYS D 20 -15.36 22.92 0.63
CA LYS D 20 -15.72 23.81 -0.48
C LYS D 20 -17.23 23.71 -0.68
N ALA D 21 -17.97 24.72 -0.24
CA ALA D 21 -19.42 24.69 -0.30
C ALA D 21 -19.95 25.89 -1.08
N GLY D 22 -21.11 25.70 -1.69
CA GLY D 22 -21.75 26.79 -2.40
C GLY D 22 -23.02 26.35 -3.06
N PHE D 23 -23.46 27.14 -4.03
CA PHE D 23 -24.74 26.94 -4.71
C PHE D 23 -24.54 26.32 -6.08
N ALA D 24 -25.53 25.54 -6.51
CA ALA D 24 -25.52 24.95 -7.83
C ALA D 24 -25.75 26.02 -8.89
N GLY D 25 -25.06 25.88 -10.02
CA GLY D 25 -25.17 26.84 -11.10
C GLY D 25 -24.19 27.98 -11.04
N ASP D 26 -23.40 28.09 -9.97
CA ASP D 26 -22.38 29.12 -9.89
C ASP D 26 -21.06 28.61 -10.45
N ASP D 27 -20.11 29.52 -10.59
CA ASP D 27 -18.80 29.19 -11.16
C ASP D 27 -17.76 28.81 -10.13
N ALA D 28 -17.81 29.43 -8.95
CA ALA D 28 -16.82 29.20 -7.91
C ALA D 28 -17.53 28.89 -6.60
N PRO D 29 -16.91 28.10 -5.72
CA PRO D 29 -17.51 27.85 -4.41
C PRO D 29 -17.58 29.11 -3.56
N ARG D 30 -18.70 29.27 -2.87
CA ARG D 30 -18.93 30.47 -2.07
C ARG D 30 -18.08 30.47 -0.81
N ALA D 31 -17.93 29.31 -0.17
CA ALA D 31 -17.22 29.19 1.10
C ALA D 31 -16.14 28.12 0.97
N VAL D 32 -14.88 28.53 1.10
CA VAL D 32 -13.76 27.61 1.15
C VAL D 32 -13.06 27.82 2.48
N PHE D 33 -13.10 26.81 3.35
CA PHE D 33 -12.48 26.97 4.65
C PHE D 33 -11.93 25.62 5.10
N PRO D 34 -10.86 25.60 5.92
CA PRO D 34 -10.30 24.32 6.37
C PRO D 34 -11.23 23.53 7.27
N SER D 35 -11.12 22.21 7.18
CA SER D 35 -11.96 21.30 7.95
C SER D 35 -11.24 20.93 9.25
N ILE D 36 -11.20 21.92 10.14
CA ILE D 36 -10.56 21.77 11.44
C ILE D 36 -11.53 22.18 12.53
N VAL D 37 -11.47 21.48 13.66
CA VAL D 37 -12.15 21.88 14.88
C VAL D 37 -11.07 22.04 15.94
N GLY D 38 -10.98 23.22 16.53
CA GLY D 38 -9.95 23.54 17.50
C GLY D 38 -10.55 23.69 18.89
N ARG D 39 -9.86 23.17 19.89
CA ARG D 39 -10.32 23.27 21.26
C ARG D 39 -9.22 23.82 22.15
N PRO D 40 -9.57 24.58 23.19
CA PRO D 40 -8.54 25.18 24.05
C PRO D 40 -7.77 24.15 24.84
N ARG D 41 -6.49 24.44 25.06
CA ARG D 41 -5.60 23.53 25.77
C ARG D 41 -4.90 24.17 26.96
N HIS D 42 -4.97 25.48 27.11
CA HIS D 42 -4.34 26.19 28.21
C HIS D 42 -5.40 26.66 29.20
N GLN D 43 -4.97 27.42 30.20
CA GLN D 43 -5.82 27.82 31.31
C GLN D 43 -6.37 29.23 31.09
N GLY D 44 -7.69 29.35 31.06
CA GLY D 44 -8.33 30.64 30.88
C GLY D 44 -8.42 31.37 32.20
N VAL D 45 -7.98 32.64 32.21
CA VAL D 45 -7.88 33.40 33.44
C VAL D 45 -8.74 34.65 33.44
N MET D 46 -9.15 35.17 32.29
CA MET D 46 -10.00 36.36 32.23
C MET D 46 -11.45 35.92 32.14
N VAL D 47 -12.31 36.55 32.95
CA VAL D 47 -13.68 36.10 33.08
C VAL D 47 -14.51 36.63 31.92
N GLY D 48 -15.48 35.82 31.49
CA GLY D 48 -16.42 36.21 30.45
C GLY D 48 -15.83 36.31 29.06
N MET D 49 -15.96 37.50 28.46
CA MET D 49 -15.55 37.92 27.12
C MET D 49 -15.85 36.93 26.00
N GLY D 50 -16.93 36.15 26.14
CA GLY D 50 -17.40 35.27 25.09
C GLY D 50 -16.46 34.15 24.69
N GLN D 51 -15.81 33.53 25.68
CA GLN D 51 -14.90 32.43 25.39
C GLN D 51 -15.67 31.18 25.01
N LYS D 52 -15.27 30.55 23.91
CA LYS D 52 -15.97 29.40 23.35
C LYS D 52 -15.17 28.13 23.61
N ASP D 53 -15.89 27.03 23.78
CA ASP D 53 -15.27 25.73 24.02
C ASP D 53 -14.77 25.06 22.74
N SER D 54 -15.17 25.56 21.57
CA SER D 54 -14.71 24.99 20.31
C SER D 54 -14.72 26.08 19.25
N TYR D 55 -13.89 25.89 18.23
CA TYR D 55 -13.76 26.85 17.14
C TYR D 55 -13.68 26.09 15.83
N VAL D 56 -14.39 26.58 14.81
CA VAL D 56 -14.52 25.90 13.53
C VAL D 56 -14.04 26.82 12.42
N GLY D 57 -13.13 26.34 11.58
CA GLY D 57 -12.82 26.99 10.33
C GLY D 57 -11.68 27.98 10.45
N ASP D 58 -11.88 29.17 9.88
CA ASP D 58 -10.86 30.21 9.92
C ASP D 58 -10.66 30.77 11.32
N GLU D 59 -11.71 30.76 12.14
CA GLU D 59 -11.59 31.19 13.52
C GLU D 59 -10.70 30.26 14.32
N ALA D 60 -10.74 28.96 13.99
CA ALA D 60 -9.83 28.01 14.62
C ALA D 60 -8.40 28.19 14.11
N GLN D 61 -8.25 28.59 12.86
CA GLN D 61 -6.91 28.79 12.31
C GLN D 61 -6.26 30.06 12.84
N SER D 62 -7.06 31.10 13.12
CA SER D 62 -6.50 32.36 13.58
C SER D 62 -6.03 32.28 15.04
N LYS D 63 -6.74 31.53 15.87
CA LYS D 63 -6.41 31.40 17.29
C LYS D 63 -5.66 30.11 17.60
N ARG D 64 -4.93 29.56 16.61
CA ARG D 64 -4.38 28.21 16.74
C ARG D 64 -3.21 28.11 17.73
N GLY D 65 -2.70 29.24 18.22
CA GLY D 65 -1.62 29.18 19.20
C GLY D 65 -2.06 28.75 20.58
N ILE D 66 -3.36 28.78 20.87
CA ILE D 66 -3.92 28.32 22.13
C ILE D 66 -4.88 27.16 21.93
N LEU D 67 -4.85 26.51 20.77
CA LEU D 67 -5.80 25.47 20.44
C LEU D 67 -5.08 24.21 20.02
N THR D 68 -5.72 23.08 20.25
CA THR D 68 -5.40 21.81 19.61
C THR D 68 -6.38 21.63 18.45
N LEU D 69 -5.85 21.41 17.25
CA LEU D 69 -6.65 21.30 16.04
C LEU D 69 -6.84 19.82 15.70
N LYS D 70 -8.08 19.45 15.41
CA LYS D 70 -8.42 18.10 14.98
C LYS D 70 -9.09 18.14 13.62
N TYR D 71 -8.69 17.23 12.75
CA TYR D 71 -9.39 17.03 11.49
C TYR D 71 -10.42 15.92 11.67
N PRO D 72 -11.71 16.18 11.42
CA PRO D 72 -12.72 15.13 11.56
C PRO D 72 -12.60 14.02 10.52
N ILE D 73 -11.99 14.28 9.37
CA ILE D 73 -11.88 13.30 8.28
C ILE D 73 -10.42 12.93 8.13
N GLU D 74 -10.13 11.63 8.16
CA GLU D 74 -8.79 11.14 7.91
C GLU D 74 -8.83 10.07 6.84
N GLY D 76 -10.00 10.31 3.89
CA GLY D 76 -11.30 10.33 3.25
C GLY D 76 -12.44 9.69 4.01
N ILE D 77 -12.17 9.30 5.26
CA ILE D 77 -13.17 8.65 6.11
C ILE D 77 -13.43 9.54 7.31
N ILE D 78 -14.69 9.81 7.59
CA ILE D 78 -15.09 10.64 8.73
C ILE D 78 -14.89 9.81 9.99
N THR D 79 -13.98 10.25 10.85
CA THR D 79 -13.66 9.53 12.08
C THR D 79 -14.37 10.10 13.30
N ASN D 80 -14.55 11.42 13.35
CA ASN D 80 -15.26 12.08 14.44
C ASN D 80 -16.54 12.67 13.89
N TRP D 81 -17.67 12.32 14.49
CA TRP D 81 -18.97 12.72 13.94
C TRP D 81 -19.58 13.94 14.59
N ASP D 82 -19.30 14.19 15.87
CA ASP D 82 -19.73 15.45 16.48
C ASP D 82 -19.03 16.64 15.86
N ASP D 83 -17.72 16.49 15.59
CA ASP D 83 -16.99 17.54 14.88
C ASP D 83 -17.48 17.71 13.45
N MET D 84 -17.90 16.62 12.80
CA MET D 84 -18.43 16.73 11.45
C MET D 84 -19.79 17.42 11.43
N GLU D 85 -20.60 17.18 12.48
CA GLU D 85 -21.83 17.93 12.67
C GLU D 85 -21.55 19.42 12.88
N LYS D 86 -20.50 19.74 13.63
CA LYS D 86 -20.10 21.13 13.82
C LYS D 86 -19.66 21.77 12.50
N ILE D 87 -18.90 21.03 11.68
CA ILE D 87 -18.45 21.52 10.37
C ILE D 87 -19.65 21.80 9.47
N TRP D 88 -20.61 20.86 9.44
CA TRP D 88 -21.78 21.03 8.58
C TRP D 88 -22.69 22.15 9.07
N HIS D 89 -22.83 22.30 10.39
CA HIS D 89 -23.62 23.40 10.94
C HIS D 89 -22.97 24.74 10.65
N HIS D 90 -21.64 24.80 10.72
CA HIS D 90 -20.92 26.03 10.38
C HIS D 90 -21.05 26.38 8.91
N THR D 91 -20.96 25.38 8.03
CA THR D 91 -21.04 25.67 6.60
C THR D 91 -22.48 25.86 6.13
N PHE D 92 -23.48 25.51 6.94
CA PHE D 92 -24.85 25.78 6.57
C PHE D 92 -25.36 27.10 7.13
N TYR D 93 -25.06 27.39 8.40
CA TYR D 93 -25.67 28.53 9.07
C TYR D 93 -24.79 29.77 9.13
N ASN D 94 -23.47 29.62 9.08
CA ASN D 94 -22.57 30.76 9.22
C ASN D 94 -21.91 31.18 7.93
N GLU D 95 -21.50 30.23 7.08
CA GLU D 95 -20.80 30.57 5.85
C GLU D 95 -21.77 30.75 4.69
N LEU D 96 -22.56 29.71 4.39
CA LEU D 96 -23.51 29.82 3.30
C LEU D 96 -24.73 30.66 3.65
N ARG D 97 -25.02 30.80 4.95
CA ARG D 97 -26.13 31.60 5.50
C ARG D 97 -27.47 31.15 4.93
N VAL D 98 -27.72 29.84 4.98
CA VAL D 98 -28.93 29.25 4.42
C VAL D 98 -29.64 28.44 5.48
N ALA D 99 -30.90 28.12 5.20
CA ALA D 99 -31.65 27.16 5.98
C ALA D 99 -31.66 25.83 5.24
N PRO D 100 -31.13 24.75 5.84
CA PRO D 100 -30.99 23.49 5.09
C PRO D 100 -32.29 22.76 4.83
N GLU D 101 -33.40 23.16 5.45
CA GLU D 101 -34.68 22.49 5.25
C GLU D 101 -35.36 22.84 3.93
N GLU D 102 -34.83 23.79 3.18
CA GLU D 102 -35.41 24.18 1.90
C GLU D 102 -34.40 24.10 0.75
N HIS D 103 -33.31 23.37 0.93
CA HIS D 103 -32.30 23.24 -0.10
C HIS D 103 -31.85 21.79 -0.25
N PRO D 104 -31.93 21.21 -1.44
CA PRO D 104 -31.32 19.90 -1.67
C PRO D 104 -29.80 19.99 -1.65
N THR D 105 -29.16 18.88 -1.29
CA THR D 105 -27.73 18.87 -0.99
C THR D 105 -27.03 17.77 -1.77
N LEU D 106 -25.95 18.13 -2.44
CA LEU D 106 -25.09 17.20 -3.16
C LEU D 106 -23.75 17.12 -2.43
N LEU D 107 -23.39 15.91 -1.99
CA LEU D 107 -22.15 15.65 -1.28
C LEU D 107 -21.26 14.75 -2.13
N THR D 108 -19.99 14.70 -1.76
CA THR D 108 -18.98 13.96 -2.51
C THR D 108 -18.37 12.88 -1.64
N GLU D 109 -17.83 11.85 -2.29
CA GLU D 109 -17.17 10.77 -1.57
C GLU D 109 -16.11 10.14 -2.46
N ALA D 110 -15.04 9.63 -1.82
CA ALA D 110 -13.96 8.94 -2.49
C ALA D 110 -14.38 7.52 -2.86
N PRO D 111 -13.79 6.93 -3.90
CA PRO D 111 -14.07 5.53 -4.22
C PRO D 111 -13.51 4.58 -3.17
N LEU D 112 -14.10 3.38 -3.13
CA LEU D 112 -13.73 2.29 -2.22
C LEU D 112 -13.80 2.70 -0.75
N ASN D 113 -14.74 3.57 -0.42
CA ASN D 113 -14.95 4.01 0.95
C ASN D 113 -15.80 3.00 1.71
N PRO D 114 -15.74 3.00 3.04
CA PRO D 114 -16.72 2.23 3.81
C PRO D 114 -18.15 2.70 3.58
N LYS D 115 -19.07 1.74 3.59
CA LYS D 115 -20.47 2.04 3.33
C LYS D 115 -21.13 2.76 4.50
N ALA D 116 -20.62 2.53 5.72
CA ALA D 116 -21.20 3.15 6.91
C ALA D 116 -21.01 4.66 6.90
N ASN D 117 -19.95 5.15 6.25
CA ASN D 117 -19.74 6.59 6.11
C ASN D 117 -20.87 7.22 5.30
N ARG D 118 -21.24 6.61 4.18
CA ARG D 118 -22.32 7.11 3.35
C ARG D 118 -23.67 6.98 4.03
N GLU D 119 -23.87 5.87 4.76
CA GLU D 119 -25.12 5.68 5.50
C GLU D 119 -25.28 6.71 6.60
N LYS D 120 -24.21 7.02 7.31
CA LYS D 120 -24.30 8.00 8.38
C LYS D 120 -24.40 9.42 7.84
N MET D 121 -23.79 9.69 6.67
CA MET D 121 -23.99 10.97 6.01
C MET D 121 -25.46 11.17 5.63
N THR D 122 -26.08 10.12 5.08
CA THR D 122 -27.50 10.18 4.74
C THR D 122 -28.37 10.38 5.98
N GLN D 123 -28.08 9.64 7.05
CA GLN D 123 -28.88 9.72 8.27
C GLN D 123 -28.76 11.08 8.94
N ILE D 124 -27.55 11.65 8.98
CA ILE D 124 -27.36 12.95 9.62
C ILE D 124 -27.95 14.06 8.76
N MET D 125 -27.82 13.97 7.44
CA MET D 125 -28.41 14.99 6.58
C MET D 125 -29.93 14.91 6.55
N PHE D 126 -30.51 13.75 6.87
CA PHE D 126 -31.96 13.62 6.86
C PHE D 126 -32.61 13.76 8.23
N GLU D 127 -31.86 13.64 9.32
CA GLU D 127 -32.46 13.68 10.65
C GLU D 127 -31.97 14.82 11.52
N THR D 128 -30.90 15.52 11.14
CA THR D 128 -30.39 16.66 11.90
C THR D 128 -30.50 17.97 11.13
N PHE D 129 -30.11 17.97 9.85
CA PHE D 129 -30.21 19.14 9.00
C PHE D 129 -31.22 18.87 7.90
N ASN D 130 -32.40 18.37 8.26
CA ASN D 130 -33.29 17.60 7.39
C ASN D 130 -33.64 18.27 6.06
N VAL D 131 -33.16 17.68 4.98
CA VAL D 131 -33.20 18.26 3.64
C VAL D 131 -34.39 17.68 2.88
N PRO D 132 -34.93 18.38 1.88
CA PRO D 132 -35.87 17.72 0.96
C PRO D 132 -35.24 16.57 0.20
N ALA D 133 -33.96 16.69 -0.15
CA ALA D 133 -33.29 15.68 -0.95
C ALA D 133 -31.79 15.77 -0.72
N MET D 134 -31.09 14.68 -1.01
CA MET D 134 -29.64 14.66 -0.98
C MET D 134 -29.15 13.61 -1.97
N TYR D 135 -27.88 13.75 -2.36
CA TYR D 135 -27.25 12.81 -3.28
C TYR D 135 -25.75 12.79 -3.03
N VAL D 136 -25.16 11.60 -3.02
CA VAL D 136 -23.73 11.41 -2.83
C VAL D 136 -23.12 10.97 -4.16
N ALA D 137 -22.04 11.65 -4.56
CA ALA D 137 -21.45 11.43 -5.88
C ALA D 137 -19.95 11.22 -5.76
N ILE D 138 -19.39 10.55 -6.77
CA ILE D 138 -17.96 10.28 -6.85
C ILE D 138 -17.25 11.51 -7.41
N GLN D 139 -16.12 11.86 -6.78
CA GLN D 139 -15.43 13.11 -7.08
C GLN D 139 -14.80 13.11 -8.47
N ALA D 140 -14.29 11.97 -8.92
CA ALA D 140 -13.61 11.91 -10.22
C ALA D 140 -14.58 12.09 -11.38
N VAL D 141 -15.82 11.62 -11.21
CA VAL D 141 -16.86 11.84 -12.20
C VAL D 141 -17.18 13.34 -12.30
N LEU D 142 -17.16 14.03 -11.16
CA LEU D 142 -17.37 15.48 -11.16
C LEU D 142 -16.20 16.22 -11.79
N SER D 143 -14.98 15.72 -11.61
CA SER D 143 -13.83 16.29 -12.30
C SER D 143 -13.96 16.13 -13.82
N LEU D 144 -14.44 14.98 -14.26
CA LEU D 144 -14.68 14.78 -15.69
C LEU D 144 -15.83 15.63 -16.20
N TYR D 145 -16.83 15.92 -15.36
CA TYR D 145 -17.88 16.86 -15.73
C TYR D 145 -17.32 18.26 -15.91
N ALA D 146 -16.44 18.68 -14.99
CA ALA D 146 -15.86 20.02 -15.08
C ALA D 146 -14.89 20.14 -16.25
N SER D 147 -14.26 19.04 -16.65
CA SER D 147 -13.36 19.07 -17.79
C SER D 147 -14.08 19.24 -19.12
N GLY D 148 -15.39 19.04 -19.17
CA GLY D 148 -16.16 19.23 -20.38
C GLY D 148 -16.21 18.04 -21.30
N ARG D 149 -15.63 16.92 -20.92
CA ARG D 149 -15.56 15.73 -21.76
C ARG D 149 -16.23 14.55 -21.08
N THR D 150 -16.32 13.45 -21.81
CA THR D 150 -16.96 12.23 -21.33
C THR D 150 -16.02 11.04 -21.20
N THR D 151 -14.89 11.06 -21.91
CA THR D 151 -13.89 10.02 -21.79
C THR D 151 -12.62 10.57 -21.14
N GLY D 152 -12.02 9.76 -20.27
CA GLY D 152 -10.77 10.12 -19.64
C GLY D 152 -10.54 9.31 -18.39
N ILE D 153 -9.29 9.34 -17.93
CA ILE D 153 -8.92 8.73 -16.66
C ILE D 153 -8.51 9.85 -15.71
N VAL D 154 -9.21 9.96 -14.59
CA VAL D 154 -9.04 11.05 -13.65
C VAL D 154 -8.12 10.58 -12.52
N LEU D 155 -7.07 11.36 -12.26
CA LEU D 155 -6.21 11.21 -11.10
C LEU D 155 -6.51 12.35 -10.15
N ASP D 156 -7.24 12.06 -9.07
CA ASP D 156 -7.65 13.05 -8.10
C ASP D 156 -6.85 12.84 -6.82
N SER D 157 -6.06 13.84 -6.45
CA SER D 157 -5.22 13.78 -5.27
C SER D 157 -5.52 14.99 -4.39
N GLY D 158 -5.91 14.74 -3.15
CA GLY D 158 -6.28 15.81 -2.26
C GLY D 158 -5.45 15.83 -0.99
N ASP D 159 -6.13 15.78 0.17
CA ASP D 159 -5.44 15.79 1.45
C ASP D 159 -5.37 14.41 2.10
N GLY D 160 -6.28 13.49 1.76
CA GLY D 160 -6.19 12.15 2.30
C GLY D 160 -6.09 11.02 1.31
N VAL D 161 -6.70 11.16 0.13
CA VAL D 161 -6.84 10.07 -0.84
C VAL D 161 -6.30 10.52 -2.19
N THR D 162 -5.65 9.60 -2.90
CA THR D 162 -5.28 9.79 -4.30
C THR D 162 -5.87 8.62 -5.08
N HIS D 163 -6.86 8.90 -5.94
CA HIS D 163 -7.56 7.83 -6.64
C HIS D 163 -7.59 8.07 -8.15
N ASN D 164 -7.52 6.97 -8.90
CA ASN D 164 -7.63 6.95 -10.35
C ASN D 164 -8.92 6.26 -10.76
N VAL D 165 -9.73 6.94 -11.57
CA VAL D 165 -10.97 6.40 -12.09
C VAL D 165 -10.99 6.56 -13.61
N PRO D 166 -11.03 5.47 -14.39
CA PRO D 166 -11.20 5.60 -15.84
C PRO D 166 -12.64 5.48 -16.30
N ILE D 167 -13.01 6.35 -17.25
CA ILE D 167 -14.36 6.45 -17.77
C ILE D 167 -14.27 6.53 -19.30
N TYR D 168 -15.11 5.76 -19.99
CA TYR D 168 -15.12 5.77 -21.45
C TYR D 168 -16.56 5.91 -21.94
N GLU D 169 -16.84 7.02 -22.63
CA GLU D 169 -18.15 7.33 -23.23
C GLU D 169 -19.28 7.31 -22.21
N GLY D 170 -19.01 7.83 -21.02
CA GLY D 170 -19.99 7.85 -19.96
C GLY D 170 -20.11 6.57 -19.17
N TYR D 171 -19.25 5.58 -19.44
CA TYR D 171 -19.27 4.30 -18.75
C TYR D 171 -17.99 4.16 -17.94
N ALA D 172 -18.16 3.91 -16.65
CA ALA D 172 -17.03 3.68 -15.76
C ALA D 172 -16.68 2.20 -15.71
N LEU D 173 -15.39 1.92 -15.47
CA LEU D 173 -14.88 0.56 -15.33
C LEU D 173 -14.45 0.40 -13.88
N PRO D 174 -15.33 -0.07 -13.00
CA PRO D 174 -15.01 -0.08 -11.57
C PRO D 174 -13.96 -1.10 -11.15
N HIS D 175 -13.60 -2.04 -12.03
CA HIS D 175 -12.53 -2.97 -11.69
C HIS D 175 -11.15 -2.36 -11.88
N ALA D 176 -11.05 -1.22 -12.57
CA ALA D 176 -9.79 -0.54 -12.78
C ALA D 176 -9.62 0.68 -11.88
N ILE D 177 -10.55 0.91 -10.96
CA ILE D 177 -10.45 2.04 -10.04
C ILE D 177 -9.36 1.76 -9.02
N MET D 178 -8.43 2.69 -8.86
CA MET D 178 -7.32 2.55 -7.95
C MET D 178 -7.40 3.59 -6.85
N ARG D 179 -7.10 3.19 -5.62
CA ARG D 179 -7.09 4.09 -4.47
C ARG D 179 -5.78 3.93 -3.74
N LEU D 180 -5.13 5.05 -3.41
CA LEU D 180 -3.88 5.08 -2.67
C LEU D 180 -4.04 6.07 -1.53
N ASP D 181 -3.63 5.68 -0.33
CA ASP D 181 -3.72 6.56 0.84
C ASP D 181 -2.43 7.34 1.03
N LEU D 182 -2.07 8.08 -0.02
CA LEU D 182 -0.93 9.00 0.01
C LEU D 182 -1.38 10.30 -0.63
N ALA D 183 -1.37 11.38 0.16
CA ALA D 183 -1.84 12.66 -0.32
C ALA D 183 -1.07 13.75 0.42
N GLY D 184 -1.63 14.97 0.43
CA GLY D 184 -0.89 16.14 0.88
C GLY D 184 -0.55 16.15 2.35
N ARG D 185 -1.35 15.48 3.19
CA ARG D 185 -1.03 15.42 4.61
C ARG D 185 0.19 14.54 4.87
N ASP D 186 0.32 13.46 4.10
CA ASP D 186 1.52 12.62 4.19
C ASP D 186 2.75 13.38 3.72
N LEU D 187 2.60 14.21 2.69
CA LEU D 187 3.72 15.04 2.24
C LEU D 187 4.06 16.11 3.26
N THR D 188 3.05 16.65 3.95
CA THR D 188 3.29 17.60 5.03
C THR D 188 4.06 16.95 6.18
N ASP D 189 3.68 15.71 6.54
CA ASP D 189 4.39 15.00 7.60
C ASP D 189 5.81 14.64 7.18
N TYR D 190 6.03 14.28 5.91
CA TYR D 190 7.37 13.97 5.44
C TYR D 190 8.24 15.22 5.38
N LEU D 191 7.66 16.36 5.02
CA LEU D 191 8.40 17.62 5.04
C LEU D 191 8.74 18.02 6.48
N MET D 192 7.82 17.76 7.41
CA MET D 192 8.08 18.00 8.83
C MET D 192 9.21 17.11 9.34
N LYS D 193 9.26 15.86 8.88
CA LYS D 193 10.34 14.96 9.27
C LYS D 193 11.68 15.41 8.71
N ILE D 194 11.73 15.75 7.41
CA ILE D 194 13.01 16.10 6.79
C ILE D 194 13.43 17.54 7.04
N LEU D 195 12.58 18.35 7.66
CA LEU D 195 13.02 19.68 8.10
C LEU D 195 13.90 19.64 9.34
N THR D 196 13.95 18.51 10.06
CA THR D 196 14.82 18.38 11.21
C THR D 196 16.27 18.12 10.84
N GLU D 197 16.57 17.90 9.56
CA GLU D 197 17.96 17.73 9.13
C GLU D 197 18.72 19.04 9.18
N ARG D 198 18.03 20.17 9.06
CA ARG D 198 18.66 21.49 9.15
C ARG D 198 18.48 22.13 10.52
N GLY D 199 17.86 21.45 11.46
CA GLY D 199 17.68 21.97 12.81
C GLY D 199 16.33 22.56 13.10
N TYR D 200 15.38 22.48 12.18
CA TYR D 200 14.06 23.07 12.35
C TYR D 200 13.12 22.03 12.93
N SER D 201 12.44 22.38 14.02
CA SER D 201 11.58 21.45 14.75
C SER D 201 10.16 21.99 14.77
N PHE D 202 9.26 21.33 14.04
CA PHE D 202 7.84 21.64 14.05
C PHE D 202 7.11 20.40 14.53
N VAL D 203 6.52 20.48 15.73
CA VAL D 203 5.97 19.33 16.42
C VAL D 203 4.46 19.44 16.61
N THR D 204 4.00 20.61 17.08
CA THR D 204 2.61 20.76 17.48
C THR D 204 1.69 20.83 16.26
N THR D 205 0.38 20.73 16.52
CA THR D 205 -0.61 20.78 15.46
C THR D 205 -0.72 22.16 14.83
N ALA D 206 -0.33 23.21 15.55
CA ALA D 206 -0.31 24.55 14.96
C ALA D 206 0.83 24.69 13.95
N GLU D 207 1.96 24.06 14.21
CA GLU D 207 3.12 24.16 13.33
C GLU D 207 2.98 23.29 12.08
N ARG D 208 2.07 22.32 12.10
CA ARG D 208 1.74 21.56 10.90
C ARG D 208 1.15 22.47 9.82
N GLU D 209 0.42 23.50 10.24
CA GLU D 209 -0.11 24.48 9.29
C GLU D 209 1.00 25.34 8.70
N ILE D 210 2.01 25.68 9.49
CA ILE D 210 3.17 26.42 8.98
C ILE D 210 3.94 25.59 7.97
N VAL D 211 4.13 24.31 8.26
CA VAL D 211 4.81 23.41 7.34
C VAL D 211 3.98 23.21 6.06
N ARG D 212 2.66 23.18 6.20
CA ARG D 212 1.78 23.11 5.04
C ARG D 212 1.88 24.36 4.17
N ASP D 213 2.00 25.54 4.81
CA ASP D 213 2.20 26.78 4.06
C ASP D 213 3.53 26.80 3.32
N ILE D 214 4.58 26.30 3.97
CA ILE D 214 5.89 26.17 3.33
C ILE D 214 5.81 25.23 2.14
N LYS D 215 5.09 24.13 2.29
CA LYS D 215 4.91 23.16 1.20
C LYS D 215 4.12 23.77 0.04
N GLU D 216 3.11 24.57 0.34
CA GLU D 216 2.33 25.20 -0.71
C GLU D 216 3.10 26.28 -1.43
N LYS D 217 4.01 26.98 -0.74
CA LYS D 217 4.70 28.09 -1.37
C LYS D 217 6.01 27.70 -2.05
N LEU D 218 6.76 26.75 -1.50
CA LEU D 218 8.14 26.56 -1.90
C LEU D 218 8.45 25.20 -2.53
N CYS D 219 7.52 24.26 -2.56
CA CYS D 219 7.80 22.93 -3.08
C CYS D 219 7.41 22.82 -4.55
N TYR D 220 8.20 22.02 -5.28
CA TYR D 220 7.98 21.82 -6.71
C TYR D 220 8.46 20.42 -7.07
N VAL D 221 8.02 19.93 -8.23
CA VAL D 221 8.33 18.59 -8.69
C VAL D 221 9.46 18.65 -9.72
N ALA D 222 10.53 17.91 -9.47
CA ALA D 222 11.68 17.88 -10.35
C ALA D 222 11.42 17.00 -11.56
N LEU D 223 11.88 17.44 -12.72
CA LEU D 223 11.78 16.61 -13.93
C LEU D 223 12.73 15.42 -13.84
N ASP D 224 13.97 15.67 -13.46
CA ASP D 224 14.93 14.60 -13.18
C ASP D 224 15.37 14.73 -11.73
N PHE D 225 15.22 13.64 -10.97
CA PHE D 225 15.50 13.70 -9.54
C PHE D 225 17.00 13.72 -9.26
N GLU D 226 17.77 12.89 -9.95
CA GLU D 226 19.19 12.77 -9.66
C GLU D 226 19.96 14.00 -10.12
N ASN D 227 19.58 14.56 -11.28
CA ASN D 227 20.22 15.79 -11.76
C ASN D 227 19.91 16.96 -10.84
N GLU D 228 18.68 17.04 -10.32
CA GLU D 228 18.34 18.11 -9.38
C GLU D 228 19.03 17.93 -8.04
N MET D 229 19.21 16.68 -7.59
CA MET D 229 19.97 16.43 -6.36
C MET D 229 21.43 16.82 -6.53
N ALA D 230 22.01 16.51 -7.70
CA ALA D 230 23.39 16.91 -7.98
C ALA D 230 23.52 18.42 -8.09
N THR D 231 22.53 19.08 -8.69
CA THR D 231 22.54 20.54 -8.79
C THR D 231 22.44 21.20 -7.43
N ALA D 232 21.60 20.65 -6.54
CA ALA D 232 21.50 21.18 -5.18
C ALA D 232 22.77 20.91 -4.40
N ALA D 233 23.42 19.77 -4.62
CA ALA D 233 24.66 19.47 -3.92
C ALA D 233 25.84 20.27 -4.47
N SER D 234 25.74 20.79 -5.70
CA SER D 234 26.83 21.58 -6.26
C SER D 234 26.77 23.03 -5.79
N SER D 235 25.67 23.72 -6.11
CA SER D 235 25.55 25.14 -5.87
C SER D 235 24.29 25.45 -5.08
N SER D 236 24.28 26.60 -4.43
CA SER D 236 23.13 27.08 -3.66
C SER D 236 22.27 28.02 -4.50
N SER D 237 21.83 27.52 -5.65
CA SER D 237 20.91 28.25 -6.51
C SER D 237 19.47 27.83 -6.33
N LEU D 238 19.22 26.69 -5.73
CA LEU D 238 17.87 26.19 -5.49
C LEU D 238 17.34 26.54 -4.11
N GLU D 239 18.13 27.20 -3.28
CA GLU D 239 17.72 27.47 -1.91
C GLU D 239 16.77 28.65 -1.85
N LYS D 240 15.71 28.52 -1.05
CA LYS D 240 14.75 29.58 -0.84
C LYS D 240 14.60 29.83 0.65
N SER D 241 14.20 31.06 0.98
CA SER D 241 14.01 31.48 2.36
C SER D 241 12.54 31.74 2.63
N TYR D 242 12.11 31.40 3.83
CA TYR D 242 10.73 31.57 4.29
C TYR D 242 10.77 32.22 5.67
N GLU D 243 9.81 33.11 5.93
CA GLU D 243 9.75 33.84 7.19
C GLU D 243 8.69 33.22 8.08
N LEU D 244 9.12 32.82 9.29
CA LEU D 244 8.22 32.24 10.27
C LEU D 244 7.35 33.34 10.89
N PRO D 245 6.22 32.98 11.51
CA PRO D 245 5.36 34.01 12.13
C PRO D 245 5.98 34.77 13.28
N ASP D 246 7.05 34.27 13.89
CA ASP D 246 7.75 34.99 14.94
C ASP D 246 8.95 35.78 14.42
N GLY D 247 9.08 35.90 13.10
CA GLY D 247 10.14 36.66 12.49
C GLY D 247 11.38 35.87 12.13
N GLN D 248 11.44 34.59 12.48
CA GLN D 248 12.59 33.77 12.11
C GLN D 248 12.57 33.45 10.62
N VAL D 249 13.75 33.33 10.04
CA VAL D 249 13.91 33.04 8.62
C VAL D 249 14.60 31.69 8.49
N ILE D 250 13.96 30.76 7.79
CA ILE D 250 14.53 29.45 7.51
C ILE D 250 14.81 29.34 6.03
N THR D 251 15.74 28.45 5.69
CA THR D 251 16.22 28.29 4.32
C THR D 251 16.22 26.82 3.95
N ILE D 252 15.65 26.48 2.80
CA ILE D 252 15.57 25.10 2.36
C ILE D 252 16.15 24.95 0.97
N GLY D 253 16.76 23.79 0.73
CA GLY D 253 17.41 23.45 -0.53
C GLY D 253 16.74 22.33 -1.28
N ASN D 254 17.26 21.10 -1.14
CA ASN D 254 16.70 19.95 -1.86
C ASN D 254 15.34 19.53 -1.34
N GLU D 255 14.97 19.95 -0.12
CA GLU D 255 13.70 19.56 0.49
C GLU D 255 12.50 20.13 -0.24
N ARG D 256 12.70 21.10 -1.14
CA ARG D 256 11.63 21.56 -2.01
C ARG D 256 11.15 20.46 -2.93
N PHE D 257 12.06 19.64 -3.47
CA PHE D 257 11.65 18.61 -4.42
C PHE D 257 11.75 17.20 -3.86
N ARG D 258 12.28 17.01 -2.66
CA ARG D 258 12.22 15.71 -2.02
C ARG D 258 10.83 15.43 -1.45
N CYS D 259 10.12 16.49 -1.04
CA CYS D 259 8.79 16.30 -0.46
C CYS D 259 7.74 15.78 -1.45
N PRO D 260 7.53 16.35 -2.65
CA PRO D 260 6.52 15.75 -3.54
C PRO D 260 7.01 14.52 -4.29
N GLU D 261 8.31 14.20 -4.21
CA GLU D 261 8.86 13.00 -4.82
C GLU D 261 8.30 11.72 -4.19
N THR D 262 7.76 11.82 -2.97
CA THR D 262 7.05 10.70 -2.36
C THR D 262 5.78 10.34 -3.12
N LEU D 263 5.22 11.29 -3.90
CA LEU D 263 4.14 10.94 -4.81
C LEU D 263 4.59 9.99 -5.90
N PHE D 264 5.87 10.06 -6.28
CA PHE D 264 6.44 9.18 -7.28
C PHE D 264 7.30 8.06 -6.69
N GLN D 265 7.82 8.25 -5.48
CA GLN D 265 8.57 7.21 -4.76
C GLN D 265 7.98 7.08 -3.35
N PRO D 266 6.93 6.28 -3.18
CA PRO D 266 6.31 6.13 -1.85
C PRO D 266 7.20 5.48 -0.80
N SER D 267 8.28 4.81 -1.22
CA SER D 267 9.23 4.19 -0.29
C SER D 267 9.98 5.22 0.56
N PHE D 268 9.90 6.50 0.23
CA PHE D 268 10.43 7.54 1.11
C PHE D 268 9.69 7.58 2.44
N ILE D 269 8.41 7.21 2.47
CA ILE D 269 7.69 7.13 3.73
C ILE D 269 7.40 5.67 4.12
N GLY D 270 8.14 4.72 3.54
CA GLY D 270 8.02 3.34 3.93
C GLY D 270 6.86 2.58 3.33
N MET D 271 6.20 3.12 2.31
CA MET D 271 5.10 2.44 1.67
C MET D 271 5.60 1.52 0.56
N GLU D 272 4.95 0.38 0.41
CA GLU D 272 5.32 -0.62 -0.59
C GLU D 272 4.72 -0.35 -1.96
N SER D 273 3.76 0.56 -2.06
CA SER D 273 3.08 0.80 -3.32
C SER D 273 3.98 1.57 -4.28
N ALA D 274 3.57 1.58 -5.55
CA ALA D 274 4.30 2.26 -6.60
C ALA D 274 3.81 3.70 -6.72
N GLY D 275 4.43 4.44 -7.64
CA GLY D 275 4.11 5.84 -7.83
C GLY D 275 2.77 6.05 -8.48
N ILE D 276 2.39 7.33 -8.58
CA ILE D 276 1.10 7.68 -9.19
C ILE D 276 1.12 7.44 -10.68
N HIS D 277 2.28 7.59 -11.33
CA HIS D 277 2.39 7.29 -12.75
C HIS D 277 2.22 5.81 -13.02
N GLU D 278 2.82 4.96 -12.17
CA GLU D 278 2.67 3.52 -12.33
C GLU D 278 1.23 3.09 -12.01
N THR D 279 0.61 3.75 -11.04
CA THR D 279 -0.79 3.47 -10.72
C THR D 279 -1.71 3.85 -11.88
N THR D 280 -1.46 4.98 -12.52
CA THR D 280 -2.24 5.41 -13.67
C THR D 280 -2.05 4.46 -14.86
N TYR D 281 -0.80 4.03 -15.10
CA TYR D 281 -0.52 3.08 -16.17
C TYR D 281 -1.18 1.72 -15.90
N ASN D 282 -1.18 1.27 -14.65
CA ASN D 282 -1.83 0.01 -14.32
C ASN D 282 -3.34 0.11 -14.39
N SER D 283 -3.91 1.28 -14.10
CA SER D 283 -5.35 1.47 -14.26
C SER D 283 -5.74 1.49 -15.73
N ILE D 284 -4.90 2.09 -16.58
CA ILE D 284 -5.16 2.08 -18.01
C ILE D 284 -5.03 0.67 -18.57
N MET D 285 -3.98 -0.06 -18.17
CA MET D 285 -3.75 -1.40 -18.69
C MET D 285 -4.71 -2.44 -18.12
N LYS D 286 -5.44 -2.11 -17.05
CA LYS D 286 -6.49 -3.00 -16.57
C LYS D 286 -7.80 -2.81 -17.31
N CYS D 287 -7.89 -1.82 -18.19
CA CYS D 287 -9.09 -1.59 -18.98
C CYS D 287 -9.03 -2.40 -20.27
N ASP D 288 -10.08 -2.28 -21.07
CA ASP D 288 -10.12 -2.91 -22.38
C ASP D 288 -9.10 -2.26 -23.31
N ILE D 289 -8.60 -3.05 -24.27
CA ILE D 289 -7.51 -2.62 -25.12
C ILE D 289 -7.95 -1.53 -26.09
N ASP D 290 -9.21 -1.56 -26.52
CA ASP D 290 -9.71 -0.63 -27.54
C ASP D 290 -10.00 0.76 -27.00
N ILE D 291 -9.93 0.97 -25.68
CA ILE D 291 -10.18 2.29 -25.11
C ILE D 291 -8.92 2.99 -24.61
N ARG D 292 -7.79 2.26 -24.53
CA ARG D 292 -6.58 2.76 -23.87
C ARG D 292 -6.01 3.98 -24.56
N LYS D 293 -6.07 4.00 -25.90
CA LYS D 293 -5.64 5.16 -26.68
C LYS D 293 -6.41 6.41 -26.26
N ASP D 294 -7.74 6.29 -26.13
CA ASP D 294 -8.52 7.43 -25.69
C ASP D 294 -8.27 7.78 -24.23
N LEU D 295 -7.74 6.84 -23.44
CA LEU D 295 -7.32 7.20 -22.10
C LEU D 295 -6.00 7.96 -22.14
N TYR D 296 -5.11 7.59 -23.06
CA TYR D 296 -3.74 8.12 -23.07
C TYR D 296 -3.71 9.59 -23.40
N ALA D 297 -4.62 10.05 -24.24
CA ALA D 297 -4.71 11.46 -24.58
C ALA D 297 -5.59 12.25 -23.61
N ASN D 298 -6.14 11.60 -22.58
CA ASN D 298 -7.10 12.27 -21.71
C ASN D 298 -6.79 12.00 -20.24
N ASN D 299 -5.53 12.20 -19.86
CA ASN D 299 -5.16 12.17 -18.45
C ASN D 299 -5.52 13.50 -17.80
N VAL D 300 -6.45 13.47 -16.85
CA VAL D 300 -6.94 14.67 -16.19
C VAL D 300 -6.48 14.67 -14.75
N MET D 301 -5.82 15.75 -14.34
CA MET D 301 -5.37 15.92 -12.97
C MET D 301 -6.26 16.94 -12.26
N SER D 302 -6.75 16.58 -11.07
CA SER D 302 -7.55 17.47 -10.26
C SER D 302 -7.13 17.33 -8.81
N GLY D 303 -7.38 18.39 -8.04
CA GLY D 303 -7.05 18.39 -6.63
C GLY D 303 -5.89 19.32 -6.31
N GLY D 304 -5.72 19.57 -5.01
CA GLY D 304 -4.68 20.49 -4.57
C GLY D 304 -3.28 19.89 -4.69
N THR D 305 -3.15 18.60 -4.42
CA THR D 305 -1.83 17.94 -4.44
C THR D 305 -1.26 17.82 -5.84
N THR D 306 -2.08 17.99 -6.88
CA THR D 306 -1.60 18.09 -8.25
C THR D 306 -1.25 19.52 -8.65
N MET D 307 -1.10 20.43 -7.67
CA MET D 307 -0.85 21.84 -7.95
C MET D 307 0.61 22.24 -7.81
N TYR D 308 1.52 21.27 -7.71
CA TYR D 308 2.94 21.59 -7.73
C TYR D 308 3.34 22.08 -9.12
N PRO D 309 4.27 23.04 -9.21
CA PRO D 309 4.66 23.54 -10.54
C PRO D 309 5.72 22.71 -11.24
N GLY D 310 5.62 21.39 -11.20
CA GLY D 310 6.43 20.55 -12.06
C GLY D 310 5.79 19.22 -12.40
N ILE D 311 4.54 19.02 -12.00
CA ILE D 311 4.01 17.67 -11.89
C ILE D 311 3.45 17.14 -13.21
N ALA D 312 2.91 18.02 -14.07
CA ALA D 312 2.35 17.57 -15.34
C ALA D 312 3.42 17.08 -16.30
N ASP D 313 4.55 17.80 -16.37
CA ASP D 313 5.64 17.40 -17.23
C ASP D 313 6.31 16.12 -16.74
N ARG D 314 6.45 15.97 -15.42
CA ARG D 314 7.01 14.74 -14.86
C ARG D 314 6.10 13.55 -15.11
N MET D 315 4.78 13.74 -14.95
CA MET D 315 3.82 12.68 -15.22
C MET D 315 3.83 12.28 -16.70
N GLN D 316 3.93 13.27 -17.58
CA GLN D 316 4.00 12.99 -19.01
C GLN D 316 5.27 12.23 -19.37
N LYS D 317 6.41 12.61 -18.78
CA LYS D 317 7.66 11.92 -19.02
C LYS D 317 7.61 10.46 -18.56
N GLU D 318 7.05 10.23 -17.37
CA GLU D 318 7.00 8.87 -16.83
C GLU D 318 6.02 7.98 -17.59
N ILE D 319 4.85 8.52 -17.98
CA ILE D 319 3.90 7.72 -18.75
C ILE D 319 4.43 7.46 -20.16
N THR D 320 5.10 8.44 -20.76
CA THR D 320 5.73 8.23 -22.06
C THR D 320 6.86 7.21 -21.99
N ALA D 321 7.54 7.13 -20.85
CA ALA D 321 8.50 6.05 -20.64
C ALA D 321 7.80 4.70 -20.50
N LEU D 322 6.61 4.68 -19.90
CA LEU D 322 5.91 3.42 -19.68
C LEU D 322 5.12 2.96 -20.92
N ALA D 323 4.53 3.90 -21.66
CA ALA D 323 3.69 3.56 -22.80
C ALA D 323 4.53 3.21 -24.02
N PRO D 324 3.97 2.48 -24.99
CA PRO D 324 4.65 2.31 -26.28
C PRO D 324 4.79 3.63 -27.02
N SER D 325 5.79 3.69 -27.90
CA SER D 325 6.25 4.96 -28.44
C SER D 325 5.31 5.55 -29.49
N THR D 326 4.38 4.76 -30.03
CA THR D 326 3.47 5.26 -31.06
C THR D 326 2.17 5.82 -30.49
N MET D 327 2.17 6.19 -29.21
CA MET D 327 0.97 6.70 -28.55
C MET D 327 1.19 8.14 -28.12
N LYS D 328 0.09 8.90 -28.07
CA LYS D 328 0.11 10.30 -27.70
C LYS D 328 -0.36 10.41 -26.24
N ILE D 329 0.51 10.90 -25.37
CA ILE D 329 0.20 11.05 -23.96
C ILE D 329 0.02 12.53 -23.67
N LYS D 330 -1.17 12.89 -23.18
CA LYS D 330 -1.49 14.28 -22.89
C LYS D 330 -2.01 14.39 -21.46
N ILE D 331 -1.39 15.27 -20.68
CA ILE D 331 -1.79 15.54 -19.30
C ILE D 331 -2.60 16.84 -19.31
N ILE D 332 -3.82 16.78 -18.82
CA ILE D 332 -4.76 17.90 -18.86
C ILE D 332 -4.83 18.50 -17.48
N ALA D 333 -4.19 19.66 -17.29
CA ALA D 333 -4.14 20.34 -16.00
C ALA D 333 -4.65 21.76 -16.18
N PRO D 334 -5.94 21.98 -15.93
CA PRO D 334 -6.49 23.34 -15.99
C PRO D 334 -6.00 24.18 -14.83
N PRO D 335 -6.00 25.51 -14.94
CA PRO D 335 -5.62 26.35 -13.81
C PRO D 335 -6.61 26.32 -12.65
N GLU D 336 -7.85 25.89 -12.88
CA GLU D 336 -8.88 25.85 -11.85
C GLU D 336 -9.08 24.45 -11.28
N ARG D 337 -8.07 23.59 -11.39
CA ARG D 337 -8.23 22.20 -10.99
C ARG D 337 -8.21 21.98 -9.48
N LYS D 338 -7.98 23.03 -8.69
CA LYS D 338 -8.08 22.89 -7.24
C LYS D 338 -9.52 22.76 -6.79
N TYR D 339 -10.46 23.31 -7.54
CA TYR D 339 -11.87 23.32 -7.18
C TYR D 339 -12.75 22.53 -8.15
N SER D 340 -12.14 21.73 -9.03
CA SER D 340 -12.81 21.18 -10.20
C SER D 340 -13.98 20.27 -9.83
N VAL D 341 -13.80 19.46 -8.78
CA VAL D 341 -14.84 18.57 -8.28
C VAL D 341 -16.10 19.36 -7.95
N TRP D 342 -15.94 20.48 -7.26
CA TRP D 342 -17.08 21.34 -6.92
C TRP D 342 -17.74 21.87 -8.17
N ILE D 343 -16.95 22.23 -9.18
CA ILE D 343 -17.50 22.76 -10.42
C ILE D 343 -18.34 21.69 -11.11
N GLY D 344 -17.91 20.43 -11.01
CA GLY D 344 -18.71 19.34 -11.54
C GLY D 344 -20.04 19.20 -10.85
N GLY D 345 -20.04 19.40 -9.51
CA GLY D 345 -21.30 19.44 -8.78
C GLY D 345 -22.19 20.59 -9.25
N SER D 346 -21.58 21.75 -9.50
CA SER D 346 -22.32 22.89 -10.01
C SER D 346 -22.85 22.63 -11.41
N ILE D 347 -22.21 21.71 -12.16
CA ILE D 347 -22.81 21.28 -13.41
C ILE D 347 -23.88 20.23 -13.14
N LEU D 348 -23.57 19.25 -12.28
CA LEU D 348 -24.39 18.04 -12.22
C LEU D 348 -25.73 18.31 -11.53
N ALA D 349 -25.74 19.15 -10.51
CA ALA D 349 -26.99 19.54 -9.88
C ALA D 349 -27.80 20.50 -10.74
N SER D 350 -27.21 21.09 -11.78
CA SER D 350 -27.92 22.05 -12.62
C SER D 350 -28.59 21.40 -13.82
N LEU D 351 -28.39 20.11 -14.04
CA LEU D 351 -28.93 19.44 -15.22
C LEU D 351 -30.39 19.05 -14.99
N SER D 352 -31.20 19.20 -16.04
CA SER D 352 -32.60 18.82 -15.96
C SER D 352 -32.79 17.31 -15.98
N THR D 353 -31.79 16.56 -16.43
CA THR D 353 -31.84 15.10 -16.41
C THR D 353 -31.39 14.52 -15.08
N PHE D 354 -30.99 15.37 -14.13
CA PHE D 354 -30.54 14.93 -12.82
C PHE D 354 -31.62 15.00 -11.75
N GLN D 355 -32.69 15.75 -11.99
CA GLN D 355 -33.67 16.06 -10.94
C GLN D 355 -34.52 14.86 -10.55
N GLN D 356 -34.46 13.76 -11.29
CA GLN D 356 -35.12 12.52 -10.89
C GLN D 356 -34.17 11.55 -10.19
N MET D 357 -32.92 11.95 -9.96
CA MET D 357 -31.92 11.10 -9.32
C MET D 357 -31.68 11.46 -7.86
N TRP D 358 -32.40 12.44 -7.32
CA TRP D 358 -32.27 12.78 -5.92
C TRP D 358 -32.90 11.70 -5.04
N ILE D 359 -32.45 11.64 -3.79
CA ILE D 359 -33.02 10.74 -2.79
C ILE D 359 -33.92 11.60 -1.91
N THR D 360 -35.24 11.42 -2.05
CA THR D 360 -36.17 12.27 -1.32
C THR D 360 -36.35 11.77 0.11
N LYS D 361 -37.02 12.60 0.91
CA LYS D 361 -37.31 12.26 2.30
C LYS D 361 -38.30 11.11 2.41
N GLN D 362 -39.27 11.05 1.50
CA GLN D 362 -40.23 9.95 1.48
C GLN D 362 -39.56 8.63 1.17
N GLU D 363 -38.59 8.64 0.25
CA GLU D 363 -37.82 7.44 -0.05
C GLU D 363 -36.96 7.01 1.14
N TYR D 364 -36.44 7.99 1.89
CA TYR D 364 -35.66 7.66 3.08
C TYR D 364 -36.54 7.07 4.18
N ASP D 365 -37.76 7.60 4.34
CA ASP D 365 -38.67 7.03 5.32
C ASP D 365 -39.17 5.65 4.91
N GLU D 366 -39.29 5.41 3.60
CA GLU D 366 -39.71 4.09 3.13
C GLU D 366 -38.60 3.06 3.27
N ALA D 367 -37.37 3.40 2.87
CA ALA D 367 -36.31 2.41 2.76
C ALA D 367 -35.31 2.43 3.91
N GLY D 368 -35.15 3.56 4.59
CA GLY D 368 -34.14 3.68 5.62
C GLY D 368 -32.85 4.19 5.03
N PRO D 369 -31.77 4.20 5.82
CA PRO D 369 -30.48 4.64 5.29
C PRO D 369 -29.71 3.52 4.59
N SER D 370 -30.39 2.76 3.74
CA SER D 370 -29.78 1.77 2.88
C SER D 370 -30.12 2.01 1.42
N ILE D 371 -30.93 3.02 1.12
CA ILE D 371 -31.27 3.36 -0.25
C ILE D 371 -30.15 4.12 -0.95
N VAL D 372 -29.14 4.57 -0.20
CA VAL D 372 -28.03 5.33 -0.77
C VAL D 372 -27.09 4.45 -1.57
N HIS D 373 -27.21 3.12 -1.47
CA HIS D 373 -26.45 2.23 -2.32
C HIS D 373 -27.23 1.79 -3.55
N ARG D 374 -28.56 1.74 -3.46
CA ARG D 374 -29.39 1.45 -4.62
C ARG D 374 -29.64 2.68 -5.48
N LYS D 375 -29.37 3.88 -4.96
CA LYS D 375 -29.58 5.11 -5.70
C LYS D 375 -28.31 5.76 -6.20
N CYS D 376 -27.22 5.65 -5.46
CA CYS D 376 -25.96 6.29 -5.81
C CYS D 376 -24.92 5.24 -6.18
N PHE D 377 -24.11 5.54 -7.18
CA PHE D 377 -23.05 4.64 -7.61
C PHE D 377 -21.79 4.86 -6.79
N GLU E 6 19.22 -47.95 -9.54
CA GLU E 6 18.08 -47.42 -8.81
C GLU E 6 17.99 -45.91 -8.94
N THR E 7 17.38 -45.45 -10.03
CA THR E 7 17.20 -44.03 -10.30
C THR E 7 15.70 -43.74 -10.23
N THR E 8 15.22 -43.44 -9.02
CA THR E 8 13.82 -43.12 -8.85
C THR E 8 13.51 -41.74 -9.41
N ALA E 9 12.30 -41.59 -9.93
CA ALA E 9 11.90 -40.36 -10.58
C ALA E 9 11.32 -39.38 -9.56
N LEU E 10 11.49 -38.10 -9.85
CA LEU E 10 10.93 -37.03 -9.04
C LEU E 10 9.71 -36.44 -9.74
N VAL E 11 8.64 -36.26 -8.98
CA VAL E 11 7.43 -35.61 -9.48
C VAL E 11 7.35 -34.25 -8.81
N CYS E 12 7.39 -33.19 -9.62
CA CYS E 12 7.35 -31.82 -9.14
C CYS E 12 6.21 -31.08 -9.83
N ASP E 13 5.25 -30.59 -9.05
CA ASP E 13 4.13 -29.81 -9.55
C ASP E 13 4.41 -28.36 -9.19
N ASN E 14 4.60 -27.53 -10.22
CA ASN E 14 4.90 -26.10 -10.07
C ASN E 14 3.64 -25.33 -10.41
N GLY E 15 2.80 -25.12 -9.41
CA GLY E 15 1.62 -24.29 -9.59
C GLY E 15 1.95 -22.82 -9.46
N SER E 16 0.89 -22.00 -9.57
CA SER E 16 1.08 -20.56 -9.46
C SER E 16 1.30 -20.14 -8.01
N GLY E 17 0.77 -20.90 -7.05
CA GLY E 17 0.88 -20.53 -5.66
C GLY E 17 1.68 -21.49 -4.80
N LEU E 18 1.66 -22.77 -5.11
CA LEU E 18 2.32 -23.79 -4.31
C LEU E 18 3.21 -24.67 -5.18
N VAL E 19 4.23 -25.22 -4.56
CA VAL E 19 5.10 -26.22 -5.16
C VAL E 19 4.90 -27.51 -4.38
N LYS E 20 4.50 -28.57 -5.10
CA LYS E 20 4.25 -29.89 -4.52
C LYS E 20 5.24 -30.87 -5.14
N ALA E 21 6.27 -31.23 -4.39
CA ALA E 21 7.36 -32.03 -4.92
C ALA E 21 7.57 -33.28 -4.08
N GLY E 22 7.99 -34.35 -4.75
CA GLY E 22 8.28 -35.57 -4.04
C GLY E 22 8.77 -36.65 -4.98
N PHE E 23 8.76 -37.88 -4.48
CA PHE E 23 9.29 -39.03 -5.20
C PHE E 23 8.15 -39.82 -5.83
N ALA E 24 8.45 -40.46 -6.96
CA ALA E 24 7.47 -41.30 -7.63
C ALA E 24 7.22 -42.57 -6.83
N GLY E 25 5.97 -42.98 -6.78
CA GLY E 25 5.55 -44.13 -6.02
C GLY E 25 4.93 -43.80 -4.68
N ASP E 26 5.15 -42.60 -4.16
CA ASP E 26 4.55 -42.20 -2.90
C ASP E 26 3.10 -41.78 -3.11
N ASP E 27 2.34 -41.79 -2.02
CA ASP E 27 0.93 -41.41 -2.04
C ASP E 27 0.69 -39.98 -1.58
N ALA E 28 1.74 -39.23 -1.23
CA ALA E 28 1.61 -37.88 -0.75
C ALA E 28 2.88 -37.11 -1.05
N PRO E 29 2.78 -35.84 -1.44
CA PRO E 29 4.00 -35.06 -1.72
C PRO E 29 4.79 -34.77 -0.45
N ARG E 30 6.10 -34.91 -0.55
CA ARG E 30 6.98 -34.71 0.59
C ARG E 30 7.22 -33.24 0.91
N ALA E 31 7.19 -32.37 -0.10
CA ALA E 31 7.46 -30.94 0.11
C ALA E 31 6.34 -30.13 -0.52
N VAL E 32 5.58 -29.44 0.32
CA VAL E 32 4.54 -28.51 -0.13
C VAL E 32 4.88 -27.15 0.45
N PHE E 33 5.27 -26.21 -0.41
CA PHE E 33 5.67 -24.90 0.10
C PHE E 33 5.28 -23.82 -0.90
N PRO E 34 5.05 -22.58 -0.45
CA PRO E 34 4.65 -21.51 -1.38
C PRO E 34 5.73 -21.15 -2.38
N SER E 35 5.28 -20.76 -3.57
CA SER E 35 6.17 -20.37 -4.66
C SER E 35 6.36 -18.86 -4.64
N ILE E 36 7.10 -18.40 -3.63
CA ILE E 36 7.37 -16.98 -3.44
C ILE E 36 8.86 -16.76 -3.27
N VAL E 37 9.30 -15.57 -3.65
CA VAL E 37 10.64 -15.08 -3.33
C VAL E 37 10.48 -13.72 -2.67
N GLY E 38 11.03 -13.56 -1.48
CA GLY E 38 10.93 -12.33 -0.72
C GLY E 38 12.27 -11.61 -0.68
N ARG E 39 12.23 -10.30 -0.88
CA ARG E 39 13.43 -9.49 -0.80
C ARG E 39 13.23 -8.35 0.18
N PRO E 40 14.29 -7.92 0.88
CA PRO E 40 14.12 -6.87 1.89
C PRO E 40 13.78 -5.52 1.29
N ARG E 41 12.90 -4.79 1.97
CA ARG E 41 12.49 -3.46 1.56
C ARG E 41 13.00 -2.36 2.48
N HIS E 42 13.59 -2.71 3.61
CA HIS E 42 14.17 -1.76 4.56
C HIS E 42 15.69 -1.95 4.59
N GLN E 43 16.35 -1.23 5.47
CA GLN E 43 17.80 -1.32 5.61
C GLN E 43 18.16 -2.08 6.88
N GLY E 44 19.32 -2.72 6.85
CA GLY E 44 19.80 -3.52 7.95
C GLY E 44 20.74 -2.73 8.83
N VAL E 45 20.41 -2.63 10.10
CA VAL E 45 21.19 -1.83 11.04
C VAL E 45 22.04 -2.67 11.98
N MET E 46 21.77 -3.96 12.11
CA MET E 46 22.53 -4.83 12.99
C MET E 46 23.46 -5.69 12.14
N VAL E 47 24.74 -5.70 12.50
CA VAL E 47 25.75 -6.44 11.76
C VAL E 47 26.11 -7.70 12.55
N GLY E 48 26.73 -8.65 11.86
CA GLY E 48 27.14 -9.90 12.46
C GLY E 48 26.19 -11.05 12.26
N MET E 49 25.13 -10.88 11.48
CA MET E 49 24.15 -11.91 11.23
C MET E 49 24.37 -12.52 9.85
N GLY E 50 23.43 -13.37 9.43
CA GLY E 50 23.43 -13.88 8.07
C GLY E 50 23.03 -12.80 7.09
N GLN E 51 21.75 -12.37 7.19
CA GLN E 51 21.17 -11.28 6.40
C GLN E 51 21.30 -11.53 4.90
N LYS E 52 20.70 -12.62 4.45
CA LYS E 52 20.74 -12.99 3.05
C LYS E 52 19.84 -12.08 2.23
N ASP E 53 20.17 -11.95 0.95
CA ASP E 53 19.48 -11.02 0.07
C ASP E 53 18.14 -11.52 -0.43
N SER E 54 17.81 -12.80 -0.22
CA SER E 54 16.54 -13.34 -0.69
C SER E 54 16.11 -14.49 0.21
N TYR E 55 14.81 -14.75 0.20
CA TYR E 55 14.20 -15.80 1.01
C TYR E 55 13.19 -16.54 0.15
N VAL E 56 13.22 -17.87 0.23
CA VAL E 56 12.44 -18.72 -0.65
C VAL E 56 11.55 -19.62 0.20
N GLY E 57 10.24 -19.60 -0.08
CA GLY E 57 9.35 -20.59 0.49
C GLY E 57 8.80 -20.19 1.83
N ASP E 58 8.92 -21.09 2.80
CA ASP E 58 8.36 -20.84 4.13
C ASP E 58 9.14 -19.78 4.89
N GLU E 59 10.44 -19.66 4.64
CA GLU E 59 11.23 -18.63 5.29
C GLU E 59 10.83 -17.24 4.81
N ALA E 60 10.39 -17.12 3.55
CA ALA E 60 9.86 -15.85 3.06
C ALA E 60 8.53 -15.51 3.75
N GLN E 61 7.72 -16.51 4.03
CA GLN E 61 6.45 -16.30 4.71
C GLN E 61 6.63 -16.01 6.19
N SER E 62 7.71 -16.51 6.80
CA SER E 62 7.94 -16.31 8.23
C SER E 62 8.27 -14.86 8.55
N LYS E 63 9.08 -14.21 7.70
CA LYS E 63 9.47 -12.81 7.90
C LYS E 63 8.93 -11.93 6.80
N ARG E 64 7.67 -12.14 6.42
CA ARG E 64 7.05 -11.39 5.32
C ARG E 64 6.79 -9.93 5.67
N GLY E 65 6.84 -9.57 6.95
CA GLY E 65 6.64 -8.18 7.33
C GLY E 65 7.76 -7.25 6.94
N ILE E 66 8.97 -7.78 6.75
CA ILE E 66 10.11 -6.98 6.32
C ILE E 66 10.52 -7.29 4.88
N LEU E 67 9.73 -8.08 4.17
CA LEU E 67 10.04 -8.47 2.81
C LEU E 67 8.90 -8.10 1.88
N THR E 68 9.24 -7.84 0.62
CA THR E 68 8.25 -7.79 -0.46
C THR E 68 8.31 -9.11 -1.21
N LEU E 69 7.12 -9.65 -1.51
CA LEU E 69 6.98 -11.00 -2.03
C LEU E 69 6.63 -10.99 -3.51
N LYS E 70 7.30 -11.84 -4.28
CA LYS E 70 7.07 -11.96 -5.70
C LYS E 70 6.79 -13.41 -6.06
N TYR E 71 5.83 -13.60 -6.98
CA TYR E 71 5.50 -14.89 -7.53
C TYR E 71 6.14 -15.03 -8.91
N PRO E 72 7.03 -16.01 -9.12
CA PRO E 72 7.62 -16.19 -10.46
C PRO E 72 6.66 -16.75 -11.50
N ILE E 73 5.50 -17.27 -11.10
CA ILE E 73 4.53 -17.85 -12.02
C ILE E 73 3.24 -17.05 -11.89
N GLU E 74 2.81 -16.47 -13.00
CA GLU E 74 1.54 -15.73 -13.04
C GLU E 74 0.67 -16.29 -14.16
N GLY E 76 -0.13 -19.36 -14.75
CA GLY E 76 0.44 -20.56 -15.33
C GLY E 76 1.70 -20.36 -16.15
N ILE E 77 2.11 -19.11 -16.33
CA ILE E 77 3.26 -18.76 -17.16
C ILE E 77 4.35 -18.21 -16.27
N ILE E 78 5.56 -18.76 -16.41
CA ILE E 78 6.71 -18.27 -15.66
C ILE E 78 7.17 -16.94 -16.27
N THR E 79 7.16 -15.89 -15.46
CA THR E 79 7.60 -14.57 -15.90
C THR E 79 9.01 -14.24 -15.45
N ASN E 80 9.39 -14.66 -14.25
CA ASN E 80 10.74 -14.44 -13.72
C ASN E 80 11.46 -15.77 -13.71
N TRP E 81 12.59 -15.85 -14.43
CA TRP E 81 13.29 -17.12 -14.56
C TRP E 81 14.42 -17.29 -13.54
N ASP E 82 15.03 -16.19 -13.08
CA ASP E 82 16.01 -16.29 -11.99
C ASP E 82 15.33 -16.68 -10.69
N ASP E 83 14.13 -16.16 -10.44
CA ASP E 83 13.37 -16.57 -9.27
C ASP E 83 12.92 -18.02 -9.38
N MET E 84 12.62 -18.48 -10.59
CA MET E 84 12.29 -19.89 -10.77
C MET E 84 13.51 -20.79 -10.61
N GLU E 85 14.70 -20.28 -10.95
CA GLU E 85 15.94 -20.98 -10.62
C GLU E 85 16.10 -21.13 -9.12
N LYS E 86 15.81 -20.06 -8.37
CA LYS E 86 15.87 -20.12 -6.91
C LYS E 86 14.85 -21.10 -6.34
N ILE E 87 13.64 -21.12 -6.90
CA ILE E 87 12.58 -22.02 -6.44
C ILE E 87 12.97 -23.48 -6.68
N TRP E 88 13.47 -23.78 -7.87
CA TRP E 88 13.84 -25.16 -8.19
C TRP E 88 15.09 -25.60 -7.43
N HIS E 89 16.03 -24.68 -7.20
CA HIS E 89 17.21 -25.01 -6.41
C HIS E 89 16.84 -25.28 -4.96
N HIS E 90 15.94 -24.49 -4.39
CA HIS E 90 15.47 -24.73 -3.03
C HIS E 90 14.64 -26.00 -2.93
N THR E 91 13.95 -26.36 -4.02
CA THR E 91 13.22 -27.63 -4.05
C THR E 91 14.19 -28.81 -4.02
N PHE E 92 15.19 -28.80 -4.90
CA PHE E 92 16.07 -29.95 -5.03
C PHE E 92 17.04 -30.08 -3.85
N TYR E 93 17.63 -28.96 -3.41
CA TYR E 93 18.75 -29.04 -2.48
C TYR E 93 18.37 -28.77 -1.03
N ASN E 94 17.20 -28.19 -0.76
CA ASN E 94 16.82 -27.85 0.59
C ASN E 94 15.55 -28.52 1.09
N GLU E 95 14.58 -28.77 0.21
CA GLU E 95 13.33 -29.41 0.61
C GLU E 95 13.31 -30.91 0.36
N LEU E 96 14.11 -31.38 -0.60
CA LEU E 96 14.18 -32.80 -0.93
C LEU E 96 15.53 -33.43 -0.62
N ARG E 97 16.59 -32.62 -0.56
CA ARG E 97 17.97 -33.05 -0.24
C ARG E 97 18.45 -34.14 -1.20
N VAL E 98 18.27 -33.90 -2.49
CA VAL E 98 18.72 -34.81 -3.53
C VAL E 98 19.55 -34.02 -4.53
N ALA E 99 20.42 -34.73 -5.23
CA ALA E 99 21.15 -34.16 -6.35
C ALA E 99 20.40 -34.47 -7.64
N PRO E 100 19.96 -33.45 -8.40
CA PRO E 100 19.20 -33.75 -9.62
C PRO E 100 20.05 -34.11 -10.82
N GLU E 101 21.06 -34.96 -10.60
CA GLU E 101 21.81 -35.61 -11.66
C GLU E 101 21.55 -37.11 -11.69
N GLU E 102 20.86 -37.64 -10.69
CA GLU E 102 20.58 -39.07 -10.58
C GLU E 102 19.10 -39.39 -10.67
N HIS E 103 18.24 -38.38 -10.75
CA HIS E 103 16.81 -38.60 -10.78
C HIS E 103 16.23 -37.95 -12.03
N PRO E 104 15.53 -38.71 -12.88
CA PRO E 104 14.70 -38.07 -13.91
C PRO E 104 13.53 -37.33 -13.28
N THR E 105 13.09 -36.26 -13.94
CA THR E 105 12.11 -35.37 -13.34
C THR E 105 10.88 -35.25 -14.22
N LEU E 106 9.72 -35.16 -13.57
CA LEU E 106 8.43 -34.99 -14.21
C LEU E 106 7.83 -33.67 -13.77
N LEU E 107 7.47 -32.83 -14.74
CA LEU E 107 6.93 -31.52 -14.48
C LEU E 107 5.53 -31.42 -15.08
N THR E 108 4.77 -30.45 -14.61
CA THR E 108 3.39 -30.26 -15.03
C THR E 108 3.23 -28.90 -15.68
N GLU E 109 2.25 -28.79 -16.56
CA GLU E 109 1.99 -27.54 -17.25
C GLU E 109 0.52 -27.41 -17.59
N ALA E 110 0.00 -26.19 -17.48
CA ALA E 110 -1.36 -25.90 -17.89
C ALA E 110 -1.48 -25.98 -19.42
N PRO E 111 -2.65 -26.35 -19.94
CA PRO E 111 -2.82 -26.37 -21.39
C PRO E 111 -2.89 -24.97 -21.98
N LEU E 112 -2.71 -24.91 -23.30
CA LEU E 112 -2.76 -23.68 -24.11
C LEU E 112 -1.77 -22.63 -23.62
N ASN E 113 -0.60 -23.08 -23.20
CA ASN E 113 0.51 -22.29 -22.70
C ASN E 113 1.43 -21.90 -23.85
N PRO E 114 2.22 -20.83 -23.67
CA PRO E 114 3.25 -20.50 -24.66
C PRO E 114 4.31 -21.59 -24.77
N LYS E 115 4.81 -21.77 -26.00
CA LYS E 115 5.76 -22.83 -26.28
C LYS E 115 7.13 -22.52 -25.67
N ALA E 116 7.46 -21.24 -25.56
CA ALA E 116 8.73 -20.80 -24.99
C ALA E 116 8.88 -21.17 -23.53
N ASN E 117 7.78 -21.23 -22.78
CA ASN E 117 7.80 -21.69 -21.39
C ASN E 117 8.28 -23.13 -21.29
N ARG E 118 7.74 -24.00 -22.13
CA ARG E 118 8.12 -25.42 -22.11
C ARG E 118 9.54 -25.62 -22.63
N GLU E 119 9.93 -24.87 -23.67
CA GLU E 119 11.30 -24.94 -24.18
C GLU E 119 12.31 -24.49 -23.13
N LYS E 120 12.01 -23.40 -22.42
CA LYS E 120 12.92 -22.91 -21.40
C LYS E 120 12.95 -23.82 -20.17
N MET E 121 11.82 -24.47 -19.83
CA MET E 121 11.82 -25.46 -18.77
C MET E 121 12.72 -26.65 -19.11
N THR E 122 12.65 -27.10 -20.37
CA THR E 122 13.52 -28.18 -20.82
C THR E 122 14.99 -27.77 -20.78
N GLN E 123 15.28 -26.53 -21.21
CA GLN E 123 16.66 -26.04 -21.23
C GLN E 123 17.23 -25.90 -19.82
N ILE E 124 16.45 -25.35 -18.89
CA ILE E 124 16.93 -25.17 -17.52
C ILE E 124 17.03 -26.51 -16.80
N MET E 125 16.22 -27.51 -17.19
CA MET E 125 16.38 -28.82 -16.58
C MET E 125 17.60 -29.54 -17.12
N PHE E 126 17.96 -29.31 -18.38
CA PHE E 126 19.03 -30.10 -18.97
C PHE E 126 20.41 -29.48 -18.84
N GLU E 127 20.56 -28.16 -18.80
CA GLU E 127 21.91 -27.61 -18.64
C GLU E 127 22.09 -26.67 -17.47
N THR E 128 21.17 -26.63 -16.51
CA THR E 128 21.42 -26.01 -15.22
C THR E 128 21.33 -26.98 -14.07
N PHE E 129 20.24 -27.75 -13.99
CA PHE E 129 20.02 -28.77 -12.97
C PHE E 129 20.22 -30.16 -13.53
N ASN E 130 21.25 -30.37 -14.38
CA ASN E 130 21.30 -31.35 -15.46
C ASN E 130 20.83 -32.76 -15.12
N VAL E 131 19.72 -33.15 -15.73
CA VAL E 131 18.99 -34.37 -15.37
C VAL E 131 19.26 -35.44 -16.42
N PRO E 132 19.19 -36.72 -16.07
CA PRO E 132 19.24 -37.75 -17.12
C PRO E 132 18.03 -37.72 -18.05
N ALA E 133 16.86 -37.34 -17.54
CA ALA E 133 15.65 -37.31 -18.34
C ALA E 133 14.67 -36.33 -17.72
N MET E 134 13.74 -35.86 -18.54
CA MET E 134 12.65 -35.02 -18.05
C MET E 134 11.42 -35.22 -18.93
N TYR E 135 10.26 -35.03 -18.32
CA TYR E 135 9.00 -35.08 -19.05
C TYR E 135 8.10 -33.95 -18.57
N VAL E 136 7.27 -33.43 -19.46
CA VAL E 136 6.29 -32.39 -19.16
C VAL E 136 4.91 -32.93 -19.48
N ALA E 137 3.99 -32.84 -18.52
CA ALA E 137 2.66 -33.43 -18.66
C ALA E 137 1.57 -32.42 -18.32
N ILE E 138 0.41 -32.62 -18.95
CA ILE E 138 -0.77 -31.82 -18.65
C ILE E 138 -1.29 -32.18 -17.27
N GLN E 139 -1.81 -31.19 -16.54
CA GLN E 139 -2.20 -31.40 -15.15
C GLN E 139 -3.52 -32.16 -15.02
N ALA E 140 -4.48 -31.89 -15.91
CA ALA E 140 -5.81 -32.47 -15.78
C ALA E 140 -5.82 -33.97 -16.10
N VAL E 141 -4.97 -34.41 -17.03
CA VAL E 141 -4.87 -35.84 -17.28
C VAL E 141 -4.24 -36.56 -16.10
N LEU E 142 -3.36 -35.88 -15.35
CA LEU E 142 -2.82 -36.48 -14.14
C LEU E 142 -3.86 -36.51 -13.03
N SER E 143 -4.74 -35.51 -12.98
CA SER E 143 -5.86 -35.57 -12.03
C SER E 143 -6.79 -36.73 -12.33
N LEU E 144 -7.03 -37.01 -13.61
CA LEU E 144 -7.87 -38.16 -13.94
C LEU E 144 -7.13 -39.47 -13.74
N TYR E 145 -5.80 -39.47 -13.87
CA TYR E 145 -5.02 -40.67 -13.54
C TYR E 145 -5.09 -40.97 -12.06
N ALA E 146 -5.09 -39.93 -11.23
CA ALA E 146 -5.22 -40.13 -9.79
C ALA E 146 -6.65 -40.50 -9.39
N SER E 147 -7.65 -40.06 -10.17
CA SER E 147 -9.04 -40.33 -9.80
C SER E 147 -9.45 -41.78 -10.07
N GLY E 148 -8.67 -42.55 -10.80
CA GLY E 148 -8.99 -43.93 -11.06
C GLY E 148 -9.87 -44.19 -12.26
N ARG E 149 -10.17 -43.17 -13.05
CA ARG E 149 -11.01 -43.30 -14.23
C ARG E 149 -10.19 -43.15 -15.50
N THR E 150 -10.82 -43.47 -16.63
CA THR E 150 -10.22 -43.27 -17.94
C THR E 150 -11.04 -42.36 -18.84
N THR E 151 -12.32 -42.17 -18.57
CA THR E 151 -13.14 -41.20 -19.27
C THR E 151 -13.78 -40.25 -18.25
N GLY E 152 -13.96 -39.01 -18.67
CA GLY E 152 -14.49 -37.98 -17.81
C GLY E 152 -13.88 -36.64 -18.15
N ILE E 153 -14.47 -35.59 -17.59
CA ILE E 153 -14.03 -34.22 -17.84
C ILE E 153 -13.52 -33.64 -16.53
N VAL E 154 -12.30 -33.09 -16.57
CA VAL E 154 -11.60 -32.62 -15.38
C VAL E 154 -11.61 -31.10 -15.37
N LEU E 155 -12.05 -30.54 -14.23
CA LEU E 155 -12.01 -29.10 -13.96
C LEU E 155 -10.91 -28.87 -12.94
N ASP E 156 -9.74 -28.44 -13.40
CA ASP E 156 -8.62 -28.13 -12.51
C ASP E 156 -8.57 -26.63 -12.31
N SER E 157 -8.71 -26.19 -11.05
CA SER E 157 -8.70 -24.79 -10.71
C SER E 157 -7.75 -24.58 -9.54
N GLY E 158 -6.69 -23.81 -9.76
CA GLY E 158 -5.70 -23.59 -8.73
C GLY E 158 -5.53 -22.14 -8.35
N ASP E 159 -4.31 -21.61 -8.48
CA ASP E 159 -4.05 -20.22 -8.17
C ASP E 159 -3.93 -19.33 -9.40
N GLY E 160 -3.64 -19.90 -10.57
CA GLY E 160 -3.54 -19.08 -11.76
C GLY E 160 -4.50 -19.39 -12.91
N VAL E 161 -4.84 -20.67 -13.12
CA VAL E 161 -5.55 -21.10 -14.32
C VAL E 161 -6.62 -22.11 -13.94
N THR E 162 -7.84 -21.89 -14.43
CA THR E 162 -8.93 -22.86 -14.33
C THR E 162 -9.17 -23.46 -15.71
N HIS E 163 -8.85 -24.73 -15.88
CA HIS E 163 -8.96 -25.37 -17.19
C HIS E 163 -9.78 -26.65 -17.12
N ASN E 164 -10.54 -26.87 -18.19
CA ASN E 164 -11.39 -28.05 -18.37
C ASN E 164 -10.83 -28.88 -19.51
N VAL E 165 -10.54 -30.16 -19.22
CA VAL E 165 -10.04 -31.10 -20.22
C VAL E 165 -10.92 -32.34 -20.24
N PRO E 166 -11.54 -32.67 -21.38
CA PRO E 166 -12.24 -33.97 -21.49
C PRO E 166 -11.32 -35.08 -21.97
N ILE E 167 -11.33 -36.22 -21.29
CA ILE E 167 -10.51 -37.37 -21.63
C ILE E 167 -11.42 -38.58 -21.84
N TYR E 168 -11.30 -39.24 -22.99
CA TYR E 168 -12.09 -40.42 -23.31
C TYR E 168 -11.16 -41.60 -23.52
N GLU E 169 -11.20 -42.55 -22.57
CA GLU E 169 -10.42 -43.80 -22.59
C GLU E 169 -8.93 -43.53 -22.75
N GLY E 170 -8.44 -42.55 -21.98
CA GLY E 170 -7.04 -42.18 -22.00
C GLY E 170 -6.66 -41.18 -23.08
N TYR E 171 -7.57 -40.84 -23.97
CA TYR E 171 -7.30 -39.89 -25.04
C TYR E 171 -7.79 -38.52 -24.59
N ALA E 172 -6.85 -37.62 -24.31
CA ALA E 172 -7.21 -36.23 -24.06
C ALA E 172 -7.73 -35.61 -25.35
N LEU E 173 -8.88 -34.95 -25.29
CA LEU E 173 -9.52 -34.42 -26.48
C LEU E 173 -9.12 -32.97 -26.64
N PRO E 174 -8.25 -32.63 -27.60
CA PRO E 174 -7.63 -31.30 -27.58
C PRO E 174 -8.52 -30.17 -28.08
N HIS E 175 -9.56 -30.45 -28.84
CA HIS E 175 -10.42 -29.39 -29.36
C HIS E 175 -11.53 -29.00 -28.41
N ALA E 176 -11.63 -29.66 -27.25
CA ALA E 176 -12.61 -29.29 -26.23
C ALA E 176 -11.93 -28.86 -24.94
N ILE E 177 -10.62 -28.61 -24.98
CA ILE E 177 -9.87 -28.14 -23.81
C ILE E 177 -10.06 -26.62 -23.72
N MET E 178 -10.59 -26.16 -22.59
CA MET E 178 -10.85 -24.75 -22.41
C MET E 178 -10.08 -24.22 -21.20
N ARG E 179 -9.67 -22.97 -21.29
CA ARG E 179 -8.81 -22.35 -20.28
C ARG E 179 -9.35 -20.98 -19.90
N LEU E 180 -9.45 -20.73 -18.60
CA LEU E 180 -9.86 -19.44 -18.05
C LEU E 180 -8.76 -18.93 -17.14
N ASP E 181 -8.41 -17.66 -17.26
CA ASP E 181 -7.43 -17.05 -16.36
C ASP E 181 -8.12 -16.41 -15.16
N LEU E 182 -8.97 -17.19 -14.50
CA LEU E 182 -9.64 -16.80 -13.26
C LEU E 182 -9.44 -17.94 -12.28
N ALA E 183 -8.76 -17.66 -11.18
CA ALA E 183 -8.45 -18.68 -10.19
C ALA E 183 -8.37 -18.00 -8.83
N GLY E 184 -7.70 -18.66 -7.88
CA GLY E 184 -7.76 -18.22 -6.49
C GLY E 184 -7.08 -16.90 -6.21
N ARG E 185 -6.10 -16.51 -7.05
CA ARG E 185 -5.44 -15.23 -6.84
C ARG E 185 -6.35 -14.06 -7.19
N ASP E 186 -7.12 -14.19 -8.27
CA ASP E 186 -8.11 -13.18 -8.61
C ASP E 186 -9.21 -13.11 -7.55
N LEU E 187 -9.58 -14.27 -6.99
CA LEU E 187 -10.54 -14.31 -5.89
C LEU E 187 -9.98 -13.61 -4.65
N THR E 188 -8.69 -13.81 -4.36
CA THR E 188 -8.04 -13.12 -3.25
C THR E 188 -8.03 -11.61 -3.45
N ASP E 189 -7.76 -11.18 -4.68
CA ASP E 189 -7.76 -9.75 -4.98
C ASP E 189 -9.16 -9.15 -4.89
N TYR E 190 -10.18 -9.91 -5.31
CA TYR E 190 -11.55 -9.41 -5.22
C TYR E 190 -12.03 -9.35 -3.77
N LEU E 191 -11.64 -10.32 -2.95
CA LEU E 191 -11.97 -10.26 -1.53
C LEU E 191 -11.22 -9.12 -0.85
N MET E 192 -9.98 -8.87 -1.27
CA MET E 192 -9.20 -7.73 -0.81
C MET E 192 -9.90 -6.41 -1.16
N LYS E 193 -10.50 -6.34 -2.34
CA LYS E 193 -11.24 -5.14 -2.74
C LYS E 193 -12.51 -4.98 -1.93
N ILE E 194 -13.32 -6.05 -1.80
CA ILE E 194 -14.61 -5.92 -1.14
C ILE E 194 -14.51 -5.91 0.38
N LEU E 195 -13.34 -6.19 0.95
CA LEU E 195 -13.14 -6.01 2.39
C LEU E 195 -13.05 -4.55 2.79
N THR E 196 -12.92 -3.62 1.84
CA THR E 196 -12.89 -2.20 2.15
C THR E 196 -14.28 -1.63 2.38
N GLU E 197 -15.34 -2.39 2.15
CA GLU E 197 -16.69 -1.90 2.43
C GLU E 197 -16.96 -1.82 3.93
N ARG E 198 -16.36 -2.70 4.71
CA ARG E 198 -16.49 -2.66 6.17
C ARG E 198 -15.38 -1.86 6.84
N GLY E 199 -14.44 -1.31 6.06
CA GLY E 199 -13.37 -0.51 6.60
C GLY E 199 -12.03 -1.21 6.74
N TYR E 200 -11.93 -2.46 6.35
CA TYR E 200 -10.70 -3.23 6.48
C TYR E 200 -9.86 -3.02 5.22
N SER E 201 -8.74 -2.33 5.37
CA SER E 201 -7.89 -1.98 4.24
C SER E 201 -6.64 -2.85 4.25
N PHE E 202 -6.45 -3.62 3.19
CA PHE E 202 -5.28 -4.47 3.00
C PHE E 202 -4.59 -4.06 1.71
N VAL E 203 -3.31 -3.71 1.80
CA VAL E 203 -2.62 -3.09 0.67
C VAL E 203 -1.39 -3.90 0.26
N THR E 204 -0.50 -4.19 1.22
CA THR E 204 0.80 -4.74 0.91
C THR E 204 0.70 -6.21 0.51
N THR E 205 1.81 -6.73 -0.03
CA THR E 205 1.86 -8.12 -0.47
C THR E 205 1.86 -9.11 0.70
N ALA E 206 2.25 -8.67 1.90
CA ALA E 206 2.14 -9.54 3.07
C ALA E 206 0.69 -9.66 3.52
N GLU E 207 -0.10 -8.59 3.36
CA GLU E 207 -1.50 -8.63 3.74
C GLU E 207 -2.35 -9.42 2.76
N ARG E 208 -1.86 -9.61 1.53
CA ARG E 208 -2.54 -10.48 0.57
C ARG E 208 -2.54 -11.92 1.06
N GLU E 209 -1.47 -12.33 1.74
CA GLU E 209 -1.42 -13.65 2.36
C GLU E 209 -2.44 -13.77 3.49
N ILE E 210 -2.65 -12.69 4.25
CA ILE E 210 -3.65 -12.68 5.32
C ILE E 210 -5.06 -12.80 4.73
N VAL E 211 -5.33 -12.06 3.66
CA VAL E 211 -6.64 -12.13 3.00
C VAL E 211 -6.86 -13.52 2.38
N ARG E 212 -5.78 -14.13 1.87
CA ARG E 212 -5.87 -15.50 1.36
C ARG E 212 -6.19 -16.49 2.48
N ASP E 213 -5.59 -16.29 3.66
CA ASP E 213 -5.90 -17.14 4.81
C ASP E 213 -7.35 -16.98 5.25
N ILE E 214 -7.86 -15.73 5.22
CA ILE E 214 -9.27 -15.46 5.52
C ILE E 214 -10.18 -16.18 4.53
N LYS E 215 -9.81 -16.14 3.24
CA LYS E 215 -10.58 -16.80 2.20
C LYS E 215 -10.57 -18.32 2.37
N GLU E 216 -9.43 -18.89 2.76
CA GLU E 216 -9.35 -20.33 2.96
C GLU E 216 -10.14 -20.76 4.19
N LYS E 217 -10.19 -19.93 5.22
CA LYS E 217 -10.88 -20.32 6.45
C LYS E 217 -12.38 -20.05 6.44
N LEU E 218 -12.85 -18.99 5.79
CA LEU E 218 -14.21 -18.50 6.03
C LEU E 218 -15.13 -18.49 4.82
N CYS E 219 -14.62 -18.64 3.59
CA CYS E 219 -15.46 -18.52 2.42
C CYS E 219 -16.14 -19.85 2.06
N TYR E 220 -17.28 -19.74 1.38
CA TYR E 220 -18.06 -20.90 0.96
C TYR E 220 -18.93 -20.50 -0.22
N VAL E 221 -19.41 -21.50 -0.95
CA VAL E 221 -20.23 -21.28 -2.15
C VAL E 221 -21.69 -21.51 -1.78
N ALA E 222 -22.53 -20.51 -2.04
CA ALA E 222 -23.94 -20.62 -1.76
C ALA E 222 -24.65 -21.47 -2.81
N LEU E 223 -25.69 -22.18 -2.37
CA LEU E 223 -26.50 -22.95 -3.30
C LEU E 223 -27.34 -22.03 -4.18
N ASP E 224 -28.00 -21.05 -3.57
CA ASP E 224 -28.72 -20.00 -4.28
C ASP E 224 -28.17 -18.67 -3.80
N PHE E 225 -27.72 -17.83 -4.73
CA PHE E 225 -27.01 -16.62 -4.36
C PHE E 225 -27.96 -15.55 -3.85
N GLU E 226 -29.13 -15.40 -4.49
CA GLU E 226 -30.05 -14.32 -4.12
C GLU E 226 -30.72 -14.58 -2.78
N ASN E 227 -31.09 -15.84 -2.51
CA ASN E 227 -31.64 -16.20 -1.21
C ASN E 227 -30.60 -16.04 -0.11
N GLU E 228 -29.33 -16.35 -0.42
CA GLU E 228 -28.26 -16.16 0.55
C GLU E 228 -28.02 -14.69 0.86
N MET E 229 -28.10 -13.83 -0.17
CA MET E 229 -27.99 -12.40 0.05
C MET E 229 -29.16 -11.86 0.86
N ALA E 230 -30.37 -12.38 0.59
CA ALA E 230 -31.55 -11.97 1.34
C ALA E 230 -31.48 -12.37 2.81
N THR E 231 -31.02 -13.60 3.09
CA THR E 231 -30.91 -14.02 4.48
C THR E 231 -29.70 -13.42 5.18
N ALA E 232 -28.69 -12.97 4.42
CA ALA E 232 -27.60 -12.23 5.04
C ALA E 232 -28.04 -10.83 5.43
N ALA E 233 -28.82 -10.18 4.57
CA ALA E 233 -29.35 -8.86 4.91
C ALA E 233 -30.41 -8.93 6.00
N SER E 234 -31.15 -10.03 6.07
CA SER E 234 -32.25 -10.13 7.04
C SER E 234 -31.74 -10.35 8.46
N SER E 235 -30.75 -11.21 8.64
CA SER E 235 -30.32 -11.59 9.98
C SER E 235 -28.80 -11.63 10.04
N SER E 236 -28.27 -11.45 11.25
CA SER E 236 -26.84 -11.54 11.50
C SER E 236 -26.46 -12.92 12.01
N SER E 237 -26.78 -13.93 11.20
CA SER E 237 -26.50 -15.32 11.54
C SER E 237 -25.46 -15.96 10.64
N LEU E 238 -25.06 -15.31 9.55
CA LEU E 238 -24.02 -15.81 8.67
C LEU E 238 -22.68 -15.14 8.89
N GLU E 239 -22.57 -14.25 9.86
CA GLU E 239 -21.33 -13.54 10.12
C GLU E 239 -20.33 -14.45 10.84
N LYS E 240 -19.06 -14.25 10.53
CA LYS E 240 -17.98 -14.98 11.19
C LYS E 240 -16.86 -14.00 11.54
N SER E 241 -16.09 -14.36 12.55
CA SER E 241 -15.03 -13.52 13.07
C SER E 241 -13.67 -14.18 12.85
N TYR E 242 -12.68 -13.35 12.61
CA TYR E 242 -11.31 -13.78 12.34
C TYR E 242 -10.35 -12.88 13.10
N GLU E 243 -9.25 -13.45 13.58
CA GLU E 243 -8.27 -12.73 14.36
C GLU E 243 -7.02 -12.46 13.52
N LEU E 244 -6.63 -11.20 13.43
CA LEU E 244 -5.44 -10.78 12.72
C LEU E 244 -4.18 -11.12 13.52
N PRO E 245 -3.00 -11.12 12.88
CA PRO E 245 -1.76 -11.36 13.62
C PRO E 245 -1.46 -10.37 14.74
N ASP E 246 -1.97 -9.14 14.68
CA ASP E 246 -1.75 -8.18 15.74
C ASP E 246 -2.83 -8.21 16.82
N GLY E 247 -3.77 -9.15 16.73
CA GLY E 247 -4.80 -9.32 17.74
C GLY E 247 -6.14 -8.69 17.41
N GLN E 248 -6.22 -7.89 16.36
CA GLN E 248 -7.49 -7.28 15.99
C GLN E 248 -8.43 -8.32 15.38
N VAL E 249 -9.72 -8.12 15.62
CA VAL E 249 -10.76 -9.05 15.19
C VAL E 249 -11.61 -8.37 14.13
N ILE E 250 -11.78 -9.05 13.00
CA ILE E 250 -12.67 -8.59 11.94
C ILE E 250 -13.84 -9.56 11.83
N THR E 251 -14.90 -9.09 11.19
CA THR E 251 -16.12 -9.86 11.02
C THR E 251 -16.62 -9.69 9.59
N ILE E 252 -16.95 -10.80 8.93
CA ILE E 252 -17.50 -10.77 7.59
C ILE E 252 -18.82 -11.52 7.56
N GLY E 253 -19.85 -10.89 6.99
CA GLY E 253 -21.15 -11.51 6.89
C GLY E 253 -21.53 -12.09 5.54
N ASN E 254 -21.36 -11.30 4.47
CA ASN E 254 -21.78 -11.73 3.15
C ASN E 254 -20.65 -11.71 2.13
N GLU E 255 -19.45 -11.31 2.53
CA GLU E 255 -18.27 -11.48 1.70
C GLU E 255 -17.82 -12.94 1.61
N ARG E 256 -18.38 -13.81 2.45
CA ARG E 256 -18.02 -15.22 2.45
C ARG E 256 -18.45 -15.92 1.17
N PHE E 257 -19.61 -15.56 0.63
CA PHE E 257 -20.09 -16.19 -0.60
C PHE E 257 -20.06 -15.28 -1.82
N ARG E 258 -19.75 -13.99 -1.65
CA ARG E 258 -19.53 -13.13 -2.80
C ARG E 258 -18.16 -13.38 -3.43
N CYS E 259 -17.17 -13.77 -2.62
CA CYS E 259 -15.83 -14.03 -3.17
C CYS E 259 -15.77 -15.23 -4.11
N PRO E 260 -16.31 -16.41 -3.81
CA PRO E 260 -16.33 -17.46 -4.83
C PRO E 260 -17.53 -17.43 -5.76
N GLU E 261 -18.36 -16.39 -5.72
CA GLU E 261 -19.38 -16.21 -6.74
C GLU E 261 -18.77 -15.74 -8.06
N THR E 262 -17.56 -15.17 -8.01
CA THR E 262 -16.87 -14.75 -9.22
C THR E 262 -16.50 -15.93 -10.10
N LEU E 263 -16.33 -17.12 -9.51
CA LEU E 263 -16.13 -18.32 -10.31
C LEU E 263 -17.37 -18.67 -11.13
N PHE E 264 -18.55 -18.27 -10.67
CA PHE E 264 -19.79 -18.50 -11.39
C PHE E 264 -20.30 -17.27 -12.11
N GLN E 265 -19.93 -16.07 -11.65
CA GLN E 265 -20.25 -14.82 -12.32
C GLN E 265 -18.96 -14.02 -12.48
N PRO E 266 -18.22 -14.22 -13.57
CA PRO E 266 -16.95 -13.51 -13.77
C PRO E 266 -17.09 -12.02 -14.04
N SER E 267 -18.32 -11.50 -14.18
CA SER E 267 -18.55 -10.07 -14.37
C SER E 267 -18.31 -9.26 -13.10
N PHE E 268 -18.10 -9.91 -11.95
CA PHE E 268 -17.83 -9.20 -10.72
C PHE E 268 -16.46 -8.52 -10.77
N ILE E 269 -15.50 -9.11 -11.46
CA ILE E 269 -14.19 -8.51 -11.65
C ILE E 269 -14.04 -7.91 -13.05
N GLY E 270 -15.15 -7.69 -13.75
CA GLY E 270 -15.11 -7.03 -15.05
C GLY E 270 -14.85 -7.93 -16.23
N MET E 271 -14.74 -9.23 -16.03
CA MET E 271 -14.45 -10.15 -17.12
C MET E 271 -15.73 -10.55 -17.84
N GLU E 272 -15.61 -10.71 -19.16
CA GLU E 272 -16.74 -11.03 -20.03
C GLU E 272 -16.98 -12.52 -20.17
N SER E 273 -16.06 -13.36 -19.68
CA SER E 273 -16.14 -14.80 -19.89
C SER E 273 -17.29 -15.40 -19.10
N ALA E 274 -17.65 -16.61 -19.47
CA ALA E 274 -18.71 -17.36 -18.80
C ALA E 274 -18.17 -18.04 -17.55
N GLY E 275 -19.08 -18.59 -16.76
CA GLY E 275 -18.70 -19.26 -15.53
C GLY E 275 -18.06 -20.60 -15.79
N ILE E 276 -17.63 -21.24 -14.68
CA ILE E 276 -16.97 -22.54 -14.79
C ILE E 276 -17.97 -23.62 -15.18
N HIS E 277 -19.23 -23.49 -14.75
CA HIS E 277 -20.27 -24.43 -15.15
C HIS E 277 -20.56 -24.34 -16.65
N GLU E 278 -20.61 -23.11 -17.17
CA GLU E 278 -20.85 -22.93 -18.59
C GLU E 278 -19.65 -23.36 -19.42
N THR E 279 -18.44 -23.16 -18.89
CA THR E 279 -17.24 -23.66 -19.56
C THR E 279 -17.22 -25.17 -19.61
N THR E 280 -17.65 -25.83 -18.53
CA THR E 280 -17.77 -27.29 -18.51
C THR E 280 -18.79 -27.78 -19.52
N TYR E 281 -19.96 -27.12 -19.59
CA TYR E 281 -21.00 -27.50 -20.53
C TYR E 281 -20.56 -27.27 -21.98
N ASN E 282 -19.81 -26.19 -22.23
CA ASN E 282 -19.27 -25.96 -23.57
C ASN E 282 -18.17 -26.95 -23.93
N SER E 283 -17.40 -27.41 -22.94
CA SER E 283 -16.38 -28.42 -23.21
C SER E 283 -17.02 -29.77 -23.52
N ILE E 284 -18.12 -30.11 -22.84
CA ILE E 284 -18.83 -31.35 -23.13
C ILE E 284 -19.51 -31.27 -24.49
N MET E 285 -20.09 -30.11 -24.82
CA MET E 285 -20.79 -29.95 -26.09
C MET E 285 -19.85 -29.86 -27.29
N LYS E 286 -18.54 -29.73 -27.08
CA LYS E 286 -17.59 -29.78 -28.18
C LYS E 286 -17.00 -31.16 -28.38
N CYS E 287 -17.53 -32.18 -27.72
CA CYS E 287 -17.11 -33.55 -27.88
C CYS E 287 -18.09 -34.29 -28.79
N ASP E 288 -17.78 -35.56 -29.05
CA ASP E 288 -18.65 -36.42 -29.85
C ASP E 288 -19.95 -36.70 -29.10
N ILE E 289 -21.03 -36.87 -29.87
CA ILE E 289 -22.36 -36.93 -29.27
C ILE E 289 -22.61 -38.25 -28.56
N ASP E 290 -21.85 -39.31 -28.86
CA ASP E 290 -22.10 -40.59 -28.23
C ASP E 290 -21.33 -40.79 -26.94
N ILE E 291 -20.41 -39.90 -26.60
CA ILE E 291 -19.60 -40.01 -25.40
C ILE E 291 -20.01 -39.01 -24.33
N ARG E 292 -21.04 -38.21 -24.57
CA ARG E 292 -21.43 -37.17 -23.63
C ARG E 292 -22.10 -37.72 -22.37
N LYS E 293 -22.66 -38.94 -22.43
CA LYS E 293 -23.24 -39.57 -21.25
C LYS E 293 -22.15 -39.88 -20.22
N ASP E 294 -21.07 -40.53 -20.67
CA ASP E 294 -19.96 -40.87 -19.78
C ASP E 294 -19.22 -39.64 -19.29
N LEU E 295 -19.20 -38.58 -20.09
CA LEU E 295 -18.60 -37.33 -19.64
C LEU E 295 -19.48 -36.62 -18.62
N TYR E 296 -20.80 -36.71 -18.77
CA TYR E 296 -21.72 -36.11 -17.82
C TYR E 296 -21.76 -36.88 -16.51
N ALA E 297 -21.49 -38.19 -16.56
CA ALA E 297 -21.51 -38.98 -15.35
C ALA E 297 -20.18 -38.98 -14.59
N ASN E 298 -19.11 -38.45 -15.17
CA ASN E 298 -17.77 -38.54 -14.60
C ASN E 298 -17.11 -37.17 -14.51
N ASN E 299 -17.83 -36.19 -13.95
CA ASN E 299 -17.27 -34.86 -13.75
C ASN E 299 -16.35 -34.89 -12.53
N VAL E 300 -15.09 -34.51 -12.72
CA VAL E 300 -14.06 -34.59 -11.69
C VAL E 300 -13.54 -33.20 -11.40
N MET E 301 -13.53 -32.81 -10.12
CA MET E 301 -13.02 -31.52 -9.70
C MET E 301 -11.67 -31.68 -9.01
N SER E 302 -10.71 -30.87 -9.42
CA SER E 302 -9.35 -30.93 -8.86
C SER E 302 -8.84 -29.52 -8.62
N GLY E 303 -7.88 -29.41 -7.71
CA GLY E 303 -7.23 -28.16 -7.41
C GLY E 303 -7.74 -27.56 -6.11
N GLY E 304 -7.02 -26.51 -5.68
CA GLY E 304 -7.33 -25.85 -4.41
C GLY E 304 -8.51 -24.93 -4.45
N THR E 305 -8.84 -24.36 -5.61
CA THR E 305 -10.01 -23.50 -5.71
C THR E 305 -11.31 -24.29 -5.76
N THR E 306 -11.25 -25.61 -5.88
CA THR E 306 -12.43 -26.46 -5.78
C THR E 306 -12.65 -26.99 -4.36
N MET E 307 -12.11 -26.32 -3.35
CA MET E 307 -12.17 -26.79 -1.98
C MET E 307 -13.15 -26.00 -1.13
N TYR E 308 -13.96 -25.13 -1.74
CA TYR E 308 -14.99 -24.43 -0.98
C TYR E 308 -16.10 -25.41 -0.60
N PRO E 309 -16.65 -25.30 0.60
CA PRO E 309 -17.62 -26.31 1.04
C PRO E 309 -19.05 -26.04 0.61
N GLY E 310 -19.25 -25.60 -0.62
CA GLY E 310 -20.59 -25.56 -1.20
C GLY E 310 -20.57 -25.76 -2.70
N ILE E 311 -19.41 -26.09 -3.25
CA ILE E 311 -19.19 -25.91 -4.68
C ILE E 311 -19.71 -27.10 -5.49
N ALA E 312 -19.78 -28.29 -4.89
CA ALA E 312 -20.21 -29.47 -5.63
C ALA E 312 -21.71 -29.46 -5.87
N ASP E 313 -22.50 -29.08 -4.87
CA ASP E 313 -23.95 -29.01 -5.04
C ASP E 313 -24.36 -27.88 -5.97
N ARG E 314 -23.67 -26.73 -5.89
CA ARG E 314 -23.93 -25.63 -6.80
C ARG E 314 -23.58 -25.99 -8.24
N MET E 315 -22.45 -26.65 -8.44
CA MET E 315 -22.07 -27.10 -9.78
C MET E 315 -23.02 -28.16 -10.31
N GLN E 316 -23.51 -29.03 -9.43
CA GLN E 316 -24.51 -30.03 -9.81
C GLN E 316 -25.79 -29.37 -10.27
N LYS E 317 -26.26 -28.36 -9.53
CA LYS E 317 -27.47 -27.64 -9.89
C LYS E 317 -27.32 -26.90 -11.21
N GLU E 318 -26.18 -26.25 -11.41
CA GLU E 318 -25.97 -25.47 -12.64
C GLU E 318 -25.83 -26.37 -13.87
N ILE E 319 -25.09 -27.48 -13.74
CA ILE E 319 -24.94 -28.39 -14.87
C ILE E 319 -26.26 -29.10 -15.18
N THR E 320 -27.02 -29.48 -14.14
CA THR E 320 -28.33 -30.09 -14.34
C THR E 320 -29.31 -29.11 -14.98
N ALA E 321 -29.16 -27.81 -14.70
CA ALA E 321 -29.94 -26.81 -15.42
C ALA E 321 -29.51 -26.74 -16.88
N LEU E 322 -28.21 -26.79 -17.16
CA LEU E 322 -27.75 -26.67 -18.55
C LEU E 322 -27.96 -27.95 -19.36
N ALA E 323 -27.79 -29.11 -18.73
CA ALA E 323 -27.92 -30.39 -19.43
C ALA E 323 -29.38 -30.69 -19.73
N PRO E 324 -29.66 -31.57 -20.71
CA PRO E 324 -31.03 -32.04 -20.92
C PRO E 324 -31.55 -32.84 -19.74
N SER E 325 -32.88 -32.88 -19.64
CA SER E 325 -33.54 -33.36 -18.42
C SER E 325 -33.44 -34.86 -18.23
N THR E 326 -33.10 -35.62 -19.27
CA THR E 326 -33.00 -37.07 -19.17
C THR E 326 -31.57 -37.55 -18.89
N MET E 327 -30.63 -36.64 -18.73
CA MET E 327 -29.24 -37.01 -18.52
C MET E 327 -28.92 -37.13 -17.03
N LYS E 328 -27.99 -38.02 -16.71
CA LYS E 328 -27.52 -38.23 -15.34
C LYS E 328 -26.23 -37.45 -15.14
N ILE E 329 -26.21 -36.60 -14.12
CA ILE E 329 -25.06 -35.75 -13.84
C ILE E 329 -24.50 -36.16 -12.48
N LYS E 330 -23.24 -36.57 -12.47
CA LYS E 330 -22.54 -36.92 -11.24
C LYS E 330 -21.23 -36.14 -11.21
N ILE E 331 -21.00 -35.42 -10.12
CA ILE E 331 -19.81 -34.60 -9.96
C ILE E 331 -19.00 -35.17 -8.81
N ILE E 332 -17.76 -35.54 -9.09
CA ILE E 332 -16.90 -36.25 -8.16
C ILE E 332 -15.88 -35.27 -7.60
N ALA E 333 -15.91 -35.06 -6.29
CA ALA E 333 -14.92 -34.25 -5.59
C ALA E 333 -14.25 -35.10 -4.53
N PRO E 334 -13.05 -35.62 -4.79
CA PRO E 334 -12.37 -36.42 -3.78
C PRO E 334 -11.93 -35.55 -2.60
N PRO E 335 -11.85 -36.12 -1.40
CA PRO E 335 -11.38 -35.34 -0.24
C PRO E 335 -9.93 -34.91 -0.30
N GLU E 336 -9.12 -35.53 -1.14
CA GLU E 336 -7.70 -35.23 -1.26
C GLU E 336 -7.36 -34.48 -2.54
N ARG E 337 -8.34 -33.75 -3.10
CA ARG E 337 -8.20 -33.16 -4.42
C ARG E 337 -7.31 -31.93 -4.45
N LYS E 338 -6.80 -31.47 -3.30
CA LYS E 338 -5.82 -30.40 -3.31
C LYS E 338 -4.50 -30.87 -3.89
N TYR E 339 -4.14 -32.14 -3.66
CA TYR E 339 -2.99 -32.77 -4.29
C TYR E 339 -3.50 -33.94 -5.12
N SER E 340 -3.92 -33.68 -6.36
CA SER E 340 -4.33 -34.73 -7.27
C SER E 340 -3.50 -34.81 -8.52
N VAL E 341 -2.90 -33.70 -8.95
CA VAL E 341 -1.97 -33.74 -10.08
C VAL E 341 -0.72 -34.49 -9.69
N TRP E 342 -0.27 -34.34 -8.45
CA TRP E 342 0.95 -34.99 -8.00
C TRP E 342 0.77 -36.50 -7.87
N ILE E 343 -0.40 -36.94 -7.39
CA ILE E 343 -0.64 -38.37 -7.20
C ILE E 343 -0.71 -39.09 -8.55
N GLY E 344 -1.41 -38.49 -9.51
CA GLY E 344 -1.42 -39.04 -10.85
C GLY E 344 -0.09 -38.95 -11.55
N GLY E 345 0.71 -37.93 -11.22
CA GLY E 345 2.06 -37.86 -11.73
C GLY E 345 2.94 -38.97 -11.20
N SER E 346 2.80 -39.31 -9.92
CA SER E 346 3.53 -40.44 -9.35
C SER E 346 3.07 -41.76 -9.93
N ILE E 347 1.77 -41.89 -10.22
CA ILE E 347 1.24 -43.07 -10.88
C ILE E 347 1.81 -43.21 -12.28
N LEU E 348 1.87 -42.09 -13.02
CA LEU E 348 2.40 -42.11 -14.38
C LEU E 348 3.90 -42.40 -14.39
N ALA E 349 4.64 -41.83 -13.43
CA ALA E 349 6.08 -42.03 -13.38
C ALA E 349 6.48 -43.39 -12.84
N SER E 350 5.57 -44.10 -12.17
CA SER E 350 5.87 -45.43 -11.66
C SER E 350 5.50 -46.56 -12.62
N LEU E 351 5.09 -46.23 -13.84
CA LEU E 351 4.63 -47.22 -14.80
C LEU E 351 5.78 -47.72 -15.67
N SER E 352 5.64 -48.97 -16.14
CA SER E 352 6.69 -49.58 -16.93
C SER E 352 6.71 -49.08 -18.37
N THR E 353 5.55 -48.72 -18.91
CA THR E 353 5.46 -48.25 -20.30
C THR E 353 5.68 -46.75 -20.44
N PHE E 354 5.87 -46.04 -19.33
CA PHE E 354 6.28 -44.64 -19.37
C PHE E 354 7.79 -44.46 -19.46
N GLN E 355 8.56 -45.53 -19.20
CA GLN E 355 10.01 -45.42 -19.18
C GLN E 355 10.61 -45.22 -20.57
N GLN E 356 9.86 -45.49 -21.63
CA GLN E 356 10.28 -45.15 -22.98
C GLN E 356 9.84 -43.76 -23.40
N MET E 357 9.00 -43.10 -22.61
CA MET E 357 8.44 -41.80 -22.97
C MET E 357 9.27 -40.63 -22.45
N TRP E 358 10.34 -40.87 -21.71
CA TRP E 358 11.19 -39.80 -21.22
C TRP E 358 11.96 -39.16 -22.36
N ILE E 359 12.37 -37.91 -22.14
CA ILE E 359 13.26 -37.21 -23.05
C ILE E 359 14.66 -37.31 -22.47
N THR E 360 15.52 -38.10 -23.10
CA THR E 360 16.84 -38.33 -22.56
C THR E 360 17.78 -37.18 -22.89
N LYS E 361 18.98 -37.24 -22.30
CA LYS E 361 19.97 -36.18 -22.48
C LYS E 361 20.57 -36.19 -23.89
N GLN E 362 20.81 -37.38 -24.44
CA GLN E 362 21.38 -37.49 -25.78
C GLN E 362 20.40 -36.98 -26.83
N GLU E 363 19.11 -37.19 -26.61
CA GLU E 363 18.09 -36.65 -27.51
C GLU E 363 18.03 -35.12 -27.45
N TYR E 364 18.25 -34.55 -26.25
CA TYR E 364 18.31 -33.10 -26.14
C TYR E 364 19.56 -32.54 -26.81
N ASP E 365 20.68 -33.27 -26.71
CA ASP E 365 21.91 -32.85 -27.38
C ASP E 365 21.76 -32.90 -28.89
N GLU E 366 21.07 -33.92 -29.41
CA GLU E 366 20.89 -34.02 -30.86
C GLU E 366 19.87 -33.00 -31.38
N ALA E 367 18.75 -32.82 -30.68
CA ALA E 367 17.63 -32.08 -31.22
C ALA E 367 17.47 -30.67 -30.64
N GLY E 368 18.21 -30.32 -29.60
CA GLY E 368 18.08 -29.01 -29.00
C GLY E 368 16.83 -28.91 -28.15
N PRO E 369 16.49 -27.69 -27.70
CA PRO E 369 15.30 -27.52 -26.86
C PRO E 369 14.02 -27.34 -27.67
N SER E 370 13.80 -28.20 -28.66
CA SER E 370 12.53 -28.22 -29.39
C SER E 370 11.97 -29.63 -29.51
N ILE E 371 12.62 -30.62 -28.91
CA ILE E 371 12.12 -32.00 -28.92
C ILE E 371 10.96 -32.15 -27.94
N VAL E 372 10.76 -31.19 -27.04
CA VAL E 372 9.65 -31.25 -26.09
C VAL E 372 8.32 -31.01 -26.79
N HIS E 373 8.32 -30.42 -27.98
CA HIS E 373 7.11 -30.36 -28.80
C HIS E 373 6.93 -31.62 -29.63
N ARG E 374 7.94 -32.48 -29.68
CA ARG E 374 7.88 -33.74 -30.41
C ARG E 374 7.56 -34.93 -29.52
N LYS E 375 8.12 -35.00 -28.31
CA LYS E 375 7.91 -36.14 -27.44
C LYS E 375 6.81 -35.94 -26.41
N CYS E 376 6.49 -34.70 -26.07
CA CYS E 376 5.47 -34.40 -25.07
C CYS E 376 4.25 -33.79 -25.70
N PHE E 377 3.08 -34.12 -25.17
CA PHE E 377 1.82 -33.57 -25.65
C PHE E 377 1.67 -32.11 -25.24
N THR F 8 -38.01 1.53 -57.80
CA THR F 8 -36.63 1.10 -57.67
C THR F 8 -36.52 -0.06 -56.69
N ALA F 9 -36.03 -1.20 -57.16
CA ALA F 9 -35.91 -2.37 -56.32
C ALA F 9 -34.73 -2.23 -55.35
N LEU F 10 -34.76 -3.03 -54.30
CA LEU F 10 -33.75 -3.02 -53.25
C LEU F 10 -33.10 -4.39 -53.17
N VAL F 11 -31.77 -4.44 -53.22
CA VAL F 11 -31.03 -5.69 -53.12
C VAL F 11 -30.27 -5.68 -51.80
N CYS F 12 -30.58 -6.66 -50.95
CA CYS F 12 -29.99 -6.77 -49.62
C CYS F 12 -29.41 -8.16 -49.46
N ASP F 13 -28.12 -8.21 -49.13
CA ASP F 13 -27.39 -9.46 -48.90
C ASP F 13 -27.08 -9.48 -47.41
N ASN F 14 -27.84 -10.28 -46.66
CA ASN F 14 -27.66 -10.41 -45.23
C ASN F 14 -26.77 -11.61 -44.96
N GLY F 15 -25.48 -11.37 -45.00
CA GLY F 15 -24.52 -12.40 -44.69
C GLY F 15 -24.36 -12.61 -43.20
N SER F 16 -23.60 -13.65 -42.86
CA SER F 16 -23.36 -13.96 -41.47
C SER F 16 -22.36 -13.01 -40.82
N GLY F 17 -21.60 -12.25 -41.62
CA GLY F 17 -20.62 -11.34 -41.07
C GLY F 17 -20.73 -9.91 -41.56
N LEU F 18 -21.42 -9.71 -42.69
CA LEU F 18 -21.56 -8.39 -43.27
C LEU F 18 -22.93 -8.27 -43.91
N VAL F 19 -23.41 -7.03 -44.02
CA VAL F 19 -24.65 -6.69 -44.71
C VAL F 19 -24.28 -5.80 -45.87
N LYS F 20 -24.69 -6.20 -47.07
CA LYS F 20 -24.40 -5.49 -48.31
C LYS F 20 -25.72 -5.14 -48.97
N ALA F 21 -26.11 -3.87 -48.89
CA ALA F 21 -27.42 -3.45 -49.39
C ALA F 21 -27.30 -2.22 -50.28
N GLY F 22 -28.21 -2.15 -51.24
CA GLY F 22 -28.22 -1.01 -52.15
C GLY F 22 -29.39 -1.10 -53.11
N PHE F 23 -29.36 -0.20 -54.10
CA PHE F 23 -30.40 -0.12 -55.11
C PHE F 23 -30.05 -0.98 -56.31
N ALA F 24 -31.07 -1.60 -56.91
CA ALA F 24 -30.86 -2.43 -58.09
C ALA F 24 -30.59 -1.54 -59.29
N GLY F 25 -29.51 -1.83 -60.00
CA GLY F 25 -29.06 -1.05 -61.14
C GLY F 25 -27.68 -0.44 -60.93
N ASP F 26 -27.32 -0.15 -59.69
CA ASP F 26 -25.99 0.34 -59.40
C ASP F 26 -24.98 -0.80 -59.50
N ASP F 27 -23.73 -0.45 -59.76
CA ASP F 27 -22.67 -1.44 -59.92
C ASP F 27 -22.01 -1.85 -58.62
N ALA F 28 -22.19 -1.08 -57.54
CA ALA F 28 -21.56 -1.36 -56.27
C ALA F 28 -22.59 -1.20 -55.16
N PRO F 29 -22.46 -1.95 -54.06
CA PRO F 29 -23.34 -1.73 -52.91
C PRO F 29 -23.10 -0.38 -52.27
N ARG F 30 -24.17 0.21 -51.73
CA ARG F 30 -24.09 1.51 -51.08
C ARG F 30 -23.93 1.43 -49.57
N ALA F 31 -24.33 0.32 -48.95
CA ALA F 31 -24.20 0.15 -47.50
C ALA F 31 -23.60 -1.22 -47.22
N VAL F 32 -22.34 -1.23 -46.79
CA VAL F 32 -21.64 -2.44 -46.37
C VAL F 32 -21.25 -2.24 -44.92
N PHE F 33 -21.93 -2.94 -44.01
CA PHE F 33 -21.68 -2.74 -42.59
C PHE F 33 -21.72 -4.06 -41.85
N PRO F 34 -20.98 -4.21 -40.75
CA PRO F 34 -20.99 -5.47 -40.00
C PRO F 34 -22.33 -5.76 -39.35
N SER F 35 -22.71 -7.04 -39.35
CA SER F 35 -23.98 -7.48 -38.80
C SER F 35 -23.77 -7.88 -37.34
N ILE F 36 -23.68 -6.88 -36.48
CA ILE F 36 -23.49 -7.08 -35.05
C ILE F 36 -24.42 -6.15 -34.29
N VAL F 37 -24.84 -6.61 -33.10
CA VAL F 37 -25.57 -5.80 -32.15
C VAL F 37 -24.74 -5.75 -30.88
N GLY F 38 -24.41 -4.56 -30.42
CA GLY F 38 -23.61 -4.36 -29.22
C GLY F 38 -24.48 -3.86 -28.08
N ARG F 39 -24.22 -4.39 -26.89
CA ARG F 39 -24.95 -3.96 -25.71
C ARG F 39 -23.97 -3.56 -24.62
N PRO F 40 -24.34 -2.61 -23.75
CA PRO F 40 -23.41 -2.14 -22.72
C PRO F 40 -23.06 -3.21 -21.69
N ARG F 41 -21.84 -3.12 -21.17
CA ARG F 41 -21.27 -4.11 -20.28
C ARG F 41 -20.91 -3.56 -18.91
N HIS F 42 -20.76 -2.26 -18.76
CA HIS F 42 -20.27 -1.64 -17.55
C HIS F 42 -21.33 -0.72 -16.97
N GLN F 43 -20.95 0.05 -15.96
CA GLN F 43 -21.86 0.93 -15.24
C GLN F 43 -21.78 2.33 -15.81
N GLY F 44 -22.91 2.88 -16.23
CA GLY F 44 -22.97 4.24 -16.74
C GLY F 44 -23.06 5.26 -15.63
N VAL F 45 -22.14 6.22 -15.60
CA VAL F 45 -22.06 7.20 -14.52
C VAL F 45 -22.32 8.62 -14.97
N MET F 46 -22.31 8.91 -16.27
CA MET F 46 -22.52 10.26 -16.77
C MET F 46 -23.91 10.37 -17.37
N VAL F 47 -24.62 11.45 -17.02
CA VAL F 47 -25.99 11.65 -17.48
C VAL F 47 -26.10 12.63 -18.63
N GLY F 48 -25.03 13.36 -18.96
CA GLY F 48 -25.03 14.22 -20.12
C GLY F 48 -24.55 13.48 -21.36
N MET F 49 -25.27 12.43 -21.74
CA MET F 49 -24.85 11.55 -22.83
C MET F 49 -26.09 10.94 -23.43
N GLY F 50 -25.93 10.36 -24.63
CA GLY F 50 -27.05 9.73 -25.31
C GLY F 50 -27.57 8.51 -24.58
N GLN F 51 -26.67 7.62 -24.17
CA GLN F 51 -26.93 6.47 -23.29
C GLN F 51 -28.00 5.53 -23.86
N LYS F 52 -27.67 4.92 -25.00
CA LYS F 52 -28.56 3.95 -25.62
C LYS F 52 -28.39 2.59 -24.97
N ASP F 53 -29.11 1.60 -25.49
CA ASP F 53 -29.02 0.24 -25.00
C ASP F 53 -28.61 -0.77 -26.07
N SER F 54 -28.66 -0.40 -27.34
CA SER F 54 -28.25 -1.29 -28.41
C SER F 54 -27.59 -0.47 -29.51
N TYR F 55 -26.42 -0.93 -29.96
CA TYR F 55 -25.69 -0.29 -31.05
C TYR F 55 -25.58 -1.28 -32.19
N VAL F 56 -25.89 -0.81 -33.40
CA VAL F 56 -25.97 -1.66 -34.58
C VAL F 56 -24.94 -1.20 -35.60
N GLY F 57 -24.13 -2.14 -36.10
CA GLY F 57 -23.24 -1.87 -37.20
C GLY F 57 -21.94 -1.18 -36.81
N ASP F 58 -21.57 -0.17 -37.59
CA ASP F 58 -20.31 0.55 -37.37
C ASP F 58 -20.29 1.27 -36.04
N GLU F 59 -21.46 1.73 -35.57
CA GLU F 59 -21.58 2.32 -34.24
C GLU F 59 -21.20 1.34 -33.14
N ALA F 60 -21.42 0.04 -33.37
CA ALA F 60 -20.89 -0.96 -32.46
C ALA F 60 -19.37 -1.04 -32.55
N GLN F 61 -18.82 -1.00 -33.76
CA GLN F 61 -17.39 -1.15 -33.94
C GLN F 61 -16.62 0.07 -33.44
N SER F 62 -17.26 1.23 -33.42
CA SER F 62 -16.67 2.42 -32.83
C SER F 62 -16.85 2.47 -31.32
N LYS F 63 -17.57 1.51 -30.72
CA LYS F 63 -17.81 1.54 -29.28
C LYS F 63 -17.65 0.15 -28.67
N ARG F 64 -16.85 -0.71 -29.28
CA ARG F 64 -16.80 -2.12 -28.90
C ARG F 64 -16.00 -2.37 -27.62
N GLY F 65 -15.26 -1.38 -27.13
CA GLY F 65 -14.49 -1.58 -25.91
C GLY F 65 -15.31 -1.54 -24.64
N ILE F 66 -16.57 -1.13 -24.72
CA ILE F 66 -17.45 -1.07 -23.56
C ILE F 66 -18.70 -1.87 -23.87
N LEU F 67 -18.63 -2.69 -24.91
CA LEU F 67 -19.79 -3.38 -25.46
C LEU F 67 -19.53 -4.87 -25.55
N THR F 68 -20.61 -5.64 -25.42
CA THR F 68 -20.62 -7.05 -25.78
C THR F 68 -21.29 -7.17 -27.14
N LEU F 69 -20.59 -7.77 -28.10
CA LEU F 69 -21.07 -7.90 -29.46
C LEU F 69 -21.74 -9.24 -29.68
N LYS F 70 -22.85 -9.23 -30.43
CA LYS F 70 -23.58 -10.43 -30.76
C LYS F 70 -23.85 -10.47 -32.25
N TYR F 71 -23.62 -11.63 -32.87
CA TYR F 71 -23.99 -11.86 -34.26
C TYR F 71 -25.35 -12.52 -34.31
N PRO F 72 -26.33 -11.95 -35.02
CA PRO F 72 -27.64 -12.59 -35.10
C PRO F 72 -27.65 -13.86 -35.92
N ILE F 73 -26.68 -14.05 -36.81
CA ILE F 73 -26.60 -15.20 -37.69
C ILE F 73 -25.40 -16.05 -37.28
N GLU F 74 -25.65 -17.32 -37.01
CA GLU F 74 -24.60 -18.24 -36.65
C GLU F 74 -24.67 -19.48 -37.54
N GLY F 76 -24.85 -19.59 -40.75
CA GLY F 76 -25.75 -19.39 -41.86
C GLY F 76 -27.23 -19.24 -41.51
N ILE F 77 -27.64 -19.86 -40.42
CA ILE F 77 -29.04 -19.81 -39.99
C ILE F 77 -29.18 -18.69 -38.98
N ILE F 78 -30.39 -18.15 -38.88
CA ILE F 78 -30.67 -17.02 -38.01
C ILE F 78 -31.04 -17.54 -36.62
N THR F 79 -30.25 -17.18 -35.62
CA THR F 79 -30.49 -17.61 -34.25
C THR F 79 -31.34 -16.60 -33.47
N ASN F 80 -31.06 -15.31 -33.62
CA ASN F 80 -31.81 -14.25 -32.95
C ASN F 80 -32.61 -13.49 -34.01
N TRP F 81 -33.92 -13.39 -33.80
CA TRP F 81 -34.77 -12.68 -34.75
C TRP F 81 -35.04 -11.24 -34.37
N ASP F 82 -34.96 -10.90 -33.08
CA ASP F 82 -35.03 -9.51 -32.67
C ASP F 82 -33.81 -8.73 -33.16
N ASP F 83 -32.63 -9.35 -33.09
CA ASP F 83 -31.44 -8.69 -33.59
C ASP F 83 -31.42 -8.61 -35.11
N MET F 84 -32.01 -9.60 -35.79
CA MET F 84 -32.16 -9.50 -37.24
C MET F 84 -33.16 -8.41 -37.63
N GLU F 85 -34.20 -8.23 -36.82
CA GLU F 85 -35.12 -7.11 -37.01
C GLU F 85 -34.41 -5.77 -36.84
N LYS F 86 -33.52 -5.70 -35.84
CA LYS F 86 -32.74 -4.49 -35.61
C LYS F 86 -31.79 -4.21 -36.78
N ILE F 87 -31.17 -5.27 -37.32
CA ILE F 87 -30.28 -5.15 -38.47
C ILE F 87 -31.05 -4.63 -39.68
N TRP F 88 -32.23 -5.20 -39.94
CA TRP F 88 -33.03 -4.77 -41.09
C TRP F 88 -33.57 -3.36 -40.92
N HIS F 89 -33.94 -2.97 -39.70
CA HIS F 89 -34.39 -1.61 -39.43
C HIS F 89 -33.27 -0.60 -39.66
N HIS F 90 -32.06 -0.91 -39.17
CA HIS F 90 -30.90 -0.04 -39.39
C HIS F 90 -30.51 0.01 -40.85
N THR F 91 -30.72 -1.09 -41.59
CA THR F 91 -30.42 -1.10 -43.02
C THR F 91 -31.40 -0.23 -43.79
N PHE F 92 -32.69 -0.32 -43.46
CA PHE F 92 -33.69 0.41 -44.23
C PHE F 92 -33.73 1.89 -43.88
N TYR F 93 -33.58 2.25 -42.61
CA TYR F 93 -33.85 3.62 -42.18
C TYR F 93 -32.62 4.46 -41.91
N ASN F 94 -31.46 3.85 -41.65
CA ASN F 94 -30.28 4.62 -41.27
C ASN F 94 -29.14 4.55 -42.28
N GLU F 95 -28.97 3.43 -42.99
CA GLU F 95 -27.89 3.30 -43.95
C GLU F 95 -28.32 3.53 -45.39
N LEU F 96 -29.59 3.31 -45.71
CA LEU F 96 -30.11 3.56 -47.05
C LEU F 96 -31.00 4.79 -47.13
N ARG F 97 -31.59 5.22 -46.01
CA ARG F 97 -32.51 6.35 -45.92
C ARG F 97 -33.70 6.20 -46.87
N VAL F 98 -34.28 4.99 -46.88
CA VAL F 98 -35.40 4.67 -47.75
C VAL F 98 -36.61 4.31 -46.90
N ALA F 99 -37.76 4.30 -47.55
CA ALA F 99 -38.99 3.85 -46.93
C ALA F 99 -39.34 2.48 -47.48
N PRO F 100 -39.41 1.44 -46.66
CA PRO F 100 -39.68 0.09 -47.18
C PRO F 100 -41.10 -0.13 -47.67
N GLU F 101 -42.01 0.83 -47.46
CA GLU F 101 -43.37 0.72 -47.98
C GLU F 101 -43.46 0.96 -49.48
N GLU F 102 -42.39 1.43 -50.12
CA GLU F 102 -42.45 1.83 -51.53
C GLU F 102 -41.59 0.97 -52.44
N HIS F 103 -40.69 0.14 -51.90
CA HIS F 103 -39.69 -0.54 -52.70
C HIS F 103 -39.80 -2.04 -52.54
N PRO F 104 -39.88 -2.80 -53.63
CA PRO F 104 -39.71 -4.25 -53.52
C PRO F 104 -38.28 -4.60 -53.16
N THR F 105 -38.11 -5.64 -52.35
CA THR F 105 -36.82 -5.96 -51.75
C THR F 105 -36.41 -7.37 -52.11
N LEU F 106 -35.22 -7.52 -52.68
CA LEU F 106 -34.65 -8.83 -52.98
C LEU F 106 -33.80 -9.30 -51.80
N LEU F 107 -33.95 -10.58 -51.45
CA LEU F 107 -33.25 -11.16 -50.32
C LEU F 107 -32.46 -12.36 -50.77
N THR F 108 -31.43 -12.70 -49.99
CA THR F 108 -30.55 -13.81 -50.29
C THR F 108 -30.66 -14.89 -49.23
N GLU F 109 -30.33 -16.12 -49.62
CA GLU F 109 -30.44 -17.26 -48.73
C GLU F 109 -29.44 -18.33 -49.17
N ALA F 110 -28.73 -18.90 -48.21
CA ALA F 110 -27.81 -19.99 -48.50
C ALA F 110 -28.58 -21.25 -48.87
N PRO F 111 -28.04 -22.06 -49.79
CA PRO F 111 -28.70 -23.31 -50.14
C PRO F 111 -28.59 -24.34 -49.02
N LEU F 112 -29.48 -25.33 -49.08
CA LEU F 112 -29.58 -26.43 -48.12
C LEU F 112 -29.80 -25.91 -46.70
N ASN F 113 -30.90 -25.16 -46.54
CA ASN F 113 -31.23 -24.46 -45.31
C ASN F 113 -32.60 -24.92 -44.86
N PRO F 114 -32.91 -24.86 -43.56
CA PRO F 114 -34.27 -25.18 -43.10
C PRO F 114 -35.31 -24.22 -43.67
N LYS F 115 -36.51 -24.75 -43.89
CA LYS F 115 -37.56 -24.00 -44.56
C LYS F 115 -38.20 -22.96 -43.65
N ALA F 116 -38.16 -23.18 -42.34
CA ALA F 116 -38.74 -22.22 -41.39
C ALA F 116 -37.99 -20.91 -41.37
N ASN F 117 -36.70 -20.92 -41.75
CA ASN F 117 -35.94 -19.69 -41.90
C ASN F 117 -36.53 -18.81 -42.99
N ARG F 118 -36.85 -19.40 -44.14
CA ARG F 118 -37.50 -18.66 -45.22
C ARG F 118 -38.92 -18.26 -44.84
N GLU F 119 -39.62 -19.12 -44.09
CA GLU F 119 -40.97 -18.80 -43.60
C GLU F 119 -40.96 -17.56 -42.71
N LYS F 120 -40.07 -17.52 -41.73
CA LYS F 120 -40.02 -16.39 -40.81
C LYS F 120 -39.45 -15.16 -41.47
N MET F 121 -38.57 -15.34 -42.47
CA MET F 121 -38.06 -14.21 -43.24
C MET F 121 -39.19 -13.52 -44.01
N THR F 122 -40.02 -14.30 -44.70
CA THR F 122 -41.15 -13.74 -45.43
C THR F 122 -42.18 -13.13 -44.47
N GLN F 123 -42.42 -13.77 -43.33
CA GLN F 123 -43.38 -13.25 -42.35
C GLN F 123 -42.92 -11.92 -41.77
N ILE F 124 -41.64 -11.80 -41.44
CA ILE F 124 -41.11 -10.56 -40.89
C ILE F 124 -41.08 -9.46 -41.95
N MET F 125 -40.68 -9.80 -43.18
CA MET F 125 -40.60 -8.80 -44.23
C MET F 125 -41.97 -8.35 -44.72
N PHE F 126 -43.03 -9.15 -44.51
CA PHE F 126 -44.36 -8.73 -44.93
C PHE F 126 -45.22 -8.19 -43.80
N GLU F 127 -44.89 -8.49 -42.53
CA GLU F 127 -45.73 -8.05 -41.43
C GLU F 127 -45.17 -6.87 -40.64
N THR F 128 -43.85 -6.65 -40.65
CA THR F 128 -43.24 -5.58 -39.88
C THR F 128 -42.59 -4.51 -40.73
N PHE F 129 -41.97 -4.89 -41.85
CA PHE F 129 -41.28 -3.95 -42.73
C PHE F 129 -41.94 -3.95 -44.09
N ASN F 130 -43.27 -3.79 -44.11
CA ASN F 130 -44.18 -4.09 -45.22
C ASN F 130 -43.71 -3.57 -46.59
N VAL F 131 -43.43 -4.48 -47.50
CA VAL F 131 -42.89 -4.17 -48.82
C VAL F 131 -43.98 -4.43 -49.84
N PRO F 132 -43.95 -3.79 -51.02
CA PRO F 132 -44.92 -4.17 -52.06
C PRO F 132 -44.73 -5.59 -52.57
N ALA F 133 -43.48 -6.06 -52.64
CA ALA F 133 -43.18 -7.41 -53.07
C ALA F 133 -41.81 -7.80 -52.54
N MET F 134 -41.53 -9.10 -52.56
CA MET F 134 -40.22 -9.58 -52.14
C MET F 134 -39.89 -10.86 -52.89
N TYR F 135 -38.59 -11.16 -52.94
CA TYR F 135 -38.12 -12.39 -53.55
C TYR F 135 -36.87 -12.85 -52.82
N VAL F 136 -36.66 -14.17 -52.82
CA VAL F 136 -35.52 -14.79 -52.15
C VAL F 136 -34.72 -15.57 -53.20
N ALA F 137 -33.42 -15.33 -53.25
CA ALA F 137 -32.57 -15.97 -54.23
C ALA F 137 -31.41 -16.68 -53.54
N ILE F 138 -30.82 -17.64 -54.25
CA ILE F 138 -29.66 -18.38 -53.78
C ILE F 138 -28.41 -17.59 -54.13
N GLN F 139 -27.44 -17.58 -53.21
CA GLN F 139 -26.31 -16.67 -53.32
C GLN F 139 -25.32 -17.10 -54.40
N ALA F 140 -25.05 -18.41 -54.51
CA ALA F 140 -24.07 -18.89 -55.48
C ALA F 140 -24.57 -18.76 -56.90
N VAL F 141 -25.88 -18.88 -57.11
CA VAL F 141 -26.47 -18.67 -58.42
C VAL F 141 -26.31 -17.21 -58.85
N LEU F 142 -26.51 -16.29 -57.92
CA LEU F 142 -26.30 -14.87 -58.22
C LEU F 142 -24.83 -14.56 -58.46
N SER F 143 -23.94 -15.24 -57.74
CA SER F 143 -22.52 -15.05 -57.97
C SER F 143 -22.07 -15.58 -59.33
N LEU F 144 -22.71 -16.65 -59.82
CA LEU F 144 -22.44 -17.07 -61.18
C LEU F 144 -23.05 -16.11 -62.20
N TYR F 145 -24.22 -15.53 -61.88
CA TYR F 145 -24.84 -14.58 -62.79
C TYR F 145 -24.04 -13.30 -62.91
N ALA F 146 -23.36 -12.89 -61.83
CA ALA F 146 -22.55 -11.68 -61.87
C ALA F 146 -21.26 -11.84 -62.66
N SER F 147 -20.82 -13.08 -62.89
CA SER F 147 -19.58 -13.33 -63.59
C SER F 147 -19.75 -13.43 -65.10
N GLY F 148 -20.96 -13.21 -65.60
CA GLY F 148 -21.22 -13.30 -67.03
C GLY F 148 -21.18 -14.70 -67.60
N ARG F 149 -21.77 -15.67 -66.90
CA ARG F 149 -21.88 -17.02 -67.41
C ARG F 149 -23.10 -17.69 -66.79
N THR F 150 -23.56 -18.75 -67.45
CA THR F 150 -24.75 -19.47 -67.01
C THR F 150 -24.50 -20.94 -66.68
N THR F 151 -23.27 -21.43 -66.86
CA THR F 151 -22.92 -22.80 -66.51
C THR F 151 -21.58 -22.80 -65.80
N GLY F 152 -21.54 -23.40 -64.62
CA GLY F 152 -20.31 -23.50 -63.87
C GLY F 152 -20.58 -23.86 -62.43
N ILE F 153 -19.50 -24.07 -61.69
CA ILE F 153 -19.57 -24.43 -60.27
C ILE F 153 -19.05 -23.24 -59.46
N VAL F 154 -19.79 -22.89 -58.41
CA VAL F 154 -19.48 -21.74 -57.57
C VAL F 154 -19.06 -22.25 -56.20
N LEU F 155 -17.89 -21.81 -55.75
CA LEU F 155 -17.40 -22.00 -54.40
C LEU F 155 -17.66 -20.71 -53.63
N ASP F 156 -18.69 -20.72 -52.80
CA ASP F 156 -19.11 -19.55 -52.05
C ASP F 156 -18.69 -19.75 -50.60
N SER F 157 -17.64 -19.05 -50.17
CA SER F 157 -17.15 -19.13 -48.81
C SER F 157 -17.24 -17.75 -48.18
N GLY F 158 -17.98 -17.64 -47.08
CA GLY F 158 -18.16 -16.36 -46.44
C GLY F 158 -17.77 -16.32 -44.98
N ASP F 159 -18.70 -15.92 -44.12
CA ASP F 159 -18.45 -15.85 -42.68
C ASP F 159 -19.02 -17.03 -41.92
N GLY F 160 -20.09 -17.66 -42.40
CA GLY F 160 -20.64 -18.80 -41.69
C GLY F 160 -20.63 -20.14 -42.39
N VAL F 161 -20.80 -20.16 -43.72
CA VAL F 161 -20.90 -21.41 -44.47
C VAL F 161 -19.97 -21.36 -45.66
N THR F 162 -19.56 -22.54 -46.13
CA THR F 162 -18.94 -22.73 -47.43
C THR F 162 -19.83 -23.64 -48.26
N HIS F 163 -20.15 -23.21 -49.47
CA HIS F 163 -21.03 -23.97 -50.34
C HIS F 163 -20.37 -24.23 -51.69
N ASN F 164 -20.66 -25.39 -52.26
CA ASN F 164 -20.26 -25.75 -53.61
C ASN F 164 -21.54 -26.03 -54.38
N VAL F 165 -21.90 -25.14 -55.30
CA VAL F 165 -23.14 -25.23 -56.04
C VAL F 165 -22.83 -25.32 -57.53
N PRO F 166 -23.19 -26.41 -58.21
CA PRO F 166 -23.09 -26.44 -59.67
C PRO F 166 -24.39 -26.02 -60.36
N ILE F 167 -24.25 -25.15 -61.35
CA ILE F 167 -25.39 -24.59 -62.08
C ILE F 167 -25.21 -24.91 -63.56
N TYR F 168 -26.21 -25.53 -64.15
CA TYR F 168 -26.22 -25.86 -65.58
C TYR F 168 -27.42 -25.19 -66.21
N GLU F 169 -27.17 -24.28 -67.16
CA GLU F 169 -28.18 -23.51 -67.89
C GLU F 169 -29.09 -22.72 -66.96
N GLY F 170 -28.46 -22.04 -65.99
CA GLY F 170 -29.18 -21.18 -65.09
C GLY F 170 -29.92 -21.87 -63.97
N TYR F 171 -29.84 -23.20 -63.89
CA TYR F 171 -30.54 -23.97 -62.87
C TYR F 171 -29.51 -24.66 -61.99
N ALA F 172 -29.62 -24.44 -60.68
CA ALA F 172 -28.76 -25.14 -59.74
C ALA F 172 -29.13 -26.61 -59.70
N LEU F 173 -28.14 -27.46 -59.51
CA LEU F 173 -28.37 -28.90 -59.44
C LEU F 173 -28.42 -29.30 -57.97
N PRO F 174 -29.61 -29.57 -57.43
CA PRO F 174 -29.73 -29.73 -55.97
C PRO F 174 -29.18 -31.04 -55.45
N HIS F 175 -28.97 -32.05 -56.30
CA HIS F 175 -28.41 -33.30 -55.85
C HIS F 175 -26.89 -33.27 -55.73
N ALA F 176 -26.26 -32.18 -56.16
CA ALA F 176 -24.81 -32.05 -56.09
C ALA F 176 -24.38 -30.83 -55.28
N ILE F 177 -25.30 -30.18 -54.56
CA ILE F 177 -24.92 -29.07 -53.71
C ILE F 177 -24.24 -29.60 -52.46
N MET F 178 -23.03 -29.12 -52.19
CA MET F 178 -22.25 -29.56 -51.05
C MET F 178 -22.09 -28.43 -50.06
N ARG F 179 -22.23 -28.74 -48.78
CA ARG F 179 -22.16 -27.76 -47.71
C ARG F 179 -21.07 -28.14 -46.73
N LEU F 180 -20.12 -27.24 -46.50
CA LEU F 180 -19.10 -27.37 -45.48
C LEU F 180 -19.32 -26.30 -44.44
N ASP F 181 -19.35 -26.68 -43.17
CA ASP F 181 -19.64 -25.76 -42.08
C ASP F 181 -18.36 -25.10 -41.54
N LEU F 182 -17.57 -24.53 -42.43
CA LEU F 182 -16.31 -23.89 -42.08
C LEU F 182 -16.18 -22.63 -42.92
N ALA F 183 -15.99 -21.51 -42.27
CA ALA F 183 -15.85 -20.23 -42.96
C ALA F 183 -14.99 -19.31 -42.09
N GLY F 184 -15.06 -18.00 -42.35
CA GLY F 184 -14.12 -17.06 -41.77
C GLY F 184 -14.23 -16.88 -40.27
N ARG F 185 -15.40 -17.19 -39.69
CA ARG F 185 -15.55 -17.11 -38.24
C ARG F 185 -14.75 -18.20 -37.55
N ASP F 186 -14.79 -19.42 -38.10
CA ASP F 186 -13.97 -20.50 -37.57
C ASP F 186 -12.48 -20.24 -37.76
N LEU F 187 -12.11 -19.56 -38.85
CA LEU F 187 -10.72 -19.20 -39.06
C LEU F 187 -10.27 -18.13 -38.06
N THR F 188 -11.15 -17.17 -37.74
CA THR F 188 -10.86 -16.18 -36.71
C THR F 188 -10.67 -16.83 -35.34
N ASP F 189 -11.55 -17.78 -35.01
CA ASP F 189 -11.44 -18.47 -33.72
C ASP F 189 -10.21 -19.37 -33.66
N TYR F 190 -9.84 -20.00 -34.78
CA TYR F 190 -8.63 -20.83 -34.80
C TYR F 190 -7.38 -19.96 -34.71
N LEU F 191 -7.40 -18.77 -35.30
CA LEU F 191 -6.28 -17.85 -35.14
C LEU F 191 -6.17 -17.35 -33.70
N MET F 192 -7.32 -17.10 -33.05
CA MET F 192 -7.32 -16.76 -31.62
C MET F 192 -6.74 -17.89 -30.78
N LYS F 193 -7.03 -19.14 -31.16
CA LYS F 193 -6.47 -20.27 -30.44
C LYS F 193 -4.96 -20.40 -30.65
N ILE F 194 -4.48 -20.22 -31.89
CA ILE F 194 -3.08 -20.45 -32.17
C ILE F 194 -2.19 -19.23 -31.92
N LEU F 195 -2.76 -18.07 -31.60
CA LEU F 195 -1.93 -16.97 -31.15
C LEU F 195 -1.53 -17.09 -29.68
N THR F 196 -2.08 -18.08 -28.96
CA THR F 196 -1.68 -18.32 -27.58
C THR F 196 -0.31 -18.97 -27.48
N GLU F 197 0.19 -19.55 -28.57
CA GLU F 197 1.52 -20.16 -28.56
C GLU F 197 2.61 -19.12 -28.44
N ARG F 198 2.42 -17.96 -29.04
CA ARG F 198 3.38 -16.87 -28.95
C ARG F 198 3.14 -15.96 -27.75
N GLY F 199 2.12 -16.26 -26.93
CA GLY F 199 1.90 -15.55 -25.69
C GLY F 199 0.80 -14.52 -25.73
N TYR F 200 0.11 -14.36 -26.85
CA TYR F 200 -0.95 -13.35 -26.97
C TYR F 200 -2.29 -13.95 -26.56
N SER F 201 -3.02 -13.24 -25.72
CA SER F 201 -4.31 -13.68 -25.22
C SER F 201 -5.40 -12.79 -25.80
N PHE F 202 -6.35 -13.42 -26.49
CA PHE F 202 -7.52 -12.73 -27.04
C PHE F 202 -8.75 -13.51 -26.59
N VAL F 203 -9.58 -12.86 -25.78
CA VAL F 203 -10.70 -13.53 -25.13
C VAL F 203 -12.00 -12.83 -25.48
N THR F 204 -12.02 -11.50 -25.34
CA THR F 204 -13.22 -10.70 -25.46
C THR F 204 -13.75 -10.67 -26.89
N THR F 205 -15.04 -10.37 -27.02
CA THR F 205 -15.66 -10.21 -28.34
C THR F 205 -15.12 -9.01 -29.09
N ALA F 206 -14.62 -8.00 -28.39
CA ALA F 206 -13.96 -6.88 -29.06
C ALA F 206 -12.63 -7.30 -29.66
N GLU F 207 -11.87 -8.15 -28.97
CA GLU F 207 -10.58 -8.61 -29.48
C GLU F 207 -10.72 -9.61 -30.61
N ARG F 208 -11.89 -10.25 -30.73
CA ARG F 208 -12.19 -11.10 -31.86
C ARG F 208 -12.19 -10.31 -33.17
N GLU F 209 -12.65 -9.06 -33.13
CA GLU F 209 -12.58 -8.19 -34.30
C GLU F 209 -11.15 -7.82 -34.63
N ILE F 210 -10.30 -7.65 -33.61
CA ILE F 210 -8.88 -7.37 -33.83
C ILE F 210 -8.21 -8.54 -34.54
N VAL F 211 -8.49 -9.77 -34.08
CA VAL F 211 -7.93 -10.96 -34.71
C VAL F 211 -8.49 -11.14 -36.12
N ARG F 212 -9.76 -10.76 -36.34
CA ARG F 212 -10.32 -10.75 -37.70
C ARG F 212 -9.57 -9.78 -38.61
N ASP F 213 -9.21 -8.60 -38.09
CA ASP F 213 -8.43 -7.64 -38.86
C ASP F 213 -7.03 -8.16 -39.14
N ILE F 214 -6.42 -8.85 -38.17
CA ILE F 214 -5.11 -9.49 -38.37
C ILE F 214 -5.18 -10.53 -39.49
N LYS F 215 -6.24 -11.35 -39.48
CA LYS F 215 -6.44 -12.36 -40.50
C LYS F 215 -6.65 -11.75 -41.87
N GLU F 216 -7.41 -10.65 -41.95
CA GLU F 216 -7.62 -9.99 -43.23
C GLU F 216 -6.36 -9.30 -43.72
N LYS F 217 -5.46 -8.92 -42.80
CA LYS F 217 -4.30 -8.15 -43.19
C LYS F 217 -3.08 -8.99 -43.54
N LEU F 218 -2.86 -10.10 -42.84
CA LEU F 218 -1.55 -10.74 -42.88
C LEU F 218 -1.54 -12.18 -43.39
N CYS F 219 -2.65 -12.90 -43.29
CA CYS F 219 -2.66 -14.32 -43.63
C CYS F 219 -2.66 -14.54 -45.14
N TYR F 220 -2.21 -15.73 -45.55
CA TYR F 220 -2.20 -16.13 -46.96
C TYR F 220 -2.25 -17.65 -47.03
N VAL F 221 -2.31 -18.18 -48.24
CA VAL F 221 -2.41 -19.61 -48.48
C VAL F 221 -1.10 -20.10 -49.09
N ALA F 222 -0.46 -21.06 -48.41
CA ALA F 222 0.77 -21.65 -48.92
C ALA F 222 0.48 -22.58 -50.08
N LEU F 223 1.38 -22.59 -51.06
CA LEU F 223 1.25 -23.50 -52.19
C LEU F 223 1.58 -24.93 -51.78
N ASP F 224 2.66 -25.11 -51.03
CA ASP F 224 3.03 -26.40 -50.44
C ASP F 224 3.16 -26.18 -48.94
N PHE F 225 2.33 -26.88 -48.16
CA PHE F 225 2.24 -26.60 -46.73
C PHE F 225 3.47 -27.12 -45.98
N GLU F 226 3.93 -28.33 -46.32
CA GLU F 226 5.08 -28.90 -45.63
C GLU F 226 6.36 -28.13 -45.93
N ASN F 227 6.52 -27.71 -47.18
CA ASN F 227 7.69 -26.90 -47.54
C ASN F 227 7.62 -25.50 -46.92
N GLU F 228 6.41 -24.94 -46.78
CA GLU F 228 6.28 -23.64 -46.13
C GLU F 228 6.57 -23.74 -44.64
N MET F 229 6.14 -24.82 -44.00
CA MET F 229 6.49 -25.04 -42.60
C MET F 229 7.96 -25.34 -42.43
N ALA F 230 8.61 -25.95 -43.41
CA ALA F 230 10.05 -26.17 -43.37
C ALA F 230 10.81 -24.85 -43.50
N THR F 231 10.38 -23.99 -44.42
CA THR F 231 11.05 -22.70 -44.60
C THR F 231 10.76 -21.74 -43.45
N ALA F 232 9.61 -21.86 -42.80
CA ALA F 232 9.31 -20.99 -41.67
C ALA F 232 10.10 -21.38 -40.44
N ALA F 233 10.52 -22.64 -40.34
CA ALA F 233 11.32 -23.13 -39.23
C ALA F 233 12.81 -23.05 -39.50
N SER F 234 13.22 -22.50 -40.64
CA SER F 234 14.63 -22.36 -40.99
C SER F 234 15.14 -20.94 -40.82
N SER F 235 14.30 -19.94 -41.12
CA SER F 235 14.71 -18.55 -41.00
C SER F 235 13.47 -17.70 -40.77
N SER F 236 13.70 -16.49 -40.28
CA SER F 236 12.62 -15.53 -40.02
C SER F 236 12.38 -14.62 -41.21
N SER F 237 12.20 -15.22 -42.39
CA SER F 237 11.88 -14.46 -43.60
C SER F 237 10.39 -14.33 -43.82
N LEU F 238 9.57 -15.04 -43.02
CA LEU F 238 8.12 -15.04 -43.15
C LEU F 238 7.44 -14.33 -41.99
N GLU F 239 8.19 -13.85 -41.01
CA GLU F 239 7.59 -13.16 -39.87
C GLU F 239 7.11 -11.78 -40.29
N LYS F 240 5.91 -11.43 -39.83
CA LYS F 240 5.30 -10.14 -40.11
C LYS F 240 4.81 -9.53 -38.81
N SER F 241 4.84 -8.21 -38.76
CA SER F 241 4.49 -7.46 -37.56
C SER F 241 3.16 -6.73 -37.74
N TYR F 242 2.42 -6.65 -36.65
CA TYR F 242 1.12 -5.98 -36.60
C TYR F 242 1.06 -5.11 -35.36
N GLU F 243 0.55 -3.89 -35.51
CA GLU F 243 0.47 -2.94 -34.42
C GLU F 243 -0.95 -2.92 -33.86
N LEU F 244 -1.06 -3.17 -32.56
CA LEU F 244 -2.34 -3.30 -31.87
C LEU F 244 -2.96 -1.92 -31.68
N PRO F 245 -4.26 -1.84 -31.37
CA PRO F 245 -4.87 -0.53 -31.10
C PRO F 245 -4.28 0.22 -29.90
N ASP F 246 -3.70 -0.47 -28.93
CA ASP F 246 -3.09 0.19 -27.79
C ASP F 246 -1.60 0.44 -27.96
N GLY F 247 -1.04 0.19 -29.14
CA GLY F 247 0.34 0.52 -29.43
C GLY F 247 1.32 -0.64 -29.33
N GLN F 248 0.88 -1.81 -28.90
CA GLN F 248 1.76 -2.96 -28.80
C GLN F 248 1.99 -3.57 -30.17
N VAL F 249 3.17 -4.16 -30.36
CA VAL F 249 3.59 -4.72 -31.63
C VAL F 249 3.73 -6.23 -31.48
N ILE F 250 2.99 -6.97 -32.29
CA ILE F 250 3.05 -8.43 -32.28
C ILE F 250 3.69 -8.90 -33.58
N THR F 251 4.20 -10.13 -33.57
CA THR F 251 4.91 -10.70 -34.72
C THR F 251 4.50 -12.15 -34.89
N ILE F 252 4.03 -12.50 -36.09
CA ILE F 252 3.60 -13.86 -36.40
C ILE F 252 4.41 -14.40 -37.57
N GLY F 253 4.91 -15.61 -37.43
CA GLY F 253 5.77 -16.18 -38.47
C GLY F 253 5.19 -17.27 -39.33
N ASN F 254 4.51 -18.24 -38.73
CA ASN F 254 3.94 -19.35 -39.48
C ASN F 254 2.45 -19.51 -39.26
N GLU F 255 1.83 -18.63 -38.46
CA GLU F 255 0.38 -18.60 -38.35
C GLU F 255 -0.28 -17.94 -39.54
N ARG F 256 0.50 -17.34 -40.45
CA ARG F 256 -0.05 -16.70 -41.62
C ARG F 256 -0.63 -17.71 -42.60
N PHE F 257 -0.05 -18.90 -42.67
CA PHE F 257 -0.54 -19.91 -43.60
C PHE F 257 -1.15 -21.13 -42.91
N ARG F 258 -0.96 -21.28 -41.60
CA ARG F 258 -1.62 -22.37 -40.88
C ARG F 258 -3.10 -22.13 -40.71
N CYS F 259 -3.50 -20.86 -40.53
CA CYS F 259 -4.93 -20.55 -40.35
C CYS F 259 -5.79 -20.83 -41.59
N PRO F 260 -5.42 -20.44 -42.81
CA PRO F 260 -6.29 -20.82 -43.95
C PRO F 260 -6.18 -22.27 -44.37
N GLU F 261 -5.21 -23.02 -43.83
CA GLU F 261 -5.08 -24.44 -44.14
C GLU F 261 -6.24 -25.27 -43.63
N THR F 262 -7.03 -24.72 -42.69
CA THR F 262 -8.27 -25.34 -42.27
C THR F 262 -9.30 -25.42 -43.40
N LEU F 263 -9.17 -24.57 -44.43
CA LEU F 263 -10.03 -24.72 -45.60
C LEU F 263 -9.71 -26.00 -46.37
N PHE F 264 -8.45 -26.43 -46.37
CA PHE F 264 -8.02 -27.63 -47.06
C PHE F 264 -7.83 -28.82 -46.12
N GLN F 265 -7.58 -28.57 -44.85
CA GLN F 265 -7.50 -29.60 -43.82
C GLN F 265 -8.44 -29.22 -42.69
N PRO F 266 -9.72 -29.55 -42.80
CA PRO F 266 -10.70 -29.13 -41.78
C PRO F 266 -10.56 -29.80 -40.42
N SER F 267 -9.70 -30.81 -40.29
CA SER F 267 -9.45 -31.45 -39.01
C SER F 267 -8.62 -30.60 -38.05
N PHE F 268 -8.14 -29.44 -38.50
CA PHE F 268 -7.36 -28.56 -37.63
C PHE F 268 -8.22 -27.97 -36.52
N ILE F 269 -9.51 -27.76 -36.77
CA ILE F 269 -10.44 -27.32 -35.75
C ILE F 269 -11.35 -28.44 -35.28
N GLY F 270 -11.13 -29.66 -35.76
CA GLY F 270 -11.92 -30.80 -35.32
C GLY F 270 -13.24 -30.95 -36.04
N MET F 271 -13.20 -30.94 -37.37
CA MET F 271 -14.39 -31.12 -38.18
C MET F 271 -14.20 -32.35 -39.07
N GLU F 272 -15.28 -33.11 -39.24
CA GLU F 272 -15.20 -34.40 -39.92
C GLU F 272 -15.08 -34.28 -41.43
N SER F 273 -15.51 -33.16 -42.01
CA SER F 273 -15.63 -33.05 -43.45
C SER F 273 -14.27 -32.86 -44.11
N ALA F 274 -14.27 -32.99 -45.44
CA ALA F 274 -13.06 -32.85 -46.24
C ALA F 274 -12.86 -31.40 -46.66
N GLY F 275 -11.71 -31.14 -47.27
CA GLY F 275 -11.36 -29.79 -47.68
C GLY F 275 -12.17 -29.33 -48.88
N ILE F 276 -11.99 -28.04 -49.20
CA ILE F 276 -12.77 -27.40 -50.26
C ILE F 276 -12.42 -27.97 -51.64
N HIS F 277 -11.19 -28.46 -51.81
CA HIS F 277 -10.83 -29.08 -53.08
C HIS F 277 -11.53 -30.42 -53.27
N GLU F 278 -11.57 -31.24 -52.23
CA GLU F 278 -12.29 -32.51 -52.31
C GLU F 278 -13.79 -32.29 -52.39
N THR F 279 -14.29 -31.24 -51.71
CA THR F 279 -15.69 -30.87 -51.79
C THR F 279 -16.08 -30.45 -53.21
N THR F 280 -15.23 -29.65 -53.86
CA THR F 280 -15.46 -29.25 -55.24
C THR F 280 -15.40 -30.42 -56.20
N TYR F 281 -14.43 -31.32 -55.99
CA TYR F 281 -14.31 -32.51 -56.84
C TYR F 281 -15.50 -33.45 -56.66
N ASN F 282 -16.01 -33.56 -55.44
CA ASN F 282 -17.20 -34.36 -55.19
C ASN F 282 -18.45 -33.74 -55.81
N SER F 283 -18.55 -32.41 -55.77
CA SER F 283 -19.68 -31.73 -56.37
C SER F 283 -19.67 -31.85 -57.89
N ILE F 284 -18.48 -31.83 -58.49
CA ILE F 284 -18.36 -32.04 -59.93
C ILE F 284 -18.66 -33.49 -60.29
N MET F 285 -18.13 -34.44 -59.51
CA MET F 285 -18.22 -35.86 -59.85
C MET F 285 -19.61 -36.45 -59.63
N LYS F 286 -20.52 -35.75 -58.97
CA LYS F 286 -21.89 -36.20 -58.85
C LYS F 286 -22.73 -35.87 -60.08
N CYS F 287 -22.19 -35.10 -61.01
CA CYS F 287 -22.91 -34.67 -62.20
C CYS F 287 -22.66 -35.63 -63.35
N ASP F 288 -23.42 -35.44 -64.42
CA ASP F 288 -23.29 -36.27 -65.60
C ASP F 288 -21.98 -35.96 -66.34
N ILE F 289 -21.54 -36.92 -67.14
CA ILE F 289 -20.21 -36.86 -67.75
C ILE F 289 -20.15 -35.75 -68.80
N ASP F 290 -21.25 -35.52 -69.52
CA ASP F 290 -21.24 -34.56 -70.62
C ASP F 290 -21.22 -33.11 -70.16
N ILE F 291 -21.43 -32.83 -68.87
CA ILE F 291 -21.33 -31.48 -68.34
C ILE F 291 -20.13 -31.29 -67.44
N ARG F 292 -19.34 -32.35 -67.18
CA ARG F 292 -18.19 -32.25 -66.30
C ARG F 292 -17.08 -31.40 -66.89
N LYS F 293 -16.91 -31.42 -68.22
CA LYS F 293 -15.91 -30.59 -68.87
C LYS F 293 -16.23 -29.10 -68.68
N ASP F 294 -17.51 -28.75 -68.81
CA ASP F 294 -17.94 -27.37 -68.61
C ASP F 294 -17.82 -26.96 -67.15
N LEU F 295 -18.10 -27.89 -66.23
CA LEU F 295 -17.97 -27.55 -64.81
C LEU F 295 -16.51 -27.44 -64.38
N TYR F 296 -15.62 -28.25 -64.97
CA TYR F 296 -14.20 -28.14 -64.68
C TYR F 296 -13.60 -26.88 -65.27
N ALA F 297 -14.11 -26.43 -66.42
CA ALA F 297 -13.56 -25.24 -67.06
C ALA F 297 -14.08 -23.94 -66.47
N ASN F 298 -15.11 -23.98 -65.63
CA ASN F 298 -15.77 -22.76 -65.17
C ASN F 298 -15.86 -22.69 -63.64
N ASN F 299 -14.76 -22.90 -62.94
CA ASN F 299 -14.75 -22.77 -61.49
C ASN F 299 -14.73 -21.29 -61.10
N VAL F 300 -15.72 -20.87 -60.31
CA VAL F 300 -15.88 -19.47 -59.93
C VAL F 300 -15.80 -19.36 -58.42
N MET F 301 -14.88 -18.53 -57.93
CA MET F 301 -14.76 -18.26 -56.50
C MET F 301 -15.68 -17.10 -56.12
N SER F 302 -16.07 -17.08 -54.84
CA SER F 302 -16.99 -16.07 -54.35
C SER F 302 -16.77 -15.87 -52.85
N GLY F 303 -17.14 -14.68 -52.38
CA GLY F 303 -17.08 -14.38 -50.97
C GLY F 303 -15.71 -13.85 -50.53
N GLY F 304 -15.67 -13.36 -49.29
CA GLY F 304 -14.46 -12.79 -48.75
C GLY F 304 -13.42 -13.78 -48.33
N THR F 305 -13.83 -15.00 -47.94
CA THR F 305 -12.89 -16.01 -47.50
C THR F 305 -12.05 -16.57 -48.64
N THR F 306 -12.44 -16.29 -49.88
CA THR F 306 -11.62 -16.60 -51.05
C THR F 306 -10.67 -15.46 -51.42
N MET F 307 -10.53 -14.46 -50.54
CA MET F 307 -9.66 -13.32 -50.79
C MET F 307 -8.25 -13.49 -50.25
N TYR F 308 -7.88 -14.67 -49.78
CA TYR F 308 -6.50 -14.95 -49.42
C TYR F 308 -5.63 -14.92 -50.67
N PRO F 309 -4.43 -14.33 -50.62
CA PRO F 309 -3.62 -14.21 -51.83
C PRO F 309 -2.79 -15.44 -52.16
N GLY F 310 -3.33 -16.64 -51.95
CA GLY F 310 -2.70 -17.84 -52.46
C GLY F 310 -3.68 -18.92 -52.87
N ILE F 311 -4.96 -18.59 -52.87
CA ILE F 311 -5.98 -19.63 -52.88
C ILE F 311 -6.26 -20.15 -54.30
N ALA F 312 -6.07 -19.32 -55.33
CA ALA F 312 -6.37 -19.73 -56.70
C ALA F 312 -5.36 -20.74 -57.20
N ASP F 313 -4.07 -20.47 -57.00
CA ASP F 313 -3.02 -21.39 -57.44
C ASP F 313 -3.07 -22.71 -56.69
N ARG F 314 -3.30 -22.66 -55.38
CA ARG F 314 -3.42 -23.88 -54.59
C ARG F 314 -4.63 -24.70 -55.00
N MET F 315 -5.77 -24.04 -55.23
CA MET F 315 -6.97 -24.74 -55.68
C MET F 315 -6.76 -25.35 -57.06
N GLN F 316 -6.05 -24.64 -57.94
CA GLN F 316 -5.70 -25.17 -59.26
C GLN F 316 -4.84 -26.42 -59.15
N LYS F 317 -3.84 -26.39 -58.28
CA LYS F 317 -2.96 -27.55 -58.08
C LYS F 317 -3.71 -28.75 -57.54
N GLU F 318 -4.58 -28.53 -56.55
CA GLU F 318 -5.29 -29.64 -55.93
C GLU F 318 -6.34 -30.24 -56.86
N ILE F 319 -7.09 -29.39 -57.59
CA ILE F 319 -8.09 -29.92 -58.50
C ILE F 319 -7.43 -30.58 -59.71
N THR F 320 -6.27 -30.06 -60.15
CA THR F 320 -5.51 -30.73 -61.20
C THR F 320 -5.01 -32.10 -60.75
N ALA F 321 -4.63 -32.21 -59.47
CA ALA F 321 -4.24 -33.51 -58.92
C ALA F 321 -5.42 -34.47 -58.86
N LEU F 322 -6.60 -33.98 -58.50
CA LEU F 322 -7.76 -34.87 -58.36
C LEU F 322 -8.37 -35.24 -59.71
N ALA F 323 -8.40 -34.32 -60.66
CA ALA F 323 -9.08 -34.54 -61.93
C ALA F 323 -8.26 -35.47 -62.84
N PRO F 324 -8.90 -36.05 -63.87
CA PRO F 324 -8.14 -36.74 -64.91
C PRO F 324 -7.19 -35.80 -65.66
N SER F 325 -6.10 -36.38 -66.16
CA SER F 325 -5.00 -35.60 -66.69
C SER F 325 -5.31 -34.95 -68.03
N THR F 326 -6.35 -35.38 -68.72
CA THR F 326 -6.73 -34.78 -70.00
C THR F 326 -7.74 -33.64 -69.83
N MET F 327 -8.02 -33.23 -68.60
CA MET F 327 -9.07 -32.24 -68.33
C MET F 327 -8.43 -30.87 -68.11
N LYS F 328 -8.99 -29.86 -68.75
CA LYS F 328 -8.52 -28.49 -68.59
C LYS F 328 -9.20 -27.84 -67.40
N ILE F 329 -8.40 -27.36 -66.45
CA ILE F 329 -8.89 -26.77 -65.21
C ILE F 329 -8.65 -25.27 -65.27
N LYS F 330 -9.71 -24.48 -65.17
CA LYS F 330 -9.61 -23.03 -65.13
C LYS F 330 -10.43 -22.53 -63.95
N ILE F 331 -9.82 -21.70 -63.11
CA ILE F 331 -10.44 -21.18 -61.90
C ILE F 331 -10.54 -19.67 -62.03
N ILE F 332 -11.77 -19.16 -61.92
CA ILE F 332 -12.04 -17.74 -62.10
C ILE F 332 -12.22 -17.12 -60.73
N ALA F 333 -11.34 -16.18 -60.39
CA ALA F 333 -11.40 -15.43 -59.14
C ALA F 333 -11.50 -13.95 -59.50
N PRO F 334 -12.71 -13.40 -59.60
CA PRO F 334 -12.86 -12.00 -59.95
C PRO F 334 -12.34 -11.10 -58.84
N PRO F 335 -11.79 -9.93 -59.18
CA PRO F 335 -11.29 -9.02 -58.14
C PRO F 335 -12.37 -8.37 -57.29
N GLU F 336 -13.64 -8.43 -57.72
CA GLU F 336 -14.74 -7.86 -56.96
C GLU F 336 -15.61 -8.92 -56.29
N ARG F 337 -15.04 -10.10 -56.03
CA ARG F 337 -15.84 -11.23 -55.53
C ARG F 337 -16.27 -11.09 -54.09
N LYS F 338 -15.78 -10.08 -53.36
CA LYS F 338 -16.37 -9.77 -52.06
C LYS F 338 -17.77 -9.20 -52.19
N TYR F 339 -18.08 -8.58 -53.34
CA TYR F 339 -19.41 -8.10 -53.67
C TYR F 339 -19.80 -8.76 -54.99
N SER F 340 -20.29 -9.96 -54.92
CA SER F 340 -20.66 -10.68 -56.14
C SER F 340 -22.08 -11.20 -56.09
N VAL F 341 -22.57 -11.54 -54.90
CA VAL F 341 -23.98 -11.88 -54.73
C VAL F 341 -24.84 -10.65 -54.97
N TRP F 342 -24.37 -9.48 -54.51
CA TRP F 342 -25.13 -8.25 -54.69
C TRP F 342 -25.18 -7.82 -56.14
N ILE F 343 -24.07 -7.97 -56.88
CA ILE F 343 -24.05 -7.58 -58.28
C ILE F 343 -24.94 -8.51 -59.11
N GLY F 344 -24.92 -9.81 -58.80
CA GLY F 344 -25.80 -10.73 -59.49
C GLY F 344 -27.26 -10.49 -59.17
N GLY F 345 -27.56 -10.12 -57.92
CA GLY F 345 -28.91 -9.72 -57.58
C GLY F 345 -29.34 -8.43 -58.27
N SER F 346 -28.40 -7.51 -58.48
CA SER F 346 -28.69 -6.30 -59.23
C SER F 346 -28.98 -6.61 -60.70
N ILE F 347 -28.24 -7.56 -61.27
CA ILE F 347 -28.50 -7.99 -62.65
C ILE F 347 -29.86 -8.68 -62.75
N LEU F 348 -30.18 -9.55 -61.79
CA LEU F 348 -31.43 -10.28 -61.83
C LEU F 348 -32.63 -9.38 -61.60
N ALA F 349 -32.51 -8.41 -60.68
CA ALA F 349 -33.63 -7.54 -60.35
C ALA F 349 -33.86 -6.46 -61.40
N SER F 350 -32.90 -6.21 -62.29
CA SER F 350 -33.07 -5.24 -63.36
C SER F 350 -33.42 -5.88 -64.69
N LEU F 351 -33.75 -7.18 -64.69
CA LEU F 351 -34.18 -7.85 -65.89
C LEU F 351 -35.65 -7.53 -66.18
N SER F 352 -36.02 -7.62 -67.46
CA SER F 352 -37.38 -7.26 -67.86
C SER F 352 -38.39 -8.31 -67.43
N THR F 353 -38.07 -9.60 -67.63
CA THR F 353 -39.05 -10.64 -67.32
C THR F 353 -39.06 -11.04 -65.86
N PHE F 354 -38.12 -10.55 -65.06
CA PHE F 354 -38.10 -10.85 -63.63
C PHE F 354 -39.23 -10.15 -62.88
N GLN F 355 -39.78 -9.06 -63.43
CA GLN F 355 -40.79 -8.25 -62.76
C GLN F 355 -42.12 -8.96 -62.56
N GLN F 356 -42.36 -10.10 -63.23
CA GLN F 356 -43.54 -10.90 -62.98
C GLN F 356 -43.28 -12.09 -62.08
N MET F 357 -42.06 -12.21 -61.55
CA MET F 357 -41.72 -13.27 -60.62
C MET F 357 -41.68 -12.80 -59.18
N TRP F 358 -42.06 -11.55 -58.92
CA TRP F 358 -42.12 -11.04 -57.56
C TRP F 358 -43.27 -11.69 -56.80
N ILE F 359 -43.01 -12.07 -55.55
CA ILE F 359 -44.06 -12.51 -54.64
C ILE F 359 -44.69 -11.25 -54.05
N THR F 360 -45.89 -10.90 -54.53
CA THR F 360 -46.56 -9.71 -54.05
C THR F 360 -47.29 -10.00 -52.75
N LYS F 361 -47.85 -8.94 -52.15
CA LYS F 361 -48.48 -9.09 -50.84
C LYS F 361 -49.84 -9.79 -50.93
N GLN F 362 -50.54 -9.65 -52.06
CA GLN F 362 -51.85 -10.26 -52.23
C GLN F 362 -51.75 -11.78 -52.28
N GLU F 363 -50.73 -12.30 -52.96
CA GLU F 363 -50.53 -13.75 -53.00
C GLU F 363 -50.11 -14.29 -51.65
N TYR F 364 -49.39 -13.49 -50.86
CA TYR F 364 -49.06 -13.88 -49.49
C TYR F 364 -50.31 -13.88 -48.61
N ASP F 365 -51.23 -12.93 -48.82
CA ASP F 365 -52.49 -12.93 -48.09
C ASP F 365 -53.35 -14.14 -48.45
N GLU F 366 -53.39 -14.49 -49.74
CA GLU F 366 -54.19 -15.62 -50.17
C GLU F 366 -53.53 -16.97 -49.88
N ALA F 367 -52.23 -17.00 -49.60
CA ALA F 367 -51.52 -18.25 -49.35
C ALA F 367 -51.08 -18.41 -47.91
N GLY F 368 -50.41 -17.40 -47.35
CA GLY F 368 -49.84 -17.49 -46.03
C GLY F 368 -48.33 -17.63 -46.06
N PRO F 369 -47.71 -17.96 -44.91
CA PRO F 369 -46.26 -18.13 -44.84
C PRO F 369 -45.75 -19.48 -45.35
N SER F 370 -46.24 -19.87 -46.53
CA SER F 370 -45.76 -21.07 -47.20
C SER F 370 -45.68 -20.89 -48.71
N ILE F 371 -45.91 -19.69 -49.23
CA ILE F 371 -45.85 -19.44 -50.67
C ILE F 371 -44.42 -19.51 -51.17
N VAL F 372 -43.44 -19.23 -50.30
CA VAL F 372 -42.03 -19.19 -50.69
C VAL F 372 -41.47 -20.54 -51.07
N HIS F 373 -42.17 -21.63 -50.81
CA HIS F 373 -41.75 -22.95 -51.25
C HIS F 373 -42.35 -23.36 -52.57
N ARG F 374 -43.19 -22.52 -53.17
CA ARG F 374 -43.83 -22.85 -54.43
C ARG F 374 -43.53 -21.87 -55.54
N LYS F 375 -43.58 -20.57 -55.27
CA LYS F 375 -43.27 -19.55 -56.26
C LYS F 375 -41.80 -19.16 -56.24
N CYS F 376 -41.05 -19.64 -55.26
CA CYS F 376 -39.71 -19.13 -54.98
C CYS F 376 -38.74 -20.28 -54.73
N PHE F 377 -37.50 -20.08 -55.10
CA PHE F 377 -36.45 -21.08 -54.89
C PHE F 377 -35.37 -20.55 -53.96
N ARG G 7 -13.21 -83.70 -62.00
CA ARG G 7 -14.25 -82.70 -62.24
C ARG G 7 -15.53 -83.04 -61.51
N VAL G 8 -16.60 -82.30 -61.79
CA VAL G 8 -17.90 -82.47 -61.15
C VAL G 8 -18.92 -82.80 -62.23
N SER G 9 -20.06 -83.34 -61.80
CA SER G 9 -21.10 -83.74 -62.72
C SER G 9 -21.73 -82.54 -63.40
N ASP G 10 -22.29 -82.78 -64.59
CA ASP G 10 -22.86 -81.71 -65.40
C ASP G 10 -24.13 -81.13 -64.78
N GLU G 11 -24.83 -81.92 -63.97
CA GLU G 11 -26.01 -81.41 -63.26
C GLU G 11 -25.63 -80.33 -62.25
N GLU G 12 -24.50 -80.51 -61.55
CA GLU G 12 -24.01 -79.49 -60.63
C GLU G 12 -23.60 -78.22 -61.37
N LYS G 13 -22.98 -78.38 -62.55
CA LYS G 13 -22.65 -77.22 -63.38
C LYS G 13 -23.89 -76.49 -63.87
N VAL G 14 -24.94 -77.23 -64.23
CA VAL G 14 -26.20 -76.62 -64.64
C VAL G 14 -26.83 -75.85 -63.48
N ARG G 15 -26.79 -76.44 -62.28
CA ARG G 15 -27.36 -75.79 -61.10
C ARG G 15 -26.60 -74.52 -60.72
N ILE G 16 -25.26 -74.56 -60.77
CA ILE G 16 -24.51 -73.35 -60.42
C ILE G 16 -24.55 -72.31 -61.54
N ALA G 17 -24.74 -72.72 -62.80
CA ALA G 17 -24.95 -71.74 -63.86
C ALA G 17 -26.32 -71.07 -63.72
N ALA G 18 -27.33 -71.83 -63.29
CA ALA G 18 -28.63 -71.24 -63.02
C ALA G 18 -28.57 -70.30 -61.82
N LYS G 19 -27.76 -70.64 -60.82
CA LYS G 19 -27.53 -69.75 -59.68
C LYS G 19 -26.83 -68.46 -60.11
N PHE G 20 -25.84 -68.57 -61.00
CA PHE G 20 -25.16 -67.38 -61.52
C PHE G 20 -26.10 -66.51 -62.35
N ILE G 21 -26.98 -67.15 -63.13
CA ILE G 21 -27.90 -66.40 -63.98
C ILE G 21 -28.97 -65.70 -63.14
N THR G 22 -29.48 -66.37 -62.10
CA THR G 22 -30.55 -65.79 -61.31
C THR G 22 -30.07 -64.72 -60.34
N HIS G 23 -28.76 -64.55 -60.16
CA HIS G 23 -28.20 -63.50 -59.35
C HIS G 23 -27.64 -62.35 -60.17
N ALA G 24 -28.02 -62.27 -61.45
CA ALA G 24 -27.51 -61.20 -62.32
C ALA G 24 -28.17 -59.88 -61.95
N PRO G 25 -27.44 -58.77 -62.02
CA PRO G 25 -28.03 -57.45 -61.77
C PRO G 25 -28.95 -57.05 -62.91
N PRO G 26 -29.87 -56.10 -62.68
CA PRO G 26 -30.73 -55.63 -63.77
C PRO G 26 -29.94 -54.94 -64.87
N GLY G 27 -30.33 -55.20 -66.11
CA GLY G 27 -29.66 -54.68 -67.29
C GLY G 27 -28.54 -55.55 -67.81
N GLU G 28 -27.75 -56.14 -66.90
CA GLU G 28 -26.59 -56.95 -67.30
C GLU G 28 -27.01 -58.42 -67.38
N PHE G 29 -27.55 -58.78 -68.54
CA PHE G 29 -27.92 -60.15 -68.88
C PHE G 29 -27.00 -60.72 -69.94
N ASN G 30 -26.75 -59.97 -71.02
CA ASN G 30 -25.99 -60.49 -72.15
C ASN G 30 -24.52 -60.65 -71.82
N GLU G 31 -24.00 -59.81 -70.92
CA GLU G 31 -22.62 -59.99 -70.47
C GLU G 31 -22.45 -61.23 -69.61
N VAL G 32 -23.42 -61.49 -68.72
CA VAL G 32 -23.41 -62.70 -67.89
C VAL G 32 -23.58 -63.94 -68.76
N PHE G 33 -24.47 -63.85 -69.76
CA PHE G 33 -24.67 -64.94 -70.71
C PHE G 33 -23.40 -65.22 -71.52
N ASN G 34 -22.72 -64.16 -71.95
CA ASN G 34 -21.45 -64.32 -72.67
C ASN G 34 -20.39 -64.96 -71.78
N ASP G 35 -20.34 -64.56 -70.50
CA ASP G 35 -19.37 -65.12 -69.57
C ASP G 35 -19.61 -66.61 -69.32
N VAL G 36 -20.89 -67.00 -69.11
CA VAL G 36 -21.15 -68.41 -68.86
C VAL G 36 -21.01 -69.24 -70.12
N ARG G 37 -21.31 -68.68 -71.30
CA ARG G 37 -21.13 -69.45 -72.53
C ARG G 37 -19.68 -69.51 -72.97
N LEU G 38 -18.82 -68.64 -72.46
CA LEU G 38 -17.39 -68.75 -72.74
C LEU G 38 -16.64 -69.53 -71.67
N LEU G 39 -17.19 -69.64 -70.47
CA LEU G 39 -16.58 -70.45 -69.42
C LEU G 39 -17.02 -71.91 -69.48
N LEU G 40 -18.28 -72.16 -69.83
CA LEU G 40 -18.75 -73.54 -69.92
C LEU G 40 -18.17 -74.26 -71.13
N ASN G 41 -18.07 -73.54 -72.26
CA ASN G 41 -17.58 -74.07 -73.55
C ASN G 41 -18.37 -75.29 -74.01
N ASN G 42 -19.68 -75.29 -73.76
CA ASN G 42 -20.54 -76.39 -74.20
C ASN G 42 -21.93 -75.83 -74.42
N ASP G 43 -22.27 -75.59 -75.69
CA ASP G 43 -23.52 -74.95 -76.04
C ASP G 43 -24.74 -75.84 -75.80
N ASN G 44 -24.58 -77.16 -75.96
CA ASN G 44 -25.74 -78.06 -75.90
C ASN G 44 -26.27 -78.21 -74.47
N LEU G 45 -25.40 -78.10 -73.47
CA LEU G 45 -25.86 -78.19 -72.08
C LEU G 45 -26.46 -76.88 -71.58
N LEU G 46 -26.22 -75.77 -72.27
CA LEU G 46 -26.68 -74.46 -71.81
C LEU G 46 -28.03 -74.06 -72.40
N ARG G 47 -28.31 -74.47 -73.64
CA ARG G 47 -29.55 -74.06 -74.29
C ARG G 47 -30.76 -74.80 -73.71
N GLU G 48 -30.59 -76.08 -73.37
CA GLU G 48 -31.72 -76.88 -72.90
C GLU G 48 -31.52 -77.48 -71.52
N GLY G 49 -30.28 -77.60 -71.04
CA GLY G 49 -30.07 -78.11 -69.68
C GLY G 49 -30.54 -77.14 -68.62
N ALA G 50 -30.30 -75.85 -68.84
CA ALA G 50 -30.79 -74.79 -67.94
C ALA G 50 -31.58 -73.81 -68.80
N ALA G 51 -32.87 -74.11 -68.99
CA ALA G 51 -33.77 -73.25 -69.74
C ALA G 51 -34.81 -72.57 -68.87
N HIS G 52 -35.12 -73.14 -67.70
CA HIS G 52 -36.00 -72.49 -66.74
C HIS G 52 -35.32 -71.36 -65.98
N ALA G 53 -33.99 -71.26 -66.06
CA ALA G 53 -33.29 -70.16 -65.40
C ALA G 53 -33.57 -68.82 -66.07
N PHE G 54 -33.62 -68.81 -67.41
CA PHE G 54 -33.96 -67.59 -68.14
C PHE G 54 -35.39 -67.15 -67.86
N ALA G 55 -36.32 -68.12 -67.87
CA ALA G 55 -37.72 -67.82 -67.58
C ALA G 55 -37.88 -67.34 -66.15
N GLN G 56 -37.15 -67.95 -65.21
CA GLN G 56 -37.21 -67.54 -63.80
C GLN G 56 -36.64 -66.14 -63.61
N TYR G 57 -35.56 -65.81 -64.31
CA TYR G 57 -34.99 -64.47 -64.23
C TYR G 57 -35.94 -63.43 -64.80
N ASN G 58 -36.61 -63.76 -65.92
CA ASN G 58 -37.56 -62.81 -66.50
C ASN G 58 -38.82 -62.68 -65.65
N MET G 59 -39.23 -63.75 -64.97
CA MET G 59 -40.39 -63.70 -64.08
C MET G 59 -40.07 -63.01 -62.77
N ASP G 60 -38.79 -62.96 -62.38
CA ASP G 60 -38.44 -62.26 -61.15
C ASP G 60 -38.16 -60.79 -61.41
N GLN G 61 -37.54 -60.46 -62.54
CA GLN G 61 -37.14 -59.09 -62.84
C GLN G 61 -38.25 -58.23 -63.41
N PHE G 62 -39.44 -58.81 -63.63
CA PHE G 62 -40.64 -58.13 -64.16
C PHE G 62 -40.35 -57.48 -65.52
N THR G 63 -39.97 -58.30 -66.47
CA THR G 63 -39.45 -57.80 -67.75
C THR G 63 -40.60 -57.25 -68.61
N PRO G 64 -40.48 -56.02 -69.09
CA PRO G 64 -41.48 -55.49 -70.03
C PRO G 64 -41.15 -55.82 -71.47
N VAL G 65 -42.16 -56.28 -72.19
CA VAL G 65 -42.02 -56.71 -73.58
C VAL G 65 -43.01 -55.93 -74.43
N LYS G 66 -42.49 -55.32 -75.50
CA LYS G 66 -43.31 -54.56 -76.45
C LYS G 66 -43.85 -55.51 -77.51
N ILE G 67 -45.16 -55.70 -77.51
CA ILE G 67 -45.80 -56.57 -78.49
C ILE G 67 -46.07 -55.77 -79.76
N GLU G 68 -46.30 -56.49 -80.85
CA GLU G 68 -46.64 -55.84 -82.11
C GLU G 68 -48.07 -55.30 -82.05
N GLY G 69 -48.26 -54.11 -82.62
CA GLY G 69 -49.57 -53.51 -82.63
C GLY G 69 -49.82 -52.55 -81.48
N TYR G 70 -50.45 -53.07 -80.43
CA TYR G 70 -50.92 -52.23 -79.33
C TYR G 70 -49.75 -51.69 -78.49
N GLU G 71 -50.03 -50.62 -77.76
CA GLU G 71 -49.05 -49.94 -76.94
C GLU G 71 -49.03 -50.53 -75.52
N ASP G 72 -48.29 -49.89 -74.62
CA ASP G 72 -48.21 -50.23 -73.19
C ASP G 72 -47.69 -51.66 -72.99
N GLN G 73 -46.39 -51.82 -73.27
CA GLN G 73 -45.63 -53.06 -73.13
C GLN G 73 -45.93 -53.80 -71.83
N VAL G 74 -46.08 -55.11 -71.92
CA VAL G 74 -46.66 -55.90 -70.85
C VAL G 74 -45.55 -56.50 -70.00
N LEU G 75 -45.91 -56.88 -68.77
CA LEU G 75 -44.95 -57.40 -67.81
C LEU G 75 -44.99 -58.91 -67.75
N ILE G 76 -43.82 -59.54 -67.79
CA ILE G 76 -43.68 -60.99 -67.74
C ILE G 76 -43.55 -61.36 -66.26
N THR G 77 -44.61 -61.94 -65.71
CA THR G 77 -44.63 -62.41 -64.33
C THR G 77 -44.83 -63.92 -64.31
N GLU G 78 -44.68 -64.50 -63.12
CA GLU G 78 -45.01 -65.90 -62.93
C GLU G 78 -46.50 -66.13 -62.72
N HIS G 79 -47.26 -65.08 -62.44
CA HIS G 79 -48.69 -65.21 -62.24
C HIS G 79 -49.44 -65.37 -63.55
N GLY G 80 -48.88 -64.87 -64.65
CA GLY G 80 -49.53 -64.99 -65.95
C GLY G 80 -48.89 -66.02 -66.85
N ASP G 81 -48.35 -67.09 -66.27
CA ASP G 81 -47.71 -68.13 -67.05
C ASP G 81 -48.74 -69.13 -67.54
N LEU G 82 -48.73 -69.41 -68.84
CA LEU G 82 -49.70 -70.29 -69.46
C LEU G 82 -49.13 -71.65 -69.85
N GLY G 83 -47.82 -71.83 -69.73
CA GLY G 83 -47.22 -73.06 -70.21
C GLY G 83 -46.86 -73.00 -71.68
N ASN G 84 -45.83 -73.79 -72.05
CA ASN G 84 -45.23 -73.81 -73.38
C ASN G 84 -44.77 -72.42 -73.81
N SER G 85 -44.17 -71.68 -72.87
CA SER G 85 -43.62 -70.32 -73.06
C SER G 85 -44.68 -69.35 -73.58
N ARG G 86 -45.87 -69.42 -72.99
CA ARG G 86 -46.97 -68.54 -73.34
C ARG G 86 -47.38 -67.70 -72.14
N PHE G 87 -47.79 -66.46 -72.42
CA PHE G 87 -48.23 -65.52 -71.39
C PHE G 87 -49.49 -64.82 -71.87
N LEU G 88 -50.09 -64.04 -70.97
CA LEU G 88 -51.37 -63.40 -71.20
C LEU G 88 -51.30 -61.92 -70.87
N ASP G 89 -52.18 -61.15 -71.50
CA ASP G 89 -52.32 -59.72 -71.24
C ASP G 89 -53.72 -59.44 -70.71
N PRO G 90 -53.87 -59.04 -69.44
CA PRO G 90 -55.23 -58.82 -68.91
C PRO G 90 -55.95 -57.62 -69.51
N ARG G 91 -55.21 -56.65 -70.04
CA ARG G 91 -55.86 -55.50 -70.67
C ARG G 91 -56.18 -55.78 -72.14
N ASN G 92 -55.23 -56.36 -72.86
CA ASN G 92 -55.38 -56.60 -74.29
C ASN G 92 -56.22 -57.82 -74.61
N LYS G 93 -56.51 -58.67 -73.61
CA LYS G 93 -57.28 -59.91 -73.74
C LYS G 93 -56.66 -60.85 -74.78
N ILE G 94 -55.34 -61.01 -74.71
CA ILE G 94 -54.60 -61.73 -75.73
C ILE G 94 -53.57 -62.63 -75.06
N SER G 95 -53.13 -63.65 -75.81
CA SER G 95 -52.07 -64.56 -75.37
C SER G 95 -50.96 -64.56 -76.40
N PHE G 96 -49.72 -64.54 -75.94
CA PHE G 96 -48.57 -64.50 -76.85
C PHE G 96 -47.49 -65.46 -76.37
N LYS G 97 -46.50 -65.68 -77.23
CA LYS G 97 -45.34 -66.51 -76.93
C LYS G 97 -44.13 -65.61 -76.76
N PHE G 98 -43.43 -65.75 -75.64
CA PHE G 98 -42.31 -64.89 -75.30
C PHE G 98 -41.00 -65.64 -75.46
N ASP G 99 -40.05 -65.00 -76.15
CA ASP G 99 -38.72 -65.55 -76.37
C ASP G 99 -37.80 -64.90 -75.34
N HIS G 100 -37.34 -65.71 -74.37
CA HIS G 100 -36.53 -65.22 -73.27
C HIS G 100 -35.14 -64.81 -73.73
N LEU G 101 -34.57 -65.53 -74.69
CA LEU G 101 -33.20 -65.29 -75.11
C LEU G 101 -33.08 -63.97 -75.84
N ARG G 102 -34.00 -63.69 -76.76
CA ARG G 102 -34.01 -62.43 -77.48
C ARG G 102 -35.07 -61.47 -76.97
N LYS G 103 -35.86 -61.89 -75.97
CA LYS G 103 -36.92 -61.10 -75.33
C LYS G 103 -37.94 -60.59 -76.34
N GLU G 104 -38.43 -61.49 -77.20
CA GLU G 104 -39.25 -61.09 -78.34
C GLU G 104 -40.63 -61.72 -78.25
N ALA G 105 -41.66 -60.95 -78.59
CA ALA G 105 -43.03 -61.42 -78.57
C ALA G 105 -43.44 -61.91 -79.96
N SER G 106 -44.12 -63.07 -79.99
CA SER G 106 -44.60 -63.63 -81.24
C SER G 106 -45.94 -64.32 -80.99
N ASP G 107 -46.62 -64.66 -82.09
CA ASP G 107 -47.87 -65.42 -82.17
C ASP G 107 -48.97 -64.89 -81.24
N PRO G 108 -49.51 -63.70 -81.49
CA PRO G 108 -50.48 -63.12 -80.53
C PRO G 108 -51.91 -63.64 -80.72
N GLN G 109 -52.15 -64.84 -80.22
CA GLN G 109 -53.47 -65.45 -80.35
C GLN G 109 -54.44 -64.86 -79.33
N PRO G 110 -55.69 -64.61 -79.72
CA PRO G 110 -56.67 -64.06 -78.78
C PRO G 110 -57.08 -65.09 -77.74
N GLU G 111 -57.46 -64.58 -76.57
CA GLU G 111 -57.89 -65.41 -75.45
C GLU G 111 -59.10 -64.75 -74.79
N GLU G 112 -59.91 -65.58 -74.15
CA GLU G 112 -61.12 -65.12 -73.47
C GLU G 112 -61.06 -65.53 -72.01
N ALA G 113 -61.32 -64.57 -71.12
CA ALA G 113 -61.35 -64.82 -69.69
C ALA G 113 -62.79 -64.77 -69.19
N ASP G 114 -62.99 -65.31 -67.99
CA ASP G 114 -64.32 -65.33 -67.40
C ASP G 114 -64.75 -63.94 -66.97
N GLY G 115 -66.05 -63.69 -67.03
CA GLY G 115 -66.62 -62.38 -66.77
C GLY G 115 -66.83 -62.04 -65.31
N GLY G 116 -66.49 -62.95 -64.39
CA GLY G 116 -66.62 -62.64 -62.97
C GLY G 116 -65.60 -61.61 -62.52
N LEU G 117 -64.34 -61.80 -62.89
CA LEU G 117 -63.27 -60.90 -62.50
C LEU G 117 -63.00 -59.83 -63.56
N LYS G 118 -64.05 -59.11 -63.95
CA LYS G 118 -63.91 -58.06 -64.95
C LYS G 118 -64.34 -56.69 -64.43
N SER G 119 -65.45 -56.62 -63.70
CA SER G 119 -65.88 -55.33 -63.14
C SER G 119 -64.99 -54.90 -61.98
N TRP G 120 -64.38 -55.85 -61.28
CA TRP G 120 -63.46 -55.55 -60.19
C TRP G 120 -62.01 -55.44 -60.65
N ARG G 121 -61.75 -55.55 -61.95
CA ARG G 121 -60.40 -55.47 -62.49
C ARG G 121 -60.10 -54.17 -63.21
N GLU G 122 -61.02 -53.71 -64.06
CA GLU G 122 -60.75 -52.51 -64.86
C GLU G 122 -60.75 -51.24 -64.00
N SER G 123 -61.57 -51.23 -62.94
CA SER G 123 -61.61 -50.09 -62.03
C SER G 123 -60.28 -49.93 -61.29
N CYS G 124 -59.68 -51.04 -60.89
CA CYS G 124 -58.34 -50.98 -60.32
C CYS G 124 -57.28 -50.66 -61.38
N ASP G 125 -57.48 -51.17 -62.60
CA ASP G 125 -56.47 -51.04 -63.64
C ASP G 125 -56.32 -49.59 -64.11
N SER G 126 -57.45 -48.90 -64.29
CA SER G 126 -57.41 -47.52 -64.77
C SER G 126 -56.75 -46.60 -63.74
N ALA G 127 -57.11 -46.78 -62.47
CA ALA G 127 -56.50 -45.98 -61.41
C ALA G 127 -55.03 -46.35 -61.20
N LEU G 128 -54.65 -47.61 -61.45
CA LEU G 128 -53.24 -47.98 -61.31
C LEU G 128 -52.39 -47.42 -62.44
N ARG G 129 -52.92 -47.43 -63.67
CA ARG G 129 -52.25 -46.75 -64.78
C ARG G 129 -52.14 -45.25 -64.53
N ALA G 130 -53.18 -44.65 -63.94
CA ALA G 130 -53.13 -43.24 -63.57
C ALA G 130 -52.06 -42.97 -62.53
N TYR G 131 -51.94 -43.85 -61.52
CA TYR G 131 -50.92 -43.69 -60.49
C TYR G 131 -49.51 -43.85 -61.05
N VAL G 132 -49.31 -44.82 -61.94
CA VAL G 132 -47.98 -45.07 -62.50
C VAL G 132 -47.57 -43.93 -63.44
N LYS G 133 -48.52 -43.42 -64.23
CA LYS G 133 -48.25 -42.22 -65.03
C LYS G 133 -48.01 -41.00 -64.15
N ASP G 134 -48.68 -40.93 -63.00
CA ASP G 134 -48.60 -39.77 -62.14
C ASP G 134 -47.27 -39.69 -61.40
N HIS G 135 -46.72 -40.84 -61.00
CA HIS G 135 -45.48 -40.83 -60.22
C HIS G 135 -44.27 -41.37 -60.98
N TYR G 136 -44.39 -42.53 -61.61
CA TYR G 136 -43.25 -43.15 -62.28
C TYR G 136 -43.02 -42.51 -63.64
N SER G 137 -41.76 -42.25 -63.97
CA SER G 137 -41.43 -41.68 -65.27
C SER G 137 -41.49 -42.74 -66.36
N ASN G 138 -40.55 -43.70 -66.34
CA ASN G 138 -40.57 -44.83 -67.26
C ASN G 138 -41.18 -46.05 -66.58
N GLY G 139 -42.46 -45.93 -66.23
CA GLY G 139 -43.16 -46.93 -65.42
C GLY G 139 -44.15 -47.74 -66.24
N PHE G 140 -44.22 -49.03 -65.95
CA PHE G 140 -45.19 -49.95 -66.54
C PHE G 140 -45.92 -50.68 -65.43
N CYS G 141 -47.16 -51.08 -65.71
CA CYS G 141 -47.99 -51.70 -64.69
C CYS G 141 -48.94 -52.71 -65.34
N THR G 142 -49.22 -53.77 -64.58
CA THR G 142 -50.17 -54.81 -64.99
C THR G 142 -51.05 -55.17 -63.79
N VAL G 143 -52.29 -55.54 -64.07
CA VAL G 143 -53.25 -55.96 -63.04
C VAL G 143 -53.81 -57.32 -63.42
N TYR G 144 -53.53 -58.33 -62.60
CA TYR G 144 -54.08 -59.66 -62.74
C TYR G 144 -55.24 -59.88 -61.77
N ALA G 145 -56.15 -60.78 -62.14
CA ALA G 145 -57.28 -61.14 -61.30
C ALA G 145 -57.57 -62.63 -61.50
N LYS G 146 -57.44 -63.42 -60.44
CA LYS G 146 -57.62 -64.86 -60.58
C LYS G 146 -58.01 -65.46 -59.24
N THR G 147 -58.55 -66.67 -59.27
CA THR G 147 -59.02 -67.35 -58.07
C THR G 147 -58.05 -68.46 -57.69
N ILE G 148 -57.65 -68.50 -56.41
CA ILE G 148 -56.72 -69.51 -55.94
C ILE G 148 -57.28 -70.27 -54.74
N ASP G 149 -57.51 -69.58 -53.63
CA ASP G 149 -57.96 -70.23 -52.40
C ASP G 149 -59.48 -70.21 -52.28
N GLY G 150 -60.16 -70.66 -53.33
CA GLY G 150 -61.61 -70.60 -53.38
C GLY G 150 -62.18 -69.21 -53.44
N GLN G 151 -61.37 -68.22 -53.82
CA GLN G 151 -61.78 -66.82 -53.78
C GLN G 151 -60.89 -66.05 -54.76
N GLN G 152 -61.54 -65.18 -55.55
CA GLN G 152 -60.80 -64.33 -56.47
C GLN G 152 -59.95 -63.31 -55.72
N THR G 153 -58.82 -62.95 -56.32
CA THR G 153 -57.92 -61.97 -55.76
C THR G 153 -57.29 -61.17 -56.89
N ILE G 154 -56.83 -59.98 -56.52
CA ILE G 154 -56.27 -59.00 -57.44
C ILE G 154 -54.80 -58.83 -57.11
N ILE G 155 -53.96 -58.87 -58.15
CA ILE G 155 -52.52 -58.72 -58.06
C ILE G 155 -52.11 -57.53 -58.93
N ALA G 156 -51.31 -56.63 -58.38
CA ALA G 156 -50.81 -55.47 -59.12
C ALA G 156 -49.30 -55.55 -59.21
N CYS G 157 -48.76 -55.27 -60.39
CA CYS G 157 -47.32 -55.31 -60.63
C CYS G 157 -46.88 -53.99 -61.26
N ILE G 158 -45.91 -53.33 -60.63
CA ILE G 158 -45.36 -52.06 -61.09
C ILE G 158 -43.86 -52.25 -61.31
N GLU G 159 -43.36 -51.73 -62.42
CA GLU G 159 -41.95 -51.89 -62.76
C GLU G 159 -41.42 -50.61 -63.39
N SER G 160 -40.19 -50.25 -63.06
CA SER G 160 -39.53 -49.11 -63.70
C SER G 160 -38.04 -49.40 -63.80
N HIS G 161 -37.49 -49.30 -65.01
CA HIS G 161 -36.07 -49.53 -65.24
C HIS G 161 -35.48 -48.33 -65.96
N GLN G 162 -34.21 -48.04 -65.66
CA GLN G 162 -33.51 -46.88 -66.19
C GLN G 162 -32.10 -47.27 -66.64
N PHE G 163 -31.99 -48.30 -67.48
CA PHE G 163 -30.70 -48.85 -67.90
C PHE G 163 -29.92 -47.84 -68.75
N GLN G 164 -28.79 -47.38 -68.23
CA GLN G 164 -27.93 -46.41 -68.89
C GLN G 164 -26.50 -46.91 -68.89
N PRO G 165 -26.13 -47.78 -69.84
CA PRO G 165 -24.78 -48.38 -69.81
C PRO G 165 -23.65 -47.42 -70.13
N LYS G 166 -23.94 -46.32 -70.83
CA LYS G 166 -22.88 -45.36 -71.14
C LYS G 166 -22.49 -44.54 -69.93
N ASN G 167 -23.42 -44.31 -69.01
CA ASN G 167 -23.14 -43.62 -67.75
C ASN G 167 -22.79 -44.59 -66.63
N PHE G 168 -22.55 -45.86 -66.95
CA PHE G 168 -22.03 -46.89 -66.06
C PHE G 168 -22.96 -47.20 -64.88
N TRP G 169 -24.29 -47.17 -65.09
CA TRP G 169 -25.18 -47.57 -64.02
C TRP G 169 -26.48 -48.11 -64.58
N ASN G 170 -27.14 -48.93 -63.76
CA ASN G 170 -28.46 -49.49 -64.05
C ASN G 170 -29.28 -49.48 -62.78
N GLY G 171 -30.60 -49.48 -62.94
CA GLY G 171 -31.48 -49.48 -61.79
C GLY G 171 -32.82 -50.13 -62.13
N ARG G 172 -33.52 -50.55 -61.07
CA ARG G 172 -34.79 -51.24 -61.25
C ARG G 172 -35.62 -51.14 -59.97
N TRP G 173 -36.86 -50.68 -60.14
CA TRP G 173 -37.89 -50.74 -59.10
C TRP G 173 -38.90 -51.81 -59.52
N ARG G 174 -39.23 -52.70 -58.59
CA ARG G 174 -40.30 -53.68 -58.75
C ARG G 174 -41.24 -53.57 -57.56
N SER G 175 -42.52 -53.75 -57.80
CA SER G 175 -43.49 -53.71 -56.72
C SER G 175 -44.65 -54.64 -57.03
N GLU G 176 -45.05 -55.42 -56.04
CA GLU G 176 -46.16 -56.36 -56.17
C GLU G 176 -47.12 -56.12 -55.03
N TRP G 177 -48.41 -56.07 -55.34
CA TRP G 177 -49.45 -55.89 -54.36
C TRP G 177 -50.52 -56.96 -54.58
N LYS G 178 -51.21 -57.33 -53.50
CA LYS G 178 -52.18 -58.41 -53.61
C LYS G 178 -53.25 -58.23 -52.54
N PHE G 179 -54.51 -58.43 -52.95
CA PHE G 179 -55.59 -58.53 -51.97
C PHE G 179 -56.70 -59.43 -52.50
N THR G 180 -57.31 -60.18 -51.59
CA THR G 180 -58.45 -61.03 -51.93
C THR G 180 -59.74 -60.25 -51.68
N ILE G 181 -60.59 -60.17 -52.72
CA ILE G 181 -61.82 -59.40 -52.61
C ILE G 181 -62.82 -60.20 -51.77
N THR G 182 -63.15 -59.67 -50.61
CA THR G 182 -64.08 -60.29 -49.67
C THR G 182 -64.69 -59.21 -48.79
N PRO G 183 -66.00 -58.99 -48.86
CA PRO G 183 -66.63 -57.95 -48.05
C PRO G 183 -66.71 -58.36 -46.59
N PRO G 184 -66.72 -57.40 -45.65
CA PRO G 184 -66.62 -55.95 -45.82
C PRO G 184 -65.20 -55.41 -45.73
N THR G 185 -64.20 -56.23 -45.44
CA THR G 185 -62.83 -55.75 -45.30
C THR G 185 -61.86 -56.81 -45.81
N ALA G 186 -60.69 -56.36 -46.23
CA ALA G 186 -59.68 -57.23 -46.82
C ALA G 186 -58.30 -56.78 -46.42
N GLN G 187 -57.35 -57.71 -46.50
CA GLN G 187 -55.96 -57.48 -46.13
C GLN G 187 -55.13 -57.28 -47.40
N VAL G 188 -54.42 -56.17 -47.47
CA VAL G 188 -53.52 -55.90 -48.59
C VAL G 188 -52.10 -56.26 -48.17
N VAL G 189 -51.39 -56.96 -49.05
CA VAL G 189 -50.00 -57.37 -48.81
C VAL G 189 -49.16 -56.90 -49.99
N GLY G 190 -48.09 -56.18 -49.70
CA GLY G 190 -47.21 -55.67 -50.73
C GLY G 190 -45.74 -55.95 -50.50
N VAL G 191 -45.05 -56.32 -51.58
CA VAL G 191 -43.61 -56.57 -51.58
C VAL G 191 -42.96 -55.57 -52.51
N LEU G 192 -42.01 -54.79 -51.99
CA LEU G 192 -41.38 -53.69 -52.71
C LEU G 192 -39.89 -53.99 -52.81
N LYS G 193 -39.33 -53.96 -54.03
CA LYS G 193 -37.94 -54.29 -54.27
C LYS G 193 -37.25 -53.21 -55.09
N ILE G 194 -36.02 -52.90 -54.72
CA ILE G 194 -35.17 -51.94 -55.44
C ILE G 194 -33.80 -52.59 -55.64
N GLN G 195 -33.27 -52.54 -56.86
CA GLN G 195 -31.92 -52.98 -57.11
C GLN G 195 -31.20 -51.99 -58.03
N VAL G 196 -30.04 -51.51 -57.59
CA VAL G 196 -29.27 -50.47 -58.27
C VAL G 196 -27.82 -50.94 -58.38
N HIS G 197 -27.21 -50.79 -59.56
CA HIS G 197 -25.79 -51.08 -59.76
C HIS G 197 -25.13 -49.84 -60.37
N TYR G 198 -23.94 -49.50 -59.87
CA TYR G 198 -23.18 -48.35 -60.38
C TYR G 198 -21.70 -48.68 -60.33
N TYR G 199 -21.02 -48.61 -61.49
CA TYR G 199 -19.71 -49.22 -61.65
C TYR G 199 -18.76 -48.35 -62.46
N GLU G 200 -18.71 -47.04 -62.14
CA GLU G 200 -17.95 -46.10 -62.97
C GLU G 200 -16.45 -46.32 -62.84
N ASP G 201 -15.90 -46.07 -61.66
CA ASP G 201 -14.49 -46.35 -61.41
C ASP G 201 -14.27 -47.53 -60.49
N GLY G 202 -15.23 -47.83 -59.62
CA GLY G 202 -15.18 -49.05 -58.83
C GLY G 202 -16.44 -49.86 -59.04
N ASN G 203 -17.14 -50.17 -57.96
CA ASN G 203 -18.35 -50.98 -58.02
C ASN G 203 -19.15 -50.70 -56.77
N VAL G 204 -20.47 -50.54 -56.91
CA VAL G 204 -21.37 -50.38 -55.78
C VAL G 204 -22.73 -50.93 -56.19
N GLN G 205 -23.36 -51.68 -55.27
CA GLN G 205 -24.67 -52.26 -55.50
C GLN G 205 -25.57 -52.01 -54.30
N LEU G 206 -26.87 -51.85 -54.55
CA LEU G 206 -27.87 -51.76 -53.51
C LEU G 206 -29.03 -52.69 -53.83
N VAL G 207 -29.37 -53.55 -52.87
CA VAL G 207 -30.55 -54.41 -52.92
C VAL G 207 -31.39 -54.09 -51.70
N SER G 208 -32.69 -53.89 -51.90
CA SER G 208 -33.57 -53.61 -50.77
C SER G 208 -34.96 -54.15 -51.04
N HIS G 209 -35.64 -54.59 -49.97
CA HIS G 209 -37.04 -54.98 -50.09
C HIS G 209 -37.76 -54.66 -48.79
N LYS G 210 -39.08 -54.52 -48.90
CA LYS G 210 -39.95 -54.21 -47.78
C LYS G 210 -41.28 -54.94 -47.96
N ASP G 211 -41.80 -55.49 -46.87
CA ASP G 211 -43.12 -56.10 -46.85
C ASP G 211 -44.07 -55.24 -46.03
N VAL G 212 -45.18 -54.85 -46.65
CA VAL G 212 -46.16 -53.96 -46.02
C VAL G 212 -47.50 -54.67 -45.97
N GLN G 213 -48.09 -54.74 -44.77
CA GLN G 213 -49.40 -55.34 -44.56
C GLN G 213 -50.34 -54.29 -44.01
N ASP G 214 -51.51 -54.15 -44.65
CA ASP G 214 -52.51 -53.21 -44.15
C ASP G 214 -53.88 -53.81 -44.42
N SER G 215 -54.93 -53.02 -44.17
CA SER G 215 -56.29 -53.47 -44.40
C SER G 215 -57.09 -52.35 -45.05
N LEU G 216 -58.16 -52.73 -45.74
CA LEU G 216 -59.04 -51.77 -46.39
C LEU G 216 -60.48 -52.27 -46.31
N THR G 217 -61.41 -51.34 -46.43
CA THR G 217 -62.82 -51.69 -46.49
C THR G 217 -63.22 -52.06 -47.92
N VAL G 218 -64.34 -52.76 -48.04
CA VAL G 218 -64.81 -53.30 -49.31
C VAL G 218 -66.16 -52.69 -49.63
N SER G 219 -66.28 -52.15 -50.84
CA SER G 219 -67.47 -51.48 -51.33
C SER G 219 -67.52 -51.69 -52.84
N ASN G 220 -68.24 -50.83 -53.55
CA ASN G 220 -68.27 -50.86 -55.00
C ASN G 220 -66.88 -50.57 -55.58
N GLU G 221 -66.74 -50.84 -56.89
CA GLU G 221 -65.43 -51.04 -57.52
C GLU G 221 -64.57 -49.78 -57.50
N ALA G 222 -65.19 -48.62 -57.75
CA ALA G 222 -64.43 -47.36 -57.83
C ALA G 222 -63.84 -46.97 -56.48
N GLN G 223 -64.64 -47.09 -55.41
CA GLN G 223 -64.16 -46.69 -54.09
C GLN G 223 -63.07 -47.61 -53.57
N THR G 224 -63.21 -48.93 -53.78
CA THR G 224 -62.15 -49.83 -53.33
C THR G 224 -60.90 -49.71 -54.20
N ALA G 225 -61.06 -49.34 -55.48
CA ALA G 225 -59.90 -49.03 -56.30
C ALA G 225 -59.16 -47.79 -55.79
N LYS G 226 -59.92 -46.76 -55.39
CA LYS G 226 -59.30 -45.56 -54.84
C LYS G 226 -58.61 -45.85 -53.51
N GLU G 227 -59.20 -46.72 -52.69
CA GLU G 227 -58.57 -47.09 -51.43
C GLU G 227 -57.29 -47.89 -51.65
N PHE G 228 -57.29 -48.76 -52.66
CA PHE G 228 -56.08 -49.52 -53.03
C PHE G 228 -54.97 -48.59 -53.50
N ILE G 229 -55.32 -47.60 -54.33
CA ILE G 229 -54.33 -46.63 -54.79
C ILE G 229 -53.83 -45.78 -53.63
N LYS G 230 -54.72 -45.45 -52.68
CA LYS G 230 -54.32 -44.64 -51.53
C LYS G 230 -53.34 -45.38 -50.61
N ILE G 231 -53.59 -46.67 -50.36
CA ILE G 231 -52.65 -47.40 -49.50
C ILE G 231 -51.34 -47.67 -50.22
N ILE G 232 -51.38 -47.84 -51.55
CA ILE G 232 -50.15 -47.99 -52.33
C ILE G 232 -49.30 -46.72 -52.25
N GLU G 233 -49.95 -45.55 -52.40
CA GLU G 233 -49.25 -44.27 -52.28
C GLU G 233 -48.67 -44.08 -50.88
N ASN G 234 -49.47 -44.30 -49.85
CA ASN G 234 -49.03 -44.05 -48.48
C ASN G 234 -48.02 -45.08 -47.99
N ALA G 235 -47.86 -46.20 -48.69
CA ALA G 235 -46.76 -47.10 -48.37
C ALA G 235 -45.48 -46.74 -49.11
N GLU G 236 -45.58 -46.52 -50.44
CA GLU G 236 -44.37 -46.32 -51.23
C GLU G 236 -43.73 -44.95 -50.97
N ASN G 237 -44.53 -43.93 -50.64
CA ASN G 237 -43.97 -42.63 -50.30
C ASN G 237 -43.15 -42.69 -49.03
N GLU G 238 -43.66 -43.39 -48.01
CA GLU G 238 -42.92 -43.53 -46.75
C GLU G 238 -41.70 -44.41 -46.94
N TYR G 239 -41.77 -45.42 -47.81
CA TYR G 239 -40.61 -46.26 -48.09
C TYR G 239 -39.49 -45.46 -48.75
N GLN G 240 -39.84 -44.63 -49.74
CA GLN G 240 -38.82 -43.82 -50.42
C GLN G 240 -38.25 -42.73 -49.51
N THR G 241 -39.11 -42.10 -48.70
CA THR G 241 -38.65 -41.09 -47.76
C THR G 241 -37.76 -41.69 -46.68
N ALA G 242 -38.07 -42.91 -46.24
CA ALA G 242 -37.24 -43.58 -45.26
C ALA G 242 -35.90 -44.01 -45.85
N ILE G 243 -35.87 -44.39 -47.13
CA ILE G 243 -34.61 -44.69 -47.80
C ILE G 243 -33.74 -43.44 -47.90
N SER G 244 -34.34 -42.30 -48.23
CA SER G 244 -33.60 -41.04 -48.32
C SER G 244 -33.05 -40.62 -46.95
N GLU G 245 -33.88 -40.73 -45.91
CA GLU G 245 -33.42 -40.39 -44.56
C GLU G 245 -32.38 -41.38 -44.04
N ASN G 246 -32.44 -42.63 -44.49
CA ASN G 246 -31.41 -43.59 -44.13
C ASN G 246 -30.10 -43.29 -44.82
N TYR G 247 -30.15 -42.77 -46.05
CA TYR G 247 -28.93 -42.31 -46.72
C TYR G 247 -28.38 -41.06 -46.07
N GLN G 248 -29.24 -40.24 -45.46
CA GLN G 248 -28.78 -39.02 -44.80
C GLN G 248 -27.90 -39.33 -43.60
N THR G 249 -28.27 -40.33 -42.80
CA THR G 249 -27.58 -40.64 -41.55
C THR G 249 -26.71 -41.87 -41.65
N MET G 250 -26.15 -42.16 -42.82
CA MET G 250 -25.29 -43.33 -42.94
C MET G 250 -23.93 -43.10 -42.30
N SER G 251 -23.36 -41.92 -42.49
CA SER G 251 -21.99 -41.63 -42.07
C SER G 251 -21.84 -41.41 -40.57
N ASP G 252 -22.94 -41.30 -39.83
CA ASP G 252 -22.86 -41.08 -38.40
C ASP G 252 -23.34 -42.26 -37.57
N THR G 253 -24.14 -43.17 -38.14
CA THR G 253 -24.72 -44.27 -37.37
C THR G 253 -24.17 -45.63 -37.79
N THR G 254 -24.28 -45.98 -39.07
CA THR G 254 -23.91 -47.33 -39.48
C THR G 254 -22.50 -47.43 -40.04
N PHE G 255 -22.09 -46.43 -40.83
CA PHE G 255 -20.72 -46.41 -41.34
C PHE G 255 -19.71 -46.13 -40.22
N LYS G 256 -20.11 -45.40 -39.18
CA LYS G 256 -19.24 -45.16 -38.03
C LYS G 256 -18.99 -46.43 -37.24
N ALA G 257 -19.89 -47.41 -37.31
CA ALA G 257 -19.71 -48.68 -36.63
C ALA G 257 -18.65 -49.55 -37.29
N LEU G 258 -18.28 -49.27 -38.53
CA LEU G 258 -17.24 -50.00 -39.24
C LEU G 258 -15.92 -49.24 -39.28
N ARG G 259 -15.92 -48.01 -39.75
CA ARG G 259 -14.76 -47.14 -39.65
C ARG G 259 -15.21 -45.70 -39.43
N ARG G 260 -14.66 -45.06 -38.41
CA ARG G 260 -14.93 -43.66 -38.18
C ARG G 260 -14.20 -42.79 -39.20
N GLN G 261 -14.76 -41.61 -39.46
CA GLN G 261 -14.12 -40.67 -40.36
C GLN G 261 -12.92 -40.00 -39.72
N LEU G 262 -13.05 -39.62 -38.46
CA LEU G 262 -11.97 -39.13 -37.61
C LEU G 262 -12.02 -39.91 -36.31
N PRO G 263 -10.89 -40.02 -35.60
CA PRO G 263 -10.92 -40.62 -34.25
C PRO G 263 -11.71 -39.78 -33.25
N VAL G 264 -11.87 -40.29 -32.03
CA VAL G 264 -12.62 -39.57 -31.01
C VAL G 264 -11.91 -38.31 -30.53
N THR G 265 -10.61 -38.17 -30.82
CA THR G 265 -9.87 -36.96 -30.55
C THR G 265 -10.12 -35.87 -31.57
N ARG G 266 -10.85 -36.18 -32.65
CA ARG G 266 -11.18 -35.25 -33.74
C ARG G 266 -9.94 -34.65 -34.39
N THR G 267 -8.91 -35.47 -34.56
CA THR G 267 -7.68 -35.03 -35.19
C THR G 267 -6.97 -36.24 -35.78
N LYS G 268 -6.01 -35.95 -36.66
CA LYS G 268 -5.20 -37.00 -37.26
C LYS G 268 -4.22 -37.54 -36.22
N ILE G 269 -3.67 -38.71 -36.52
CA ILE G 269 -2.79 -39.39 -35.58
C ILE G 269 -1.41 -38.77 -35.63
N ASP G 270 -0.88 -38.40 -34.47
CA ASP G 270 0.51 -37.96 -34.35
C ASP G 270 1.38 -39.21 -34.26
N TRP G 271 2.11 -39.51 -35.33
CA TRP G 271 2.85 -40.77 -35.41
C TRP G 271 4.14 -40.76 -34.61
N ASN G 272 4.54 -39.62 -34.07
CA ASN G 272 5.66 -39.55 -33.15
C ASN G 272 5.25 -39.75 -31.70
N LYS G 273 3.97 -40.01 -31.43
CA LYS G 273 3.43 -40.09 -30.08
C LYS G 273 2.49 -41.29 -29.94
N ILE G 274 2.92 -42.44 -30.43
CA ILE G 274 2.09 -43.66 -30.37
C ILE G 274 1.98 -44.17 -28.94
N LEU G 275 3.09 -44.12 -28.19
CA LEU G 275 3.10 -44.54 -26.80
C LEU G 275 2.24 -43.64 -25.93
N SER G 276 2.06 -42.38 -26.30
CA SER G 276 1.18 -41.49 -25.54
C SER G 276 -0.28 -41.86 -25.72
N TYR G 277 -0.65 -42.46 -26.85
CA TYR G 277 -1.96 -43.05 -26.98
C TYR G 277 -2.08 -44.40 -26.27
N LYS G 278 -0.99 -45.15 -26.20
CA LYS G 278 -1.04 -46.48 -25.58
C LYS G 278 -1.00 -46.42 -24.06
N ILE G 279 -0.46 -45.35 -23.47
CA ILE G 279 -0.28 -45.28 -22.02
C ILE G 279 -1.63 -45.08 -21.31
N GLY G 280 -2.59 -44.42 -21.96
CA GLY G 280 -3.79 -43.99 -21.28
C GLY G 280 -4.81 -45.05 -20.96
N LYS G 281 -4.61 -46.28 -21.43
CA LYS G 281 -5.56 -47.36 -21.21
C LYS G 281 -5.05 -48.38 -20.20
N GLU G 282 -3.91 -48.13 -19.57
CA GLU G 282 -3.27 -49.08 -18.67
C GLU G 282 -3.61 -48.84 -17.20
N MET G 283 -4.54 -47.93 -16.91
CA MET G 283 -4.85 -47.54 -15.54
C MET G 283 -6.31 -47.79 -15.23
N GLN G 284 -6.78 -48.98 -15.60
CA GLN G 284 -8.15 -49.49 -15.40
C GLN G 284 -9.22 -48.56 -15.98
N SER H 1 -8.48 -69.41 -73.31
CA SER H 1 -7.31 -69.21 -72.46
C SER H 1 -7.43 -67.94 -71.63
N ASP H 2 -6.85 -66.85 -72.15
CA ASP H 2 -6.95 -65.57 -71.46
C ASP H 2 -8.33 -64.97 -71.59
N GLN H 3 -9.06 -65.31 -72.66
CA GLN H 3 -10.42 -64.83 -72.83
C GLN H 3 -11.35 -65.44 -71.78
N GLN H 4 -11.12 -66.71 -71.43
CA GLN H 4 -11.88 -67.33 -70.34
C GLN H 4 -11.59 -66.67 -69.00
N LEU H 5 -10.33 -66.28 -68.77
CA LEU H 5 -9.96 -65.59 -67.54
C LEU H 5 -10.62 -64.22 -67.46
N ASP H 6 -10.63 -63.49 -68.58
CA ASP H 6 -11.27 -62.18 -68.61
C ASP H 6 -12.78 -62.30 -68.45
N CYS H 7 -13.38 -63.35 -69.02
CA CYS H 7 -14.82 -63.58 -68.84
C CYS H 7 -15.16 -63.94 -67.40
N ALA H 8 -14.30 -64.71 -66.74
CA ALA H 8 -14.53 -65.04 -65.33
C ALA H 8 -14.39 -63.80 -64.44
N LEU H 9 -13.41 -62.95 -64.75
CA LEU H 9 -13.24 -61.69 -64.01
C LEU H 9 -14.44 -60.78 -64.20
N ASP H 10 -14.92 -60.66 -65.44
CA ASP H 10 -16.08 -59.83 -65.71
C ASP H 10 -17.36 -60.45 -65.17
N LEU H 11 -17.36 -61.77 -64.96
CA LEU H 11 -18.52 -62.42 -64.36
C LEU H 11 -18.59 -62.15 -62.87
N MET H 12 -17.50 -62.40 -62.15
CA MET H 12 -17.53 -62.19 -60.70
C MET H 12 -17.36 -60.72 -60.32
N ARG H 13 -17.09 -59.84 -61.28
CA ARG H 13 -17.04 -58.41 -60.98
C ARG H 13 -18.44 -57.85 -60.76
N ARG H 14 -19.43 -58.33 -61.52
CA ARG H 14 -20.80 -57.84 -61.44
C ARG H 14 -21.69 -58.75 -60.61
N LEU H 15 -21.12 -59.52 -59.71
CA LEU H 15 -21.83 -60.29 -58.71
C LEU H 15 -22.00 -59.44 -57.45
N PRO H 16 -22.99 -59.74 -56.61
CA PRO H 16 -23.19 -58.96 -55.37
C PRO H 16 -22.00 -59.04 -54.44
N PRO H 17 -21.56 -57.90 -53.88
CA PRO H 17 -20.33 -57.85 -53.07
C PRO H 17 -20.56 -58.18 -51.59
N GLN H 18 -21.27 -59.26 -51.34
CA GLN H 18 -21.46 -59.79 -49.99
C GLN H 18 -21.17 -61.27 -49.90
N GLN H 19 -21.23 -61.99 -51.00
CA GLN H 19 -21.05 -63.44 -51.06
C GLN H 19 -19.86 -63.78 -51.94
N ILE H 20 -18.75 -63.06 -51.75
CA ILE H 20 -17.60 -63.18 -52.64
C ILE H 20 -16.93 -64.54 -52.49
N GLU H 21 -16.78 -65.02 -51.25
CA GLU H 21 -16.18 -66.32 -51.02
C GLU H 21 -17.08 -67.45 -51.52
N LYS H 22 -18.38 -67.32 -51.30
CA LYS H 22 -19.31 -68.36 -51.74
C LYS H 22 -19.43 -68.39 -53.26
N ASN H 23 -19.45 -67.22 -53.90
CA ASN H 23 -19.51 -67.19 -55.36
C ASN H 23 -18.19 -67.61 -55.99
N LEU H 24 -17.07 -67.36 -55.32
CA LEU H 24 -15.78 -67.83 -55.84
C LEU H 24 -15.60 -69.33 -55.62
N SER H 25 -16.26 -69.89 -54.60
CA SER H 25 -16.14 -71.32 -54.34
C SER H 25 -16.82 -72.15 -55.43
N ASP H 26 -17.98 -71.72 -55.91
CA ASP H 26 -18.70 -72.47 -56.93
C ASP H 26 -18.47 -71.89 -58.32
N LEU H 27 -17.49 -71.01 -58.49
CA LEU H 27 -17.03 -70.63 -59.81
C LEU H 27 -15.81 -71.41 -60.24
N ILE H 28 -14.99 -71.85 -59.28
CA ILE H 28 -13.72 -72.49 -59.59
C ILE H 28 -13.88 -73.96 -59.94
N ASP H 29 -15.03 -74.56 -59.67
CA ASP H 29 -15.25 -75.93 -60.12
C ASP H 29 -15.74 -76.01 -61.56
N LEU H 30 -16.06 -74.87 -62.18
CA LEU H 30 -16.39 -74.83 -63.61
C LEU H 30 -15.15 -75.15 -64.43
N VAL H 31 -14.11 -74.33 -64.29
CA VAL H 31 -12.84 -74.53 -64.97
C VAL H 31 -11.74 -74.53 -63.93
N PRO H 32 -11.37 -75.71 -63.40
CA PRO H 32 -10.30 -75.81 -62.40
C PRO H 32 -8.89 -75.84 -62.98
N SER H 33 -8.62 -74.93 -63.91
CA SER H 33 -7.30 -74.82 -64.55
C SER H 33 -6.63 -73.50 -64.23
N LEU H 34 -7.37 -72.39 -64.27
CA LEU H 34 -6.87 -71.08 -63.89
C LEU H 34 -7.16 -70.76 -62.43
N CYS H 35 -7.22 -71.78 -61.58
CA CYS H 35 -7.44 -71.56 -60.14
C CYS H 35 -6.25 -70.84 -59.52
N GLU H 36 -5.03 -71.19 -59.93
CA GLU H 36 -3.85 -70.49 -59.43
C GLU H 36 -3.72 -69.10 -60.02
N ASP H 37 -4.42 -68.81 -61.12
CA ASP H 37 -4.27 -67.52 -61.79
C ASP H 37 -5.15 -66.45 -61.15
N LEU H 38 -6.46 -66.72 -61.02
CA LEU H 38 -7.38 -65.69 -60.54
C LEU H 38 -7.28 -65.45 -59.05
N LEU H 39 -6.77 -66.41 -58.27
CA LEU H 39 -6.63 -66.21 -56.83
C LEU H 39 -5.54 -65.22 -56.48
N SER H 40 -4.63 -64.92 -57.41
CA SER H 40 -3.64 -63.86 -57.24
C SER H 40 -4.05 -62.58 -57.96
N SER H 41 -5.29 -62.49 -58.45
CA SER H 41 -5.73 -61.32 -59.20
C SER H 41 -7.09 -60.77 -58.78
N VAL H 42 -7.85 -61.45 -57.95
CA VAL H 42 -9.13 -60.94 -57.46
C VAL H 42 -8.96 -60.49 -56.02
N ASP H 43 -9.97 -59.80 -55.51
CA ASP H 43 -9.98 -59.30 -54.14
C ASP H 43 -10.96 -60.12 -53.31
N GLN H 44 -10.50 -60.59 -52.16
CA GLN H 44 -11.27 -61.45 -51.28
C GLN H 44 -11.24 -60.93 -49.85
N PRO H 45 -12.27 -61.21 -49.06
CA PRO H 45 -12.20 -60.91 -47.62
C PRO H 45 -11.11 -61.71 -46.94
N LEU H 46 -10.53 -61.11 -45.91
CA LEU H 46 -9.37 -61.69 -45.25
C LEU H 46 -9.79 -62.84 -44.34
N LYS H 47 -8.79 -63.59 -43.89
CA LYS H 47 -8.97 -64.74 -43.01
C LYS H 47 -8.25 -64.47 -41.70
N ILE H 48 -8.87 -64.92 -40.60
CA ILE H 48 -8.37 -64.66 -39.25
C ILE H 48 -7.85 -65.97 -38.67
N ALA H 49 -6.61 -65.96 -38.20
CA ALA H 49 -6.04 -67.09 -37.47
C ALA H 49 -5.60 -66.61 -36.10
N ARG H 50 -5.36 -67.55 -35.20
CA ARG H 50 -5.00 -67.21 -33.83
C ARG H 50 -3.63 -67.76 -33.50
N ASP H 51 -2.78 -66.90 -32.93
CA ASP H 51 -1.46 -67.30 -32.44
C ASP H 51 -1.62 -67.77 -31.01
N LYS H 52 -1.41 -69.07 -30.77
CA LYS H 52 -1.62 -69.61 -29.43
C LYS H 52 -0.53 -69.22 -28.46
N VAL H 53 0.66 -68.85 -28.95
CA VAL H 53 1.75 -68.48 -28.07
C VAL H 53 1.46 -67.13 -27.40
N VAL H 54 0.99 -66.15 -28.16
CA VAL H 54 0.78 -64.81 -27.64
C VAL H 54 -0.70 -64.49 -27.39
N GLY H 55 -1.62 -65.32 -27.90
CA GLY H 55 -3.03 -65.09 -27.66
C GLY H 55 -3.65 -63.96 -28.44
N LYS H 56 -3.17 -63.70 -29.65
CA LYS H 56 -3.68 -62.63 -30.49
C LYS H 56 -4.05 -63.16 -31.87
N ASP H 57 -5.04 -62.52 -32.48
CA ASP H 57 -5.43 -62.86 -33.84
C ASP H 57 -4.53 -62.16 -34.85
N TYR H 58 -4.43 -62.76 -36.03
CA TYR H 58 -3.60 -62.20 -37.09
C TYR H 58 -4.18 -62.63 -38.44
N LEU H 59 -4.00 -61.77 -39.43
CA LEU H 59 -4.67 -61.92 -40.72
C LEU H 59 -3.80 -62.71 -41.69
N LEU H 60 -4.46 -63.39 -42.62
CA LEU H 60 -3.83 -64.30 -43.55
C LEU H 60 -3.95 -63.76 -44.97
N CYS H 61 -2.83 -63.65 -45.65
CA CYS H 61 -2.80 -63.22 -47.04
C CYS H 61 -1.73 -64.02 -47.77
N ASP H 62 -1.43 -63.61 -49.00
CA ASP H 62 -0.46 -64.29 -49.85
C ASP H 62 0.95 -63.78 -49.66
N TYR H 63 1.16 -62.78 -48.82
CA TYR H 63 2.48 -62.21 -48.58
C TYR H 63 3.13 -62.73 -47.32
N ASN H 64 2.44 -63.57 -46.55
CA ASN H 64 3.04 -64.28 -45.42
C ASN H 64 2.86 -65.79 -45.56
N ARG H 65 2.55 -66.27 -46.77
CA ARG H 65 2.30 -67.68 -47.03
C ARG H 65 3.57 -68.34 -47.55
N ASP H 66 3.92 -69.48 -46.96
CA ASP H 66 5.03 -70.31 -47.43
C ASP H 66 4.48 -71.70 -47.74
N GLY H 67 3.92 -71.84 -48.93
CA GLY H 67 3.32 -73.09 -49.35
C GLY H 67 1.92 -73.26 -48.81
N ASP H 68 1.82 -73.62 -47.53
CA ASP H 68 0.54 -73.69 -46.84
C ASP H 68 0.58 -73.10 -45.45
N SER H 69 1.75 -72.83 -44.88
CA SER H 69 1.85 -72.25 -43.56
C SER H 69 1.89 -70.73 -43.66
N TYR H 70 1.59 -70.07 -42.55
CA TYR H 70 1.49 -68.62 -42.50
C TYR H 70 2.29 -68.09 -41.31
N ARG H 71 3.09 -67.06 -41.55
CA ARG H 71 3.95 -66.49 -40.53
C ARG H 71 3.18 -65.48 -39.69
N SER H 72 3.23 -65.64 -38.36
CA SER H 72 2.55 -64.72 -37.47
C SER H 72 3.43 -63.49 -37.24
N PRO H 73 2.85 -62.28 -37.24
CA PRO H 73 3.66 -61.08 -37.00
C PRO H 73 3.98 -60.84 -35.53
N TRP H 74 3.25 -61.44 -34.60
CA TRP H 74 3.48 -61.14 -33.19
C TRP H 74 4.60 -61.99 -32.60
N SER H 75 4.69 -63.26 -33.01
CA SER H 75 5.68 -64.17 -32.45
C SER H 75 6.76 -64.59 -33.43
N ASN H 76 6.63 -64.21 -34.72
CA ASN H 76 7.57 -64.54 -35.80
C ASN H 76 7.76 -66.05 -35.95
N LYS H 77 6.64 -66.77 -35.93
CA LYS H 77 6.64 -68.22 -36.09
C LYS H 77 5.57 -68.62 -37.10
N TYR H 78 5.78 -69.77 -37.72
CA TYR H 78 4.84 -70.30 -38.69
C TYR H 78 3.83 -71.22 -38.03
N ASP H 79 2.68 -71.38 -38.69
CA ASP H 79 1.62 -72.27 -38.22
C ASP H 79 0.87 -72.80 -39.44
N PRO H 80 1.00 -74.10 -39.80
CA PRO H 80 1.72 -75.23 -39.17
C PRO H 80 3.25 -75.10 -39.13
N PRO H 81 3.90 -75.68 -38.09
CA PRO H 81 5.32 -75.40 -37.84
C PRO H 81 6.22 -76.06 -38.87
N LEU H 82 6.89 -75.23 -39.67
CA LEU H 82 7.89 -75.67 -40.63
C LEU H 82 9.25 -75.18 -40.20
N GLU H 83 10.26 -75.52 -40.98
CA GLU H 83 11.64 -75.12 -40.71
C GLU H 83 12.23 -74.45 -41.93
N ASP H 84 13.18 -73.53 -41.67
CA ASP H 84 13.89 -72.75 -42.68
C ASP H 84 12.93 -71.96 -43.58
N GLY H 85 11.90 -71.37 -42.97
CA GLY H 85 10.94 -70.59 -43.71
C GLY H 85 11.46 -69.21 -44.09
N ALA H 86 10.65 -68.50 -44.87
CA ALA H 86 11.01 -67.16 -45.31
C ALA H 86 10.88 -66.19 -44.14
N MET H 87 11.97 -65.51 -43.81
CA MET H 87 12.03 -64.63 -42.66
C MET H 87 12.60 -63.28 -43.06
N PRO H 88 12.19 -62.21 -42.39
CA PRO H 88 12.86 -60.92 -42.57
C PRO H 88 14.20 -60.90 -41.85
N SER H 89 14.98 -59.87 -42.14
CA SER H 89 16.22 -59.65 -41.40
C SER H 89 15.92 -59.06 -40.03
N ALA H 90 16.98 -58.92 -39.21
CA ALA H 90 16.83 -58.41 -37.86
C ALA H 90 16.41 -56.94 -37.86
N ARG H 91 16.99 -56.14 -38.76
CA ARG H 91 16.56 -54.76 -38.93
C ARG H 91 15.14 -54.68 -39.45
N LEU H 92 14.79 -55.59 -40.37
CA LEU H 92 13.44 -55.61 -40.92
C LEU H 92 12.43 -56.07 -39.89
N ARG H 93 12.79 -57.01 -39.02
CA ARG H 93 11.89 -57.44 -37.95
C ARG H 93 11.72 -56.34 -36.90
N LYS H 94 12.80 -55.61 -36.60
CA LYS H 94 12.72 -54.49 -35.68
C LYS H 94 11.86 -53.36 -36.25
N LEU H 95 11.89 -53.19 -37.57
CA LEU H 95 10.96 -52.28 -38.21
C LEU H 95 9.53 -52.81 -38.16
N GLU H 96 9.36 -54.13 -38.32
CA GLU H 96 8.03 -54.71 -38.44
C GLU H 96 7.28 -54.72 -37.11
N VAL H 97 7.99 -54.89 -35.99
CA VAL H 97 7.30 -54.87 -34.71
C VAL H 97 6.81 -53.46 -34.38
N GLU H 98 7.61 -52.44 -34.71
CA GLU H 98 7.18 -51.05 -34.54
C GLU H 98 6.01 -50.71 -35.46
N ALA H 99 6.06 -51.22 -36.70
CA ALA H 99 4.95 -51.01 -37.63
C ALA H 99 3.67 -51.68 -37.14
N ASN H 100 3.78 -52.87 -36.57
CA ASN H 100 2.61 -53.57 -36.06
C ASN H 100 2.03 -52.87 -34.84
N ASN H 101 2.88 -52.35 -33.96
CA ASN H 101 2.40 -51.56 -32.81
C ASN H 101 1.70 -50.29 -33.26
N ALA H 102 2.32 -49.56 -34.20
CA ALA H 102 1.73 -48.30 -34.67
C ALA H 102 0.42 -48.53 -35.40
N PHE H 103 0.33 -49.57 -36.22
CA PHE H 103 -0.92 -49.83 -36.91
C PHE H 103 -1.96 -50.50 -36.02
N ASP H 104 -1.55 -51.14 -34.93
CA ASP H 104 -2.51 -51.55 -33.92
C ASP H 104 -3.14 -50.35 -33.25
N GLN H 105 -2.34 -49.32 -32.95
CA GLN H 105 -2.91 -48.08 -32.41
C GLN H 105 -3.78 -47.36 -33.42
N TYR H 106 -3.39 -47.42 -34.71
CA TYR H 106 -4.21 -46.86 -35.78
C TYR H 106 -5.57 -47.55 -35.87
N ARG H 107 -5.56 -48.89 -35.79
CA ARG H 107 -6.80 -49.66 -35.84
C ARG H 107 -7.64 -49.43 -34.60
N ASP H 108 -7.01 -49.18 -33.45
CA ASP H 108 -7.78 -48.89 -32.24
C ASP H 108 -8.43 -47.51 -32.34
N LEU H 109 -7.73 -46.52 -32.89
CA LEU H 109 -8.27 -45.17 -32.96
C LEU H 109 -9.36 -45.06 -34.03
N TYR H 110 -9.13 -45.61 -35.21
CA TYR H 110 -10.06 -45.40 -36.32
C TYR H 110 -11.16 -46.45 -36.41
N PHE H 111 -10.87 -47.70 -36.06
CA PHE H 111 -11.84 -48.77 -36.22
C PHE H 111 -12.50 -49.20 -34.92
N GLU H 112 -11.86 -48.94 -33.78
CA GLU H 112 -12.35 -49.29 -32.44
C GLU H 112 -12.65 -50.79 -32.32
N GLY H 113 -11.74 -51.60 -32.85
CA GLY H 113 -11.92 -53.04 -32.86
C GLY H 113 -11.51 -53.62 -34.19
N GLY H 114 -11.38 -54.94 -34.27
CA GLY H 114 -10.98 -55.60 -35.49
C GLY H 114 -9.57 -56.13 -35.41
N VAL H 115 -9.11 -56.66 -36.54
CA VAL H 115 -7.79 -57.28 -36.65
C VAL H 115 -6.97 -56.49 -37.65
N SER H 116 -5.74 -56.16 -37.28
CA SER H 116 -4.79 -55.49 -38.15
C SER H 116 -3.51 -56.29 -38.22
N SER H 117 -2.90 -56.32 -39.41
CA SER H 117 -1.64 -57.03 -39.61
C SER H 117 -0.76 -56.26 -40.58
N VAL H 118 0.54 -56.26 -40.30
CA VAL H 118 1.54 -55.61 -41.14
C VAL H 118 2.64 -56.61 -41.44
N TYR H 119 2.96 -56.81 -42.72
CA TYR H 119 4.01 -57.73 -43.13
C TYR H 119 5.00 -57.02 -44.02
N LEU H 120 6.29 -57.16 -43.71
CA LEU H 120 7.37 -56.48 -44.41
C LEU H 120 8.34 -57.48 -45.02
N TRP H 121 8.95 -57.08 -46.12
CA TRP H 121 10.03 -57.86 -46.74
C TRP H 121 10.93 -56.92 -47.52
N ASP H 122 12.09 -57.43 -47.90
CA ASP H 122 13.15 -56.64 -48.50
C ASP H 122 13.05 -56.65 -50.03
N LEU H 123 13.61 -55.61 -50.63
CA LEU H 123 13.64 -55.42 -52.07
C LEU H 123 15.09 -55.24 -52.52
N ASP H 124 15.26 -54.81 -53.78
CA ASP H 124 16.61 -54.61 -54.31
C ASP H 124 17.28 -53.40 -53.68
N HIS H 125 16.53 -52.36 -53.38
CA HIS H 125 17.09 -51.19 -52.71
C HIS H 125 16.32 -50.78 -51.47
N GLY H 126 15.00 -50.91 -51.49
CA GLY H 126 14.19 -50.52 -50.35
C GLY H 126 13.49 -51.69 -49.71
N PHE H 127 12.24 -51.48 -49.28
CA PHE H 127 11.46 -52.53 -48.64
C PHE H 127 10.00 -52.35 -48.99
N ALA H 128 9.27 -53.46 -48.99
CA ALA H 128 7.86 -53.44 -49.30
C ALA H 128 7.06 -54.02 -48.14
N GLY H 129 5.82 -53.59 -48.04
CA GLY H 129 4.96 -54.00 -46.94
C GLY H 129 3.52 -54.08 -47.36
N VAL H 130 2.77 -54.94 -46.69
CA VAL H 130 1.33 -55.08 -46.88
C VAL H 130 0.65 -54.90 -45.53
N ILE H 131 -0.33 -54.01 -45.49
CA ILE H 131 -1.13 -53.72 -44.31
C ILE H 131 -2.54 -54.22 -44.59
N LEU H 132 -2.99 -55.18 -43.77
CA LEU H 132 -4.32 -55.76 -43.87
C LEU H 132 -5.13 -55.33 -42.67
N ILE H 133 -6.35 -54.84 -42.92
CA ILE H 133 -7.27 -54.46 -41.84
C ILE H 133 -8.62 -55.11 -42.10
N LYS H 134 -9.16 -55.81 -41.10
CA LYS H 134 -10.48 -56.40 -41.19
C LYS H 134 -11.29 -56.01 -39.97
N LYS H 135 -12.52 -55.56 -40.19
CA LYS H 135 -13.43 -55.28 -39.10
C LYS H 135 -14.83 -55.77 -39.47
N ALA H 136 -15.38 -56.65 -38.63
CA ALA H 136 -16.76 -57.06 -38.75
C ALA H 136 -17.62 -56.28 -37.77
N GLY H 137 -18.92 -56.29 -38.01
CA GLY H 137 -19.83 -55.55 -37.16
C GLY H 137 -20.02 -56.21 -35.81
N ASP H 138 -20.48 -55.43 -34.85
CA ASP H 138 -20.74 -55.90 -33.49
C ASP H 138 -22.18 -56.38 -33.43
N GLY H 139 -22.36 -57.69 -33.19
CA GLY H 139 -23.69 -58.26 -33.16
C GLY H 139 -24.48 -57.91 -31.92
N SER H 140 -23.81 -57.56 -30.82
CA SER H 140 -24.52 -57.18 -29.61
C SER H 140 -25.16 -55.81 -29.75
N LYS H 141 -24.58 -54.93 -30.55
CA LYS H 141 -25.10 -53.60 -30.77
C LYS H 141 -25.88 -53.48 -32.08
N LYS H 142 -26.24 -54.62 -32.69
CA LYS H 142 -27.11 -54.71 -33.86
C LYS H 142 -26.50 -53.99 -35.08
N ILE H 143 -25.31 -54.42 -35.47
CA ILE H 143 -24.60 -53.91 -36.62
C ILE H 143 -24.21 -55.07 -37.51
N LYS H 144 -24.63 -55.05 -38.76
CA LYS H 144 -24.33 -56.11 -39.71
C LYS H 144 -23.54 -55.52 -40.88
N GLY H 145 -22.33 -56.00 -41.08
CA GLY H 145 -21.51 -55.53 -42.16
C GLY H 145 -20.04 -55.85 -41.90
N CYS H 146 -19.22 -55.52 -42.89
CA CYS H 146 -17.80 -55.79 -42.81
C CYS H 146 -17.02 -54.79 -43.67
N TRP H 147 -15.78 -54.54 -43.24
CA TRP H 147 -14.81 -53.69 -43.90
C TRP H 147 -13.51 -54.48 -44.04
N ASP H 148 -12.96 -54.53 -45.26
CA ASP H 148 -11.69 -55.15 -45.53
C ASP H 148 -10.81 -54.18 -46.29
N SER H 149 -9.53 -54.11 -45.93
CA SER H 149 -8.63 -53.15 -46.56
C SER H 149 -7.26 -53.77 -46.73
N ILE H 150 -6.71 -53.64 -47.94
CA ILE H 150 -5.36 -54.10 -48.28
C ILE H 150 -4.58 -52.92 -48.81
N HIS H 151 -3.39 -52.68 -48.24
CA HIS H 151 -2.52 -51.59 -48.69
C HIS H 151 -1.13 -52.15 -48.95
N VAL H 152 -0.58 -51.85 -50.12
CA VAL H 152 0.75 -52.29 -50.51
C VAL H 152 1.63 -51.06 -50.68
N VAL H 153 2.73 -51.02 -49.94
CA VAL H 153 3.68 -49.92 -49.94
C VAL H 153 5.01 -50.43 -50.46
N GLU H 154 5.62 -49.69 -51.37
CA GLU H 154 6.98 -49.94 -51.84
C GLU H 154 7.83 -48.72 -51.54
N VAL H 155 8.97 -48.94 -50.88
CA VAL H 155 9.85 -47.87 -50.42
C VAL H 155 11.21 -48.06 -51.08
N GLN H 156 11.72 -47.01 -51.71
CA GLN H 156 13.01 -47.01 -52.38
C GLN H 156 13.88 -45.96 -51.71
N GLU H 157 15.03 -46.39 -51.18
CA GLU H 157 15.92 -45.46 -50.51
C GLU H 157 16.85 -44.79 -51.52
N LYS H 158 17.53 -43.74 -51.07
CA LYS H 158 18.38 -42.91 -51.91
C LYS H 158 19.78 -42.79 -51.32
N SER H 159 20.35 -43.94 -50.94
CA SER H 159 21.73 -44.12 -50.49
C SER H 159 22.07 -43.34 -49.23
N SER H 160 22.11 -42.01 -49.34
CA SER H 160 22.43 -41.16 -48.19
C SER H 160 21.36 -41.25 -47.11
N GLY H 161 20.09 -41.36 -47.50
CA GLY H 161 19.02 -41.50 -46.54
C GLY H 161 18.33 -40.22 -46.13
N ARG H 162 18.55 -39.13 -46.87
CA ARG H 162 17.86 -37.88 -46.54
C ARG H 162 16.40 -37.93 -46.95
N THR H 163 16.10 -38.50 -48.11
CA THR H 163 14.74 -38.59 -48.61
C THR H 163 14.54 -39.97 -49.24
N ALA H 164 13.27 -40.34 -49.40
CA ALA H 164 12.93 -41.65 -49.95
C ALA H 164 11.60 -41.56 -50.68
N HIS H 165 11.39 -42.53 -51.58
CA HIS H 165 10.22 -42.57 -52.45
C HIS H 165 9.27 -43.66 -51.94
N TYR H 166 7.99 -43.31 -51.83
CA TYR H 166 6.96 -44.23 -51.36
C TYR H 166 5.89 -44.36 -52.42
N LYS H 167 5.44 -45.59 -52.65
CA LYS H 167 4.37 -45.87 -53.60
C LYS H 167 3.33 -46.75 -52.91
N LEU H 168 2.09 -46.29 -52.90
CA LEU H 168 1.01 -46.95 -52.18
C LEU H 168 -0.09 -47.34 -53.14
N THR H 169 -0.63 -48.54 -52.98
CA THR H 169 -1.85 -48.94 -53.67
C THR H 169 -2.80 -49.60 -52.69
N SER H 170 -4.08 -49.26 -52.79
CA SER H 170 -5.06 -49.66 -51.79
C SER H 170 -6.30 -50.25 -52.44
N THR H 171 -6.86 -51.26 -51.78
CA THR H 171 -8.10 -51.91 -52.17
C THR H 171 -8.98 -52.03 -50.95
N VAL H 172 -10.20 -51.51 -51.03
CA VAL H 172 -11.14 -51.53 -49.91
C VAL H 172 -12.42 -52.21 -50.37
N MET H 173 -12.85 -53.22 -49.62
CA MET H 173 -14.12 -53.91 -49.84
C MET H 173 -15.02 -53.68 -48.64
N LEU H 174 -16.32 -53.54 -48.89
CA LEU H 174 -17.21 -53.07 -47.84
C LEU H 174 -18.62 -53.57 -48.09
N TRP H 175 -19.33 -53.94 -47.02
CA TRP H 175 -20.76 -54.15 -47.12
C TRP H 175 -21.42 -53.82 -45.79
N LEU H 176 -22.70 -53.41 -45.88
CA LEU H 176 -23.52 -53.00 -44.76
C LEU H 176 -24.93 -53.51 -44.99
N GLN H 177 -25.62 -53.79 -43.87
CA GLN H 177 -27.03 -54.14 -43.93
C GLN H 177 -27.73 -53.58 -42.70
N THR H 178 -28.79 -52.81 -42.94
CA THR H 178 -29.62 -52.26 -41.88
C THR H 178 -31.03 -52.81 -42.02
N ASN H 179 -31.68 -53.08 -40.89
CA ASN H 179 -33.07 -53.51 -40.85
C ASN H 179 -33.84 -52.52 -39.98
N LYS H 180 -34.66 -51.69 -40.62
CA LYS H 180 -35.46 -50.69 -39.91
C LYS H 180 -36.93 -50.85 -40.30
N SER H 181 -37.78 -50.24 -39.49
CA SER H 181 -39.23 -50.36 -39.68
C SER H 181 -39.69 -49.64 -40.93
N GLY H 182 -39.26 -48.39 -41.11
CA GLY H 182 -39.71 -47.61 -42.25
C GLY H 182 -39.06 -47.98 -43.56
N SER H 183 -37.87 -48.59 -43.51
CA SER H 183 -37.12 -48.87 -44.73
C SER H 183 -37.03 -50.34 -45.09
N GLY H 184 -37.41 -51.24 -44.19
CA GLY H 184 -37.23 -52.65 -44.44
C GLY H 184 -35.78 -53.03 -44.30
N THR H 185 -35.23 -53.69 -45.30
CA THR H 185 -33.82 -54.03 -45.33
C THR H 185 -33.09 -53.08 -46.27
N MET H 186 -31.79 -52.90 -46.01
CA MET H 186 -30.95 -52.03 -46.83
C MET H 186 -29.57 -52.67 -46.88
N ASN H 187 -29.19 -53.16 -48.05
CA ASN H 187 -27.86 -53.70 -48.29
C ASN H 187 -27.08 -52.75 -49.18
N LEU H 188 -25.84 -52.48 -48.80
CA LEU H 188 -24.98 -51.60 -49.59
C LEU H 188 -23.56 -52.14 -49.56
N GLY H 189 -22.98 -52.42 -50.73
CA GLY H 189 -21.65 -52.97 -50.74
C GLY H 189 -20.92 -52.67 -52.03
N GLY H 190 -19.59 -52.77 -51.95
CA GLY H 190 -18.77 -52.57 -53.13
C GLY H 190 -17.31 -52.46 -52.77
N SER H 191 -16.51 -52.14 -53.78
CA SER H 191 -15.06 -52.14 -53.64
C SER H 191 -14.46 -50.99 -54.45
N LEU H 192 -13.35 -50.46 -53.93
CA LEU H 192 -12.61 -49.38 -54.55
C LEU H 192 -11.12 -49.72 -54.56
N THR H 193 -10.40 -49.17 -55.53
CA THR H 193 -8.97 -49.38 -55.67
C THR H 193 -8.31 -48.09 -56.14
N ARG H 194 -7.30 -47.62 -55.40
CA ARG H 194 -6.67 -46.34 -55.68
C ARG H 194 -5.16 -46.46 -55.53
N GLN H 195 -4.44 -45.51 -56.12
CA GLN H 195 -2.98 -45.49 -56.10
C GLN H 195 -2.46 -44.11 -55.74
N MET H 196 -1.21 -44.06 -55.28
CA MET H 196 -0.57 -42.82 -54.84
C MET H 196 0.94 -42.99 -54.88
N GLU H 197 1.64 -41.90 -55.23
CA GLU H 197 3.10 -41.86 -55.21
C GLU H 197 3.56 -40.55 -54.57
N LYS H 198 4.62 -40.61 -53.76
CA LYS H 198 5.10 -39.42 -53.07
C LYS H 198 6.54 -39.60 -52.63
N ASP H 199 7.33 -38.54 -52.79
CA ASP H 199 8.68 -38.48 -52.25
C ASP H 199 8.67 -37.67 -50.96
N GLU H 200 9.32 -38.19 -49.91
CA GLU H 200 9.28 -37.53 -48.62
C GLU H 200 10.62 -37.68 -47.92
N THR H 201 10.94 -36.68 -47.10
CA THR H 201 12.19 -36.69 -46.36
C THR H 201 12.10 -37.60 -45.15
N VAL H 202 13.17 -38.33 -44.87
CA VAL H 202 13.24 -39.28 -43.77
C VAL H 202 14.38 -38.86 -42.85
N SER H 203 14.07 -38.69 -41.57
CA SER H 203 15.07 -38.30 -40.58
C SER H 203 14.65 -38.89 -39.24
N ASP H 204 15.25 -38.39 -38.15
CA ASP H 204 14.81 -38.80 -36.82
C ASP H 204 13.48 -38.16 -36.46
N CYS H 205 13.17 -37.00 -37.04
CA CYS H 205 11.89 -36.36 -36.81
C CYS H 205 10.75 -37.03 -37.55
N SER H 206 11.05 -37.82 -38.58
CA SER H 206 10.03 -38.50 -39.38
C SER H 206 10.63 -39.75 -39.97
N PRO H 207 10.51 -40.89 -39.28
CA PRO H 207 11.00 -42.16 -39.84
C PRO H 207 10.06 -42.75 -40.89
N HIS H 208 10.37 -43.97 -41.34
CA HIS H 208 9.60 -44.60 -42.40
C HIS H 208 8.19 -44.95 -41.95
N ILE H 209 8.03 -45.32 -40.68
CA ILE H 209 6.74 -45.77 -40.16
C ILE H 209 5.73 -44.62 -40.17
N ALA H 210 6.18 -43.41 -39.80
CA ALA H 210 5.32 -42.24 -39.81
C ALA H 210 4.86 -41.90 -41.24
N ASN H 211 5.78 -41.98 -42.20
CA ASN H 211 5.44 -41.66 -43.59
C ASN H 211 4.45 -42.67 -44.17
N ILE H 212 4.70 -43.96 -43.93
CA ILE H 212 3.82 -45.02 -44.43
C ILE H 212 2.44 -44.93 -43.78
N GLY H 213 2.40 -44.71 -42.46
CA GLY H 213 1.14 -44.58 -41.78
C GLY H 213 0.36 -43.35 -42.19
N ARG H 214 1.06 -42.24 -42.46
CA ARG H 214 0.41 -41.03 -42.94
C ARG H 214 -0.21 -41.24 -44.31
N LEU H 215 0.51 -41.91 -45.22
CA LEU H 215 -0.02 -42.19 -46.55
C LEU H 215 -1.23 -43.12 -46.49
N VAL H 216 -1.14 -44.17 -45.67
CA VAL H 216 -2.24 -45.12 -45.54
C VAL H 216 -3.46 -44.46 -44.91
N GLU H 217 -3.25 -43.60 -43.91
CA GLU H 217 -4.34 -42.90 -43.25
C GLU H 217 -5.05 -41.94 -44.21
N ASP H 218 -4.27 -41.17 -44.99
CA ASP H 218 -4.86 -40.25 -45.96
C ASP H 218 -5.63 -41.00 -47.04
N MET H 219 -5.08 -42.14 -47.49
CA MET H 219 -5.76 -42.94 -48.49
C MET H 219 -7.08 -43.52 -47.97
N GLU H 220 -7.08 -44.01 -46.71
CA GLU H 220 -8.28 -44.58 -46.14
C GLU H 220 -9.37 -43.53 -45.94
N ASN H 221 -8.98 -42.33 -45.50
CA ASN H 221 -9.95 -41.25 -45.34
C ASN H 221 -10.52 -40.81 -46.69
N LYS H 222 -9.67 -40.73 -47.71
CA LYS H 222 -10.14 -40.37 -49.06
C LYS H 222 -11.09 -41.42 -49.61
N ILE H 223 -10.79 -42.71 -49.40
CA ILE H 223 -11.63 -43.78 -49.91
C ILE H 223 -12.98 -43.82 -49.18
N ARG H 224 -12.97 -43.58 -47.86
CA ARG H 224 -14.23 -43.52 -47.10
C ARG H 224 -15.10 -42.35 -47.55
N SER H 225 -14.49 -41.19 -47.78
CA SER H 225 -15.25 -40.03 -48.27
C SER H 225 -15.79 -40.27 -49.67
N THR H 226 -15.00 -40.92 -50.54
CA THR H 226 -15.45 -41.22 -51.89
C THR H 226 -16.59 -42.23 -51.89
N LEU H 227 -16.52 -43.24 -51.02
CA LEU H 227 -17.59 -44.23 -50.91
C LEU H 227 -18.87 -43.62 -50.38
N ASN H 228 -18.77 -42.72 -49.40
CA ASN H 228 -19.97 -42.14 -48.82
C ASN H 228 -20.59 -41.10 -49.76
N GLU H 229 -19.76 -40.29 -50.42
CA GLU H 229 -20.29 -39.17 -51.19
C GLU H 229 -20.62 -39.56 -52.63
N ILE H 230 -19.67 -40.16 -53.33
CA ILE H 230 -19.84 -40.35 -54.77
C ILE H 230 -20.73 -41.55 -55.05
N TYR H 231 -20.45 -42.69 -54.44
CA TYR H 231 -21.09 -43.94 -54.87
C TYR H 231 -22.45 -44.17 -54.22
N PHE H 232 -22.53 -44.03 -52.89
CA PHE H 232 -23.82 -44.11 -52.21
C PHE H 232 -24.72 -42.95 -52.60
N GLY H 233 -24.13 -41.78 -52.85
CA GLY H 233 -24.91 -40.66 -53.33
C GLY H 233 -25.48 -40.87 -54.72
N LYS H 234 -24.70 -41.51 -55.60
CA LYS H 234 -25.20 -41.86 -56.93
C LYS H 234 -26.31 -42.90 -56.84
N THR H 235 -26.18 -43.85 -55.91
CA THR H 235 -27.25 -44.83 -55.69
C THR H 235 -28.52 -44.16 -55.19
N LYS H 236 -28.38 -43.18 -54.30
CA LYS H 236 -29.54 -42.41 -53.82
C LYS H 236 -30.19 -41.61 -54.95
N ASP H 237 -29.37 -41.04 -55.83
CA ASP H 237 -29.90 -40.29 -56.97
C ASP H 237 -30.62 -41.20 -57.96
N ILE H 238 -30.10 -42.42 -58.18
CA ILE H 238 -30.77 -43.38 -59.06
C ILE H 238 -32.10 -43.82 -58.46
N VAL H 239 -32.12 -44.02 -57.13
CA VAL H 239 -33.36 -44.37 -56.43
C VAL H 239 -34.39 -43.25 -56.56
N ASN H 240 -33.95 -42.00 -56.39
CA ASN H 240 -34.87 -40.88 -56.55
C ASN H 240 -35.26 -40.63 -58.00
N GLY H 241 -34.46 -41.10 -58.95
CA GLY H 241 -34.79 -40.94 -60.35
C GLY H 241 -35.69 -42.03 -60.89
N LEU H 242 -35.72 -43.18 -60.21
CA LEU H 242 -36.63 -44.24 -60.61
C LEU H 242 -38.08 -43.88 -60.27
N ARG H 243 -38.35 -43.65 -59.00
CA ARG H 243 -39.67 -43.27 -58.52
C ARG H 243 -39.58 -41.91 -57.86
N SER H 244 -40.64 -41.12 -57.98
CA SER H 244 -40.60 -39.75 -57.50
C SER H 244 -41.90 -39.37 -56.80
N ILE H 245 -41.77 -38.74 -55.64
CA ILE H 245 -42.83 -37.94 -55.03
C ILE H 245 -42.76 -36.57 -55.72
N ASP H 246 -43.76 -35.71 -55.46
CA ASP H 246 -43.95 -34.41 -56.13
C ASP H 246 -44.10 -34.63 -57.63
N ALA H 247 -45.29 -35.16 -57.95
CA ALA H 247 -45.70 -35.82 -59.20
C ALA H 247 -45.16 -35.19 -60.48
N ILE H 248 -44.78 -36.06 -61.42
CA ILE H 248 -44.18 -35.62 -62.68
C ILE H 248 -45.10 -34.72 -63.52
N PRO H 249 -46.40 -35.01 -63.69
CA PRO H 249 -47.23 -34.01 -64.38
C PRO H 249 -47.59 -32.79 -63.52
N ASP H 250 -47.14 -32.72 -62.27
CA ASP H 250 -47.47 -31.60 -61.40
C ASP H 250 -46.27 -30.75 -61.00
N ASN H 251 -45.04 -31.21 -61.22
CA ASN H 251 -43.88 -30.42 -60.83
C ASN H 251 -43.45 -29.43 -61.91
N GLN H 252 -44.05 -29.47 -63.10
CA GLN H 252 -43.75 -28.52 -64.16
C GLN H 252 -44.58 -27.25 -64.06
N LYS H 253 -45.44 -27.14 -63.05
CA LYS H 253 -46.24 -25.93 -62.88
C LYS H 253 -45.43 -24.75 -62.38
N PHE H 254 -44.32 -24.99 -61.68
CA PHE H 254 -43.48 -23.91 -61.17
C PHE H 254 -42.18 -23.77 -61.97
N LYS H 255 -42.16 -24.20 -63.22
CA LYS H 255 -41.04 -24.03 -64.12
C LYS H 255 -41.48 -23.41 -65.44
N GLN H 256 -42.23 -22.30 -65.35
CA GLN H 256 -42.78 -21.64 -66.52
C GLN H 256 -42.03 -20.36 -66.88
N LEU H 257 -41.86 -19.45 -65.92
CA LEU H 257 -41.11 -18.22 -66.17
C LEU H 257 -39.61 -18.42 -66.04
N GLN H 258 -39.18 -19.57 -65.54
CA GLN H 258 -37.75 -19.85 -65.38
C GLN H 258 -37.06 -19.93 -66.74
N ARG H 259 -37.75 -20.47 -67.75
CA ARG H 259 -37.22 -20.53 -69.10
C ARG H 259 -37.04 -19.13 -69.68
N GLU H 260 -38.01 -18.24 -69.43
CA GLU H 260 -37.91 -16.86 -69.90
C GLU H 260 -36.78 -16.12 -69.19
N LEU H 261 -36.62 -16.35 -67.89
CA LEU H 261 -35.53 -15.75 -67.14
C LEU H 261 -34.17 -16.21 -67.65
N SER H 262 -34.04 -17.52 -67.92
CA SER H 262 -32.80 -18.06 -68.45
C SER H 262 -32.49 -17.52 -69.83
N GLN H 263 -33.49 -17.43 -70.72
CA GLN H 263 -33.21 -16.94 -72.07
C GLN H 263 -32.91 -15.45 -72.11
N VAL H 264 -33.53 -14.63 -71.26
CA VAL H 264 -33.16 -13.22 -71.28
C VAL H 264 -31.84 -12.99 -70.55
N LEU H 265 -31.46 -13.88 -69.63
CA LEU H 265 -30.14 -13.75 -69.02
C LEU H 265 -29.04 -14.15 -69.99
N THR H 266 -29.30 -15.15 -70.83
CA THR H 266 -28.34 -15.47 -71.89
C THR H 266 -28.31 -14.40 -72.97
N GLN H 267 -29.43 -13.70 -73.19
CA GLN H 267 -29.41 -12.52 -74.06
C GLN H 267 -28.55 -11.42 -73.47
N ARG H 268 -28.64 -11.20 -72.15
CA ARG H 268 -27.87 -10.14 -71.50
C ARG H 268 -26.39 -10.46 -71.48
N GLN H 269 -26.02 -11.73 -71.24
CA GLN H 269 -24.61 -12.09 -71.15
C GLN H 269 -23.92 -12.06 -72.51
N ILE H 270 -24.62 -12.42 -73.57
CA ILE H 270 -24.04 -12.38 -74.91
C ILE H 270 -24.02 -10.95 -75.43
#